data_2L10
#
_entry.id   2L10
#
_entity_poly.entity_id   1
_entity_poly.type   'polypeptide(L)'
_entity_poly.pdbx_seq_one_letter_code
;GIDPFTQRDVDNALRAVGDASKRLLSDLLPPSTGTFQEAQSRLNEAAAGLNQAATELVQASRGTPQDLARASGRFGQDFS
TFLEAGVEMAGQAPSQEDRAQVVSNLKGISMSSSKLLLAAKALSTDPASPNLKSQLAAAARAVTDSINQLITMCTQQA
;
_entity_poly.pdbx_strand_id   A
#
# COMPACT_ATOMS: atom_id res chain seq x y z
N GLY A 1 12.03 -5.83 30.32
CA GLY A 1 11.39 -5.57 29.01
C GLY A 1 12.04 -6.36 27.89
N ILE A 2 11.35 -6.49 26.78
CA ILE A 2 11.89 -7.20 25.62
C ILE A 2 12.16 -6.22 24.49
N ASP A 3 12.74 -6.72 23.41
CA ASP A 3 13.05 -5.88 22.25
C ASP A 3 11.77 -5.43 21.56
N PRO A 4 11.48 -4.12 21.60
CA PRO A 4 10.24 -3.57 21.08
C PRO A 4 10.34 -3.11 19.63
N PHE A 5 9.23 -3.25 18.90
CA PHE A 5 9.10 -2.75 17.54
C PHE A 5 10.22 -3.23 16.62
N THR A 6 10.11 -4.49 16.21
CA THR A 6 11.03 -5.07 15.24
C THR A 6 10.33 -6.19 14.47
N GLN A 7 9.51 -6.95 15.18
CA GLN A 7 8.72 -8.01 14.57
C GLN A 7 7.24 -7.62 14.57
N ARG A 8 6.84 -6.82 15.54
CA ARG A 8 5.48 -6.32 15.63
C ARG A 8 5.09 -5.55 14.38
N ASP A 9 5.97 -4.64 13.97
CA ASP A 9 5.71 -3.75 12.85
C ASP A 9 5.50 -4.50 11.55
N VAL A 10 6.19 -5.62 11.37
CA VAL A 10 6.13 -6.33 10.10
C VAL A 10 4.83 -7.12 10.02
N ASP A 11 4.32 -7.52 11.17
CA ASP A 11 3.02 -8.19 11.25
C ASP A 11 1.89 -7.17 11.26
N ASN A 12 2.11 -6.08 11.99
CA ASN A 12 1.12 -5.00 12.10
C ASN A 12 0.83 -4.39 10.74
N ALA A 13 1.84 -4.37 9.88
CA ALA A 13 1.65 -3.88 8.52
C ALA A 13 0.69 -4.78 7.76
N LEU A 14 0.88 -6.09 7.87
CA LEU A 14 -0.01 -7.05 7.22
C LEU A 14 -1.41 -6.96 7.80
N ARG A 15 -1.48 -6.69 9.11
CA ARG A 15 -2.74 -6.46 9.79
C ARG A 15 -3.50 -5.32 9.13
N ALA A 16 -2.82 -4.18 8.98
CA ALA A 16 -3.43 -2.99 8.41
C ALA A 16 -3.75 -3.18 6.92
N VAL A 17 -2.74 -3.54 6.14
CA VAL A 17 -2.90 -3.72 4.69
C VAL A 17 -3.94 -4.79 4.40
N GLY A 18 -3.81 -5.92 5.07
CA GLY A 18 -4.71 -7.03 4.85
C GLY A 18 -6.15 -6.68 5.15
N ASP A 19 -6.39 -6.10 6.33
CA ASP A 19 -7.73 -5.74 6.73
C ASP A 19 -8.33 -4.71 5.78
N ALA A 20 -7.55 -3.70 5.42
CA ALA A 20 -8.01 -2.66 4.52
C ALA A 20 -8.37 -3.28 3.17
N SER A 21 -7.49 -4.12 2.66
CA SER A 21 -7.70 -4.72 1.35
C SER A 21 -8.94 -5.62 1.35
N LYS A 22 -9.15 -6.35 2.44
CA LYS A 22 -10.28 -7.26 2.55
C LYS A 22 -11.59 -6.52 2.83
N ARG A 23 -11.54 -5.57 3.75
CA ARG A 23 -12.75 -4.89 4.19
C ARG A 23 -13.22 -3.82 3.20
N LEU A 24 -12.31 -3.30 2.39
CA LEU A 24 -12.66 -2.23 1.46
C LEU A 24 -12.94 -2.75 0.06
N LEU A 25 -12.18 -3.74 -0.37
CA LEU A 25 -12.37 -4.32 -1.70
C LEU A 25 -13.43 -5.41 -1.65
N SER A 26 -13.97 -5.64 -0.47
CA SER A 26 -15.03 -6.63 -0.29
C SER A 26 -15.88 -6.25 0.93
N ASP A 27 -17.18 -6.54 0.83
CA ASP A 27 -18.12 -6.34 1.94
C ASP A 27 -18.45 -4.87 2.18
N LEU A 28 -17.47 -4.12 2.68
CA LEU A 28 -17.69 -2.74 3.07
C LEU A 28 -17.25 -1.79 1.98
N LEU A 29 -18.08 -0.80 1.70
CA LEU A 29 -17.77 0.23 0.72
C LEU A 29 -18.07 1.60 1.31
N PRO A 30 -17.16 2.56 1.15
CA PRO A 30 -17.36 3.93 1.63
C PRO A 30 -18.52 4.62 0.91
N PRO A 31 -19.61 4.90 1.63
CA PRO A 31 -20.80 5.52 1.06
C PRO A 31 -20.68 7.04 0.99
N SER A 32 -19.45 7.52 0.97
CA SER A 32 -19.17 8.94 0.89
C SER A 32 -19.68 9.51 -0.42
N THR A 33 -20.65 10.41 -0.34
CA THR A 33 -21.18 11.05 -1.52
C THR A 33 -20.83 12.53 -1.52
N GLY A 34 -20.51 13.06 -2.68
CA GLY A 34 -20.11 14.45 -2.79
C GLY A 34 -19.43 14.74 -4.10
N THR A 35 -18.24 15.32 -4.03
CA THR A 35 -17.49 15.62 -5.22
C THR A 35 -16.43 14.56 -5.49
N PHE A 36 -16.36 14.10 -6.73
CA PHE A 36 -15.41 13.07 -7.14
C PHE A 36 -13.98 13.59 -7.05
N GLN A 37 -13.80 14.86 -7.38
CA GLN A 37 -12.48 15.48 -7.38
C GLN A 37 -11.90 15.58 -5.98
N GLU A 38 -12.77 15.58 -4.98
CA GLU A 38 -12.33 15.62 -3.59
C GLU A 38 -11.61 14.33 -3.24
N ALA A 39 -12.26 13.21 -3.52
CA ALA A 39 -11.68 11.90 -3.26
C ALA A 39 -10.46 11.68 -4.14
N GLN A 40 -10.53 12.21 -5.36
CA GLN A 40 -9.42 12.19 -6.30
C GLN A 40 -8.19 12.84 -5.69
N SER A 41 -8.37 14.05 -5.20
CA SER A 41 -7.28 14.80 -4.58
C SER A 41 -6.82 14.11 -3.30
N ARG A 42 -7.79 13.59 -2.54
CA ARG A 42 -7.50 12.92 -1.27
C ARG A 42 -6.65 11.68 -1.50
N LEU A 43 -6.93 10.99 -2.60
CA LEU A 43 -6.14 9.84 -3.02
C LEU A 43 -4.72 10.26 -3.38
N ASN A 44 -4.60 11.33 -4.16
CA ASN A 44 -3.31 11.81 -4.63
C ASN A 44 -2.37 12.14 -3.47
N GLU A 45 -2.89 12.82 -2.46
CA GLU A 45 -2.10 13.18 -1.28
C GLU A 45 -1.65 11.93 -0.55
N ALA A 46 -2.55 10.96 -0.46
CA ALA A 46 -2.28 9.74 0.26
C ALA A 46 -1.21 8.93 -0.47
N ALA A 47 -1.34 8.87 -1.79
CA ALA A 47 -0.42 8.11 -2.64
C ALA A 47 1.01 8.60 -2.51
N ALA A 48 1.18 9.92 -2.48
CA ALA A 48 2.51 10.51 -2.39
C ALA A 48 3.25 10.04 -1.16
N GLY A 49 2.52 9.84 -0.07
CA GLY A 49 3.12 9.35 1.15
C GLY A 49 3.48 7.88 1.08
N LEU A 50 2.57 7.09 0.50
CA LEU A 50 2.77 5.65 0.38
C LEU A 50 3.93 5.35 -0.57
N ASN A 51 4.11 6.22 -1.56
CA ASN A 51 5.26 6.12 -2.47
C ASN A 51 6.56 6.17 -1.69
N GLN A 52 6.60 7.02 -0.67
CA GLN A 52 7.80 7.14 0.16
C GLN A 52 7.87 5.96 1.13
N ALA A 53 6.71 5.49 1.57
CA ALA A 53 6.66 4.36 2.49
C ALA A 53 7.31 3.13 1.87
N ALA A 54 7.06 2.91 0.59
CA ALA A 54 7.70 1.83 -0.16
C ALA A 54 9.20 2.11 -0.28
N THR A 55 9.53 3.39 -0.49
CA THR A 55 10.91 3.84 -0.57
C THR A 55 11.65 3.59 0.75
N GLU A 56 10.93 3.76 1.85
CA GLU A 56 11.50 3.54 3.18
C GLU A 56 11.90 2.08 3.37
N LEU A 57 11.08 1.17 2.87
CA LEU A 57 11.43 -0.25 2.91
C LEU A 57 12.69 -0.51 2.10
N VAL A 58 12.83 0.19 0.98
CA VAL A 58 14.00 0.05 0.13
C VAL A 58 15.26 0.52 0.85
N GLN A 59 15.22 1.73 1.42
CA GLN A 59 16.39 2.28 2.09
C GLN A 59 16.71 1.50 3.36
N ALA A 60 15.68 1.05 4.04
CA ALA A 60 15.84 0.31 5.29
C ALA A 60 16.38 -1.10 5.05
N SER A 61 16.07 -1.66 3.88
CA SER A 61 16.48 -3.03 3.57
C SER A 61 18.00 -3.15 3.52
N ARG A 62 18.66 -2.03 3.26
CA ARG A 62 20.11 -2.01 3.16
C ARG A 62 20.71 -1.39 4.42
N GLY A 63 19.92 -1.35 5.49
CA GLY A 63 20.39 -0.80 6.73
C GLY A 63 20.28 -1.80 7.86
N THR A 64 19.14 -1.78 8.55
CA THR A 64 18.93 -2.67 9.69
C THR A 64 17.48 -3.14 9.73
N PRO A 65 17.23 -4.32 10.32
CA PRO A 65 15.87 -4.85 10.53
C PRO A 65 15.02 -3.91 11.39
N GLN A 66 15.69 -3.09 12.20
CA GLN A 66 15.00 -2.15 13.07
C GLN A 66 14.46 -0.98 12.26
N ASP A 67 15.14 -0.64 11.17
CA ASP A 67 14.64 0.38 10.25
C ASP A 67 13.48 -0.19 9.46
N LEU A 68 13.63 -1.45 9.05
CA LEU A 68 12.57 -2.17 8.35
C LEU A 68 11.29 -2.17 9.17
N ALA A 69 11.43 -2.23 10.49
CA ALA A 69 10.29 -2.22 11.39
C ALA A 69 9.46 -0.95 11.19
N ARG A 70 10.10 0.21 11.32
CA ARG A 70 9.37 1.47 11.21
C ARG A 70 8.88 1.69 9.79
N ALA A 71 9.66 1.20 8.84
CA ALA A 71 9.25 1.23 7.44
C ALA A 71 7.98 0.41 7.26
N SER A 72 7.93 -0.77 7.87
CA SER A 72 6.78 -1.63 7.82
C SER A 72 5.60 -0.98 8.54
N GLY A 73 5.86 -0.44 9.72
CA GLY A 73 4.80 0.11 10.54
C GLY A 73 4.08 1.24 9.85
N ARG A 74 4.82 2.10 9.16
CA ARG A 74 4.21 3.20 8.44
C ARG A 74 3.54 2.71 7.16
N PHE A 75 4.26 1.86 6.42
CA PHE A 75 3.78 1.37 5.12
C PHE A 75 2.38 0.78 5.24
N GLY A 76 2.20 -0.10 6.22
CA GLY A 76 0.90 -0.72 6.41
C GLY A 76 -0.16 0.28 6.83
N GLN A 77 0.21 1.21 7.69
CA GLN A 77 -0.73 2.18 8.24
C GLN A 77 -1.15 3.20 7.19
N ASP A 78 -0.17 3.73 6.46
CA ASP A 78 -0.42 4.77 5.46
C ASP A 78 -1.19 4.19 4.28
N PHE A 79 -0.95 2.90 4.01
CA PHE A 79 -1.67 2.19 2.96
C PHE A 79 -3.18 2.26 3.20
N SER A 80 -3.59 2.18 4.46
CA SER A 80 -4.99 2.23 4.82
C SER A 80 -5.61 3.53 4.30
N THR A 81 -4.97 4.65 4.63
CA THR A 81 -5.43 5.96 4.20
C THR A 81 -5.50 6.04 2.68
N PHE A 82 -4.50 5.46 2.02
CA PHE A 82 -4.46 5.42 0.56
C PHE A 82 -5.64 4.64 0.00
N LEU A 83 -5.84 3.44 0.52
CA LEU A 83 -6.86 2.55 0.02
C LEU A 83 -8.26 3.08 0.33
N GLU A 84 -8.45 3.61 1.53
CA GLU A 84 -9.74 4.16 1.93
C GLU A 84 -10.18 5.29 1.00
N ALA A 85 -9.22 6.04 0.48
CA ALA A 85 -9.50 7.11 -0.47
C ALA A 85 -9.77 6.53 -1.85
N GLY A 86 -8.95 5.55 -2.23
CA GLY A 86 -9.09 4.91 -3.53
C GLY A 86 -10.43 4.21 -3.70
N VAL A 87 -10.83 3.43 -2.70
CA VAL A 87 -12.08 2.70 -2.75
C VAL A 87 -13.26 3.68 -2.71
N GLU A 88 -13.07 4.80 -2.04
CA GLU A 88 -14.10 5.81 -1.91
C GLU A 88 -14.48 6.37 -3.27
N MET A 89 -13.49 6.79 -4.03
CA MET A 89 -13.73 7.31 -5.38
C MET A 89 -14.15 6.20 -6.32
N ALA A 90 -13.68 4.98 -6.04
CA ALA A 90 -14.06 3.81 -6.84
C ALA A 90 -15.56 3.56 -6.72
N GLY A 91 -16.10 3.81 -5.54
CA GLY A 91 -17.54 3.65 -5.33
C GLY A 91 -18.34 4.77 -5.96
N GLN A 92 -17.67 5.82 -6.39
CA GLN A 92 -18.33 6.96 -7.01
C GLN A 92 -18.30 6.82 -8.53
N ALA A 93 -17.66 5.76 -9.02
CA ALA A 93 -17.60 5.50 -10.45
C ALA A 93 -19.00 5.20 -10.99
N PRO A 94 -19.45 5.99 -11.97
CA PRO A 94 -20.81 5.89 -12.52
C PRO A 94 -21.05 4.58 -13.27
N SER A 95 -20.07 4.16 -14.05
CA SER A 95 -20.18 2.93 -14.80
C SER A 95 -19.55 1.78 -14.02
N GLN A 96 -20.30 0.69 -13.84
CA GLN A 96 -19.81 -0.45 -13.07
C GLN A 96 -18.63 -1.12 -13.76
N GLU A 97 -18.58 -0.99 -15.08
CA GLU A 97 -17.46 -1.54 -15.85
C GLU A 97 -16.17 -0.84 -15.45
N ASP A 98 -16.25 0.48 -15.32
CA ASP A 98 -15.11 1.29 -14.88
C ASP A 98 -14.87 1.08 -13.38
N ARG A 99 -15.97 0.98 -12.64
CA ARG A 99 -15.91 0.76 -11.20
C ARG A 99 -15.17 -0.53 -10.87
N ALA A 100 -15.52 -1.61 -11.55
CA ALA A 100 -14.84 -2.88 -11.33
C ALA A 100 -13.39 -2.79 -11.79
N GLN A 101 -13.15 -2.00 -12.84
CA GLN A 101 -11.82 -1.80 -13.37
C GLN A 101 -10.92 -1.10 -12.35
N VAL A 102 -11.40 0.01 -11.80
CA VAL A 102 -10.60 0.76 -10.84
C VAL A 102 -10.35 -0.07 -9.57
N VAL A 103 -11.32 -0.90 -9.20
CA VAL A 103 -11.14 -1.82 -8.08
C VAL A 103 -10.05 -2.85 -8.38
N SER A 104 -9.99 -3.30 -9.63
CA SER A 104 -8.96 -4.24 -10.07
C SER A 104 -7.57 -3.61 -9.91
N ASN A 105 -7.47 -2.33 -10.25
CA ASN A 105 -6.22 -1.59 -10.11
C ASN A 105 -5.85 -1.47 -8.64
N LEU A 106 -6.85 -1.18 -7.82
CA LEU A 106 -6.66 -1.08 -6.39
C LEU A 106 -6.15 -2.39 -5.82
N LYS A 107 -6.67 -3.50 -6.32
CA LYS A 107 -6.21 -4.82 -5.91
C LYS A 107 -4.74 -5.00 -6.27
N GLY A 108 -4.36 -4.54 -7.45
CA GLY A 108 -2.99 -4.65 -7.91
C GLY A 108 -2.01 -4.07 -6.90
N ILE A 109 -2.30 -2.88 -6.40
CA ILE A 109 -1.43 -2.23 -5.44
C ILE A 109 -1.62 -2.86 -4.05
N SER A 110 -2.84 -3.26 -3.73
CA SER A 110 -3.13 -3.90 -2.44
C SER A 110 -2.37 -5.22 -2.29
N MET A 111 -2.36 -6.01 -3.37
CA MET A 111 -1.63 -7.27 -3.38
C MET A 111 -0.13 -7.01 -3.35
N SER A 112 0.35 -6.14 -4.23
CA SER A 112 1.78 -5.87 -4.35
C SER A 112 2.36 -5.35 -3.03
N SER A 113 1.62 -4.51 -2.33
CA SER A 113 2.09 -3.95 -1.07
C SER A 113 2.22 -5.03 -0.01
N SER A 114 1.24 -5.93 -0.01
CA SER A 114 1.25 -7.09 0.85
C SER A 114 2.45 -7.99 0.54
N LYS A 115 2.66 -8.24 -0.75
CA LYS A 115 3.76 -9.07 -1.22
C LYS A 115 5.12 -8.43 -0.88
N LEU A 116 5.16 -7.11 -0.91
CA LEU A 116 6.36 -6.37 -0.55
C LEU A 116 6.69 -6.57 0.94
N LEU A 117 5.68 -6.43 1.78
CA LEU A 117 5.86 -6.57 3.22
C LEU A 117 6.45 -7.93 3.58
N LEU A 118 5.99 -8.98 2.89
CA LEU A 118 6.46 -10.33 3.13
C LEU A 118 7.97 -10.44 2.94
N ALA A 119 8.50 -9.67 1.98
CA ALA A 119 9.92 -9.66 1.71
C ALA A 119 10.67 -8.93 2.82
N ALA A 120 10.07 -7.87 3.35
CA ALA A 120 10.65 -7.11 4.44
C ALA A 120 10.70 -7.96 5.71
N LYS A 121 9.62 -8.68 5.96
CA LYS A 121 9.53 -9.58 7.10
C LYS A 121 10.63 -10.63 7.04
N ALA A 122 10.77 -11.25 5.87
CA ALA A 122 11.79 -12.27 5.67
C ALA A 122 13.19 -11.69 5.83
N LEU A 123 13.35 -10.44 5.44
CA LEU A 123 14.64 -9.78 5.50
C LEU A 123 15.01 -9.42 6.94
N SER A 124 14.01 -9.43 7.81
CA SER A 124 14.23 -9.15 9.22
C SER A 124 14.80 -10.38 9.92
N THR A 125 14.43 -11.55 9.42
CA THR A 125 14.95 -12.81 9.95
C THR A 125 16.19 -13.23 9.17
N ASP A 126 16.26 -12.81 7.93
CA ASP A 126 17.40 -13.12 7.06
C ASP A 126 18.06 -11.83 6.57
N PRO A 127 18.78 -11.13 7.45
CA PRO A 127 19.37 -9.83 7.13
C PRO A 127 20.69 -9.97 6.39
N ALA A 128 21.20 -11.19 6.32
CA ALA A 128 22.49 -11.46 5.68
C ALA A 128 22.29 -11.92 4.25
N SER A 129 21.04 -11.97 3.81
CA SER A 129 20.73 -12.39 2.45
C SER A 129 20.65 -11.17 1.52
N PRO A 130 21.70 -10.92 0.73
CA PRO A 130 21.79 -9.74 -0.12
C PRO A 130 20.76 -9.74 -1.25
N ASN A 131 20.43 -10.93 -1.74
CA ASN A 131 19.48 -11.05 -2.84
C ASN A 131 18.09 -10.62 -2.40
N LEU A 132 17.79 -10.83 -1.12
CA LEU A 132 16.48 -10.50 -0.58
C LEU A 132 16.28 -8.99 -0.55
N LYS A 133 17.38 -8.23 -0.49
CA LYS A 133 17.30 -6.78 -0.57
C LYS A 133 16.76 -6.37 -1.93
N SER A 134 17.29 -7.01 -2.98
CA SER A 134 16.89 -6.70 -4.33
C SER A 134 15.45 -7.15 -4.61
N GLN A 135 15.04 -8.26 -4.01
CA GLN A 135 13.67 -8.74 -4.15
C GLN A 135 12.71 -7.76 -3.50
N LEU A 136 13.11 -7.22 -2.36
CA LEU A 136 12.33 -6.22 -1.67
C LEU A 136 12.20 -4.97 -2.53
N ALA A 137 13.33 -4.50 -3.04
CA ALA A 137 13.35 -3.33 -3.92
C ALA A 137 12.47 -3.53 -5.15
N ALA A 138 12.48 -4.75 -5.68
CA ALA A 138 11.66 -5.09 -6.83
C ALA A 138 10.18 -5.01 -6.50
N ALA A 139 9.81 -5.57 -5.35
CA ALA A 139 8.42 -5.56 -4.90
C ALA A 139 7.98 -4.13 -4.57
N ALA A 140 8.88 -3.36 -3.98
CA ALA A 140 8.60 -1.96 -3.67
C ALA A 140 8.38 -1.17 -4.95
N ARG A 141 9.18 -1.49 -5.97
CA ARG A 141 9.03 -0.87 -7.27
C ARG A 141 7.68 -1.21 -7.87
N ALA A 142 7.24 -2.45 -7.65
CA ALA A 142 5.94 -2.89 -8.12
C ALA A 142 4.81 -2.15 -7.42
N VAL A 143 4.93 -2.00 -6.10
CA VAL A 143 3.95 -1.24 -5.32
C VAL A 143 3.85 0.19 -5.83
N THR A 144 5.01 0.84 -5.95
CA THR A 144 5.07 2.21 -6.43
C THR A 144 4.50 2.33 -7.84
N ASP A 145 4.75 1.30 -8.65
CA ASP A 145 4.24 1.26 -10.01
C ASP A 145 2.71 1.22 -10.01
N SER A 146 2.15 0.36 -9.18
CA SER A 146 0.70 0.22 -9.08
C SER A 146 0.07 1.50 -8.53
N ILE A 147 0.74 2.14 -7.56
CA ILE A 147 0.28 3.40 -7.02
C ILE A 147 0.14 4.43 -8.12
N ASN A 148 1.23 4.64 -8.86
CA ASN A 148 1.26 5.61 -9.95
C ASN A 148 0.26 5.24 -11.04
N GLN A 149 0.06 3.94 -11.26
CA GLN A 149 -0.89 3.46 -12.23
C GLN A 149 -2.30 3.94 -11.89
N LEU A 150 -2.68 3.77 -10.63
CA LEU A 150 -4.01 4.12 -10.18
C LEU A 150 -4.17 5.64 -10.16
N ILE A 151 -3.10 6.33 -9.77
CA ILE A 151 -3.10 7.78 -9.73
C ILE A 151 -3.23 8.38 -11.13
N THR A 152 -2.62 7.74 -12.10
CA THR A 152 -2.73 8.19 -13.48
C THR A 152 -4.15 8.00 -13.98
N MET A 153 -4.81 6.94 -13.51
CA MET A 153 -6.17 6.63 -13.94
C MET A 153 -7.20 7.48 -13.19
N CYS A 154 -6.88 7.89 -11.97
CA CYS A 154 -7.80 8.73 -11.19
C CYS A 154 -7.94 10.10 -11.84
N THR A 155 -6.89 10.51 -12.54
CA THR A 155 -6.91 11.73 -13.31
C THR A 155 -7.35 11.44 -14.74
N GLN A 156 -7.75 12.47 -15.48
CA GLN A 156 -8.15 12.27 -16.86
C GLN A 156 -6.93 11.88 -17.70
N GLN A 157 -6.88 10.62 -18.07
CA GLN A 157 -5.71 10.05 -18.71
C GLN A 157 -5.73 10.31 -20.21
N ALA A 158 -4.73 11.03 -20.67
CA ALA A 158 -4.55 11.29 -22.09
C ALA A 158 -3.16 10.83 -22.51
N GLY A 1 8.67 -2.16 27.70
CA GLY A 1 9.08 -3.37 28.46
C GLY A 1 8.67 -4.64 27.77
N ILE A 2 9.67 -5.49 27.48
CA ILE A 2 9.45 -6.78 26.84
C ILE A 2 9.01 -6.63 25.39
N ASP A 3 9.95 -6.86 24.48
CA ASP A 3 9.71 -6.80 23.03
C ASP A 3 9.55 -5.35 22.58
N PRO A 4 10.49 -4.88 21.74
CA PRO A 4 10.50 -3.49 21.27
C PRO A 4 9.53 -3.21 20.13
N PHE A 5 8.72 -4.22 19.80
CA PHE A 5 7.72 -4.12 18.72
C PHE A 5 8.39 -3.98 17.34
N THR A 6 9.70 -4.00 17.31
CA THR A 6 10.46 -3.84 16.07
C THR A 6 10.22 -5.02 15.14
N GLN A 7 10.22 -6.23 15.69
CA GLN A 7 9.97 -7.41 14.89
C GLN A 7 8.48 -7.49 14.57
N ARG A 8 7.67 -6.93 15.46
CA ARG A 8 6.22 -6.97 15.32
C ARG A 8 5.72 -5.98 14.26
N ASP A 9 6.52 -4.97 13.94
CA ASP A 9 6.14 -3.96 12.96
C ASP A 9 5.81 -4.59 11.61
N VAL A 10 6.62 -5.57 11.20
CA VAL A 10 6.40 -6.22 9.92
C VAL A 10 5.16 -7.12 9.97
N ASP A 11 4.78 -7.52 11.17
CA ASP A 11 3.58 -8.34 11.37
C ASP A 11 2.34 -7.46 11.36
N ASN A 12 2.40 -6.38 12.14
CA ASN A 12 1.28 -5.45 12.28
C ASN A 12 0.94 -4.81 10.94
N ALA A 13 1.96 -4.50 10.15
CA ALA A 13 1.77 -3.90 8.85
C ALA A 13 0.85 -4.73 7.97
N LEU A 14 0.96 -6.05 8.09
CA LEU A 14 0.12 -6.96 7.31
C LEU A 14 -1.34 -6.84 7.72
N ARG A 15 -1.56 -6.64 9.02
CA ARG A 15 -2.91 -6.52 9.56
C ARG A 15 -3.63 -5.34 8.92
N ALA A 16 -2.91 -4.26 8.69
CA ALA A 16 -3.47 -3.07 8.08
C ALA A 16 -3.82 -3.31 6.61
N VAL A 17 -2.90 -3.95 5.89
CA VAL A 17 -3.07 -4.21 4.46
C VAL A 17 -4.15 -5.26 4.22
N GLY A 18 -4.07 -6.36 4.95
CA GLY A 18 -4.99 -7.47 4.75
C GLY A 18 -6.42 -7.11 5.10
N ASP A 19 -6.60 -6.48 6.26
CA ASP A 19 -7.94 -6.14 6.72
C ASP A 19 -8.60 -5.11 5.81
N ALA A 20 -7.79 -4.19 5.28
CA ALA A 20 -8.30 -3.16 4.38
C ALA A 20 -8.90 -3.77 3.13
N SER A 21 -8.17 -4.70 2.51
CA SER A 21 -8.64 -5.38 1.32
C SER A 21 -9.92 -6.17 1.61
N LYS A 22 -9.92 -6.83 2.76
CA LYS A 22 -11.07 -7.63 3.19
C LYS A 22 -12.27 -6.74 3.49
N ARG A 23 -12.01 -5.60 4.12
CA ARG A 23 -13.07 -4.69 4.55
C ARG A 23 -13.70 -3.93 3.38
N LEU A 24 -12.85 -3.39 2.51
CA LEU A 24 -13.31 -2.47 1.49
C LEU A 24 -13.82 -3.19 0.24
N LEU A 25 -13.34 -4.40 0.01
CA LEU A 25 -13.70 -5.14 -1.19
C LEU A 25 -14.70 -6.24 -0.88
N SER A 26 -15.18 -6.29 0.35
CA SER A 26 -16.12 -7.33 0.76
C SER A 26 -16.97 -6.86 1.95
N ASP A 27 -18.28 -7.08 1.84
CA ASP A 27 -19.25 -6.78 2.90
C ASP A 27 -19.50 -5.28 3.05
N LEU A 28 -18.45 -4.54 3.30
CA LEU A 28 -18.57 -3.10 3.52
C LEU A 28 -18.17 -2.32 2.28
N LEU A 29 -18.89 -1.25 2.02
CA LEU A 29 -18.49 -0.27 1.03
C LEU A 29 -17.99 0.99 1.73
N PRO A 30 -16.81 1.48 1.36
CA PRO A 30 -16.21 2.66 1.98
C PRO A 30 -17.15 3.86 2.01
N PRO A 31 -17.41 4.40 3.20
CA PRO A 31 -18.23 5.60 3.38
C PRO A 31 -17.56 6.79 2.71
N SER A 32 -18.33 7.54 1.93
CA SER A 32 -17.78 8.64 1.16
C SER A 32 -17.36 9.81 2.06
N THR A 33 -16.10 9.82 2.44
CA THR A 33 -15.53 10.91 3.20
C THR A 33 -15.03 11.98 2.25
N GLY A 34 -14.58 11.54 1.08
CA GLY A 34 -14.24 12.45 0.01
C GLY A 34 -15.27 12.41 -1.10
N THR A 35 -15.87 13.57 -1.37
CA THR A 35 -16.90 13.67 -2.39
C THR A 35 -16.31 13.59 -3.80
N PHE A 36 -17.14 13.84 -4.81
CA PHE A 36 -16.70 13.86 -6.20
C PHE A 36 -15.48 14.75 -6.37
N GLN A 37 -14.48 14.22 -7.09
CA GLN A 37 -13.20 14.90 -7.30
C GLN A 37 -12.35 14.88 -6.02
N GLU A 38 -12.96 15.23 -4.89
CA GLU A 38 -12.26 15.30 -3.62
C GLU A 38 -11.70 13.93 -3.24
N ALA A 39 -12.39 12.88 -3.64
CA ALA A 39 -11.92 11.51 -3.42
C ALA A 39 -10.53 11.32 -4.03
N GLN A 40 -10.33 11.91 -5.20
CA GLN A 40 -9.04 11.84 -5.88
C GLN A 40 -8.02 12.70 -5.16
N SER A 41 -8.44 13.89 -4.73
CA SER A 41 -7.56 14.79 -3.99
C SER A 41 -7.09 14.12 -2.70
N ARG A 42 -7.97 13.33 -2.10
CA ARG A 42 -7.64 12.59 -0.89
C ARG A 42 -6.68 11.45 -1.20
N LEU A 43 -7.00 10.71 -2.25
CA LEU A 43 -6.15 9.61 -2.72
C LEU A 43 -4.77 10.13 -3.11
N ASN A 44 -4.76 11.27 -3.79
CA ASN A 44 -3.52 11.89 -4.25
C ASN A 44 -2.61 12.22 -3.06
N GLU A 45 -3.22 12.63 -1.96
CA GLU A 45 -2.50 12.95 -0.74
C GLU A 45 -1.87 11.70 -0.14
N ALA A 46 -2.62 10.61 -0.15
CA ALA A 46 -2.15 9.35 0.41
C ALA A 46 -1.11 8.71 -0.50
N ALA A 47 -1.29 8.87 -1.81
CA ALA A 47 -0.38 8.30 -2.80
C ALA A 47 1.04 8.79 -2.60
N ALA A 48 1.20 10.12 -2.53
CA ALA A 48 2.51 10.73 -2.37
C ALA A 48 3.19 10.25 -1.10
N GLY A 49 2.40 10.02 -0.06
CA GLY A 49 2.94 9.55 1.19
C GLY A 49 3.36 8.09 1.12
N LEU A 50 2.51 7.26 0.51
CA LEU A 50 2.77 5.83 0.39
C LEU A 50 3.96 5.57 -0.53
N ASN A 51 4.15 6.44 -1.52
CA ASN A 51 5.30 6.34 -2.41
C ASN A 51 6.60 6.41 -1.61
N GLN A 52 6.62 7.29 -0.63
CA GLN A 52 7.81 7.45 0.21
C GLN A 52 7.91 6.29 1.20
N ALA A 53 6.75 5.81 1.66
CA ALA A 53 6.71 4.67 2.56
C ALA A 53 7.33 3.43 1.91
N ALA A 54 7.16 3.30 0.60
CA ALA A 54 7.80 2.23 -0.14
C ALA A 54 9.31 2.46 -0.20
N THR A 55 9.69 3.70 -0.49
CA THR A 55 11.09 4.11 -0.49
C THR A 55 11.76 3.79 0.84
N GLU A 56 10.99 3.93 1.93
CA GLU A 56 11.46 3.57 3.26
C GLU A 56 11.94 2.12 3.30
N LEU A 57 11.13 1.20 2.80
CA LEU A 57 11.48 -0.21 2.77
C LEU A 57 12.66 -0.46 1.83
N VAL A 58 12.74 0.32 0.76
CA VAL A 58 13.83 0.19 -0.19
C VAL A 58 15.18 0.52 0.46
N GLN A 59 15.26 1.68 1.11
CA GLN A 59 16.51 2.11 1.74
C GLN A 59 16.80 1.25 2.96
N ALA A 60 15.75 0.76 3.61
CA ALA A 60 15.89 -0.09 4.78
C ALA A 60 16.37 -1.47 4.39
N SER A 61 16.06 -1.87 3.16
CA SER A 61 16.45 -3.17 2.65
C SER A 61 17.96 -3.36 2.72
N ARG A 62 18.70 -2.28 2.57
CA ARG A 62 20.15 -2.34 2.63
C ARG A 62 20.68 -1.69 3.90
N GLY A 63 19.79 -1.51 4.87
CA GLY A 63 20.18 -0.90 6.12
C GLY A 63 20.09 -1.88 7.26
N THR A 64 19.01 -1.81 8.02
CA THR A 64 18.84 -2.66 9.18
C THR A 64 17.39 -3.14 9.30
N PRO A 65 17.16 -4.22 10.04
CA PRO A 65 15.80 -4.72 10.33
C PRO A 65 14.96 -3.68 11.06
N GLN A 66 15.64 -2.80 11.80
CA GLN A 66 14.98 -1.77 12.58
C GLN A 66 14.37 -0.71 11.67
N ASP A 67 15.09 -0.39 10.60
CA ASP A 67 14.59 0.54 9.60
C ASP A 67 13.38 -0.05 8.91
N LEU A 68 13.47 -1.33 8.55
CA LEU A 68 12.37 -2.07 7.94
C LEU A 68 11.13 -1.99 8.80
N ALA A 69 11.30 -2.15 10.10
CA ALA A 69 10.20 -2.09 11.06
C ALA A 69 9.50 -0.74 11.02
N ARG A 70 10.28 0.31 11.20
CA ARG A 70 9.75 1.67 11.20
C ARG A 70 9.09 1.99 9.87
N ALA A 71 9.63 1.40 8.82
CA ALA A 71 9.07 1.55 7.48
C ALA A 71 7.74 0.79 7.38
N SER A 72 7.71 -0.43 7.93
CA SER A 72 6.51 -1.27 7.87
C SER A 72 5.32 -0.58 8.53
N GLY A 73 5.56 0.00 9.70
CA GLY A 73 4.48 0.65 10.44
C GLY A 73 3.81 1.76 9.65
N ARG A 74 4.62 2.60 9.02
CA ARG A 74 4.08 3.70 8.21
C ARG A 74 3.48 3.18 6.90
N PHE A 75 4.20 2.27 6.26
CA PHE A 75 3.77 1.73 4.97
C PHE A 75 2.39 1.08 5.09
N GLY A 76 2.18 0.35 6.18
CA GLY A 76 0.90 -0.28 6.40
C GLY A 76 -0.21 0.72 6.68
N GLN A 77 0.09 1.72 7.50
CA GLN A 77 -0.91 2.70 7.89
C GLN A 77 -1.30 3.59 6.72
N ASP A 78 -0.30 4.09 5.99
CA ASP A 78 -0.54 4.93 4.83
C ASP A 78 -1.29 4.17 3.76
N PHE A 79 -0.98 2.88 3.63
CA PHE A 79 -1.68 2.02 2.69
C PHE A 79 -3.16 1.93 3.05
N SER A 80 -3.44 1.84 4.34
CA SER A 80 -4.82 1.70 4.82
C SER A 80 -5.67 2.86 4.32
N THR A 81 -5.17 4.07 4.49
CA THR A 81 -5.87 5.26 4.05
C THR A 81 -5.86 5.38 2.53
N PHE A 82 -4.73 4.99 1.93
CA PHE A 82 -4.58 4.98 0.48
C PHE A 82 -5.66 4.10 -0.17
N LEU A 83 -5.78 2.88 0.30
CA LEU A 83 -6.73 1.93 -0.26
C LEU A 83 -8.17 2.42 -0.06
N GLU A 84 -8.45 2.97 1.11
CA GLU A 84 -9.79 3.50 1.39
C GLU A 84 -10.17 4.56 0.36
N ALA A 85 -9.27 5.51 0.13
CA ALA A 85 -9.52 6.58 -0.83
C ALA A 85 -9.66 6.02 -2.25
N GLY A 86 -8.90 4.96 -2.54
CA GLY A 86 -8.98 4.32 -3.84
C GLY A 86 -10.34 3.69 -4.08
N VAL A 87 -10.84 2.95 -3.10
CA VAL A 87 -12.15 2.33 -3.22
C VAL A 87 -13.24 3.39 -3.06
N GLU A 88 -12.90 4.47 -2.38
CA GLU A 88 -13.80 5.60 -2.19
C GLU A 88 -14.05 6.30 -3.52
N MET A 89 -13.00 6.49 -4.31
CA MET A 89 -13.16 7.08 -5.63
C MET A 89 -13.91 6.12 -6.54
N ALA A 90 -13.83 4.83 -6.23
CA ALA A 90 -14.63 3.82 -6.93
C ALA A 90 -16.09 3.91 -6.52
N GLY A 91 -16.36 4.72 -5.49
CA GLY A 91 -17.71 4.93 -5.02
C GLY A 91 -18.39 6.09 -5.71
N GLN A 92 -17.59 7.06 -6.15
CA GLN A 92 -18.13 8.21 -6.87
C GLN A 92 -18.42 7.80 -8.31
N ALA A 93 -17.91 6.64 -8.70
CA ALA A 93 -18.14 6.09 -10.04
C ALA A 93 -19.45 5.33 -10.09
N PRO A 94 -20.41 5.80 -10.89
CA PRO A 94 -21.73 5.17 -11.00
C PRO A 94 -21.70 3.88 -11.82
N SER A 95 -20.74 3.78 -12.74
CA SER A 95 -20.65 2.63 -13.62
C SER A 95 -19.88 1.49 -12.95
N GLN A 96 -20.46 0.30 -12.96
CA GLN A 96 -19.86 -0.86 -12.34
C GLN A 96 -18.55 -1.23 -13.04
N GLU A 97 -18.51 -1.09 -14.37
CA GLU A 97 -17.31 -1.41 -15.14
C GLU A 97 -16.23 -0.38 -14.86
N ASP A 98 -16.63 0.87 -14.73
CA ASP A 98 -15.69 1.96 -14.43
C ASP A 98 -15.08 1.72 -13.05
N ARG A 99 -15.93 1.32 -12.11
CA ARG A 99 -15.49 0.94 -10.78
C ARG A 99 -14.51 -0.24 -10.85
N ALA A 100 -14.83 -1.22 -11.69
CA ALA A 100 -13.98 -2.38 -11.86
C ALA A 100 -12.60 -1.98 -12.36
N GLN A 101 -12.56 -0.98 -13.24
CA GLN A 101 -11.31 -0.48 -13.79
C GLN A 101 -10.38 0.02 -12.68
N VAL A 102 -10.89 0.92 -11.84
CA VAL A 102 -10.09 1.48 -10.76
C VAL A 102 -9.78 0.42 -9.69
N VAL A 103 -10.71 -0.50 -9.47
CA VAL A 103 -10.52 -1.57 -8.49
C VAL A 103 -9.42 -2.54 -8.95
N SER A 104 -9.28 -2.71 -10.26
CA SER A 104 -8.22 -3.57 -10.79
C SER A 104 -6.84 -2.98 -10.43
N ASN A 105 -6.74 -1.65 -10.47
CA ASN A 105 -5.52 -0.96 -10.06
C ASN A 105 -5.28 -1.18 -8.57
N LEU A 106 -6.36 -1.08 -7.81
CA LEU A 106 -6.32 -1.18 -6.36
C LEU A 106 -5.72 -2.50 -5.91
N LYS A 107 -6.18 -3.62 -6.48
CA LYS A 107 -5.63 -4.92 -6.11
C LYS A 107 -4.16 -4.98 -6.44
N GLY A 108 -3.79 -4.44 -7.61
CA GLY A 108 -2.41 -4.50 -8.05
C GLY A 108 -1.45 -3.90 -7.04
N ILE A 109 -1.80 -2.75 -6.48
CA ILE A 109 -0.95 -2.10 -5.50
C ILE A 109 -1.12 -2.79 -4.13
N SER A 110 -2.34 -3.24 -3.83
CA SER A 110 -2.61 -3.90 -2.55
C SER A 110 -1.86 -5.22 -2.44
N MET A 111 -1.92 -6.02 -3.49
CA MET A 111 -1.27 -7.32 -3.50
C MET A 111 0.24 -7.17 -3.44
N SER A 112 0.75 -6.16 -4.13
CA SER A 112 2.18 -5.90 -4.14
C SER A 112 2.63 -5.36 -2.79
N SER A 113 1.76 -4.57 -2.15
CA SER A 113 2.02 -4.02 -0.83
C SER A 113 2.16 -5.16 0.17
N SER A 114 1.25 -6.12 0.06
CA SER A 114 1.25 -7.31 0.87
C SER A 114 2.56 -8.09 0.66
N LYS A 115 2.91 -8.34 -0.59
CA LYS A 115 4.10 -9.11 -0.93
C LYS A 115 5.38 -8.37 -0.51
N LEU A 116 5.33 -7.04 -0.57
CA LEU A 116 6.47 -6.22 -0.17
C LEU A 116 6.75 -6.35 1.32
N LEU A 117 5.70 -6.26 2.13
CA LEU A 117 5.84 -6.37 3.57
C LEU A 117 6.31 -7.78 3.96
N LEU A 118 5.88 -8.77 3.19
CA LEU A 118 6.31 -10.14 3.41
C LEU A 118 7.82 -10.27 3.25
N ALA A 119 8.37 -9.50 2.32
CA ALA A 119 9.80 -9.49 2.10
C ALA A 119 10.52 -8.83 3.26
N ALA A 120 9.88 -7.80 3.82
CA ALA A 120 10.43 -7.10 4.98
C ALA A 120 10.47 -8.02 6.20
N LYS A 121 9.50 -8.91 6.29
CA LYS A 121 9.45 -9.89 7.37
C LYS A 121 10.65 -10.83 7.28
N ALA A 122 10.89 -11.33 6.07
CA ALA A 122 12.01 -12.23 5.85
C ALA A 122 13.34 -11.51 6.02
N LEU A 123 13.36 -10.22 5.68
CA LEU A 123 14.60 -9.46 5.70
C LEU A 123 14.93 -8.95 7.11
N SER A 124 13.93 -8.96 8.00
CA SER A 124 14.17 -8.55 9.38
C SER A 124 14.69 -9.73 10.21
N THR A 125 14.35 -10.94 9.78
CA THR A 125 14.88 -12.13 10.41
C THR A 125 16.17 -12.57 9.70
N ASP A 126 16.24 -12.30 8.40
CA ASP A 126 17.43 -12.58 7.62
C ASP A 126 17.88 -11.34 6.87
N PRO A 127 18.79 -10.56 7.46
CA PRO A 127 19.32 -9.36 6.84
C PRO A 127 20.61 -9.63 6.07
N ALA A 128 20.88 -10.91 5.82
CA ALA A 128 22.13 -11.30 5.19
C ALA A 128 21.95 -11.62 3.71
N SER A 129 20.87 -12.34 3.40
CA SER A 129 20.62 -12.79 2.03
C SER A 129 20.46 -11.62 1.06
N PRO A 130 21.42 -11.43 0.14
CA PRO A 130 21.41 -10.33 -0.83
C PRO A 130 20.24 -10.44 -1.80
N ASN A 131 19.87 -11.68 -2.10
CA ASN A 131 18.74 -11.95 -2.99
C ASN A 131 17.45 -11.41 -2.38
N LEU A 132 17.40 -11.35 -1.06
CA LEU A 132 16.23 -10.89 -0.35
C LEU A 132 16.12 -9.37 -0.43
N LYS A 133 17.27 -8.69 -0.43
CA LYS A 133 17.31 -7.25 -0.63
C LYS A 133 16.66 -6.89 -1.98
N SER A 134 17.13 -7.53 -3.03
CA SER A 134 16.63 -7.30 -4.37
C SER A 134 15.17 -7.72 -4.49
N GLN A 135 14.81 -8.84 -3.85
CA GLN A 135 13.44 -9.33 -3.86
C GLN A 135 12.49 -8.30 -3.26
N LEU A 136 12.90 -7.70 -2.14
CA LEU A 136 12.12 -6.66 -1.51
C LEU A 136 12.00 -5.45 -2.42
N ALA A 137 13.13 -5.02 -2.97
CA ALA A 137 13.17 -3.87 -3.88
C ALA A 137 12.23 -4.07 -5.06
N ALA A 138 12.20 -5.28 -5.58
CA ALA A 138 11.34 -5.60 -6.73
C ALA A 138 9.88 -5.42 -6.40
N ALA A 139 9.49 -5.85 -5.21
CA ALA A 139 8.11 -5.70 -4.75
C ALA A 139 7.79 -4.24 -4.48
N ALA A 140 8.77 -3.52 -3.94
CA ALA A 140 8.61 -2.10 -3.67
C ALA A 140 8.36 -1.33 -4.96
N ARG A 141 9.12 -1.66 -6.00
CA ARG A 141 8.94 -1.05 -7.31
C ARG A 141 7.53 -1.30 -7.81
N ALA A 142 7.06 -2.53 -7.62
CA ALA A 142 5.72 -2.92 -8.05
C ALA A 142 4.66 -2.10 -7.33
N VAL A 143 4.84 -1.89 -6.03
CA VAL A 143 3.91 -1.10 -5.24
C VAL A 143 3.85 0.34 -5.76
N THR A 144 5.03 0.96 -5.86
CA THR A 144 5.11 2.35 -6.30
C THR A 144 4.57 2.50 -7.72
N ASP A 145 4.79 1.47 -8.54
CA ASP A 145 4.34 1.48 -9.92
C ASP A 145 2.82 1.53 -9.99
N SER A 146 2.17 0.70 -9.20
CA SER A 146 0.72 0.63 -9.18
C SER A 146 0.12 1.86 -8.50
N ILE A 147 0.85 2.44 -7.55
CA ILE A 147 0.40 3.67 -6.90
C ILE A 147 0.24 4.79 -7.92
N ASN A 148 1.31 5.05 -8.68
CA ASN A 148 1.28 6.13 -9.67
C ASN A 148 0.40 5.73 -10.85
N GLN A 149 0.32 4.43 -11.11
CA GLN A 149 -0.57 3.91 -12.14
C GLN A 149 -2.01 4.27 -11.81
N LEU A 150 -2.40 4.03 -10.56
CA LEU A 150 -3.74 4.32 -10.09
C LEU A 150 -4.07 5.78 -10.29
N ILE A 151 -3.19 6.64 -9.78
CA ILE A 151 -3.41 8.07 -9.84
C ILE A 151 -3.48 8.57 -11.27
N THR A 152 -2.55 8.13 -12.10
CA THR A 152 -2.45 8.58 -13.49
C THR A 152 -3.62 8.09 -14.34
N MET A 153 -3.97 6.82 -14.18
CA MET A 153 -5.02 6.21 -15.00
C MET A 153 -6.40 6.64 -14.54
N CYS A 154 -6.53 6.97 -13.26
CA CYS A 154 -7.80 7.41 -12.73
C CYS A 154 -8.00 8.91 -12.92
N THR A 155 -7.18 9.71 -12.24
CA THR A 155 -7.36 11.17 -12.20
C THR A 155 -8.83 11.53 -11.96
N GLN A 156 -9.32 12.48 -12.73
CA GLN A 156 -10.73 12.85 -12.71
C GLN A 156 -11.17 13.11 -14.15
N GLN A 157 -10.29 12.79 -15.09
CA GLN A 157 -10.51 13.11 -16.49
C GLN A 157 -10.24 11.89 -17.38
N ALA A 158 -9.26 11.08 -16.98
CA ALA A 158 -8.90 9.89 -17.73
C ALA A 158 -10.03 8.86 -17.70
N GLY A 1 4.46 -6.52 30.75
CA GLY A 1 5.44 -7.25 29.91
C GLY A 1 6.09 -6.31 28.90
N ILE A 2 7.27 -6.68 28.42
CA ILE A 2 7.99 -5.85 27.47
C ILE A 2 8.20 -6.59 26.14
N ASP A 3 7.68 -6.01 25.08
CA ASP A 3 7.80 -6.60 23.75
C ASP A 3 8.03 -5.49 22.74
N PRO A 4 9.07 -5.59 21.90
CA PRO A 4 9.39 -4.59 20.90
C PRO A 4 8.32 -4.49 19.82
N PHE A 5 7.42 -3.52 19.97
CA PHE A 5 6.31 -3.33 19.04
C PHE A 5 6.83 -2.88 17.68
N THR A 6 8.02 -2.30 17.66
CA THR A 6 8.65 -1.90 16.43
C THR A 6 8.90 -3.11 15.54
N GLN A 7 9.50 -4.15 16.13
CA GLN A 7 9.80 -5.38 15.40
C GLN A 7 8.52 -6.04 14.89
N ARG A 8 7.43 -5.82 15.62
CA ARG A 8 6.14 -6.40 15.28
C ARG A 8 5.56 -5.74 14.03
N ASP A 9 6.08 -4.57 13.67
CA ASP A 9 5.53 -3.80 12.56
C ASP A 9 5.64 -4.52 11.22
N VAL A 10 6.56 -5.47 11.10
CA VAL A 10 6.65 -6.27 9.87
C VAL A 10 5.45 -7.22 9.78
N ASP A 11 4.94 -7.61 10.95
CA ASP A 11 3.73 -8.41 11.04
C ASP A 11 2.50 -7.51 10.97
N ASN A 12 2.57 -6.43 11.74
CA ASN A 12 1.53 -5.40 11.78
C ASN A 12 1.19 -4.91 10.38
N ALA A 13 2.22 -4.68 9.57
CA ALA A 13 2.05 -4.24 8.21
C ALA A 13 1.12 -5.16 7.43
N LEU A 14 1.44 -6.45 7.43
CA LEU A 14 0.64 -7.44 6.70
C LEU A 14 -0.75 -7.54 7.29
N ARG A 15 -0.83 -7.48 8.61
CA ARG A 15 -2.11 -7.54 9.30
C ARG A 15 -3.03 -6.41 8.84
N ALA A 16 -2.47 -5.21 8.74
CA ALA A 16 -3.23 -4.04 8.33
C ALA A 16 -3.60 -4.11 6.84
N VAL A 17 -2.62 -4.40 6.00
CA VAL A 17 -2.85 -4.49 4.56
C VAL A 17 -3.88 -5.56 4.23
N GLY A 18 -3.76 -6.71 4.88
CA GLY A 18 -4.69 -7.79 4.66
C GLY A 18 -6.08 -7.49 5.20
N ASP A 19 -6.15 -6.63 6.21
CA ASP A 19 -7.43 -6.33 6.84
C ASP A 19 -8.17 -5.25 6.07
N ALA A 20 -7.43 -4.25 5.58
CA ALA A 20 -8.02 -3.18 4.79
C ALA A 20 -8.63 -3.73 3.52
N SER A 21 -7.90 -4.62 2.85
CA SER A 21 -8.39 -5.26 1.63
C SER A 21 -9.54 -6.19 1.96
N LYS A 22 -9.53 -6.70 3.19
CA LYS A 22 -10.57 -7.58 3.68
C LYS A 22 -11.90 -6.84 3.84
N ARG A 23 -11.87 -5.78 4.64
CA ARG A 23 -13.07 -5.01 4.92
C ARG A 23 -13.54 -4.21 3.71
N LEU A 24 -12.64 -3.40 3.14
CA LEU A 24 -13.01 -2.43 2.12
C LEU A 24 -13.46 -3.09 0.82
N LEU A 25 -12.76 -4.14 0.38
CA LEU A 25 -13.07 -4.79 -0.89
C LEU A 25 -14.30 -5.68 -0.78
N SER A 26 -14.98 -5.61 0.36
CA SER A 26 -16.23 -6.32 0.55
C SER A 26 -17.41 -5.39 0.28
N ASP A 27 -17.19 -4.45 -0.65
CA ASP A 27 -18.20 -3.47 -1.05
C ASP A 27 -18.48 -2.51 0.11
N LEU A 28 -17.44 -2.20 0.86
CA LEU A 28 -17.54 -1.28 1.98
C LEU A 28 -17.26 0.14 1.47
N LEU A 29 -18.32 0.87 1.19
CA LEU A 29 -18.19 2.23 0.70
C LEU A 29 -18.34 3.21 1.85
N PRO A 30 -17.25 3.91 2.22
CA PRO A 30 -17.28 4.91 3.28
C PRO A 30 -18.20 6.07 2.94
N PRO A 31 -19.14 6.41 3.84
CA PRO A 31 -20.11 7.48 3.63
C PRO A 31 -19.44 8.79 3.19
N SER A 32 -19.64 9.13 1.95
CA SER A 32 -18.97 10.28 1.34
C SER A 32 -19.80 11.55 1.52
N THR A 33 -19.14 12.65 1.86
CA THR A 33 -19.81 13.93 2.01
C THR A 33 -19.84 14.66 0.65
N GLY A 34 -19.27 14.01 -0.34
CA GLY A 34 -19.21 14.57 -1.68
C GLY A 34 -17.95 14.16 -2.38
N THR A 35 -16.84 14.77 -1.98
CA THR A 35 -15.51 14.47 -2.47
C THR A 35 -15.45 14.25 -3.99
N PHE A 36 -15.49 12.98 -4.40
CA PHE A 36 -15.30 12.59 -5.81
C PHE A 36 -13.95 13.09 -6.32
N GLN A 37 -13.90 14.34 -6.75
CA GLN A 37 -12.65 14.96 -7.20
C GLN A 37 -11.75 15.20 -6.00
N GLU A 38 -12.37 15.52 -4.87
CA GLU A 38 -11.66 15.71 -3.62
C GLU A 38 -11.08 14.39 -3.15
N ALA A 39 -11.84 13.32 -3.33
CA ALA A 39 -11.38 11.98 -2.96
C ALA A 39 -10.25 11.53 -3.87
N GLN A 40 -10.29 12.02 -5.10
CA GLN A 40 -9.24 11.75 -6.07
C GLN A 40 -7.95 12.45 -5.63
N SER A 41 -8.08 13.71 -5.22
CA SER A 41 -6.96 14.45 -4.67
C SER A 41 -6.45 13.77 -3.40
N ARG A 42 -7.40 13.22 -2.64
CA ARG A 42 -7.08 12.49 -1.41
C ARG A 42 -6.22 11.28 -1.74
N LEU A 43 -6.55 10.62 -2.86
CA LEU A 43 -5.78 9.49 -3.35
C LEU A 43 -4.37 9.92 -3.68
N ASN A 44 -4.22 11.11 -4.26
CA ASN A 44 -2.91 11.61 -4.67
C ASN A 44 -2.04 11.87 -3.45
N GLU A 45 -2.66 12.45 -2.43
CA GLU A 45 -1.97 12.71 -1.16
C GLU A 45 -1.46 11.42 -0.55
N ALA A 46 -2.35 10.44 -0.45
CA ALA A 46 -2.01 9.15 0.12
C ALA A 46 -1.00 8.40 -0.75
N ALA A 47 -1.12 8.60 -2.07
CA ALA A 47 -0.23 7.94 -3.02
C ALA A 47 1.22 8.29 -2.76
N ALA A 48 1.50 9.57 -2.60
CA ALA A 48 2.87 10.04 -2.36
C ALA A 48 3.40 9.47 -1.05
N GLY A 49 2.53 9.43 -0.05
CA GLY A 49 2.92 8.88 1.23
C GLY A 49 3.27 7.42 1.16
N LEU A 50 2.44 6.66 0.44
CA LEU A 50 2.65 5.22 0.31
C LEU A 50 3.84 4.93 -0.62
N ASN A 51 4.01 5.76 -1.64
CA ASN A 51 5.17 5.66 -2.53
C ASN A 51 6.45 5.87 -1.74
N GLN A 52 6.42 6.83 -0.83
CA GLN A 52 7.56 7.09 0.03
C GLN A 52 7.70 5.99 1.07
N ALA A 53 6.58 5.43 1.51
CA ALA A 53 6.59 4.33 2.46
C ALA A 53 7.29 3.12 1.84
N ALA A 54 7.07 2.90 0.54
CA ALA A 54 7.79 1.88 -0.19
C ALA A 54 9.27 2.23 -0.25
N THR A 55 9.54 3.52 -0.43
CA THR A 55 10.90 4.04 -0.45
C THR A 55 11.59 3.81 0.90
N GLU A 56 10.81 3.95 1.98
CA GLU A 56 11.29 3.66 3.33
C GLU A 56 11.81 2.23 3.39
N LEU A 57 10.99 1.29 2.91
CA LEU A 57 11.37 -0.12 2.89
C LEU A 57 12.61 -0.36 2.05
N VAL A 58 12.75 0.39 0.96
CA VAL A 58 13.93 0.26 0.09
C VAL A 58 15.20 0.61 0.87
N GLN A 59 15.21 1.78 1.50
CA GLN A 59 16.35 2.22 2.30
C GLN A 59 16.60 1.26 3.45
N ALA A 60 15.52 0.85 4.09
CA ALA A 60 15.58 -0.03 5.25
C ALA A 60 16.06 -1.43 4.86
N SER A 61 15.69 -1.86 3.65
CA SER A 61 16.02 -3.17 3.15
C SER A 61 17.53 -3.37 3.08
N ARG A 62 18.24 -2.29 2.80
CA ARG A 62 19.69 -2.35 2.65
C ARG A 62 20.34 -2.89 3.92
N GLY A 63 19.70 -2.63 5.06
CA GLY A 63 20.00 -3.40 6.25
C GLY A 63 20.10 -2.61 7.52
N THR A 64 18.96 -2.52 8.19
CA THR A 64 18.89 -1.99 9.54
C THR A 64 17.51 -2.28 10.12
N PRO A 65 17.49 -3.07 11.21
CA PRO A 65 16.25 -3.62 11.78
C PRO A 65 15.27 -2.55 12.22
N GLN A 66 15.78 -1.51 12.89
CA GLN A 66 14.93 -0.46 13.43
C GLN A 66 14.29 0.35 12.31
N ASP A 67 14.97 0.41 11.18
CA ASP A 67 14.44 1.08 10.01
C ASP A 67 13.37 0.24 9.35
N LEU A 68 13.74 -0.98 9.01
CA LEU A 68 12.86 -1.90 8.28
C LEU A 68 11.54 -2.09 9.00
N ALA A 69 11.61 -2.40 10.28
CA ALA A 69 10.42 -2.65 11.08
C ALA A 69 9.54 -1.40 11.13
N ARG A 70 10.11 -0.26 11.49
CA ARG A 70 9.35 0.98 11.59
C ARG A 70 8.77 1.36 10.22
N ALA A 71 9.54 1.09 9.18
CA ALA A 71 9.08 1.34 7.81
C ALA A 71 7.88 0.46 7.48
N SER A 72 7.92 -0.78 7.94
CA SER A 72 6.82 -1.72 7.74
C SER A 72 5.53 -1.17 8.38
N GLY A 73 5.66 -0.70 9.61
CA GLY A 73 4.52 -0.18 10.33
C GLY A 73 3.91 1.03 9.67
N ARG A 74 4.73 1.86 9.05
CA ARG A 74 4.22 3.02 8.34
C ARG A 74 3.59 2.61 7.02
N PHE A 75 4.26 1.71 6.31
CA PHE A 75 3.79 1.27 5.00
C PHE A 75 2.38 0.69 5.10
N GLY A 76 2.16 -0.16 6.09
CA GLY A 76 0.84 -0.73 6.30
C GLY A 76 -0.18 0.31 6.73
N GLN A 77 0.31 1.35 7.40
CA GLN A 77 -0.56 2.42 7.89
C GLN A 77 -0.98 3.32 6.73
N ASP A 78 -0.01 3.80 5.97
CA ASP A 78 -0.28 4.65 4.82
C ASP A 78 -1.11 3.92 3.78
N PHE A 79 -0.94 2.60 3.73
CA PHE A 79 -1.72 1.76 2.84
C PHE A 79 -3.21 1.92 3.09
N SER A 80 -3.62 1.86 4.36
CA SER A 80 -5.03 1.98 4.70
C SER A 80 -5.56 3.36 4.31
N THR A 81 -4.74 4.39 4.54
CA THR A 81 -5.09 5.76 4.19
C THR A 81 -5.28 5.88 2.67
N PHE A 82 -4.43 5.16 1.93
CA PHE A 82 -4.49 5.15 0.48
C PHE A 82 -5.72 4.39 -0.01
N LEU A 83 -5.89 3.18 0.50
CA LEU A 83 -6.95 2.28 0.06
C LEU A 83 -8.32 2.89 0.34
N GLU A 84 -8.51 3.46 1.53
CA GLU A 84 -9.78 4.06 1.90
C GLU A 84 -10.18 5.16 0.93
N ALA A 85 -9.22 6.02 0.59
CA ALA A 85 -9.48 7.12 -0.35
C ALA A 85 -9.87 6.58 -1.71
N GLY A 86 -9.16 5.55 -2.15
CA GLY A 86 -9.45 4.94 -3.43
C GLY A 86 -10.84 4.32 -3.47
N VAL A 87 -11.19 3.60 -2.42
CA VAL A 87 -12.48 2.95 -2.33
C VAL A 87 -13.60 3.98 -2.26
N GLU A 88 -13.35 5.11 -1.57
CA GLU A 88 -14.36 6.15 -1.44
C GLU A 88 -14.74 6.71 -2.79
N MET A 89 -13.75 6.99 -3.64
CA MET A 89 -14.01 7.54 -4.96
C MET A 89 -14.47 6.45 -5.92
N ALA A 90 -14.04 5.21 -5.67
CA ALA A 90 -14.46 4.09 -6.50
C ALA A 90 -15.95 3.82 -6.32
N GLY A 91 -16.43 4.02 -5.09
CA GLY A 91 -17.83 3.78 -4.80
C GLY A 91 -18.75 4.81 -5.42
N GLN A 92 -18.17 5.91 -5.90
CA GLN A 92 -18.95 6.96 -6.52
C GLN A 92 -18.61 7.10 -8.00
N ALA A 93 -17.90 6.12 -8.54
CA ALA A 93 -17.60 6.09 -9.96
C ALA A 93 -18.85 5.73 -10.74
N PRO A 94 -19.25 6.59 -11.71
CA PRO A 94 -20.51 6.45 -12.45
C PRO A 94 -20.55 5.19 -13.32
N SER A 95 -19.57 5.05 -14.20
CA SER A 95 -19.52 3.93 -15.13
C SER A 95 -19.06 2.65 -14.42
N GLN A 96 -19.84 1.58 -14.56
CA GLN A 96 -19.50 0.31 -13.93
C GLN A 96 -18.21 -0.25 -14.50
N GLU A 97 -17.96 0.00 -15.79
CA GLU A 97 -16.73 -0.44 -16.43
C GLU A 97 -15.55 0.32 -15.85
N ASP A 98 -15.73 1.63 -15.71
CA ASP A 98 -14.72 2.50 -15.14
C ASP A 98 -14.47 2.14 -13.68
N ARG A 99 -15.55 1.88 -12.96
CA ARG A 99 -15.46 1.49 -11.56
C ARG A 99 -14.75 0.14 -11.43
N ALA A 100 -15.08 -0.80 -12.30
CA ALA A 100 -14.43 -2.10 -12.28
C ALA A 100 -12.93 -1.95 -12.48
N GLN A 101 -12.54 -1.03 -13.35
CA GLN A 101 -11.14 -0.75 -13.60
C GLN A 101 -10.46 -0.21 -12.34
N VAL A 102 -11.03 0.84 -11.77
CA VAL A 102 -10.43 1.48 -10.61
C VAL A 102 -10.36 0.52 -9.41
N VAL A 103 -11.33 -0.37 -9.30
CA VAL A 103 -11.32 -1.38 -8.24
C VAL A 103 -10.21 -2.40 -8.48
N SER A 104 -9.96 -2.71 -9.75
CA SER A 104 -8.90 -3.64 -10.10
C SER A 104 -7.53 -3.01 -9.78
N ASN A 105 -7.42 -1.71 -10.01
CA ASN A 105 -6.20 -0.98 -9.67
C ASN A 105 -5.92 -1.11 -8.18
N LEU A 106 -7.00 -1.05 -7.40
CA LEU A 106 -6.90 -1.18 -5.95
C LEU A 106 -6.27 -2.52 -5.58
N LYS A 107 -6.68 -3.57 -6.26
CA LYS A 107 -6.08 -4.88 -6.04
C LYS A 107 -4.63 -4.89 -6.51
N GLY A 108 -4.38 -4.28 -7.66
CA GLY A 108 -3.03 -4.20 -8.20
C GLY A 108 -2.05 -3.63 -7.21
N ILE A 109 -2.43 -2.56 -6.53
CA ILE A 109 -1.57 -1.94 -5.55
C ILE A 109 -1.60 -2.71 -4.22
N SER A 110 -2.79 -3.17 -3.81
CA SER A 110 -2.92 -3.92 -2.56
C SER A 110 -2.08 -5.20 -2.60
N MET A 111 -2.17 -5.92 -3.71
CA MET A 111 -1.39 -7.14 -3.90
C MET A 111 0.10 -6.84 -3.82
N SER A 112 0.56 -5.87 -4.60
CA SER A 112 1.97 -5.52 -4.65
C SER A 112 2.47 -5.08 -3.27
N SER A 113 1.64 -4.35 -2.54
CA SER A 113 2.01 -3.85 -1.23
C SER A 113 2.19 -5.02 -0.26
N SER A 114 1.30 -5.98 -0.39
CA SER A 114 1.36 -7.20 0.39
C SER A 114 2.65 -7.96 0.09
N LYS A 115 2.89 -8.17 -1.20
CA LYS A 115 4.06 -8.92 -1.68
C LYS A 115 5.37 -8.23 -1.26
N LEU A 116 5.33 -6.91 -1.19
CA LEU A 116 6.49 -6.13 -0.76
C LEU A 116 6.82 -6.40 0.71
N LEU A 117 5.80 -6.34 1.55
CA LEU A 117 5.97 -6.54 2.99
C LEU A 117 6.39 -7.98 3.30
N LEU A 118 6.01 -8.90 2.41
CA LEU A 118 6.41 -10.30 2.55
C LEU A 118 7.93 -10.43 2.54
N ALA A 119 8.60 -9.49 1.87
CA ALA A 119 10.05 -9.47 1.83
C ALA A 119 10.60 -8.96 3.16
N ALA A 120 9.93 -7.96 3.72
CA ALA A 120 10.32 -7.40 5.02
C ALA A 120 10.16 -8.43 6.13
N LYS A 121 9.11 -9.23 6.01
CA LYS A 121 8.87 -10.35 6.92
C LYS A 121 10.12 -11.23 7.02
N ALA A 122 10.66 -11.61 5.88
CA ALA A 122 11.82 -12.49 5.85
C ALA A 122 13.11 -11.71 6.14
N LEU A 123 13.12 -10.42 5.81
CA LEU A 123 14.31 -9.60 5.94
C LEU A 123 14.54 -9.17 7.40
N SER A 124 13.48 -9.18 8.19
CA SER A 124 13.60 -8.85 9.60
C SER A 124 14.27 -9.98 10.37
N THR A 125 14.09 -11.21 9.88
CA THR A 125 14.73 -12.37 10.48
C THR A 125 16.06 -12.66 9.79
N ASP A 126 16.15 -12.32 8.51
CA ASP A 126 17.39 -12.46 7.76
C ASP A 126 17.74 -11.15 7.08
N PRO A 127 18.49 -10.27 7.76
CA PRO A 127 18.91 -9.00 7.20
C PRO A 127 20.27 -9.10 6.52
N ALA A 128 20.70 -10.32 6.24
CA ALA A 128 22.03 -10.56 5.69
C ALA A 128 21.99 -10.90 4.20
N SER A 129 21.00 -11.70 3.81
CA SER A 129 20.90 -12.16 2.43
C SER A 129 20.71 -10.99 1.45
N PRO A 130 21.70 -10.77 0.56
CA PRO A 130 21.66 -9.68 -0.42
C PRO A 130 20.54 -9.84 -1.42
N ASN A 131 20.25 -11.10 -1.75
CA ASN A 131 19.17 -11.41 -2.69
C ASN A 131 17.82 -10.98 -2.14
N LEU A 132 17.73 -10.91 -0.82
CA LEU A 132 16.49 -10.56 -0.16
C LEU A 132 16.26 -9.04 -0.27
N LYS A 133 17.37 -8.29 -0.32
CA LYS A 133 17.30 -6.86 -0.60
C LYS A 133 16.72 -6.64 -1.99
N SER A 134 17.25 -7.39 -2.95
CA SER A 134 16.81 -7.31 -4.32
C SER A 134 15.33 -7.69 -4.46
N GLN A 135 14.89 -8.68 -3.67
CA GLN A 135 13.51 -9.11 -3.70
C GLN A 135 12.58 -7.98 -3.26
N LEU A 136 12.96 -7.32 -2.17
CA LEU A 136 12.17 -6.23 -1.63
C LEU A 136 12.18 -5.05 -2.59
N ALA A 137 13.36 -4.68 -3.07
CA ALA A 137 13.50 -3.58 -4.01
C ALA A 137 12.60 -3.79 -5.24
N ALA A 138 12.58 -5.02 -5.74
CA ALA A 138 11.78 -5.35 -6.91
C ALA A 138 10.29 -5.24 -6.61
N ALA A 139 9.90 -5.72 -5.44
CA ALA A 139 8.50 -5.65 -5.03
C ALA A 139 8.07 -4.20 -4.80
N ALA A 140 9.00 -3.39 -4.30
CA ALA A 140 8.74 -1.98 -4.09
C ALA A 140 8.43 -1.28 -5.41
N ARG A 141 9.16 -1.67 -6.46
CA ARG A 141 8.94 -1.11 -7.79
C ARG A 141 7.52 -1.42 -8.25
N ALA A 142 7.07 -2.63 -7.95
CA ALA A 142 5.72 -3.05 -8.31
C ALA A 142 4.68 -2.23 -7.56
N VAL A 143 4.96 -1.93 -6.29
CA VAL A 143 4.05 -1.12 -5.48
C VAL A 143 3.95 0.30 -6.03
N THR A 144 5.11 0.93 -6.22
CA THR A 144 5.16 2.31 -6.72
C THR A 144 4.43 2.43 -8.05
N ASP A 145 4.71 1.50 -8.95
CA ASP A 145 4.09 1.49 -10.27
C ASP A 145 2.57 1.36 -10.17
N SER A 146 2.11 0.43 -9.33
CA SER A 146 0.69 0.19 -9.16
C SER A 146 -0.02 1.40 -8.56
N ILE A 147 0.65 2.07 -7.63
CA ILE A 147 0.11 3.27 -7.01
C ILE A 147 -0.09 4.36 -8.06
N ASN A 148 0.97 4.65 -8.81
CA ASN A 148 0.92 5.68 -9.84
C ASN A 148 -0.06 5.31 -10.94
N GLN A 149 -0.11 4.02 -11.28
CA GLN A 149 -1.00 3.54 -12.32
C GLN A 149 -2.46 3.78 -11.94
N LEU A 150 -2.75 3.64 -10.65
CA LEU A 150 -4.09 3.87 -10.15
C LEU A 150 -4.44 5.34 -10.34
N ILE A 151 -3.55 6.20 -9.89
CA ILE A 151 -3.74 7.64 -9.95
C ILE A 151 -3.84 8.12 -11.38
N THR A 152 -2.94 7.63 -12.23
CA THR A 152 -2.93 8.00 -13.64
C THR A 152 -4.27 7.72 -14.30
N MET A 153 -4.92 6.62 -13.90
CA MET A 153 -6.20 6.25 -14.46
C MET A 153 -7.34 7.08 -13.87
N CYS A 154 -7.36 7.22 -12.55
CA CYS A 154 -8.47 7.89 -11.88
C CYS A 154 -8.42 9.41 -12.07
N THR A 155 -7.22 9.96 -12.29
CA THR A 155 -7.09 11.38 -12.59
C THR A 155 -7.72 11.71 -13.93
N GLN A 156 -8.96 12.18 -13.91
CA GLN A 156 -9.65 12.56 -15.13
C GLN A 156 -9.00 13.81 -15.70
N GLN A 157 -8.10 13.61 -16.64
CA GLN A 157 -7.39 14.70 -17.28
C GLN A 157 -6.66 14.16 -18.49
N ALA A 158 -7.31 14.24 -19.64
CA ALA A 158 -6.75 13.77 -20.89
C ALA A 158 -7.02 14.77 -21.99
N GLY A 1 11.98 -14.87 23.37
CA GLY A 1 12.41 -13.72 22.54
C GLY A 1 11.27 -12.76 22.30
N ILE A 2 11.51 -11.48 22.59
CA ILE A 2 10.46 -10.47 22.44
C ILE A 2 11.04 -9.20 21.81
N ASP A 3 10.45 -8.79 20.70
CA ASP A 3 10.87 -7.56 20.03
C ASP A 3 9.90 -6.43 20.37
N PRO A 4 10.43 -5.23 20.64
CA PRO A 4 9.60 -4.06 20.90
C PRO A 4 8.80 -3.65 19.67
N PHE A 5 9.49 -3.13 18.67
CA PHE A 5 8.88 -2.80 17.39
C PHE A 5 9.87 -3.05 16.27
N THR A 6 10.06 -4.32 15.93
CA THR A 6 10.93 -4.69 14.84
C THR A 6 10.22 -5.70 13.93
N GLN A 7 9.76 -6.79 14.52
CA GLN A 7 9.02 -7.80 13.79
C GLN A 7 7.54 -7.50 13.86
N ARG A 8 7.14 -6.83 14.94
CA ARG A 8 5.74 -6.46 15.12
C ARG A 8 5.27 -5.56 14.00
N ASP A 9 6.10 -4.61 13.61
CA ASP A 9 5.74 -3.65 12.57
C ASP A 9 5.58 -4.29 11.21
N VAL A 10 6.33 -5.36 10.94
CA VAL A 10 6.27 -5.99 9.63
C VAL A 10 5.05 -6.91 9.54
N ASP A 11 4.63 -7.43 10.68
CA ASP A 11 3.44 -8.27 10.75
C ASP A 11 2.19 -7.41 10.82
N ASN A 12 2.24 -6.39 11.66
CA ASN A 12 1.11 -5.46 11.83
C ASN A 12 0.79 -4.78 10.52
N ALA A 13 1.81 -4.53 9.71
CA ALA A 13 1.63 -3.94 8.39
C ALA A 13 0.74 -4.83 7.53
N LEU A 14 1.05 -6.12 7.51
CA LEU A 14 0.26 -7.08 6.75
C LEU A 14 -1.15 -7.18 7.32
N ARG A 15 -1.26 -7.07 8.63
CA ARG A 15 -2.55 -7.10 9.30
C ARG A 15 -3.43 -5.96 8.78
N ALA A 16 -2.84 -4.78 8.64
CA ALA A 16 -3.55 -3.61 8.14
C ALA A 16 -3.92 -3.78 6.68
N VAL A 17 -2.96 -4.23 5.87
CA VAL A 17 -3.21 -4.45 4.44
C VAL A 17 -4.31 -5.48 4.22
N GLY A 18 -4.19 -6.60 4.91
CA GLY A 18 -5.18 -7.66 4.81
C GLY A 18 -6.54 -7.21 5.30
N ASP A 19 -6.54 -6.45 6.39
CA ASP A 19 -7.77 -5.89 6.96
C ASP A 19 -8.46 -4.98 5.97
N ALA A 20 -7.68 -4.08 5.38
CA ALA A 20 -8.21 -3.13 4.42
C ALA A 20 -8.77 -3.85 3.19
N SER A 21 -8.00 -4.77 2.63
CA SER A 21 -8.41 -5.49 1.44
C SER A 21 -9.63 -6.37 1.72
N LYS A 22 -9.79 -6.75 2.99
CA LYS A 22 -10.93 -7.56 3.39
C LYS A 22 -12.19 -6.71 3.52
N ARG A 23 -12.12 -5.70 4.37
CA ARG A 23 -13.30 -4.89 4.69
C ARG A 23 -13.68 -3.96 3.54
N LEU A 24 -12.72 -3.15 3.10
CA LEU A 24 -12.98 -2.08 2.13
C LEU A 24 -13.46 -2.64 0.79
N LEU A 25 -12.88 -3.75 0.38
CA LEU A 25 -13.14 -4.30 -0.94
C LEU A 25 -14.46 -5.08 -0.95
N SER A 26 -14.88 -5.56 0.21
CA SER A 26 -16.07 -6.38 0.30
C SER A 26 -17.33 -5.52 0.23
N ASP A 27 -17.34 -4.43 0.99
CA ASP A 27 -18.51 -3.56 1.05
C ASP A 27 -18.21 -2.26 1.79
N LEU A 28 -17.38 -2.35 2.81
CA LEU A 28 -17.09 -1.20 3.68
C LEU A 28 -16.27 -0.15 2.92
N LEU A 29 -16.96 0.70 2.19
CA LEU A 29 -16.33 1.84 1.53
C LEU A 29 -16.87 3.13 2.13
N PRO A 30 -16.10 4.23 2.04
CA PRO A 30 -16.51 5.54 2.59
C PRO A 30 -17.86 6.00 2.04
N PRO A 31 -18.88 6.06 2.90
CA PRO A 31 -20.22 6.48 2.52
C PRO A 31 -20.34 8.01 2.49
N SER A 32 -20.55 8.55 1.29
CA SER A 32 -20.59 10.00 1.04
C SER A 32 -19.39 10.73 1.64
N THR A 33 -19.40 12.06 1.54
CA THR A 33 -18.30 12.89 2.05
C THR A 33 -17.02 12.61 1.26
N GLY A 34 -17.19 12.11 0.05
CA GLY A 34 -16.06 11.77 -0.78
C GLY A 34 -16.35 12.01 -2.25
N THR A 35 -16.51 13.26 -2.62
CA THR A 35 -16.77 13.63 -4.00
C THR A 35 -15.52 13.44 -4.86
N PHE A 36 -15.69 13.54 -6.17
CA PHE A 36 -14.57 13.41 -7.10
C PHE A 36 -13.46 14.39 -6.77
N GLN A 37 -13.83 15.58 -6.30
CA GLN A 37 -12.85 16.60 -5.93
C GLN A 37 -12.11 16.22 -4.66
N GLU A 38 -12.88 15.82 -3.65
CA GLU A 38 -12.32 15.42 -2.35
C GLU A 38 -11.41 14.21 -2.50
N ALA A 39 -11.92 13.18 -3.16
CA ALA A 39 -11.18 11.94 -3.34
C ALA A 39 -9.87 12.17 -4.09
N GLN A 40 -9.91 13.07 -5.06
CA GLN A 40 -8.75 13.35 -5.89
C GLN A 40 -7.61 13.91 -5.04
N SER A 41 -7.90 14.94 -4.26
CA SER A 41 -6.92 15.53 -3.36
C SER A 41 -6.44 14.48 -2.36
N ARG A 42 -7.36 13.62 -1.96
CA ARG A 42 -7.09 12.59 -0.98
C ARG A 42 -6.11 11.56 -1.54
N LEU A 43 -6.34 11.15 -2.78
CA LEU A 43 -5.47 10.19 -3.44
C LEU A 43 -4.08 10.78 -3.67
N ASN A 44 -4.02 12.08 -3.95
CA ASN A 44 -2.74 12.74 -4.20
C ASN A 44 -1.86 12.68 -2.96
N GLU A 45 -2.46 12.94 -1.80
CA GLU A 45 -1.74 12.87 -0.54
C GLU A 45 -1.28 11.45 -0.26
N ALA A 46 -2.20 10.52 -0.47
CA ALA A 46 -1.96 9.13 -0.14
C ALA A 46 -0.91 8.50 -1.06
N ALA A 47 -1.01 8.81 -2.35
CA ALA A 47 -0.14 8.23 -3.36
C ALA A 47 1.33 8.55 -3.09
N ALA A 48 1.64 9.83 -2.94
CA ALA A 48 3.01 10.26 -2.76
C ALA A 48 3.58 9.71 -1.45
N GLY A 49 2.75 9.73 -0.41
CA GLY A 49 3.16 9.19 0.87
C GLY A 49 3.50 7.72 0.78
N LEU A 50 2.62 6.96 0.13
CA LEU A 50 2.82 5.52 0.00
C LEU A 50 3.97 5.22 -0.95
N ASN A 51 4.13 6.04 -1.98
CA ASN A 51 5.25 5.91 -2.91
C ASN A 51 6.58 6.03 -2.18
N GLN A 52 6.68 7.00 -1.29
CA GLN A 52 7.88 7.14 -0.48
C GLN A 52 7.95 6.05 0.57
N ALA A 53 6.78 5.62 1.07
CA ALA A 53 6.73 4.55 2.07
C ALA A 53 7.33 3.26 1.53
N ALA A 54 7.05 2.97 0.26
CA ALA A 54 7.67 1.82 -0.40
C ALA A 54 9.17 2.02 -0.51
N THR A 55 9.54 3.25 -0.84
CA THR A 55 10.95 3.65 -0.92
C THR A 55 11.64 3.53 0.44
N GLU A 56 10.89 3.79 1.51
CA GLU A 56 11.40 3.64 2.86
C GLU A 56 11.86 2.21 3.12
N LEU A 57 11.08 1.25 2.64
CA LEU A 57 11.46 -0.16 2.76
C LEU A 57 12.68 -0.46 1.92
N VAL A 58 12.82 0.24 0.80
CA VAL A 58 13.97 0.06 -0.09
C VAL A 58 15.27 0.46 0.62
N GLN A 59 15.28 1.65 1.22
CA GLN A 59 16.47 2.11 1.92
C GLN A 59 16.64 1.37 3.23
N ALA A 60 15.53 0.94 3.81
CA ALA A 60 15.54 0.12 5.01
C ALA A 60 16.21 -1.22 4.74
N SER A 61 15.93 -1.77 3.57
CA SER A 61 16.46 -3.05 3.15
C SER A 61 17.99 -3.04 3.19
N ARG A 62 18.57 -1.87 3.02
CA ARG A 62 20.02 -1.71 3.02
C ARG A 62 20.48 -1.02 4.29
N GLY A 63 19.68 -1.12 5.35
CA GLY A 63 20.02 -0.50 6.60
C GLY A 63 19.92 -1.45 7.76
N THR A 64 18.81 -1.40 8.49
CA THR A 64 18.67 -2.17 9.71
C THR A 64 17.24 -2.71 9.84
N PRO A 65 17.07 -3.83 10.57
CA PRO A 65 15.75 -4.42 10.81
C PRO A 65 14.76 -3.44 11.43
N GLN A 66 15.27 -2.55 12.29
CA GLN A 66 14.43 -1.55 12.94
C GLN A 66 14.03 -0.47 11.96
N ASP A 67 14.85 -0.26 10.94
CA ASP A 67 14.55 0.69 9.88
C ASP A 67 13.38 0.17 9.06
N LEU A 68 13.42 -1.13 8.74
CA LEU A 68 12.32 -1.80 8.07
C LEU A 68 11.04 -1.68 8.89
N ALA A 69 11.17 -1.87 10.20
CA ALA A 69 10.02 -1.82 11.09
C ALA A 69 9.28 -0.49 10.98
N ARG A 70 10.02 0.60 11.17
CA ARG A 70 9.43 1.94 11.05
C ARG A 70 8.80 2.11 9.67
N ALA A 71 9.51 1.64 8.65
CA ALA A 71 9.04 1.70 7.28
C ALA A 71 7.75 0.88 7.10
N SER A 72 7.72 -0.30 7.71
CA SER A 72 6.57 -1.20 7.62
C SER A 72 5.35 -0.58 8.26
N GLY A 73 5.54 0.06 9.40
CA GLY A 73 4.43 0.63 10.12
C GLY A 73 3.81 1.78 9.34
N ARG A 74 4.67 2.64 8.81
CA ARG A 74 4.21 3.75 7.99
C ARG A 74 3.54 3.23 6.73
N PHE A 75 4.21 2.29 6.06
CA PHE A 75 3.72 1.73 4.81
C PHE A 75 2.34 1.12 5.00
N GLY A 76 2.18 0.31 6.04
CA GLY A 76 0.91 -0.34 6.28
C GLY A 76 -0.19 0.64 6.68
N GLN A 77 0.14 1.56 7.58
CA GLN A 77 -0.83 2.52 8.07
C GLN A 77 -1.27 3.48 6.97
N ASP A 78 -0.31 3.94 6.18
CA ASP A 78 -0.59 4.90 5.12
C ASP A 78 -1.33 4.23 3.97
N PHE A 79 -0.98 2.96 3.70
CA PHE A 79 -1.66 2.17 2.68
C PHE A 79 -3.13 2.00 3.03
N SER A 80 -3.41 1.79 4.31
CA SER A 80 -4.78 1.62 4.77
C SER A 80 -5.62 2.81 4.35
N THR A 81 -5.12 4.02 4.61
CA THR A 81 -5.81 5.23 4.24
C THR A 81 -5.86 5.40 2.72
N PHE A 82 -4.78 4.98 2.06
CA PHE A 82 -4.70 5.01 0.60
C PHE A 82 -5.78 4.14 -0.02
N LEU A 83 -5.92 2.93 0.49
CA LEU A 83 -6.87 1.97 -0.06
C LEU A 83 -8.30 2.42 0.22
N GLU A 84 -8.54 3.01 1.40
CA GLU A 84 -9.86 3.55 1.72
C GLU A 84 -10.26 4.58 0.69
N ALA A 85 -9.31 5.45 0.33
CA ALA A 85 -9.54 6.46 -0.69
C ALA A 85 -9.71 5.82 -2.07
N GLY A 86 -8.96 4.76 -2.31
CA GLY A 86 -9.06 4.05 -3.56
C GLY A 86 -10.44 3.42 -3.76
N VAL A 87 -10.95 2.78 -2.71
CA VAL A 87 -12.27 2.19 -2.77
C VAL A 87 -13.34 3.29 -2.80
N GLU A 88 -13.01 4.42 -2.21
CA GLU A 88 -13.85 5.61 -2.29
C GLU A 88 -14.04 6.03 -3.74
N MET A 89 -12.95 5.97 -4.50
CA MET A 89 -12.98 6.21 -5.94
C MET A 89 -13.92 5.23 -6.62
N ALA A 90 -13.75 3.96 -6.27
CA ALA A 90 -14.58 2.89 -6.83
C ALA A 90 -16.06 3.13 -6.55
N GLY A 91 -16.35 3.65 -5.36
CA GLY A 91 -17.73 3.93 -5.00
C GLY A 91 -18.33 5.09 -5.77
N GLN A 92 -17.55 6.13 -6.00
CA GLN A 92 -18.04 7.33 -6.68
C GLN A 92 -18.03 7.16 -8.20
N ALA A 93 -17.34 6.12 -8.67
CA ALA A 93 -17.24 5.83 -10.09
C ALA A 93 -18.62 5.59 -10.70
N PRO A 94 -18.94 6.29 -11.80
CA PRO A 94 -20.25 6.19 -12.46
C PRO A 94 -20.51 4.79 -13.04
N SER A 95 -19.72 4.40 -14.02
CA SER A 95 -19.90 3.11 -14.67
C SER A 95 -19.10 2.03 -13.96
N GLN A 96 -19.65 0.82 -13.92
CA GLN A 96 -18.99 -0.27 -13.23
C GLN A 96 -17.82 -0.80 -14.06
N GLU A 97 -17.71 -0.39 -15.31
CA GLU A 97 -16.55 -0.72 -16.12
C GLU A 97 -15.34 0.10 -15.64
N ASP A 98 -15.59 1.35 -15.29
CA ASP A 98 -14.55 2.21 -14.73
C ASP A 98 -14.27 1.75 -13.30
N ARG A 99 -15.33 1.34 -12.62
CA ARG A 99 -15.23 0.79 -11.28
C ARG A 99 -14.38 -0.48 -11.30
N ALA A 100 -14.65 -1.36 -12.25
CA ALA A 100 -13.84 -2.58 -12.41
C ALA A 100 -12.37 -2.23 -12.59
N GLN A 101 -12.11 -1.24 -13.43
CA GLN A 101 -10.75 -0.79 -13.69
C GLN A 101 -10.09 -0.25 -12.42
N VAL A 102 -10.76 0.67 -11.73
CA VAL A 102 -10.19 1.28 -10.53
C VAL A 102 -9.99 0.22 -9.42
N VAL A 103 -10.90 -0.76 -9.34
CA VAL A 103 -10.76 -1.85 -8.38
C VAL A 103 -9.59 -2.77 -8.75
N SER A 104 -9.40 -2.97 -10.04
CA SER A 104 -8.29 -3.79 -10.52
C SER A 104 -6.96 -3.18 -10.11
N ASN A 105 -6.88 -1.85 -10.17
CA ASN A 105 -5.69 -1.13 -9.73
C ASN A 105 -5.49 -1.33 -8.24
N LEU A 106 -6.60 -1.25 -7.52
CA LEU A 106 -6.59 -1.43 -6.07
C LEU A 106 -6.02 -2.79 -5.70
N LYS A 107 -6.50 -3.85 -6.33
CA LYS A 107 -5.98 -5.19 -6.08
C LYS A 107 -4.49 -5.22 -6.40
N GLY A 108 -4.14 -4.67 -7.55
CA GLY A 108 -2.76 -4.66 -7.99
C GLY A 108 -1.83 -4.07 -6.95
N ILE A 109 -2.19 -2.92 -6.41
CA ILE A 109 -1.36 -2.26 -5.42
C ILE A 109 -1.46 -3.00 -4.08
N SER A 110 -2.65 -3.50 -3.75
CA SER A 110 -2.86 -4.22 -2.49
C SER A 110 -2.02 -5.50 -2.44
N MET A 111 -1.99 -6.22 -3.55
CA MET A 111 -1.22 -7.45 -3.61
C MET A 111 0.27 -7.15 -3.61
N SER A 112 0.65 -6.08 -4.29
CA SER A 112 2.06 -5.70 -4.40
C SER A 112 2.61 -5.25 -3.05
N SER A 113 1.81 -4.47 -2.30
CA SER A 113 2.24 -3.97 -1.00
C SER A 113 2.42 -5.14 -0.04
N SER A 114 1.52 -6.09 -0.13
CA SER A 114 1.59 -7.32 0.64
C SER A 114 2.86 -8.10 0.33
N LYS A 115 3.11 -8.32 -0.96
CA LYS A 115 4.27 -9.08 -1.41
C LYS A 115 5.57 -8.36 -1.04
N LEU A 116 5.50 -7.04 -0.97
CA LEU A 116 6.63 -6.22 -0.53
C LEU A 116 6.93 -6.46 0.94
N LEU A 117 5.90 -6.37 1.76
CA LEU A 117 6.03 -6.53 3.20
C LEU A 117 6.47 -7.96 3.56
N LEU A 118 6.13 -8.92 2.70
CA LEU A 118 6.56 -10.30 2.90
C LEU A 118 8.08 -10.40 2.96
N ALA A 119 8.74 -9.61 2.13
CA ALA A 119 10.20 -9.57 2.10
C ALA A 119 10.73 -8.80 3.31
N ALA A 120 9.98 -7.78 3.72
CA ALA A 120 10.35 -6.98 4.88
C ALA A 120 10.36 -7.83 6.15
N LYS A 121 9.39 -8.72 6.27
CA LYS A 121 9.33 -9.63 7.41
C LYS A 121 10.53 -10.56 7.43
N ALA A 122 10.86 -11.08 6.27
CA ALA A 122 11.97 -12.01 6.15
C ALA A 122 13.29 -11.31 6.45
N LEU A 123 13.43 -10.08 5.97
CA LEU A 123 14.67 -9.34 6.12
C LEU A 123 14.84 -8.80 7.55
N SER A 124 13.74 -8.64 8.27
CA SER A 124 13.81 -8.15 9.64
C SER A 124 14.18 -9.27 10.60
N THR A 125 14.09 -10.51 10.15
CA THR A 125 14.54 -11.63 10.95
C THR A 125 15.85 -12.19 10.39
N ASP A 126 16.11 -11.93 9.11
CA ASP A 126 17.37 -12.30 8.49
C ASP A 126 17.89 -11.14 7.64
N PRO A 127 18.64 -10.22 8.25
CA PRO A 127 19.15 -9.05 7.56
C PRO A 127 20.47 -9.31 6.85
N ALA A 128 20.95 -10.54 6.95
CA ALA A 128 22.22 -10.91 6.35
C ALA A 128 22.05 -11.39 4.92
N SER A 129 20.94 -12.06 4.65
CA SER A 129 20.65 -12.58 3.31
C SER A 129 20.47 -11.43 2.31
N PRO A 130 21.40 -11.31 1.35
CA PRO A 130 21.42 -10.19 0.39
C PRO A 130 20.28 -10.28 -0.63
N ASN A 131 19.84 -11.50 -0.94
CA ASN A 131 18.79 -11.71 -1.93
C ASN A 131 17.48 -11.07 -1.48
N LEU A 132 17.27 -11.03 -0.17
CA LEU A 132 16.07 -10.41 0.39
C LEU A 132 16.03 -8.92 0.10
N LYS A 133 17.21 -8.32 -0.04
CA LYS A 133 17.30 -6.90 -0.38
C LYS A 133 16.80 -6.68 -1.81
N SER A 134 17.33 -7.46 -2.73
CA SER A 134 16.97 -7.35 -4.14
C SER A 134 15.48 -7.66 -4.33
N GLN A 135 15.00 -8.69 -3.65
CA GLN A 135 13.61 -9.12 -3.75
C GLN A 135 12.67 -8.05 -3.20
N LEU A 136 13.09 -7.40 -2.12
CA LEU A 136 12.28 -6.35 -1.50
C LEU A 136 12.18 -5.15 -2.43
N ALA A 137 13.32 -4.71 -2.93
CA ALA A 137 13.37 -3.54 -3.82
C ALA A 137 12.53 -3.76 -5.08
N ALA A 138 12.52 -4.99 -5.57
CA ALA A 138 11.74 -5.33 -6.76
C ALA A 138 10.24 -5.29 -6.46
N ALA A 139 9.87 -5.65 -5.24
CA ALA A 139 8.48 -5.63 -4.82
C ALA A 139 8.00 -4.20 -4.61
N ALA A 140 8.86 -3.37 -4.03
CA ALA A 140 8.55 -1.96 -3.83
C ALA A 140 8.35 -1.26 -5.16
N ARG A 141 9.14 -1.65 -6.13
CA ARG A 141 9.04 -1.15 -7.50
C ARG A 141 7.67 -1.47 -8.08
N ALA A 142 7.17 -2.67 -7.79
CA ALA A 142 5.86 -3.08 -8.25
C ALA A 142 4.76 -2.25 -7.61
N VAL A 143 4.94 -1.96 -6.31
CA VAL A 143 3.98 -1.14 -5.57
C VAL A 143 3.86 0.25 -6.18
N THR A 144 5.01 0.90 -6.40
CA THR A 144 5.05 2.24 -6.97
C THR A 144 4.25 2.32 -8.27
N ASP A 145 4.45 1.34 -9.14
CA ASP A 145 3.75 1.29 -10.41
C ASP A 145 2.24 1.26 -10.22
N SER A 146 1.77 0.33 -9.39
CA SER A 146 0.34 0.14 -9.18
C SER A 146 -0.29 1.34 -8.48
N ILE A 147 0.46 2.02 -7.63
CA ILE A 147 -0.02 3.24 -6.98
C ILE A 147 -0.39 4.27 -8.04
N ASN A 148 0.54 4.49 -8.97
CA ASN A 148 0.34 5.49 -10.00
C ASN A 148 -0.70 5.03 -11.02
N GLN A 149 -0.81 3.71 -11.19
CA GLN A 149 -1.83 3.14 -12.05
C GLN A 149 -3.22 3.47 -11.51
N LEU A 150 -3.34 3.45 -10.18
CA LEU A 150 -4.59 3.82 -9.51
C LEU A 150 -4.80 5.32 -9.65
N ILE A 151 -3.72 6.08 -9.46
CA ILE A 151 -3.78 7.53 -9.53
C ILE A 151 -4.13 8.01 -10.93
N THR A 152 -3.79 7.22 -11.94
CA THR A 152 -4.13 7.55 -13.32
C THR A 152 -5.66 7.62 -13.48
N MET A 153 -6.38 6.84 -12.68
CA MET A 153 -7.82 6.85 -12.69
C MET A 153 -8.35 8.06 -11.90
N CYS A 154 -7.63 8.42 -10.86
CA CYS A 154 -8.01 9.55 -10.01
C CYS A 154 -7.69 10.87 -10.71
N THR A 155 -6.42 11.05 -11.01
CA THR A 155 -5.95 12.24 -11.69
C THR A 155 -5.27 11.83 -12.99
N GLN A 156 -5.90 12.16 -14.12
CA GLN A 156 -5.39 11.73 -15.42
C GLN A 156 -4.01 12.33 -15.69
N GLN A 157 -3.16 11.54 -16.31
CA GLN A 157 -1.79 11.94 -16.57
C GLN A 157 -1.69 12.81 -17.82
N ALA A 158 -1.14 14.00 -17.65
CA ALA A 158 -0.91 14.90 -18.75
C ALA A 158 0.53 14.78 -19.22
N GLY A 1 9.99 -5.15 25.02
CA GLY A 1 10.49 -6.04 26.09
C GLY A 1 9.71 -7.32 26.18
N ILE A 2 9.03 -7.53 27.30
CA ILE A 2 8.18 -8.71 27.47
C ILE A 2 6.97 -8.61 26.55
N ASP A 3 6.47 -7.40 26.37
CA ASP A 3 5.42 -7.14 25.40
C ASP A 3 6.06 -6.88 24.05
N PRO A 4 5.56 -7.53 23.00
CA PRO A 4 6.15 -7.45 21.67
C PRO A 4 6.12 -6.05 21.08
N PHE A 5 7.29 -5.54 20.75
CA PHE A 5 7.41 -4.25 20.09
C PHE A 5 8.47 -4.36 18.99
N THR A 6 8.39 -3.50 17.98
CA THR A 6 9.30 -3.54 16.83
C THR A 6 8.97 -4.70 15.90
N GLN A 7 8.88 -5.91 16.45
CA GLN A 7 8.42 -7.07 15.68
C GLN A 7 6.96 -6.89 15.28
N ARG A 8 6.21 -6.16 16.10
CA ARG A 8 4.80 -5.87 15.81
C ARG A 8 4.68 -4.95 14.62
N ASP A 9 5.69 -4.12 14.39
CA ASP A 9 5.72 -3.23 13.24
C ASP A 9 5.63 -4.01 11.95
N VAL A 10 6.33 -5.14 11.89
CA VAL A 10 6.29 -5.95 10.70
C VAL A 10 5.08 -6.88 10.70
N ASP A 11 4.61 -7.23 11.89
CA ASP A 11 3.50 -8.17 12.03
C ASP A 11 2.15 -7.49 11.79
N ASN A 12 1.91 -6.42 12.53
CA ASN A 12 0.64 -5.71 12.45
C ASN A 12 0.44 -5.08 11.09
N ALA A 13 1.55 -4.76 10.42
CA ALA A 13 1.50 -4.19 9.08
C ALA A 13 0.77 -5.12 8.11
N LEU A 14 0.92 -6.42 8.32
CA LEU A 14 0.29 -7.39 7.45
C LEU A 14 -1.20 -7.45 7.67
N ARG A 15 -1.64 -7.25 8.91
CA ARG A 15 -3.06 -7.19 9.20
C ARG A 15 -3.64 -5.84 8.76
N ALA A 16 -2.85 -4.78 8.89
CA ALA A 16 -3.27 -3.45 8.47
C ALA A 16 -3.66 -3.46 7.00
N VAL A 17 -2.80 -4.04 6.17
CA VAL A 17 -3.07 -4.19 4.76
C VAL A 17 -4.21 -5.18 4.53
N GLY A 18 -4.22 -6.24 5.32
CA GLY A 18 -5.24 -7.26 5.21
C GLY A 18 -6.64 -6.75 5.52
N ASP A 19 -6.80 -6.15 6.69
CA ASP A 19 -8.09 -5.62 7.12
C ASP A 19 -8.67 -4.66 6.09
N ALA A 20 -7.83 -3.75 5.62
CA ALA A 20 -8.25 -2.75 4.64
C ALA A 20 -8.71 -3.43 3.35
N SER A 21 -7.92 -4.37 2.85
CA SER A 21 -8.25 -5.03 1.60
C SER A 21 -9.49 -5.92 1.74
N LYS A 22 -9.62 -6.61 2.87
CA LYS A 22 -10.78 -7.47 3.10
C LYS A 22 -12.07 -6.65 3.12
N ARG A 23 -12.01 -5.46 3.69
CA ARG A 23 -13.17 -4.57 3.73
C ARG A 23 -13.37 -3.90 2.38
N LEU A 24 -12.38 -3.16 1.95
CA LEU A 24 -12.50 -2.26 0.82
C LEU A 24 -12.74 -3.00 -0.50
N LEU A 25 -11.99 -4.08 -0.75
CA LEU A 25 -12.14 -4.82 -1.99
C LEU A 25 -13.42 -5.65 -2.02
N SER A 26 -14.20 -5.51 -0.96
CA SER A 26 -15.53 -6.12 -0.91
C SER A 26 -16.58 -5.03 -1.16
N ASP A 27 -16.11 -3.90 -1.67
CA ASP A 27 -16.95 -2.75 -1.99
C ASP A 27 -17.62 -2.21 -0.74
N LEU A 28 -16.79 -1.75 0.20
CA LEU A 28 -17.29 -1.16 1.43
C LEU A 28 -16.69 0.23 1.60
N LEU A 29 -17.51 1.24 1.38
CA LEU A 29 -17.05 2.62 1.45
C LEU A 29 -17.43 3.23 2.80
N PRO A 30 -16.54 4.02 3.40
CA PRO A 30 -16.81 4.71 4.67
C PRO A 30 -18.12 5.50 4.63
N PRO A 31 -18.89 5.47 5.73
CA PRO A 31 -20.21 6.11 5.79
C PRO A 31 -20.16 7.61 5.49
N SER A 32 -20.70 7.96 4.31
CA SER A 32 -20.77 9.35 3.86
C SER A 32 -19.41 10.03 3.96
N THR A 33 -18.52 9.73 3.03
CA THR A 33 -17.21 10.33 2.99
C THR A 33 -16.68 10.38 1.57
N GLY A 34 -15.88 11.39 1.26
CA GLY A 34 -15.21 11.47 -0.03
C GLY A 34 -16.16 11.49 -1.20
N THR A 35 -16.92 12.57 -1.32
CA THR A 35 -17.83 12.72 -2.43
C THR A 35 -17.07 12.98 -3.73
N PHE A 36 -16.64 11.88 -4.37
CA PHE A 36 -16.02 11.93 -5.69
C PHE A 36 -14.66 12.65 -5.66
N GLN A 37 -14.68 13.95 -5.90
CA GLN A 37 -13.45 14.73 -5.98
C GLN A 37 -12.74 14.76 -4.63
N GLU A 38 -13.51 14.86 -3.54
CA GLU A 38 -12.95 14.84 -2.20
C GLU A 38 -12.11 13.59 -2.01
N ALA A 39 -12.68 12.46 -2.43
CA ALA A 39 -12.01 11.17 -2.32
C ALA A 39 -10.78 11.11 -3.22
N GLN A 40 -10.94 11.59 -4.45
CA GLN A 40 -9.87 11.56 -5.44
C GLN A 40 -8.70 12.43 -5.01
N SER A 41 -8.98 13.69 -4.68
CA SER A 41 -7.95 14.63 -4.28
C SER A 41 -7.24 14.13 -3.02
N ARG A 42 -7.97 13.40 -2.19
CA ARG A 42 -7.41 12.87 -0.95
C ARG A 42 -6.49 11.69 -1.26
N LEU A 43 -6.86 10.95 -2.30
CA LEU A 43 -6.05 9.83 -2.78
C LEU A 43 -4.73 10.32 -3.36
N ASN A 44 -4.76 11.44 -4.07
CA ASN A 44 -3.56 12.00 -4.68
C ASN A 44 -2.49 12.25 -3.62
N GLU A 45 -2.91 12.83 -2.50
CA GLU A 45 -2.01 13.09 -1.39
C GLU A 45 -1.50 11.77 -0.81
N ALA A 46 -2.39 10.80 -0.73
CA ALA A 46 -2.06 9.49 -0.18
C ALA A 46 -1.07 8.75 -1.07
N ALA A 47 -1.22 8.93 -2.38
CA ALA A 47 -0.35 8.29 -3.36
C ALA A 47 1.10 8.68 -3.16
N ALA A 48 1.35 9.98 -3.09
CA ALA A 48 2.69 10.50 -2.93
C ALA A 48 3.33 10.00 -1.64
N GLY A 49 2.51 9.86 -0.60
CA GLY A 49 3.00 9.39 0.68
C GLY A 49 3.39 7.93 0.64
N LEU A 50 2.50 7.09 0.11
CA LEU A 50 2.74 5.65 0.08
C LEU A 50 3.86 5.30 -0.90
N ASN A 51 4.02 6.12 -1.95
CA ASN A 51 5.12 5.94 -2.89
C ASN A 51 6.45 5.99 -2.16
N GLN A 52 6.59 6.97 -1.28
CA GLN A 52 7.83 7.12 -0.52
C GLN A 52 7.89 6.07 0.59
N ALA A 53 6.73 5.69 1.12
CA ALA A 53 6.66 4.66 2.15
C ALA A 53 7.24 3.34 1.64
N ALA A 54 6.95 3.01 0.39
CA ALA A 54 7.51 1.83 -0.24
C ALA A 54 9.02 2.01 -0.43
N THR A 55 9.41 3.23 -0.76
CA THR A 55 10.82 3.57 -0.93
C THR A 55 11.58 3.45 0.39
N GLU A 56 10.90 3.76 1.50
CA GLU A 56 11.50 3.64 2.83
C GLU A 56 11.95 2.20 3.09
N LEU A 57 11.14 1.24 2.67
CA LEU A 57 11.52 -0.17 2.81
C LEU A 57 12.76 -0.48 1.98
N VAL A 58 12.86 0.12 0.80
CA VAL A 58 14.02 -0.06 -0.06
C VAL A 58 15.28 0.49 0.61
N GLN A 59 15.17 1.72 1.12
CA GLN A 59 16.28 2.37 1.81
C GLN A 59 16.64 1.61 3.08
N ALA A 60 15.63 1.05 3.72
CA ALA A 60 15.81 0.25 4.92
C ALA A 60 16.58 -1.03 4.60
N SER A 61 16.30 -1.62 3.44
CA SER A 61 16.97 -2.83 3.00
C SER A 61 18.45 -2.56 2.73
N ARG A 62 18.77 -1.30 2.47
CA ARG A 62 20.14 -0.90 2.21
C ARG A 62 20.79 -0.35 3.47
N GLY A 63 20.07 -0.46 4.59
CA GLY A 63 20.58 0.01 5.85
C GLY A 63 20.63 -1.09 6.88
N THR A 64 19.62 -1.13 7.73
CA THR A 64 19.61 -2.07 8.84
C THR A 64 18.26 -2.79 8.95
N PRO A 65 18.24 -3.96 9.62
CA PRO A 65 17.00 -4.70 9.88
C PRO A 65 15.99 -3.87 10.66
N GLN A 66 16.50 -2.93 11.45
CA GLN A 66 15.68 -2.13 12.33
C GLN A 66 14.97 -1.02 11.56
N ASP A 67 15.58 -0.58 10.48
CA ASP A 67 14.93 0.38 9.58
C ASP A 67 13.71 -0.27 8.95
N LEU A 68 13.88 -1.53 8.54
CA LEU A 68 12.81 -2.32 7.94
C LEU A 68 11.62 -2.45 8.89
N ALA A 69 11.93 -2.56 10.18
CA ALA A 69 10.89 -2.65 11.20
C ALA A 69 10.06 -1.36 11.24
N ARG A 70 10.73 -0.23 11.42
CA ARG A 70 10.04 1.05 11.47
C ARG A 70 9.29 1.31 10.16
N ALA A 71 9.94 0.97 9.05
CA ALA A 71 9.34 1.14 7.73
C ALA A 71 8.08 0.31 7.59
N SER A 72 8.08 -0.88 8.17
CA SER A 72 6.91 -1.76 8.18
C SER A 72 5.72 -1.07 8.84
N GLY A 73 5.95 -0.49 10.02
CA GLY A 73 4.88 0.17 10.74
C GLY A 73 4.35 1.37 9.98
N ARG A 74 5.26 2.12 9.36
CA ARG A 74 4.89 3.27 8.56
C ARG A 74 4.07 2.85 7.34
N PHE A 75 4.64 1.92 6.57
CA PHE A 75 4.03 1.46 5.32
C PHE A 75 2.63 0.91 5.57
N GLY A 76 2.49 0.07 6.59
CA GLY A 76 1.21 -0.54 6.89
C GLY A 76 0.16 0.50 7.28
N GLN A 77 0.57 1.46 8.10
CA GLN A 77 -0.32 2.51 8.57
C GLN A 77 -0.70 3.45 7.43
N ASP A 78 0.31 3.83 6.63
CA ASP A 78 0.12 4.79 5.56
C ASP A 78 -0.70 4.19 4.43
N PHE A 79 -0.52 2.89 4.21
CA PHE A 79 -1.26 2.17 3.19
C PHE A 79 -2.76 2.28 3.42
N SER A 80 -3.16 2.29 4.69
CA SER A 80 -4.57 2.42 5.03
C SER A 80 -5.13 3.74 4.50
N THR A 81 -4.36 4.80 4.67
CA THR A 81 -4.75 6.12 4.21
C THR A 81 -4.89 6.16 2.68
N PHE A 82 -4.04 5.39 2.02
CA PHE A 82 -4.05 5.34 0.56
C PHE A 82 -5.20 4.49 0.04
N LEU A 83 -5.27 3.25 0.51
CA LEU A 83 -6.22 2.28 -0.02
C LEU A 83 -7.65 2.75 0.16
N GLU A 84 -7.99 3.23 1.36
CA GLU A 84 -9.35 3.65 1.65
C GLU A 84 -9.80 4.76 0.71
N ALA A 85 -8.92 5.72 0.44
CA ALA A 85 -9.22 6.82 -0.45
C ALA A 85 -9.43 6.33 -1.87
N GLY A 86 -8.56 5.43 -2.32
CA GLY A 86 -8.65 4.90 -3.66
C GLY A 86 -9.93 4.10 -3.87
N VAL A 87 -10.25 3.24 -2.91
CA VAL A 87 -11.46 2.43 -3.02
C VAL A 87 -12.71 3.29 -2.89
N GLU A 88 -12.62 4.31 -2.05
CA GLU A 88 -13.75 5.20 -1.81
C GLU A 88 -14.20 5.87 -3.10
N MET A 89 -13.25 6.50 -3.80
CA MET A 89 -13.57 7.15 -5.07
C MET A 89 -13.95 6.12 -6.14
N ALA A 90 -13.43 4.90 -5.98
CA ALA A 90 -13.72 3.81 -6.91
C ALA A 90 -15.20 3.43 -6.84
N GLY A 91 -15.73 3.38 -5.62
CA GLY A 91 -17.14 3.06 -5.45
C GLY A 91 -18.04 4.19 -5.88
N GLN A 92 -17.47 5.39 -5.94
CA GLN A 92 -18.21 6.58 -6.35
C GLN A 92 -18.24 6.69 -7.88
N ALA A 93 -17.50 5.82 -8.55
CA ALA A 93 -17.47 5.80 -10.00
C ALA A 93 -18.84 5.45 -10.56
N PRO A 94 -19.41 6.35 -11.37
CA PRO A 94 -20.76 6.19 -11.92
C PRO A 94 -20.91 4.98 -12.83
N SER A 95 -20.12 4.95 -13.89
CA SER A 95 -20.23 3.90 -14.90
C SER A 95 -19.59 2.60 -14.43
N GLN A 96 -20.15 1.49 -14.90
CA GLN A 96 -19.72 0.15 -14.46
C GLN A 96 -18.27 -0.11 -14.84
N GLU A 97 -17.94 0.08 -16.11
CA GLU A 97 -16.62 -0.25 -16.61
C GLU A 97 -15.55 0.60 -15.94
N ASP A 98 -15.88 1.87 -15.73
CA ASP A 98 -14.99 2.78 -15.01
C ASP A 98 -14.75 2.28 -13.60
N ARG A 99 -15.82 1.86 -12.94
CA ARG A 99 -15.76 1.36 -11.57
C ARG A 99 -14.91 0.09 -11.51
N ALA A 100 -15.14 -0.83 -12.44
CA ALA A 100 -14.40 -2.09 -12.46
C ALA A 100 -12.93 -1.85 -12.79
N GLN A 101 -12.68 -0.87 -13.66
CA GLN A 101 -11.31 -0.58 -14.09
C GLN A 101 -10.46 -0.06 -12.93
N VAL A 102 -11.01 0.86 -12.15
CA VAL A 102 -10.25 1.43 -11.05
C VAL A 102 -10.04 0.39 -9.94
N VAL A 103 -10.98 -0.51 -9.76
CA VAL A 103 -10.90 -1.52 -8.69
C VAL A 103 -9.80 -2.55 -8.96
N SER A 104 -9.57 -2.88 -10.23
CA SER A 104 -8.52 -3.85 -10.56
C SER A 104 -7.13 -3.31 -10.20
N ASN A 105 -6.90 -2.02 -10.42
CA ASN A 105 -5.63 -1.39 -10.03
C ASN A 105 -5.47 -1.45 -8.52
N LEU A 106 -6.59 -1.29 -7.84
CA LEU A 106 -6.60 -1.31 -6.38
C LEU A 106 -6.11 -2.65 -5.86
N LYS A 107 -6.49 -3.73 -6.54
CA LYS A 107 -5.95 -5.05 -6.22
C LYS A 107 -4.46 -5.08 -6.50
N GLY A 108 -4.09 -4.58 -7.67
CA GLY A 108 -2.70 -4.56 -8.08
C GLY A 108 -1.79 -3.96 -7.02
N ILE A 109 -2.17 -2.81 -6.50
CA ILE A 109 -1.34 -2.13 -5.51
C ILE A 109 -1.48 -2.78 -4.13
N SER A 110 -2.69 -3.22 -3.77
CA SER A 110 -2.91 -3.80 -2.44
C SER A 110 -2.24 -5.17 -2.33
N MET A 111 -2.27 -5.94 -3.40
CA MET A 111 -1.60 -7.24 -3.42
C MET A 111 -0.09 -7.08 -3.42
N SER A 112 0.40 -6.13 -4.22
CA SER A 112 1.83 -5.91 -4.31
C SER A 112 2.39 -5.38 -2.99
N SER A 113 1.63 -4.56 -2.29
CA SER A 113 2.06 -4.04 -1.00
C SER A 113 2.09 -5.17 0.04
N SER A 114 1.12 -6.06 -0.08
CA SER A 114 1.05 -7.25 0.75
C SER A 114 2.29 -8.12 0.54
N LYS A 115 2.58 -8.42 -0.73
CA LYS A 115 3.69 -9.29 -1.08
C LYS A 115 5.03 -8.59 -0.86
N LEU A 116 5.02 -7.27 -0.92
CA LEU A 116 6.19 -6.46 -0.57
C LEU A 116 6.56 -6.66 0.89
N LEU A 117 5.56 -6.53 1.76
CA LEU A 117 5.81 -6.64 3.19
C LEU A 117 6.34 -8.02 3.54
N LEU A 118 5.88 -9.04 2.84
CA LEU A 118 6.34 -10.41 3.07
C LEU A 118 7.86 -10.49 2.98
N ALA A 119 8.42 -9.80 1.98
CA ALA A 119 9.87 -9.74 1.82
C ALA A 119 10.51 -8.98 2.98
N ALA A 120 9.85 -7.91 3.40
CA ALA A 120 10.35 -7.07 4.50
C ALA A 120 10.48 -7.85 5.79
N LYS A 121 9.50 -8.71 6.08
CA LYS A 121 9.53 -9.54 7.29
C LYS A 121 10.75 -10.42 7.30
N ALA A 122 10.94 -11.15 6.22
CA ALA A 122 12.08 -12.04 6.08
C ALA A 122 13.38 -11.24 6.13
N LEU A 123 13.38 -10.09 5.50
CA LEU A 123 14.57 -9.26 5.40
C LEU A 123 14.90 -8.62 6.76
N SER A 124 13.89 -8.29 7.54
CA SER A 124 14.12 -7.73 8.86
C SER A 124 14.70 -8.78 9.80
N THR A 125 14.36 -10.05 9.56
CA THR A 125 14.91 -11.13 10.34
C THR A 125 16.28 -11.55 9.80
N ASP A 126 16.45 -11.48 8.48
CA ASP A 126 17.73 -11.79 7.85
C ASP A 126 18.10 -10.71 6.86
N PRO A 127 18.90 -9.73 7.29
CA PRO A 127 19.35 -8.65 6.43
C PRO A 127 20.68 -8.98 5.76
N ALA A 128 21.02 -10.25 5.73
CA ALA A 128 22.28 -10.69 5.13
C ALA A 128 22.05 -11.26 3.73
N SER A 129 20.80 -11.62 3.45
CA SER A 129 20.46 -12.18 2.16
C SER A 129 20.28 -11.08 1.12
N PRO A 130 21.16 -11.05 0.10
CA PRO A 130 21.08 -10.06 -0.98
C PRO A 130 19.82 -10.25 -1.83
N ASN A 131 19.40 -11.51 -1.93
CA ASN A 131 18.18 -11.86 -2.65
C ASN A 131 16.96 -11.21 -1.99
N LEU A 132 17.02 -11.09 -0.67
CA LEU A 132 15.93 -10.49 0.08
C LEU A 132 15.82 -9.00 -0.21
N LYS A 133 16.96 -8.32 -0.30
CA LYS A 133 16.98 -6.91 -0.65
C LYS A 133 16.38 -6.69 -2.02
N SER A 134 16.85 -7.49 -2.99
CA SER A 134 16.36 -7.40 -4.35
C SER A 134 14.87 -7.74 -4.40
N GLN A 135 14.47 -8.73 -3.61
CA GLN A 135 13.08 -9.13 -3.52
C GLN A 135 12.21 -7.98 -3.05
N LEU A 136 12.57 -7.38 -1.91
CA LEU A 136 11.83 -6.26 -1.38
C LEU A 136 11.83 -5.10 -2.37
N ALA A 137 13.00 -4.76 -2.89
CA ALA A 137 13.14 -3.64 -3.83
C ALA A 137 12.25 -3.82 -5.05
N ALA A 138 12.13 -5.05 -5.53
CA ALA A 138 11.32 -5.35 -6.69
C ALA A 138 9.84 -5.13 -6.38
N ALA A 139 9.39 -5.69 -5.26
CA ALA A 139 8.00 -5.57 -4.86
C ALA A 139 7.66 -4.13 -4.49
N ALA A 140 8.61 -3.43 -3.89
CA ALA A 140 8.42 -2.04 -3.50
C ALA A 140 8.16 -1.17 -4.73
N ARG A 141 8.95 -1.39 -5.77
CA ARG A 141 8.77 -0.66 -7.03
C ARG A 141 7.46 -1.07 -7.69
N ALA A 142 7.07 -2.33 -7.51
CA ALA A 142 5.80 -2.82 -8.00
C ALA A 142 4.65 -2.07 -7.33
N VAL A 143 4.77 -1.86 -6.02
CA VAL A 143 3.78 -1.08 -5.28
C VAL A 143 3.71 0.34 -5.82
N THR A 144 4.87 0.98 -5.92
CA THR A 144 4.97 2.35 -6.41
C THR A 144 4.37 2.47 -7.81
N ASP A 145 4.71 1.53 -8.68
CA ASP A 145 4.24 1.52 -10.07
C ASP A 145 2.73 1.38 -10.12
N SER A 146 2.20 0.50 -9.28
CA SER A 146 0.76 0.27 -9.21
C SER A 146 0.03 1.52 -8.70
N ILE A 147 0.64 2.19 -7.73
CA ILE A 147 0.11 3.45 -7.22
C ILE A 147 0.00 4.47 -8.35
N ASN A 148 1.12 4.66 -9.07
CA ASN A 148 1.19 5.59 -10.17
C ASN A 148 0.11 5.30 -11.21
N GLN A 149 0.01 4.04 -11.62
CA GLN A 149 -0.96 3.63 -12.63
C GLN A 149 -2.38 3.93 -12.16
N LEU A 150 -2.66 3.67 -10.89
CA LEU A 150 -3.98 3.89 -10.33
C LEU A 150 -4.32 5.38 -10.38
N ILE A 151 -3.37 6.20 -9.94
CA ILE A 151 -3.58 7.63 -9.91
C ILE A 151 -3.71 8.19 -11.32
N THR A 152 -2.86 7.72 -12.22
CA THR A 152 -2.85 8.17 -13.61
C THR A 152 -4.20 7.88 -14.28
N MET A 153 -4.75 6.71 -14.01
CA MET A 153 -6.01 6.31 -14.63
C MET A 153 -7.18 7.12 -14.08
N CYS A 154 -7.10 7.50 -12.82
CA CYS A 154 -8.20 8.20 -12.16
C CYS A 154 -8.18 9.69 -12.44
N THR A 155 -7.00 10.30 -12.40
CA THR A 155 -6.89 11.74 -12.53
C THR A 155 -6.76 12.18 -13.99
N GLN A 156 -6.37 11.26 -14.85
CA GLN A 156 -6.15 11.60 -16.25
C GLN A 156 -7.00 10.71 -17.14
N GLN A 157 -7.56 11.31 -18.20
CA GLN A 157 -8.45 10.63 -19.14
C GLN A 157 -9.81 10.37 -18.50
N ALA A 158 -9.97 10.84 -17.28
CA ALA A 158 -11.24 10.75 -16.58
C ALA A 158 -11.63 12.13 -16.08
N GLY A 1 18.95 -15.71 15.50
CA GLY A 1 18.05 -16.13 14.39
C GLY A 1 17.05 -15.07 14.03
N ILE A 2 15.84 -15.18 14.57
CA ILE A 2 14.80 -14.20 14.33
C ILE A 2 14.53 -13.38 15.59
N ASP A 3 14.01 -12.19 15.40
CA ASP A 3 13.64 -11.34 16.53
C ASP A 3 12.12 -11.20 16.57
N PRO A 4 11.48 -11.80 17.59
CA PRO A 4 10.01 -11.85 17.70
C PRO A 4 9.34 -10.48 17.59
N PHE A 5 9.99 -9.45 18.14
CA PHE A 5 9.41 -8.11 18.12
C PHE A 5 9.60 -7.45 16.76
N THR A 6 10.81 -7.59 16.20
CA THR A 6 11.13 -7.01 14.91
C THR A 6 10.21 -7.55 13.82
N GLN A 7 10.05 -8.87 13.78
CA GLN A 7 9.21 -9.50 12.77
C GLN A 7 7.75 -9.17 12.99
N ARG A 8 7.37 -8.96 14.26
CA ARG A 8 5.99 -8.68 14.63
C ARG A 8 5.50 -7.40 13.97
N ASP A 9 6.40 -6.45 13.78
CA ASP A 9 6.06 -5.18 13.14
C ASP A 9 5.62 -5.38 11.71
N VAL A 10 6.25 -6.33 11.03
CA VAL A 10 5.95 -6.57 9.64
C VAL A 10 4.68 -7.39 9.51
N ASP A 11 4.49 -8.32 10.45
CA ASP A 11 3.27 -9.11 10.51
C ASP A 11 2.08 -8.23 10.87
N ASN A 12 2.31 -7.28 11.76
CA ASN A 12 1.29 -6.32 12.16
C ASN A 12 0.91 -5.45 10.97
N ALA A 13 1.90 -5.06 10.18
CA ALA A 13 1.67 -4.30 8.96
C ALA A 13 0.75 -5.06 8.02
N LEU A 14 1.00 -6.36 7.89
CA LEU A 14 0.17 -7.22 7.05
C LEU A 14 -1.26 -7.29 7.58
N ARG A 15 -1.39 -7.26 8.89
CA ARG A 15 -2.71 -7.27 9.51
C ARG A 15 -3.48 -6.01 9.13
N ALA A 16 -2.77 -4.89 9.07
CA ALA A 16 -3.38 -3.62 8.68
C ALA A 16 -3.76 -3.61 7.21
N VAL A 17 -2.87 -4.12 6.37
CA VAL A 17 -3.12 -4.24 4.93
C VAL A 17 -4.29 -5.19 4.68
N GLY A 18 -4.24 -6.35 5.32
CA GLY A 18 -5.29 -7.33 5.18
C GLY A 18 -6.61 -6.82 5.73
N ASP A 19 -6.54 -6.03 6.78
CA ASP A 19 -7.72 -5.44 7.38
C ASP A 19 -8.41 -4.51 6.40
N ALA A 20 -7.62 -3.65 5.76
CA ALA A 20 -8.14 -2.72 4.77
C ALA A 20 -8.69 -3.48 3.57
N SER A 21 -8.03 -4.56 3.18
CA SER A 21 -8.50 -5.41 2.11
C SER A 21 -9.87 -6.01 2.47
N LYS A 22 -9.97 -6.54 3.68
CA LYS A 22 -11.21 -7.11 4.18
C LYS A 22 -12.29 -6.04 4.34
N ARG A 23 -11.86 -4.85 4.73
CA ARG A 23 -12.75 -3.75 5.05
C ARG A 23 -13.31 -3.09 3.80
N LEU A 24 -12.45 -2.92 2.80
CA LEU A 24 -12.79 -2.10 1.64
C LEU A 24 -13.07 -2.93 0.39
N LEU A 25 -12.27 -3.97 0.18
CA LEU A 25 -12.37 -4.77 -1.03
C LEU A 25 -13.41 -5.88 -0.88
N SER A 26 -14.41 -5.61 -0.07
CA SER A 26 -15.51 -6.54 0.15
C SER A 26 -16.62 -6.31 -0.87
N ASP A 27 -16.32 -5.46 -1.87
CA ASP A 27 -17.26 -5.11 -2.94
C ASP A 27 -18.35 -4.16 -2.44
N LEU A 28 -18.77 -4.35 -1.21
CA LEU A 28 -19.71 -3.44 -0.56
C LEU A 28 -19.00 -2.12 -0.27
N LEU A 29 -19.24 -1.13 -1.12
CA LEU A 29 -18.57 0.14 -1.00
C LEU A 29 -19.30 1.08 -0.05
N PRO A 30 -18.55 1.96 0.63
CA PRO A 30 -19.11 2.99 1.50
C PRO A 30 -19.76 4.11 0.68
N PRO A 31 -20.68 4.88 1.29
CA PRO A 31 -21.33 6.01 0.63
C PRO A 31 -20.32 7.03 0.12
N SER A 32 -20.20 7.10 -1.20
CA SER A 32 -19.20 7.96 -1.83
C SER A 32 -19.49 9.43 -1.57
N THR A 33 -18.69 10.02 -0.71
CA THR A 33 -18.77 11.44 -0.42
C THR A 33 -17.65 12.17 -1.16
N GLY A 34 -16.70 11.40 -1.66
CA GLY A 34 -15.62 11.94 -2.43
C GLY A 34 -15.90 11.86 -3.90
N THR A 35 -16.37 12.96 -4.47
CA THR A 35 -16.71 13.01 -5.88
C THR A 35 -15.47 13.12 -6.77
N PHE A 36 -15.69 13.40 -8.06
CA PHE A 36 -14.65 13.26 -9.08
C PHE A 36 -13.45 14.19 -8.87
N GLN A 37 -13.59 15.19 -8.03
CA GLN A 37 -12.47 16.06 -7.70
C GLN A 37 -12.04 15.84 -6.25
N GLU A 38 -13.02 15.63 -5.39
CA GLU A 38 -12.77 15.38 -3.98
C GLU A 38 -11.93 14.11 -3.79
N ALA A 39 -12.33 13.03 -4.46
CA ALA A 39 -11.60 11.77 -4.36
C ALA A 39 -10.33 11.83 -5.17
N GLN A 40 -10.36 12.62 -6.25
CA GLN A 40 -9.19 12.82 -7.10
C GLN A 40 -8.03 13.39 -6.29
N SER A 41 -8.29 14.51 -5.63
CA SER A 41 -7.29 15.16 -4.80
C SER A 41 -6.86 14.23 -3.68
N ARG A 42 -7.82 13.50 -3.13
CA ARG A 42 -7.57 12.64 -1.98
C ARG A 42 -6.62 11.50 -2.37
N LEU A 43 -6.88 10.90 -3.52
CA LEU A 43 -6.03 9.84 -4.03
C LEU A 43 -4.63 10.37 -4.31
N ASN A 44 -4.55 11.54 -4.94
CA ASN A 44 -3.26 12.13 -5.29
C ASN A 44 -2.42 12.41 -4.04
N GLU A 45 -3.03 13.02 -3.03
CA GLU A 45 -2.33 13.32 -1.78
C GLU A 45 -1.87 12.03 -1.10
N ALA A 46 -2.74 11.03 -1.06
CA ALA A 46 -2.42 9.77 -0.40
C ALA A 46 -1.36 9.00 -1.18
N ALA A 47 -1.43 9.10 -2.50
CA ALA A 47 -0.49 8.40 -3.38
C ALA A 47 0.94 8.82 -3.10
N ALA A 48 1.18 10.12 -3.08
CA ALA A 48 2.52 10.65 -2.86
C ALA A 48 3.05 10.24 -1.50
N GLY A 49 2.15 10.12 -0.53
CA GLY A 49 2.54 9.71 0.81
C GLY A 49 3.01 8.27 0.84
N LEU A 50 2.23 7.38 0.23
CA LEU A 50 2.54 5.96 0.24
C LEU A 50 3.78 5.67 -0.63
N ASN A 51 4.00 6.53 -1.62
CA ASN A 51 5.21 6.42 -2.45
C ASN A 51 6.46 6.49 -1.58
N GLN A 52 6.47 7.42 -0.63
CA GLN A 52 7.60 7.55 0.27
C GLN A 52 7.60 6.43 1.30
N ALA A 53 6.42 6.00 1.73
CA ALA A 53 6.31 4.94 2.71
C ALA A 53 6.92 3.64 2.19
N ALA A 54 6.68 3.34 0.91
CA ALA A 54 7.32 2.20 0.27
C ALA A 54 8.82 2.45 0.14
N THR A 55 9.16 3.71 -0.13
CA THR A 55 10.54 4.16 -0.19
C THR A 55 11.27 3.87 1.12
N GLU A 56 10.58 4.07 2.24
CA GLU A 56 11.15 3.86 3.57
C GLU A 56 11.65 2.42 3.73
N LEU A 57 10.87 1.46 3.23
CA LEU A 57 11.27 0.06 3.28
C LEU A 57 12.53 -0.17 2.45
N VAL A 58 12.58 0.47 1.27
CA VAL A 58 13.75 0.36 0.40
C VAL A 58 15.00 0.87 1.11
N GLN A 59 14.86 2.01 1.77
CA GLN A 59 15.97 2.61 2.50
C GLN A 59 16.39 1.72 3.66
N ALA A 60 15.39 1.21 4.37
CA ALA A 60 15.62 0.35 5.52
C ALA A 60 16.36 -0.92 5.13
N SER A 61 16.10 -1.41 3.92
CA SER A 61 16.71 -2.62 3.40
C SER A 61 18.23 -2.47 3.32
N ARG A 62 18.68 -1.23 3.13
CA ARG A 62 20.10 -0.96 3.01
C ARG A 62 20.64 -0.38 4.30
N GLY A 63 19.85 -0.48 5.37
CA GLY A 63 20.25 0.04 6.64
C GLY A 63 20.28 -1.02 7.71
N THR A 64 19.18 -1.15 8.45
CA THR A 64 19.14 -2.07 9.59
C THR A 64 17.82 -2.85 9.60
N PRO A 65 17.79 -4.03 10.24
CA PRO A 65 16.57 -4.81 10.40
C PRO A 65 15.55 -4.08 11.29
N GLN A 66 16.06 -3.23 12.16
CA GLN A 66 15.22 -2.47 13.07
C GLN A 66 14.49 -1.35 12.32
N ASP A 67 15.19 -0.74 11.38
CA ASP A 67 14.60 0.31 10.56
C ASP A 67 13.50 -0.28 9.68
N LEU A 68 13.75 -1.52 9.22
CA LEU A 68 12.74 -2.27 8.48
C LEU A 68 11.47 -2.44 9.29
N ALA A 69 11.62 -2.89 10.53
CA ALA A 69 10.48 -3.09 11.43
C ALA A 69 9.71 -1.79 11.64
N ARG A 70 10.44 -0.71 11.88
CA ARG A 70 9.82 0.60 12.06
C ARG A 70 9.13 1.03 10.77
N ALA A 71 9.78 0.76 9.65
CA ALA A 71 9.23 1.08 8.34
C ALA A 71 7.98 0.26 8.05
N SER A 72 7.90 -0.92 8.65
CA SER A 72 6.74 -1.79 8.47
C SER A 72 5.47 -1.11 8.99
N GLY A 73 5.56 -0.54 10.18
CA GLY A 73 4.41 0.12 10.76
C GLY A 73 4.07 1.38 9.99
N ARG A 74 5.11 2.14 9.68
CA ARG A 74 4.96 3.40 8.95
C ARG A 74 4.34 3.17 7.57
N PHE A 75 4.64 2.02 6.97
CA PHE A 75 4.11 1.68 5.66
C PHE A 75 2.65 1.24 5.78
N GLY A 76 2.39 0.34 6.72
CA GLY A 76 1.05 -0.21 6.85
C GLY A 76 0.00 0.83 7.20
N GLN A 77 0.35 1.76 8.10
CA GLN A 77 -0.57 2.82 8.49
C GLN A 77 -0.91 3.73 7.32
N ASP A 78 0.12 4.11 6.58
CA ASP A 78 -0.02 5.02 5.45
C ASP A 78 -0.82 4.36 4.33
N PHE A 79 -0.58 3.07 4.14
CA PHE A 79 -1.28 2.29 3.13
C PHE A 79 -2.79 2.39 3.30
N SER A 80 -3.25 2.34 4.55
CA SER A 80 -4.69 2.43 4.84
C SER A 80 -5.23 3.76 4.33
N THR A 81 -4.48 4.83 4.57
CA THR A 81 -4.86 6.16 4.13
C THR A 81 -5.05 6.20 2.61
N PHE A 82 -4.16 5.52 1.90
CA PHE A 82 -4.21 5.47 0.44
C PHE A 82 -5.38 4.63 -0.04
N LEU A 83 -5.50 3.41 0.49
CA LEU A 83 -6.51 2.46 0.01
C LEU A 83 -7.92 2.99 0.25
N GLU A 84 -8.16 3.56 1.43
CA GLU A 84 -9.47 4.10 1.77
C GLU A 84 -9.87 5.24 0.83
N ALA A 85 -8.86 5.97 0.35
CA ALA A 85 -9.09 7.05 -0.60
C ALA A 85 -9.46 6.51 -1.98
N GLY A 86 -8.83 5.42 -2.36
CA GLY A 86 -9.11 4.80 -3.65
C GLY A 86 -10.50 4.20 -3.69
N VAL A 87 -10.96 3.69 -2.56
CA VAL A 87 -12.29 3.11 -2.45
C VAL A 87 -13.36 4.21 -2.51
N GLU A 88 -12.97 5.41 -2.10
CA GLU A 88 -13.87 6.56 -2.15
C GLU A 88 -14.24 6.85 -3.61
N MET A 89 -13.24 6.79 -4.48
CA MET A 89 -13.45 7.03 -5.90
C MET A 89 -14.10 5.81 -6.57
N ALA A 90 -13.93 4.64 -5.97
CA ALA A 90 -14.63 3.45 -6.45
C ALA A 90 -16.14 3.65 -6.29
N GLY A 91 -16.52 4.52 -5.37
CA GLY A 91 -17.92 4.83 -5.16
C GLY A 91 -18.48 5.75 -6.22
N GLN A 92 -17.71 6.75 -6.62
CA GLN A 92 -18.17 7.74 -7.61
C GLN A 92 -18.45 7.07 -8.95
N ALA A 93 -17.79 5.94 -9.19
CA ALA A 93 -17.91 5.21 -10.45
C ALA A 93 -19.36 4.92 -10.80
N PRO A 94 -19.86 5.54 -11.87
CA PRO A 94 -21.24 5.35 -12.31
C PRO A 94 -21.43 4.02 -13.04
N SER A 95 -20.36 3.51 -13.62
CA SER A 95 -20.41 2.29 -14.40
C SER A 95 -19.59 1.19 -13.73
N GLN A 96 -20.06 -0.05 -13.87
CA GLN A 96 -19.38 -1.20 -13.31
C GLN A 96 -18.03 -1.40 -14.01
N GLU A 97 -17.94 -0.96 -15.26
CA GLU A 97 -16.70 -1.05 -16.02
C GLU A 97 -15.57 -0.30 -15.32
N ASP A 98 -15.87 0.91 -14.86
CA ASP A 98 -14.89 1.73 -14.14
C ASP A 98 -14.71 1.20 -12.73
N ARG A 99 -15.81 0.78 -12.12
CA ARG A 99 -15.79 0.21 -10.78
C ARG A 99 -14.89 -1.01 -10.71
N ALA A 100 -15.10 -1.95 -11.62
CA ALA A 100 -14.27 -3.15 -11.68
C ALA A 100 -12.81 -2.78 -11.90
N GLN A 101 -12.58 -1.84 -12.81
CA GLN A 101 -11.24 -1.37 -13.13
C GLN A 101 -10.53 -0.84 -11.90
N VAL A 102 -11.16 0.10 -11.20
CA VAL A 102 -10.52 0.71 -10.04
C VAL A 102 -10.30 -0.31 -8.93
N VAL A 103 -11.23 -1.25 -8.77
CA VAL A 103 -11.10 -2.28 -7.74
C VAL A 103 -9.88 -3.17 -7.99
N SER A 104 -9.65 -3.55 -9.25
CA SER A 104 -8.51 -4.40 -9.58
C SER A 104 -7.20 -3.62 -9.44
N ASN A 105 -7.26 -2.30 -9.62
CA ASN A 105 -6.10 -1.46 -9.36
C ASN A 105 -5.81 -1.45 -7.88
N LEU A 106 -6.87 -1.28 -7.10
CA LEU A 106 -6.77 -1.26 -5.64
C LEU A 106 -6.23 -2.59 -5.13
N LYS A 107 -6.71 -3.69 -5.69
CA LYS A 107 -6.16 -5.00 -5.38
C LYS A 107 -4.70 -5.08 -5.80
N GLY A 108 -4.39 -4.53 -6.96
CA GLY A 108 -3.04 -4.54 -7.46
C GLY A 108 -2.07 -3.91 -6.48
N ILE A 109 -2.35 -2.70 -6.06
CA ILE A 109 -1.46 -1.99 -5.15
C ILE A 109 -1.50 -2.58 -3.75
N SER A 110 -2.67 -3.02 -3.30
CA SER A 110 -2.80 -3.62 -1.97
C SER A 110 -2.00 -4.92 -1.88
N MET A 111 -2.14 -5.76 -2.90
CA MET A 111 -1.41 -7.02 -2.95
C MET A 111 0.08 -6.77 -3.13
N SER A 112 0.43 -5.79 -3.96
CA SER A 112 1.83 -5.42 -4.14
C SER A 112 2.44 -4.99 -2.80
N SER A 113 1.67 -4.24 -2.02
CA SER A 113 2.12 -3.78 -0.72
C SER A 113 2.30 -4.97 0.22
N SER A 114 1.37 -5.91 0.10
CA SER A 114 1.42 -7.14 0.87
C SER A 114 2.67 -7.94 0.51
N LYS A 115 2.88 -8.15 -0.78
CA LYS A 115 4.04 -8.89 -1.27
C LYS A 115 5.34 -8.19 -0.88
N LEU A 116 5.30 -6.86 -0.84
CA LEU A 116 6.44 -6.06 -0.39
C LEU A 116 6.76 -6.38 1.06
N LEU A 117 5.76 -6.32 1.92
CA LEU A 117 5.93 -6.58 3.34
C LEU A 117 6.35 -8.03 3.58
N LEU A 118 5.90 -8.94 2.72
CA LEU A 118 6.30 -10.34 2.80
C LEU A 118 7.81 -10.47 2.69
N ALA A 119 8.40 -9.71 1.78
CA ALA A 119 9.84 -9.69 1.61
C ALA A 119 10.50 -9.02 2.81
N ALA A 120 9.84 -8.01 3.35
CA ALA A 120 10.33 -7.30 4.52
C ALA A 120 10.43 -8.23 5.73
N LYS A 121 9.46 -9.12 5.88
CA LYS A 121 9.48 -10.09 6.96
C LYS A 121 10.74 -10.94 6.87
N ALA A 122 10.97 -11.48 5.68
CA ALA A 122 12.13 -12.32 5.43
C ALA A 122 13.41 -11.53 5.64
N LEU A 123 13.43 -10.29 5.17
CA LEU A 123 14.63 -9.47 5.21
C LEU A 123 14.97 -9.03 6.63
N SER A 124 13.94 -8.84 7.45
CA SER A 124 14.14 -8.45 8.84
C SER A 124 14.65 -9.62 9.68
N THR A 125 14.44 -10.83 9.19
CA THR A 125 14.87 -12.02 9.89
C THR A 125 16.07 -12.67 9.19
N ASP A 126 16.44 -12.11 8.04
CA ASP A 126 17.53 -12.62 7.24
C ASP A 126 18.17 -11.48 6.44
N PRO A 127 19.00 -10.65 7.10
CA PRO A 127 19.52 -9.43 6.53
C PRO A 127 20.88 -9.58 5.84
N ALA A 128 21.37 -10.80 5.73
CA ALA A 128 22.66 -11.03 5.10
C ALA A 128 22.50 -11.54 3.66
N SER A 129 21.29 -11.42 3.14
CA SER A 129 21.02 -11.82 1.77
C SER A 129 20.79 -10.59 0.88
N PRO A 130 21.79 -10.25 0.04
CA PRO A 130 21.75 -9.06 -0.82
C PRO A 130 20.55 -9.06 -1.76
N ASN A 131 20.19 -10.22 -2.28
CA ASN A 131 19.10 -10.30 -3.25
C ASN A 131 17.75 -10.20 -2.57
N LEU A 132 17.71 -10.40 -1.26
CA LEU A 132 16.48 -10.20 -0.51
C LEU A 132 16.21 -8.71 -0.38
N LYS A 133 17.28 -7.90 -0.34
CA LYS A 133 17.15 -6.45 -0.43
C LYS A 133 16.56 -6.08 -1.79
N SER A 134 17.15 -6.68 -2.82
CA SER A 134 16.74 -6.44 -4.20
C SER A 134 15.28 -6.85 -4.42
N GLN A 135 14.89 -7.99 -3.85
CA GLN A 135 13.53 -8.48 -3.97
C GLN A 135 12.55 -7.51 -3.32
N LEU A 136 12.90 -7.03 -2.14
CA LEU A 136 12.07 -6.06 -1.43
C LEU A 136 11.96 -4.78 -2.27
N ALA A 137 13.10 -4.33 -2.78
CA ALA A 137 13.13 -3.14 -3.62
C ALA A 137 12.23 -3.32 -4.84
N ALA A 138 12.27 -4.50 -5.44
CA ALA A 138 11.47 -4.79 -6.62
C ALA A 138 9.98 -4.74 -6.30
N ALA A 139 9.61 -5.34 -5.17
CA ALA A 139 8.22 -5.33 -4.73
C ALA A 139 7.79 -3.90 -4.38
N ALA A 140 8.71 -3.13 -3.82
CA ALA A 140 8.43 -1.74 -3.47
C ALA A 140 8.17 -0.92 -4.73
N ARG A 141 8.87 -1.24 -5.80
CA ARG A 141 8.64 -0.57 -7.08
C ARG A 141 7.28 -0.94 -7.63
N ALA A 142 6.86 -2.17 -7.37
CA ALA A 142 5.57 -2.66 -7.79
C ALA A 142 4.44 -1.94 -7.05
N VAL A 143 4.68 -1.63 -5.78
CA VAL A 143 3.72 -0.87 -4.99
C VAL A 143 3.53 0.51 -5.59
N THR A 144 4.63 1.23 -5.81
CA THR A 144 4.59 2.54 -6.42
C THR A 144 4.02 2.46 -7.83
N ASP A 145 4.38 1.41 -8.55
CA ASP A 145 3.87 1.17 -9.89
C ASP A 145 2.36 1.10 -9.88
N SER A 146 1.81 0.29 -8.99
CA SER A 146 0.37 0.11 -8.90
C SER A 146 -0.31 1.41 -8.47
N ILE A 147 0.35 2.17 -7.61
CA ILE A 147 -0.12 3.50 -7.24
C ILE A 147 -0.19 4.38 -8.49
N ASN A 148 0.88 4.37 -9.28
CA ASN A 148 0.94 5.12 -10.52
C ASN A 148 -0.11 4.64 -11.51
N GLN A 149 -0.31 3.33 -11.58
CA GLN A 149 -1.31 2.73 -12.45
C GLN A 149 -2.69 3.32 -12.16
N LEU A 150 -2.94 3.60 -10.88
CA LEU A 150 -4.18 4.24 -10.46
C LEU A 150 -4.21 5.68 -10.93
N ILE A 151 -3.20 6.43 -10.51
CA ILE A 151 -3.13 7.87 -10.79
C ILE A 151 -3.22 8.15 -12.30
N THR A 152 -2.52 7.35 -13.09
CA THR A 152 -2.54 7.49 -14.54
C THR A 152 -3.96 7.40 -15.11
N MET A 153 -4.77 6.51 -14.54
CA MET A 153 -6.14 6.33 -14.99
C MET A 153 -7.06 7.39 -14.40
N CYS A 154 -6.83 7.72 -13.15
CA CYS A 154 -7.71 8.60 -12.40
C CYS A 154 -7.57 10.07 -12.80
N THR A 155 -6.35 10.59 -12.74
CA THR A 155 -6.13 12.01 -12.99
C THR A 155 -5.91 12.26 -14.49
N GLN A 156 -6.12 13.50 -14.90
CA GLN A 156 -5.93 13.89 -16.29
C GLN A 156 -4.44 13.98 -16.61
N GLN A 157 -3.93 13.01 -17.34
CA GLN A 157 -2.53 13.01 -17.73
C GLN A 157 -2.39 13.45 -19.17
N ALA A 158 -3.39 13.16 -19.98
CA ALA A 158 -3.39 13.51 -21.39
C ALA A 158 -4.08 14.86 -21.59
N GLY A 1 11.38 -8.16 27.33
CA GLY A 1 10.32 -8.51 26.36
C GLY A 1 10.68 -9.75 25.57
N ILE A 2 9.71 -10.32 24.86
CA ILE A 2 9.97 -11.51 24.07
C ILE A 2 10.30 -11.12 22.64
N ASP A 3 9.45 -10.28 22.06
CA ASP A 3 9.67 -9.78 20.72
C ASP A 3 9.58 -8.26 20.70
N PRO A 4 10.63 -7.60 20.23
CA PRO A 4 10.68 -6.14 20.13
C PRO A 4 10.00 -5.63 18.86
N PHE A 5 9.92 -4.32 18.72
CA PHE A 5 9.30 -3.71 17.56
C PHE A 5 10.24 -3.77 16.37
N THR A 6 10.32 -4.95 15.77
CA THR A 6 11.15 -5.16 14.60
C THR A 6 10.52 -6.23 13.71
N GLN A 7 10.36 -7.42 14.28
CA GLN A 7 9.68 -8.52 13.59
C GLN A 7 8.17 -8.35 13.72
N ARG A 8 7.75 -7.70 14.79
CA ARG A 8 6.34 -7.50 15.06
C ARG A 8 5.71 -6.54 14.06
N ASP A 9 6.42 -5.47 13.75
CA ASP A 9 5.89 -4.45 12.83
C ASP A 9 5.65 -5.00 11.44
N VAL A 10 6.51 -5.89 10.99
CA VAL A 10 6.42 -6.40 9.63
C VAL A 10 5.23 -7.33 9.50
N ASP A 11 4.88 -7.98 10.61
CA ASP A 11 3.72 -8.85 10.65
C ASP A 11 2.45 -8.06 10.89
N ASN A 12 2.54 -7.05 11.75
CA ASN A 12 1.40 -6.20 12.07
C ASN A 12 0.94 -5.41 10.85
N ALA A 13 1.89 -5.03 10.02
CA ALA A 13 1.60 -4.31 8.79
C ALA A 13 0.74 -5.16 7.84
N LEU A 14 0.99 -6.46 7.84
CA LEU A 14 0.22 -7.37 7.01
C LEU A 14 -1.24 -7.39 7.41
N ARG A 15 -1.48 -7.23 8.71
CA ARG A 15 -2.84 -7.20 9.24
C ARG A 15 -3.58 -5.98 8.69
N ALA A 16 -2.87 -4.87 8.56
CA ALA A 16 -3.45 -3.65 8.01
C ALA A 16 -3.81 -3.83 6.54
N VAL A 17 -2.88 -4.43 5.78
CA VAL A 17 -3.09 -4.68 4.36
C VAL A 17 -4.26 -5.65 4.16
N GLY A 18 -4.33 -6.66 5.01
CA GLY A 18 -5.42 -7.61 4.93
C GLY A 18 -6.74 -6.98 5.33
N ASP A 19 -6.73 -6.28 6.46
CA ASP A 19 -7.91 -5.60 6.96
C ASP A 19 -8.46 -4.63 5.94
N ALA A 20 -7.60 -3.76 5.41
CA ALA A 20 -8.02 -2.75 4.46
C ALA A 20 -8.68 -3.39 3.25
N SER A 21 -8.04 -4.40 2.69
CA SER A 21 -8.56 -5.05 1.50
C SER A 21 -9.93 -5.66 1.77
N LYS A 22 -10.05 -6.44 2.84
CA LYS A 22 -11.27 -7.16 3.15
C LYS A 22 -12.38 -6.24 3.64
N ARG A 23 -12.01 -5.25 4.45
CA ARG A 23 -12.99 -4.33 5.02
C ARG A 23 -13.53 -3.36 3.97
N LEU A 24 -12.67 -2.99 3.03
CA LEU A 24 -13.05 -2.01 2.02
C LEU A 24 -13.67 -2.68 0.80
N LEU A 25 -12.91 -3.51 0.11
CA LEU A 25 -13.37 -4.12 -1.12
C LEU A 25 -13.52 -5.64 -0.99
N SER A 26 -14.77 -6.08 -0.87
CA SER A 26 -15.07 -7.51 -0.75
C SER A 26 -16.58 -7.74 -0.79
N ASP A 27 -17.27 -7.25 0.24
CA ASP A 27 -18.70 -7.51 0.37
C ASP A 27 -19.46 -6.23 0.62
N LEU A 28 -19.31 -5.71 1.83
CA LEU A 28 -19.97 -4.48 2.22
C LEU A 28 -19.02 -3.31 2.03
N LEU A 29 -19.39 -2.38 1.17
CA LEU A 29 -18.54 -1.23 0.88
C LEU A 29 -18.70 -0.15 1.94
N PRO A 30 -17.59 0.36 2.46
CA PRO A 30 -17.57 1.49 3.39
C PRO A 30 -17.98 2.78 2.70
N PRO A 31 -18.14 3.88 3.46
CA PRO A 31 -18.51 5.18 2.89
C PRO A 31 -17.69 5.54 1.65
N SER A 32 -18.36 5.52 0.50
CA SER A 32 -17.73 5.84 -0.76
C SER A 32 -18.34 7.11 -1.32
N THR A 33 -18.47 8.11 -0.45
CA THR A 33 -19.15 9.34 -0.78
C THR A 33 -18.19 10.34 -1.45
N GLY A 34 -16.94 9.92 -1.60
CA GLY A 34 -15.94 10.74 -2.27
C GLY A 34 -16.34 11.08 -3.69
N THR A 35 -16.48 12.37 -3.96
CA THR A 35 -16.84 12.84 -5.29
C THR A 35 -15.60 13.02 -6.17
N PHE A 36 -15.83 13.47 -7.39
CA PHE A 36 -14.78 13.62 -8.39
C PHE A 36 -13.68 14.60 -7.97
N GLN A 37 -14.01 15.52 -7.08
CA GLN A 37 -13.00 16.43 -6.54
C GLN A 37 -12.46 15.93 -5.21
N GLU A 38 -13.33 15.31 -4.43
CA GLU A 38 -12.98 14.84 -3.10
C GLU A 38 -11.93 13.72 -3.15
N ALA A 39 -12.24 12.68 -3.91
CA ALA A 39 -11.38 11.51 -3.96
C ALA A 39 -10.14 11.78 -4.79
N GLN A 40 -10.31 12.49 -5.90
CA GLN A 40 -9.22 12.77 -6.82
C GLN A 40 -8.03 13.42 -6.11
N SER A 41 -8.33 14.46 -5.35
CA SER A 41 -7.29 15.18 -4.62
C SER A 41 -6.70 14.29 -3.53
N ARG A 42 -7.54 13.52 -2.87
CA ARG A 42 -7.11 12.67 -1.76
C ARG A 42 -6.19 11.57 -2.26
N LEU A 43 -6.50 11.02 -3.43
CA LEU A 43 -5.70 9.97 -4.04
C LEU A 43 -4.25 10.39 -4.19
N ASN A 44 -4.04 11.65 -4.55
CA ASN A 44 -2.70 12.17 -4.80
C ASN A 44 -1.91 12.28 -3.51
N GLU A 45 -2.53 12.85 -2.48
CA GLU A 45 -1.87 12.98 -1.18
C GLU A 45 -1.56 11.62 -0.58
N ALA A 46 -2.55 10.73 -0.60
CA ALA A 46 -2.40 9.42 -0.01
C ALA A 46 -1.35 8.60 -0.76
N ALA A 47 -1.33 8.76 -2.09
CA ALA A 47 -0.37 8.07 -2.93
C ALA A 47 1.06 8.41 -2.53
N ALA A 48 1.32 9.70 -2.33
CA ALA A 48 2.66 10.16 -2.01
C ALA A 48 3.17 9.55 -0.71
N GLY A 49 2.30 9.48 0.28
CA GLY A 49 2.67 8.90 1.56
C GLY A 49 3.03 7.43 1.45
N LEU A 50 2.27 6.72 0.62
CA LEU A 50 2.50 5.29 0.41
C LEU A 50 3.71 5.07 -0.50
N ASN A 51 3.91 5.98 -1.44
CA ASN A 51 5.08 5.94 -2.33
C ASN A 51 6.36 5.97 -1.51
N GLN A 52 6.45 6.95 -0.62
CA GLN A 52 7.63 7.10 0.22
C GLN A 52 7.75 5.94 1.18
N ALA A 53 6.62 5.40 1.63
CA ALA A 53 6.61 4.26 2.53
C ALA A 53 7.34 3.07 1.91
N ALA A 54 7.10 2.84 0.62
CA ALA A 54 7.81 1.81 -0.12
C ALA A 54 9.29 2.16 -0.22
N THR A 55 9.56 3.43 -0.48
CA THR A 55 10.91 3.96 -0.54
C THR A 55 11.65 3.74 0.78
N GLU A 56 10.97 4.01 1.88
CA GLU A 56 11.55 3.85 3.20
C GLU A 56 11.87 2.39 3.50
N LEU A 57 11.02 1.48 3.01
CA LEU A 57 11.32 0.05 3.12
C LEU A 57 12.63 -0.27 2.40
N VAL A 58 12.81 0.30 1.22
CA VAL A 58 14.03 0.10 0.45
C VAL A 58 15.25 0.63 1.21
N GLN A 59 15.10 1.80 1.81
CA GLN A 59 16.18 2.39 2.59
C GLN A 59 16.48 1.55 3.82
N ALA A 60 15.42 1.17 4.52
CA ALA A 60 15.54 0.33 5.71
C ALA A 60 16.27 -0.97 5.40
N SER A 61 15.97 -1.53 4.22
CA SER A 61 16.55 -2.79 3.79
C SER A 61 18.07 -2.78 3.87
N ARG A 62 18.68 -1.66 3.53
CA ARG A 62 20.14 -1.59 3.47
C ARG A 62 20.68 -0.75 4.62
N GLY A 63 19.91 -0.68 5.71
CA GLY A 63 20.37 0.02 6.89
C GLY A 63 20.37 -0.88 8.09
N THR A 64 19.21 -1.01 8.72
CA THR A 64 19.08 -1.82 9.93
C THR A 64 17.78 -2.61 9.91
N PRO A 65 17.78 -3.84 10.45
CA PRO A 65 16.57 -4.66 10.56
C PRO A 65 15.48 -3.95 11.35
N GLN A 66 15.90 -3.11 12.28
CA GLN A 66 14.97 -2.35 13.12
C GLN A 66 14.24 -1.29 12.30
N ASP A 67 14.91 -0.77 11.28
CA ASP A 67 14.34 0.29 10.45
C ASP A 67 13.18 -0.25 9.62
N LEU A 68 13.30 -1.52 9.21
CA LEU A 68 12.21 -2.21 8.51
C LEU A 68 10.92 -2.11 9.30
N ALA A 69 11.03 -2.23 10.61
CA ALA A 69 9.87 -2.15 11.49
C ALA A 69 9.24 -0.77 11.43
N ARG A 70 10.09 0.26 11.51
CA ARG A 70 9.62 1.64 11.41
C ARG A 70 8.89 1.84 10.09
N ALA A 71 9.50 1.30 9.04
CA ALA A 71 8.98 1.41 7.69
C ALA A 71 7.67 0.63 7.52
N SER A 72 7.60 -0.55 8.14
CA SER A 72 6.43 -1.42 8.01
C SER A 72 5.18 -0.76 8.56
N GLY A 73 5.31 -0.12 9.72
CA GLY A 73 4.18 0.54 10.34
C GLY A 73 3.58 1.61 9.44
N ARG A 74 4.45 2.42 8.85
CA ARG A 74 4.01 3.46 7.92
C ARG A 74 3.42 2.86 6.67
N PHE A 75 4.13 1.91 6.07
CA PHE A 75 3.71 1.32 4.81
C PHE A 75 2.33 0.68 4.93
N GLY A 76 2.07 0.02 6.05
CA GLY A 76 0.76 -0.58 6.27
C GLY A 76 -0.31 0.46 6.58
N GLN A 77 0.09 1.53 7.27
CA GLN A 77 -0.85 2.57 7.67
C GLN A 77 -1.26 3.44 6.49
N ASP A 78 -0.27 3.94 5.75
CA ASP A 78 -0.55 4.77 4.57
C ASP A 78 -1.27 3.96 3.50
N PHE A 79 -1.05 2.65 3.51
CA PHE A 79 -1.75 1.74 2.62
C PHE A 79 -3.25 1.87 2.81
N SER A 80 -3.68 1.77 4.07
CA SER A 80 -5.10 1.92 4.40
C SER A 80 -5.63 3.26 3.89
N THR A 81 -4.89 4.32 4.15
CA THR A 81 -5.29 5.66 3.72
C THR A 81 -5.49 5.72 2.21
N PHE A 82 -4.55 5.16 1.47
CA PHE A 82 -4.61 5.15 0.01
C PHE A 82 -5.76 4.28 -0.48
N LEU A 83 -5.90 3.09 0.11
CA LEU A 83 -6.91 2.14 -0.32
C LEU A 83 -8.31 2.67 -0.02
N GLU A 84 -8.47 3.32 1.14
CA GLU A 84 -9.75 3.92 1.50
C GLU A 84 -10.13 5.02 0.51
N ALA A 85 -9.14 5.79 0.07
CA ALA A 85 -9.36 6.82 -0.94
C ALA A 85 -9.74 6.17 -2.27
N GLY A 86 -9.16 5.00 -2.52
CA GLY A 86 -9.53 4.24 -3.70
C GLY A 86 -10.98 3.84 -3.69
N VAL A 87 -11.48 3.46 -2.51
CA VAL A 87 -12.90 3.15 -2.34
C VAL A 87 -13.73 4.41 -2.51
N GLU A 88 -13.22 5.52 -1.99
CA GLU A 88 -13.87 6.82 -2.15
C GLU A 88 -14.06 7.15 -3.62
N MET A 89 -13.00 6.99 -4.41
CA MET A 89 -13.07 7.29 -5.83
C MET A 89 -13.87 6.24 -6.57
N ALA A 90 -13.92 5.03 -6.00
CA ALA A 90 -14.77 3.99 -6.54
C ALA A 90 -16.24 4.33 -6.28
N GLY A 91 -16.46 5.38 -5.50
CA GLY A 91 -17.78 5.89 -5.25
C GLY A 91 -18.20 6.93 -6.28
N GLN A 92 -17.23 7.74 -6.72
CA GLN A 92 -17.50 8.75 -7.74
C GLN A 92 -17.75 8.09 -9.09
N ALA A 93 -17.26 6.85 -9.22
CA ALA A 93 -17.48 6.05 -10.41
C ALA A 93 -18.96 5.85 -10.66
N PRO A 94 -19.48 6.36 -11.78
CA PRO A 94 -20.91 6.32 -12.10
C PRO A 94 -21.38 4.92 -12.48
N SER A 95 -20.43 4.05 -12.81
CA SER A 95 -20.76 2.70 -13.25
C SER A 95 -20.12 1.66 -12.35
N GLN A 96 -20.86 0.57 -12.11
CA GLN A 96 -20.37 -0.53 -11.29
C GLN A 96 -19.19 -1.22 -11.97
N GLU A 97 -19.28 -1.42 -13.27
CA GLU A 97 -18.20 -2.02 -14.05
C GLU A 97 -16.97 -1.12 -14.01
N ASP A 98 -17.19 0.18 -14.12
CA ASP A 98 -16.12 1.17 -13.99
C ASP A 98 -15.47 1.04 -12.62
N ARG A 99 -16.30 0.84 -11.60
CA ARG A 99 -15.81 0.63 -10.24
C ARG A 99 -15.02 -0.67 -10.16
N ALA A 100 -15.47 -1.70 -10.87
CA ALA A 100 -14.78 -2.98 -10.89
C ALA A 100 -13.38 -2.83 -11.45
N GLN A 101 -13.26 -1.97 -12.47
CA GLN A 101 -11.98 -1.68 -13.09
C GLN A 101 -11.00 -1.11 -12.07
N VAL A 102 -11.44 -0.08 -11.36
CA VAL A 102 -10.57 0.59 -10.38
C VAL A 102 -10.27 -0.33 -9.20
N VAL A 103 -11.23 -1.15 -8.79
CA VAL A 103 -11.03 -2.11 -7.71
C VAL A 103 -9.93 -3.11 -8.06
N SER A 104 -9.91 -3.55 -9.31
CA SER A 104 -8.87 -4.46 -9.78
C SER A 104 -7.50 -3.79 -9.70
N ASN A 105 -7.44 -2.52 -10.07
CA ASN A 105 -6.20 -1.75 -9.99
C ASN A 105 -5.76 -1.65 -8.53
N LEU A 106 -6.73 -1.47 -7.65
CA LEU A 106 -6.48 -1.38 -6.22
C LEU A 106 -5.94 -2.70 -5.70
N LYS A 107 -6.47 -3.82 -6.20
CA LYS A 107 -5.94 -5.14 -5.83
C LYS A 107 -4.49 -5.26 -6.24
N GLY A 108 -4.16 -4.71 -7.40
CA GLY A 108 -2.79 -4.75 -7.90
C GLY A 108 -1.83 -4.14 -6.90
N ILE A 109 -2.11 -2.93 -6.47
CA ILE A 109 -1.26 -2.24 -5.51
C ILE A 109 -1.38 -2.88 -4.12
N SER A 110 -2.57 -3.34 -3.76
CA SER A 110 -2.78 -4.02 -2.48
C SER A 110 -1.93 -5.28 -2.39
N MET A 111 -2.00 -6.10 -3.44
CA MET A 111 -1.23 -7.33 -3.49
C MET A 111 0.27 -7.04 -3.48
N SER A 112 0.68 -6.09 -4.29
CA SER A 112 2.08 -5.70 -4.34
C SER A 112 2.56 -5.21 -2.97
N SER A 113 1.71 -4.44 -2.29
CA SER A 113 2.03 -3.89 -0.97
C SER A 113 2.21 -5.03 0.04
N SER A 114 1.24 -5.94 0.03
CA SER A 114 1.26 -7.12 0.87
C SER A 114 2.56 -7.90 0.70
N LYS A 115 2.88 -8.19 -0.54
CA LYS A 115 4.01 -9.03 -0.88
C LYS A 115 5.34 -8.29 -0.67
N LEU A 116 5.30 -6.97 -0.73
CA LEU A 116 6.47 -6.16 -0.41
C LEU A 116 6.80 -6.32 1.06
N LEU A 117 5.78 -6.28 1.90
CA LEU A 117 5.94 -6.48 3.32
C LEU A 117 6.42 -7.89 3.63
N LEU A 118 5.98 -8.85 2.81
CA LEU A 118 6.42 -10.23 2.95
C LEU A 118 7.93 -10.35 2.80
N ALA A 119 8.51 -9.45 2.01
CA ALA A 119 9.96 -9.41 1.85
C ALA A 119 10.62 -8.92 3.13
N ALA A 120 10.00 -7.90 3.75
CA ALA A 120 10.51 -7.33 5.00
C ALA A 120 10.43 -8.34 6.14
N LYS A 121 9.38 -9.16 6.10
CA LYS A 121 9.20 -10.25 7.06
C LYS A 121 10.45 -11.10 7.15
N ALA A 122 10.87 -11.61 6.00
CA ALA A 122 12.04 -12.47 5.91
C ALA A 122 13.32 -11.66 6.08
N LEU A 123 13.28 -10.41 5.62
CA LEU A 123 14.45 -9.55 5.67
C LEU A 123 14.82 -9.18 7.10
N SER A 124 13.83 -9.25 7.99
CA SER A 124 14.08 -9.01 9.40
C SER A 124 14.77 -10.22 10.01
N THR A 125 14.33 -11.41 9.61
CA THR A 125 14.91 -12.65 10.06
C THR A 125 16.32 -12.84 9.48
N ASP A 126 16.45 -12.60 8.18
CA ASP A 126 17.73 -12.76 7.50
C ASP A 126 18.19 -11.44 6.89
N PRO A 127 18.96 -10.65 7.65
CA PRO A 127 19.41 -9.34 7.21
C PRO A 127 20.78 -9.39 6.53
N ALA A 128 21.29 -10.59 6.29
CA ALA A 128 22.64 -10.74 5.74
C ALA A 128 22.60 -11.19 4.28
N SER A 129 21.43 -11.22 3.68
CA SER A 129 21.30 -11.61 2.28
C SER A 129 21.04 -10.40 1.39
N PRO A 130 22.03 -9.99 0.59
CA PRO A 130 21.91 -8.83 -0.31
C PRO A 130 20.75 -8.97 -1.28
N ASN A 131 20.49 -10.20 -1.74
CA ASN A 131 19.43 -10.47 -2.70
C ASN A 131 18.06 -10.23 -2.08
N LEU A 132 17.95 -10.43 -0.77
CA LEU A 132 16.69 -10.22 -0.08
C LEU A 132 16.37 -8.73 -0.01
N LYS A 133 17.41 -7.91 0.12
CA LYS A 133 17.26 -6.45 0.05
C LYS A 133 16.80 -6.07 -1.35
N SER A 134 17.46 -6.66 -2.35
CA SER A 134 17.16 -6.40 -3.75
C SER A 134 15.74 -6.83 -4.10
N GLN A 135 15.32 -7.97 -3.54
CA GLN A 135 14.00 -8.52 -3.79
C GLN A 135 12.93 -7.58 -3.25
N LEU A 136 13.20 -6.97 -2.10
CA LEU A 136 12.28 -6.01 -1.52
C LEU A 136 12.22 -4.76 -2.39
N ALA A 137 13.38 -4.27 -2.80
CA ALA A 137 13.46 -3.10 -3.66
C ALA A 137 12.68 -3.33 -4.96
N ALA A 138 12.80 -4.54 -5.50
CA ALA A 138 12.09 -4.89 -6.74
C ALA A 138 10.58 -4.84 -6.52
N ALA A 139 10.13 -5.38 -5.39
CA ALA A 139 8.72 -5.38 -5.06
C ALA A 139 8.21 -3.97 -4.80
N ALA A 140 9.08 -3.14 -4.23
CA ALA A 140 8.74 -1.75 -3.95
C ALA A 140 8.42 -0.99 -5.23
N ARG A 141 9.15 -1.31 -6.29
CA ARG A 141 8.90 -0.71 -7.60
C ARG A 141 7.54 -1.14 -8.13
N ALA A 142 7.17 -2.39 -7.85
CA ALA A 142 5.87 -2.91 -8.27
C ALA A 142 4.74 -2.19 -7.53
N VAL A 143 4.94 -1.96 -6.24
CA VAL A 143 3.95 -1.24 -5.44
C VAL A 143 3.79 0.19 -5.94
N THR A 144 4.92 0.88 -6.06
CA THR A 144 4.92 2.26 -6.50
C THR A 144 4.35 2.37 -7.92
N ASP A 145 4.60 1.34 -8.72
CA ASP A 145 4.06 1.28 -10.07
C ASP A 145 2.54 1.35 -10.04
N SER A 146 1.93 0.41 -9.32
CA SER A 146 0.49 0.35 -9.22
C SER A 146 -0.08 1.63 -8.59
N ILE A 147 0.66 2.20 -7.65
CA ILE A 147 0.23 3.45 -7.01
C ILE A 147 0.15 4.58 -8.02
N ASN A 148 1.25 4.82 -8.74
CA ASN A 148 1.33 5.97 -9.62
C ASN A 148 0.54 5.73 -10.90
N GLN A 149 0.42 4.49 -11.32
CA GLN A 149 -0.35 4.17 -12.52
C GLN A 149 -1.84 4.35 -12.26
N LEU A 150 -2.28 4.01 -11.05
CA LEU A 150 -3.65 4.26 -10.64
C LEU A 150 -3.92 5.76 -10.75
N ILE A 151 -3.00 6.55 -10.20
CA ILE A 151 -3.11 8.00 -10.24
C ILE A 151 -3.03 8.51 -11.68
N THR A 152 -2.22 7.88 -12.50
CA THR A 152 -2.08 8.27 -13.91
C THR A 152 -3.40 8.09 -14.65
N MET A 153 -4.09 6.98 -14.39
CA MET A 153 -5.36 6.70 -15.04
C MET A 153 -6.46 7.62 -14.50
N CYS A 154 -6.56 7.68 -13.19
CA CYS A 154 -7.65 8.39 -12.53
C CYS A 154 -7.46 9.90 -12.58
N THR A 155 -6.27 10.38 -12.27
CA THR A 155 -5.99 11.80 -12.21
C THR A 155 -5.57 12.34 -13.59
N GLN A 156 -6.00 11.64 -14.63
CA GLN A 156 -5.77 12.11 -16.00
C GLN A 156 -6.75 13.23 -16.31
N GLN A 157 -7.76 13.37 -15.46
CA GLN A 157 -8.78 14.41 -15.61
C GLN A 157 -8.13 15.78 -15.58
N ALA A 158 -8.29 16.53 -16.66
CA ALA A 158 -7.76 17.87 -16.76
C ALA A 158 -8.87 18.88 -16.49
N GLY A 1 6.92 -3.15 29.42
CA GLY A 1 6.04 -3.02 28.23
C GLY A 1 5.28 -4.30 27.97
N ILE A 2 4.74 -4.44 26.77
CA ILE A 2 4.00 -5.65 26.42
C ILE A 2 4.38 -6.12 25.01
N ASP A 3 4.70 -5.19 24.14
CA ASP A 3 5.11 -5.53 22.78
C ASP A 3 6.57 -5.12 22.56
N PRO A 4 7.46 -6.10 22.37
CA PRO A 4 8.90 -5.86 22.18
C PRO A 4 9.18 -4.93 21.01
N PHE A 5 8.34 -5.03 19.98
CA PHE A 5 8.46 -4.19 18.78
C PHE A 5 9.75 -4.52 18.01
N THR A 6 10.00 -3.78 16.93
CA THR A 6 11.22 -3.93 16.14
C THR A 6 11.28 -5.32 15.48
N GLN A 7 10.10 -5.89 15.23
CA GLN A 7 10.00 -7.21 14.60
C GLN A 7 8.54 -7.55 14.31
N ARG A 8 7.65 -7.30 15.26
CA ARG A 8 6.23 -7.54 15.08
C ARG A 8 5.66 -6.53 14.08
N ASP A 9 6.40 -5.47 13.88
CA ASP A 9 6.06 -4.40 12.95
C ASP A 9 5.69 -4.95 11.57
N VAL A 10 6.50 -5.87 11.07
CA VAL A 10 6.27 -6.46 9.75
C VAL A 10 4.96 -7.25 9.73
N ASP A 11 4.59 -7.80 10.88
CA ASP A 11 3.38 -8.58 11.01
C ASP A 11 2.17 -7.67 11.16
N ASN A 12 2.34 -6.62 11.96
CA ASN A 12 1.31 -5.61 12.14
C ASN A 12 1.00 -4.94 10.81
N ALA A 13 2.04 -4.73 10.01
CA ALA A 13 1.88 -4.17 8.67
C ALA A 13 0.96 -5.05 7.84
N LEU A 14 1.24 -6.35 7.84
CA LEU A 14 0.42 -7.30 7.11
C LEU A 14 -0.98 -7.35 7.68
N ARG A 15 -1.08 -7.27 9.00
CA ARG A 15 -2.36 -7.26 9.69
C ARG A 15 -3.21 -6.10 9.19
N ALA A 16 -2.60 -4.93 9.10
CA ALA A 16 -3.27 -3.74 8.60
C ALA A 16 -3.69 -3.92 7.14
N VAL A 17 -2.76 -4.39 6.31
CA VAL A 17 -3.03 -4.64 4.90
C VAL A 17 -4.17 -5.66 4.74
N GLY A 18 -4.13 -6.70 5.56
CA GLY A 18 -5.16 -7.73 5.52
C GLY A 18 -6.52 -7.19 5.88
N ASP A 19 -6.59 -6.42 6.97
CA ASP A 19 -7.86 -5.82 7.41
C ASP A 19 -8.36 -4.84 6.37
N ALA A 20 -7.45 -4.02 5.85
CA ALA A 20 -7.81 -3.02 4.85
C ALA A 20 -8.34 -3.70 3.59
N SER A 21 -7.59 -4.66 3.08
CA SER A 21 -7.99 -5.36 1.85
C SER A 21 -9.32 -6.09 2.03
N LYS A 22 -9.49 -6.71 3.19
CA LYS A 22 -10.70 -7.48 3.45
C LYS A 22 -11.91 -6.56 3.56
N ARG A 23 -11.75 -5.47 4.30
CA ARG A 23 -12.83 -4.54 4.56
C ARG A 23 -13.10 -3.63 3.36
N LEU A 24 -12.04 -3.01 2.85
CA LEU A 24 -12.15 -1.93 1.88
C LEU A 24 -12.37 -2.42 0.46
N LEU A 25 -12.21 -3.72 0.22
CA LEU A 25 -12.59 -4.30 -1.07
C LEU A 25 -14.06 -4.01 -1.35
N SER A 26 -14.80 -3.84 -0.26
CA SER A 26 -16.19 -3.39 -0.30
C SER A 26 -17.13 -4.44 -0.89
N ASP A 27 -17.78 -5.16 0.02
CA ASP A 27 -18.87 -6.05 -0.37
C ASP A 27 -20.09 -5.21 -0.74
N LEU A 28 -20.11 -4.02 -0.15
CA LEU A 28 -21.15 -3.03 -0.42
C LEU A 28 -20.56 -1.87 -1.22
N LEU A 29 -21.30 -0.78 -1.31
CA LEU A 29 -20.83 0.39 -2.03
C LEU A 29 -20.27 1.42 -1.07
N PRO A 30 -19.03 1.88 -1.32
CA PRO A 30 -18.40 2.94 -0.52
C PRO A 30 -19.18 4.24 -0.62
N PRO A 31 -19.56 4.81 0.54
CA PRO A 31 -20.38 6.03 0.60
C PRO A 31 -19.69 7.24 -0.02
N SER A 32 -20.49 8.19 -0.46
CA SER A 32 -19.96 9.40 -1.06
C SER A 32 -19.45 10.36 0.02
N THR A 33 -18.21 10.14 0.45
CA THR A 33 -17.54 11.06 1.37
C THR A 33 -17.21 12.36 0.63
N GLY A 34 -17.13 12.26 -0.68
CA GLY A 34 -16.89 13.41 -1.52
C GLY A 34 -17.04 13.04 -2.98
N THR A 35 -16.96 14.02 -3.85
CA THR A 35 -17.02 13.78 -5.28
C THR A 35 -15.77 13.03 -5.75
N PHE A 36 -15.78 12.50 -6.97
CA PHE A 36 -14.63 11.77 -7.48
C PHE A 36 -13.41 12.68 -7.57
N GLN A 37 -13.67 13.97 -7.80
CA GLN A 37 -12.61 14.96 -7.81
C GLN A 37 -12.06 15.19 -6.40
N GLU A 38 -12.97 15.25 -5.43
CA GLU A 38 -12.61 15.44 -4.03
C GLU A 38 -11.79 14.25 -3.56
N ALA A 39 -12.21 13.06 -3.95
CA ALA A 39 -11.53 11.83 -3.60
C ALA A 39 -10.17 11.75 -4.28
N GLN A 40 -10.08 12.33 -5.47
CA GLN A 40 -8.84 12.30 -6.26
C GLN A 40 -7.70 13.02 -5.54
N SER A 41 -7.97 14.21 -5.03
CA SER A 41 -6.93 14.97 -4.33
C SER A 41 -6.50 14.24 -3.06
N ARG A 42 -7.46 13.62 -2.39
CA ARG A 42 -7.18 12.84 -1.20
C ARG A 42 -6.40 11.58 -1.55
N LEU A 43 -6.79 10.95 -2.66
CA LEU A 43 -6.05 9.80 -3.18
C LEU A 43 -4.63 10.19 -3.54
N ASN A 44 -4.49 11.34 -4.20
CA ASN A 44 -3.18 11.87 -4.57
C ASN A 44 -2.30 12.07 -3.34
N GLU A 45 -2.89 12.63 -2.28
CA GLU A 45 -2.16 12.84 -1.03
C GLU A 45 -1.73 11.50 -0.43
N ALA A 46 -2.67 10.57 -0.36
CA ALA A 46 -2.40 9.24 0.16
C ALA A 46 -1.38 8.50 -0.70
N ALA A 47 -1.47 8.72 -2.01
CA ALA A 47 -0.53 8.13 -2.95
C ALA A 47 0.88 8.62 -2.68
N ALA A 48 1.04 9.92 -2.55
CA ALA A 48 2.33 10.51 -2.23
C ALA A 48 2.85 9.97 -0.92
N GLY A 49 1.95 9.79 0.04
CA GLY A 49 2.33 9.23 1.32
C GLY A 49 2.80 7.79 1.21
N LEU A 50 2.03 6.97 0.50
CA LEU A 50 2.38 5.56 0.32
C LEU A 50 3.62 5.41 -0.55
N ASN A 51 3.78 6.32 -1.51
CA ASN A 51 5.00 6.35 -2.32
C ASN A 51 6.21 6.52 -1.43
N GLN A 52 6.11 7.43 -0.46
CA GLN A 52 7.17 7.64 0.49
C GLN A 52 7.29 6.44 1.43
N ALA A 53 6.15 5.87 1.80
CA ALA A 53 6.13 4.69 2.67
C ALA A 53 6.93 3.54 2.07
N ALA A 54 6.73 3.32 0.77
CA ALA A 54 7.51 2.31 0.05
C ALA A 54 8.98 2.73 0.00
N THR A 55 9.20 4.02 -0.18
CA THR A 55 10.53 4.60 -0.17
C THR A 55 11.23 4.32 1.17
N GLU A 56 10.52 4.56 2.27
CA GLU A 56 11.01 4.28 3.62
C GLU A 56 11.45 2.83 3.72
N LEU A 57 10.58 1.92 3.26
CA LEU A 57 10.86 0.50 3.32
C LEU A 57 12.10 0.15 2.52
N VAL A 58 12.21 0.71 1.32
CA VAL A 58 13.37 0.47 0.46
C VAL A 58 14.66 0.89 1.17
N GLN A 59 14.68 2.11 1.68
CA GLN A 59 15.86 2.64 2.36
C GLN A 59 16.21 1.79 3.58
N ALA A 60 15.19 1.44 4.36
CA ALA A 60 15.39 0.67 5.58
C ALA A 60 15.87 -0.74 5.28
N SER A 61 15.39 -1.32 4.20
CA SER A 61 15.74 -2.68 3.82
C SER A 61 17.20 -2.78 3.40
N ARG A 62 17.79 -1.65 3.06
CA ARG A 62 19.19 -1.61 2.67
C ARG A 62 20.02 -1.07 3.84
N GLY A 63 19.40 -0.99 5.01
CA GLY A 63 20.07 -0.50 6.18
C GLY A 63 20.03 -1.51 7.32
N THR A 64 19.04 -1.37 8.19
CA THR A 64 18.99 -2.16 9.41
C THR A 64 17.62 -2.77 9.64
N PRO A 65 17.55 -3.89 10.39
CA PRO A 65 16.28 -4.50 10.83
C PRO A 65 15.43 -3.51 11.63
N GLN A 66 16.11 -2.65 12.38
CA GLN A 66 15.44 -1.72 13.27
C GLN A 66 14.71 -0.63 12.48
N ASP A 67 15.36 -0.12 11.44
CA ASP A 67 14.73 0.86 10.57
C ASP A 67 13.66 0.17 9.73
N LEU A 68 13.94 -1.07 9.32
CA LEU A 68 13.01 -1.89 8.57
C LEU A 68 11.69 -2.04 9.32
N ALA A 69 11.77 -2.23 10.63
CA ALA A 69 10.59 -2.34 11.47
C ALA A 69 9.75 -1.07 11.40
N ARG A 70 10.41 0.08 11.60
CA ARG A 70 9.73 1.37 11.52
C ARG A 70 9.10 1.53 10.13
N ALA A 71 9.84 1.12 9.12
CA ALA A 71 9.38 1.20 7.74
C ALA A 71 8.16 0.31 7.50
N SER A 72 8.12 -0.84 8.17
CA SER A 72 6.99 -1.75 8.08
C SER A 72 5.73 -1.08 8.59
N GLY A 73 5.83 -0.44 9.75
CA GLY A 73 4.69 0.26 10.31
C GLY A 73 4.31 1.46 9.47
N ARG A 74 5.33 2.14 8.93
CA ARG A 74 5.12 3.25 8.01
C ARG A 74 4.27 2.82 6.81
N PHE A 75 4.74 1.80 6.11
CA PHE A 75 4.11 1.35 4.88
C PHE A 75 2.68 0.87 5.13
N GLY A 76 2.49 0.08 6.18
CA GLY A 76 1.17 -0.43 6.48
C GLY A 76 0.18 0.67 6.82
N GLN A 77 0.66 1.74 7.45
CA GLN A 77 -0.18 2.86 7.82
C GLN A 77 -0.61 3.64 6.58
N ASP A 78 0.36 4.00 5.75
CA ASP A 78 0.08 4.79 4.55
C ASP A 78 -0.76 3.99 3.55
N PHE A 79 -0.56 2.68 3.53
CA PHE A 79 -1.34 1.80 2.68
C PHE A 79 -2.82 1.90 3.02
N SER A 80 -3.13 1.85 4.31
CA SER A 80 -4.52 1.94 4.77
C SER A 80 -5.15 3.23 4.28
N THR A 81 -4.46 4.34 4.50
CA THR A 81 -4.94 5.65 4.08
C THR A 81 -5.14 5.69 2.56
N PHE A 82 -4.19 5.12 1.83
CA PHE A 82 -4.27 5.06 0.39
C PHE A 82 -5.48 4.26 -0.07
N LEU A 83 -5.65 3.08 0.51
CA LEU A 83 -6.73 2.18 0.14
C LEU A 83 -8.09 2.81 0.44
N GLU A 84 -8.19 3.49 1.59
CA GLU A 84 -9.44 4.16 1.97
C GLU A 84 -9.84 5.20 0.94
N ALA A 85 -8.86 5.95 0.45
CA ALA A 85 -9.11 6.98 -0.56
C ALA A 85 -9.36 6.37 -1.93
N GLY A 86 -8.60 5.33 -2.24
CA GLY A 86 -8.73 4.65 -3.51
C GLY A 86 -10.12 4.06 -3.72
N VAL A 87 -10.61 3.35 -2.71
CA VAL A 87 -11.93 2.73 -2.80
C VAL A 87 -13.02 3.79 -2.69
N GLU A 88 -12.69 4.91 -2.04
CA GLU A 88 -13.63 6.01 -1.89
C GLU A 88 -14.10 6.49 -3.26
N MET A 89 -13.15 6.74 -4.15
CA MET A 89 -13.48 7.19 -5.50
C MET A 89 -14.06 6.02 -6.32
N ALA A 90 -13.68 4.81 -5.95
CA ALA A 90 -14.17 3.61 -6.62
C ALA A 90 -15.67 3.44 -6.40
N GLY A 91 -16.15 3.95 -5.27
CA GLY A 91 -17.56 3.88 -4.97
C GLY A 91 -18.35 4.99 -5.64
N GLN A 92 -17.65 5.96 -6.21
CA GLN A 92 -18.29 7.09 -6.86
C GLN A 92 -18.46 6.82 -8.35
N ALA A 93 -17.87 5.72 -8.80
CA ALA A 93 -17.98 5.31 -10.19
C ALA A 93 -19.41 4.89 -10.51
N PRO A 94 -20.05 5.58 -11.46
CA PRO A 94 -21.45 5.35 -11.80
C PRO A 94 -21.67 4.00 -12.50
N SER A 95 -20.67 3.56 -13.26
CA SER A 95 -20.78 2.30 -13.97
C SER A 95 -20.02 1.21 -13.24
N GLN A 96 -20.64 0.04 -13.10
CA GLN A 96 -20.01 -1.09 -12.44
C GLN A 96 -18.74 -1.49 -13.17
N GLU A 97 -18.80 -1.44 -14.51
CA GLU A 97 -17.66 -1.76 -15.35
C GLU A 97 -16.56 -0.72 -15.14
N ASP A 98 -16.95 0.49 -14.82
CA ASP A 98 -15.99 1.56 -14.56
C ASP A 98 -15.35 1.35 -13.20
N ARG A 99 -16.15 0.88 -12.25
CA ARG A 99 -15.65 0.56 -10.92
C ARG A 99 -14.64 -0.59 -11.00
N ALA A 100 -14.95 -1.59 -11.82
CA ALA A 100 -14.04 -2.71 -12.04
C ALA A 100 -12.68 -2.22 -12.51
N GLN A 101 -12.69 -1.17 -13.31
CA GLN A 101 -11.48 -0.56 -13.83
C GLN A 101 -10.60 -0.06 -12.68
N VAL A 102 -11.18 0.70 -11.76
CA VAL A 102 -10.41 1.26 -10.66
C VAL A 102 -10.12 0.19 -9.59
N VAL A 103 -11.02 -0.78 -9.45
CA VAL A 103 -10.80 -1.89 -8.53
C VAL A 103 -9.59 -2.71 -8.99
N SER A 104 -9.41 -2.83 -10.30
CA SER A 104 -8.24 -3.50 -10.85
C SER A 104 -6.96 -2.79 -10.40
N ASN A 105 -7.00 -1.47 -10.43
CA ASN A 105 -5.87 -0.66 -9.97
C ASN A 105 -5.64 -0.90 -8.49
N LEU A 106 -6.74 -0.88 -7.75
CA LEU A 106 -6.71 -1.10 -6.30
C LEU A 106 -6.10 -2.46 -5.97
N LYS A 107 -6.60 -3.51 -6.61
CA LYS A 107 -6.09 -4.86 -6.37
C LYS A 107 -4.61 -4.94 -6.68
N GLY A 108 -4.22 -4.36 -7.82
CA GLY A 108 -2.84 -4.40 -8.24
C GLY A 108 -1.89 -3.85 -7.20
N ILE A 109 -2.19 -2.66 -6.70
CA ILE A 109 -1.34 -2.01 -5.72
C ILE A 109 -1.47 -2.68 -4.35
N SER A 110 -2.70 -3.05 -3.98
CA SER A 110 -2.94 -3.67 -2.68
C SER A 110 -2.19 -5.00 -2.55
N MET A 111 -2.34 -5.86 -3.54
CA MET A 111 -1.68 -7.16 -3.51
C MET A 111 -0.17 -7.01 -3.54
N SER A 112 0.31 -6.07 -4.34
CA SER A 112 1.75 -5.81 -4.43
C SER A 112 2.29 -5.32 -3.09
N SER A 113 1.48 -4.54 -2.37
CA SER A 113 1.88 -4.02 -1.06
C SER A 113 2.03 -5.17 -0.08
N SER A 114 1.12 -6.11 -0.17
CA SER A 114 1.17 -7.33 0.62
C SER A 114 2.45 -8.09 0.33
N LYS A 115 2.66 -8.34 -0.96
CA LYS A 115 3.84 -9.07 -1.44
C LYS A 115 5.14 -8.40 -0.99
N LEU A 116 5.14 -7.07 -1.03
CA LEU A 116 6.28 -6.27 -0.59
C LEU A 116 6.60 -6.55 0.87
N LEU A 117 5.57 -6.52 1.72
CA LEU A 117 5.75 -6.72 3.14
C LEU A 117 6.12 -8.16 3.47
N LEU A 118 5.71 -9.09 2.61
CA LEU A 118 6.09 -10.49 2.77
C LEU A 118 7.60 -10.63 2.73
N ALA A 119 8.22 -9.89 1.81
CA ALA A 119 9.67 -9.88 1.71
C ALA A 119 10.30 -9.16 2.90
N ALA A 120 9.65 -8.09 3.34
CA ALA A 120 10.13 -7.32 4.50
C ALA A 120 10.12 -8.18 5.75
N LYS A 121 9.05 -8.96 5.91
CA LYS A 121 8.93 -9.88 7.03
C LYS A 121 10.10 -10.87 7.04
N ALA A 122 10.37 -11.44 5.88
CA ALA A 122 11.45 -12.40 5.74
C ALA A 122 12.80 -11.73 5.93
N LEU A 123 12.88 -10.44 5.61
CA LEU A 123 14.12 -9.70 5.70
C LEU A 123 14.47 -9.35 7.14
N SER A 124 13.45 -9.24 7.99
CA SER A 124 13.69 -8.94 9.39
C SER A 124 14.25 -10.16 10.11
N THR A 125 13.99 -11.35 9.57
CA THR A 125 14.54 -12.56 10.15
C THR A 125 15.82 -12.95 9.43
N ASP A 126 15.96 -12.53 8.18
CA ASP A 126 17.18 -12.75 7.42
C ASP A 126 17.60 -11.47 6.70
N PRO A 127 18.41 -10.64 7.34
CA PRO A 127 18.89 -9.39 6.76
C PRO A 127 20.21 -9.57 6.02
N ALA A 128 20.51 -10.81 5.66
CA ALA A 128 21.76 -11.13 5.00
C ALA A 128 21.58 -11.36 3.52
N SER A 129 20.57 -12.14 3.16
CA SER A 129 20.34 -12.55 1.77
C SER A 129 20.14 -11.34 0.85
N PRO A 130 21.07 -11.12 -0.08
CA PRO A 130 21.00 -10.01 -1.04
C PRO A 130 19.80 -10.16 -1.98
N ASN A 131 19.46 -11.40 -2.28
CA ASN A 131 18.31 -11.72 -3.12
C ASN A 131 17.04 -11.19 -2.47
N LEU A 132 16.97 -11.32 -1.15
CA LEU A 132 15.81 -10.87 -0.40
C LEU A 132 15.69 -9.34 -0.44
N LYS A 133 16.84 -8.67 -0.38
CA LYS A 133 16.89 -7.22 -0.55
C LYS A 133 16.35 -6.82 -1.92
N SER A 134 16.88 -7.48 -2.95
CA SER A 134 16.52 -7.17 -4.33
C SER A 134 15.04 -7.46 -4.57
N GLN A 135 14.54 -8.55 -4.01
CA GLN A 135 13.13 -8.90 -4.14
C GLN A 135 12.24 -7.82 -3.53
N LEU A 136 12.59 -7.40 -2.33
CA LEU A 136 11.83 -6.37 -1.64
C LEU A 136 11.86 -5.08 -2.43
N ALA A 137 13.05 -4.69 -2.88
CA ALA A 137 13.21 -3.48 -3.69
C ALA A 137 12.36 -3.58 -4.96
N ALA A 138 12.33 -4.76 -5.56
CA ALA A 138 11.56 -4.98 -6.78
C ALA A 138 10.07 -4.88 -6.51
N ALA A 139 9.63 -5.48 -5.41
CA ALA A 139 8.22 -5.44 -5.03
C ALA A 139 7.79 -4.02 -4.67
N ALA A 140 8.68 -3.30 -3.99
CA ALA A 140 8.41 -1.91 -3.63
C ALA A 140 8.22 -1.05 -4.88
N ARG A 141 9.05 -1.29 -5.88
CA ARG A 141 8.93 -0.58 -7.15
C ARG A 141 7.59 -0.91 -7.80
N ALA A 142 7.18 -2.18 -7.68
CA ALA A 142 5.92 -2.63 -8.24
C ALA A 142 4.74 -1.95 -7.54
N VAL A 143 4.85 -1.78 -6.23
CA VAL A 143 3.84 -1.07 -5.46
C VAL A 143 3.74 0.37 -5.93
N THR A 144 4.88 1.06 -5.96
CA THR A 144 4.94 2.44 -6.41
C THR A 144 4.46 2.57 -7.86
N ASP A 145 4.82 1.59 -8.68
CA ASP A 145 4.37 1.53 -10.07
C ASP A 145 2.86 1.50 -10.15
N SER A 146 2.25 0.71 -9.28
CA SER A 146 0.81 0.56 -9.25
C SER A 146 0.14 1.80 -8.65
N ILE A 147 0.81 2.41 -7.67
CA ILE A 147 0.31 3.63 -7.04
C ILE A 147 0.13 4.74 -8.06
N ASN A 148 1.19 5.06 -8.80
CA ASN A 148 1.13 6.14 -9.77
C ASN A 148 0.27 5.74 -10.95
N GLN A 149 0.21 4.44 -11.23
CA GLN A 149 -0.68 3.92 -12.27
C GLN A 149 -2.13 4.25 -11.94
N LEU A 150 -2.50 4.06 -10.69
CA LEU A 150 -3.86 4.29 -10.24
C LEU A 150 -4.22 5.75 -10.43
N ILE A 151 -3.32 6.62 -9.98
CA ILE A 151 -3.52 8.06 -10.08
C ILE A 151 -3.62 8.49 -11.54
N THR A 152 -2.61 8.15 -12.32
CA THR A 152 -2.53 8.57 -13.71
C THR A 152 -3.70 8.03 -14.55
N MET A 153 -4.10 6.80 -14.28
CA MET A 153 -5.18 6.17 -15.03
C MET A 153 -6.55 6.76 -14.64
N CYS A 154 -6.68 7.13 -13.38
CA CYS A 154 -7.95 7.65 -12.87
C CYS A 154 -8.10 9.14 -13.13
N THR A 155 -6.99 9.86 -13.22
CA THR A 155 -7.04 11.28 -13.54
C THR A 155 -7.28 11.46 -15.03
N GLN A 156 -7.15 10.37 -15.77
CA GLN A 156 -7.35 10.37 -17.20
C GLN A 156 -8.84 10.33 -17.53
N GLN A 157 -9.39 11.47 -17.90
CA GLN A 157 -10.79 11.55 -18.30
C GLN A 157 -10.92 11.24 -19.77
N ALA A 158 -9.79 11.06 -20.43
CA ALA A 158 -9.77 10.63 -21.82
C ALA A 158 -10.14 9.16 -21.93
N GLY A 1 9.36 -0.32 24.05
CA GLY A 1 8.57 -1.16 25.00
C GLY A 1 9.43 -2.23 25.64
N ILE A 2 8.82 -3.07 26.46
CA ILE A 2 9.53 -4.15 27.14
C ILE A 2 10.15 -5.13 26.13
N ASP A 3 9.51 -5.27 24.98
CA ASP A 3 10.03 -6.13 23.92
C ASP A 3 10.46 -5.29 22.72
N PRO A 4 11.51 -5.74 22.01
CA PRO A 4 11.93 -5.11 20.77
C PRO A 4 10.90 -5.33 19.67
N PHE A 5 10.37 -4.24 19.12
CA PHE A 5 9.32 -4.34 18.13
C PHE A 5 9.91 -4.22 16.73
N THR A 6 10.39 -5.33 16.21
CA THR A 6 10.89 -5.39 14.85
C THR A 6 9.94 -6.22 13.99
N GLN A 7 9.64 -7.42 14.48
CA GLN A 7 8.72 -8.32 13.79
C GLN A 7 7.29 -7.79 13.91
N ARG A 8 7.02 -7.08 14.99
CA ARG A 8 5.69 -6.53 15.22
C ARG A 8 5.22 -5.67 14.06
N ASP A 9 6.03 -4.70 13.68
CA ASP A 9 5.64 -3.72 12.67
C ASP A 9 5.51 -4.33 11.30
N VAL A 10 6.19 -5.45 11.05
CA VAL A 10 6.09 -6.09 9.75
C VAL A 10 4.82 -6.93 9.69
N ASP A 11 4.41 -7.44 10.85
CA ASP A 11 3.18 -8.22 10.98
C ASP A 11 1.96 -7.31 11.10
N ASN A 12 2.11 -6.24 11.87
CA ASN A 12 1.05 -5.26 12.06
C ASN A 12 0.71 -4.56 10.75
N ALA A 13 1.75 -4.29 9.96
CA ALA A 13 1.57 -3.70 8.65
C ALA A 13 0.71 -4.61 7.78
N LEU A 14 1.04 -5.90 7.80
CA LEU A 14 0.27 -6.89 7.05
C LEU A 14 -1.17 -6.95 7.55
N ARG A 15 -1.34 -6.82 8.86
CA ARG A 15 -2.67 -6.81 9.45
C ARG A 15 -3.48 -5.66 8.88
N ALA A 16 -2.88 -4.48 8.85
CA ALA A 16 -3.54 -3.28 8.36
C ALA A 16 -3.87 -3.41 6.87
N VAL A 17 -2.88 -3.83 6.09
CA VAL A 17 -3.05 -3.98 4.65
C VAL A 17 -4.09 -5.05 4.33
N GLY A 18 -3.91 -6.24 4.88
CA GLY A 18 -4.77 -7.36 4.55
C GLY A 18 -6.20 -7.16 4.99
N ASP A 19 -6.38 -6.67 6.21
CA ASP A 19 -7.71 -6.47 6.77
C ASP A 19 -8.49 -5.41 5.99
N ALA A 20 -7.84 -4.28 5.72
CA ALA A 20 -8.49 -3.21 5.00
C ALA A 20 -8.80 -3.62 3.57
N SER A 21 -7.86 -4.35 2.96
CA SER A 21 -8.02 -4.80 1.58
C SER A 21 -9.29 -5.63 1.41
N LYS A 22 -9.60 -6.45 2.41
CA LYS A 22 -10.76 -7.32 2.32
C LYS A 22 -12.07 -6.57 2.60
N ARG A 23 -12.12 -5.85 3.72
CA ARG A 23 -13.37 -5.26 4.17
C ARG A 23 -13.74 -4.00 3.40
N LEU A 24 -12.76 -3.24 2.94
CA LEU A 24 -13.04 -1.99 2.25
C LEU A 24 -13.64 -2.25 0.87
N LEU A 25 -12.95 -3.01 0.04
CA LEU A 25 -13.41 -3.25 -1.32
C LEU A 25 -14.22 -4.55 -1.40
N SER A 26 -15.34 -4.54 -0.69
CA SER A 26 -16.25 -5.68 -0.68
C SER A 26 -17.58 -5.27 -0.05
N ASP A 27 -17.51 -4.70 1.14
CA ASP A 27 -18.70 -4.30 1.87
C ASP A 27 -19.08 -2.86 1.53
N LEU A 28 -19.34 -2.63 0.24
CA LEU A 28 -19.77 -1.32 -0.25
C LEU A 28 -18.66 -0.27 -0.12
N LEU A 29 -18.86 0.88 -0.74
CA LEU A 29 -17.92 1.99 -0.63
C LEU A 29 -18.01 2.60 0.77
N PRO A 30 -16.96 3.33 1.19
CA PRO A 30 -16.93 3.94 2.52
C PRO A 30 -17.93 5.08 2.66
N PRO A 31 -18.73 5.08 3.74
CA PRO A 31 -19.67 6.16 4.03
C PRO A 31 -18.92 7.46 4.29
N SER A 32 -19.00 8.37 3.33
CA SER A 32 -18.20 9.57 3.35
C SER A 32 -18.89 10.70 2.62
N THR A 33 -18.70 11.91 3.10
CA THR A 33 -19.23 13.09 2.46
C THR A 33 -18.31 13.51 1.30
N GLY A 34 -18.54 12.89 0.14
CA GLY A 34 -17.74 13.18 -1.02
C GLY A 34 -17.98 12.19 -2.13
N THR A 35 -17.19 11.11 -2.14
CA THR A 35 -17.27 10.04 -3.16
C THR A 35 -17.21 10.59 -4.59
N PHE A 36 -16.67 11.80 -4.71
CA PHE A 36 -16.44 12.45 -5.98
C PHE A 36 -15.70 13.74 -5.68
N GLN A 37 -14.65 14.01 -6.44
CA GLN A 37 -13.76 15.15 -6.21
C GLN A 37 -12.94 14.94 -4.93
N GLU A 38 -13.61 14.54 -3.85
CA GLU A 38 -12.99 14.34 -2.55
C GLU A 38 -11.87 13.33 -2.67
N ALA A 39 -12.14 12.28 -3.44
CA ALA A 39 -11.25 11.14 -3.51
C ALA A 39 -10.00 11.42 -4.34
N GLN A 40 -10.10 12.39 -5.25
CA GLN A 40 -9.02 12.60 -6.21
C GLN A 40 -7.79 13.22 -5.55
N SER A 41 -7.97 14.38 -4.93
CA SER A 41 -6.87 15.06 -4.26
C SER A 41 -6.40 14.24 -3.07
N ARG A 42 -7.34 13.52 -2.48
CA ARG A 42 -7.08 12.67 -1.33
C ARG A 42 -6.19 11.49 -1.72
N LEU A 43 -6.50 10.87 -2.85
CA LEU A 43 -5.70 9.77 -3.36
C LEU A 43 -4.32 10.25 -3.80
N ASN A 44 -4.28 11.40 -4.46
CA ASN A 44 -3.02 11.98 -4.91
C ASN A 44 -2.06 12.21 -3.74
N GLU A 45 -2.62 12.60 -2.61
CA GLU A 45 -1.84 12.82 -1.40
C GLU A 45 -1.30 11.49 -0.88
N ALA A 46 -2.19 10.53 -0.71
CA ALA A 46 -1.84 9.22 -0.17
C ALA A 46 -0.86 8.50 -1.07
N ALA A 47 -0.97 8.72 -2.37
CA ALA A 47 -0.09 8.12 -3.35
C ALA A 47 1.37 8.44 -3.05
N ALA A 48 1.66 9.72 -2.91
CA ALA A 48 3.01 10.18 -2.66
C ALA A 48 3.51 9.68 -1.30
N GLY A 49 2.61 9.67 -0.33
CA GLY A 49 2.95 9.21 1.01
C GLY A 49 3.30 7.73 1.03
N LEU A 50 2.45 6.92 0.40
CA LEU A 50 2.65 5.48 0.38
C LEU A 50 3.84 5.11 -0.50
N ASN A 51 4.02 5.84 -1.60
CA ASN A 51 5.19 5.65 -2.45
C ASN A 51 6.47 5.92 -1.69
N GLN A 52 6.46 6.97 -0.88
CA GLN A 52 7.60 7.30 -0.05
C GLN A 52 7.80 6.23 1.03
N ALA A 53 6.69 5.72 1.57
CA ALA A 53 6.74 4.66 2.57
C ALA A 53 7.37 3.40 1.99
N ALA A 54 6.99 3.06 0.76
CA ALA A 54 7.61 1.94 0.05
C ALA A 54 9.09 2.21 -0.16
N THR A 55 9.39 3.47 -0.48
CA THR A 55 10.76 3.93 -0.64
C THR A 55 11.56 3.72 0.65
N GLU A 56 10.91 3.94 1.79
CA GLU A 56 11.56 3.74 3.08
C GLU A 56 11.93 2.27 3.29
N LEU A 57 11.06 1.37 2.85
CA LEU A 57 11.35 -0.06 2.93
C LEU A 57 12.56 -0.41 2.07
N VAL A 58 12.72 0.30 0.96
CA VAL A 58 13.89 0.12 0.11
C VAL A 58 15.14 0.62 0.81
N GLN A 59 15.01 1.77 1.46
CA GLN A 59 16.13 2.36 2.21
C GLN A 59 16.48 1.50 3.42
N ALA A 60 15.47 0.87 4.00
CA ALA A 60 15.68 -0.01 5.13
C ALA A 60 16.20 -1.37 4.69
N SER A 61 15.85 -1.74 3.46
CA SER A 61 16.25 -3.02 2.89
C SER A 61 17.77 -3.22 2.98
N ARG A 62 18.51 -2.25 2.45
CA ARG A 62 19.96 -2.28 2.56
C ARG A 62 20.43 -1.46 3.74
N GLY A 63 19.60 -1.44 4.78
CA GLY A 63 19.94 -0.77 6.01
C GLY A 63 19.96 -1.76 7.14
N THR A 64 18.89 -1.82 7.92
CA THR A 64 18.81 -2.70 9.07
C THR A 64 17.38 -3.18 9.30
N PRO A 65 17.21 -4.35 9.94
CA PRO A 65 15.89 -4.86 10.34
C PRO A 65 15.18 -3.88 11.25
N GLN A 66 15.96 -3.18 12.06
CA GLN A 66 15.45 -2.19 12.98
C GLN A 66 14.73 -1.08 12.23
N ASP A 67 15.29 -0.70 11.10
CA ASP A 67 14.70 0.36 10.27
C ASP A 67 13.55 -0.20 9.45
N LEU A 68 13.67 -1.46 9.05
CA LEU A 68 12.60 -2.18 8.35
C LEU A 68 11.31 -2.15 9.17
N ALA A 69 11.44 -2.36 10.48
CA ALA A 69 10.30 -2.26 11.39
C ALA A 69 9.68 -0.89 11.33
N ARG A 70 10.52 0.13 11.49
CA ARG A 70 10.08 1.52 11.41
C ARG A 70 9.36 1.78 10.10
N ALA A 71 9.98 1.32 9.01
CA ALA A 71 9.42 1.49 7.67
C ALA A 71 8.08 0.77 7.54
N SER A 72 8.01 -0.45 8.05
CA SER A 72 6.80 -1.25 8.02
C SER A 72 5.62 -0.54 8.64
N GLY A 73 5.85 0.11 9.79
CA GLY A 73 4.77 0.73 10.52
C GLY A 73 4.08 1.82 9.72
N ARG A 74 4.86 2.71 9.12
CA ARG A 74 4.29 3.80 8.33
C ARG A 74 3.70 3.27 7.03
N PHE A 75 4.38 2.32 6.42
CA PHE A 75 3.92 1.77 5.15
C PHE A 75 2.54 1.14 5.30
N GLY A 76 2.38 0.31 6.33
CA GLY A 76 1.11 -0.33 6.59
C GLY A 76 0.04 0.64 7.01
N GLN A 77 0.40 1.60 7.86
CA GLN A 77 -0.54 2.57 8.39
C GLN A 77 -1.05 3.51 7.29
N ASP A 78 -0.13 4.04 6.50
CA ASP A 78 -0.48 5.00 5.46
C ASP A 78 -1.26 4.32 4.34
N PHE A 79 -0.97 3.04 4.13
CA PHE A 79 -1.70 2.24 3.15
C PHE A 79 -3.19 2.24 3.45
N SER A 80 -3.52 2.20 4.73
CA SER A 80 -4.92 2.20 5.16
C SER A 80 -5.61 3.47 4.65
N THR A 81 -4.93 4.60 4.79
CA THR A 81 -5.46 5.87 4.32
C THR A 81 -5.54 5.87 2.79
N PHE A 82 -4.51 5.33 2.15
CA PHE A 82 -4.43 5.23 0.70
C PHE A 82 -5.60 4.42 0.14
N LEU A 83 -5.80 3.23 0.71
CA LEU A 83 -6.82 2.31 0.22
C LEU A 83 -8.22 2.90 0.35
N GLU A 84 -8.47 3.61 1.45
CA GLU A 84 -9.76 4.25 1.68
C GLU A 84 -10.09 5.19 0.52
N ALA A 85 -9.11 5.98 0.11
CA ALA A 85 -9.30 6.95 -0.96
C ALA A 85 -9.59 6.26 -2.29
N GLY A 86 -8.98 5.10 -2.48
CA GLY A 86 -9.20 4.34 -3.69
C GLY A 86 -10.62 3.81 -3.79
N VAL A 87 -11.13 3.29 -2.68
CA VAL A 87 -12.50 2.78 -2.65
C VAL A 87 -13.49 3.95 -2.71
N GLU A 88 -13.09 5.09 -2.15
CA GLU A 88 -13.88 6.31 -2.21
C GLU A 88 -14.13 6.72 -3.66
N MET A 89 -13.06 6.73 -4.46
CA MET A 89 -13.16 7.16 -5.86
C MET A 89 -13.93 6.16 -6.71
N ALA A 90 -13.97 4.90 -6.28
CA ALA A 90 -14.75 3.89 -6.98
C ALA A 90 -16.23 4.28 -7.03
N GLY A 91 -16.62 5.18 -6.13
CA GLY A 91 -17.98 5.68 -6.10
C GLY A 91 -18.25 6.69 -7.20
N GLN A 92 -17.22 7.47 -7.57
CA GLN A 92 -17.37 8.49 -8.62
C GLN A 92 -17.16 7.88 -9.99
N ALA A 93 -17.03 6.56 -10.03
CA ALA A 93 -17.01 5.81 -11.28
C ALA A 93 -18.38 5.19 -11.52
N PRO A 94 -19.16 5.76 -12.45
CA PRO A 94 -20.53 5.30 -12.73
C PRO A 94 -20.58 4.00 -13.54
N SER A 95 -19.64 3.83 -14.45
CA SER A 95 -19.61 2.66 -15.31
C SER A 95 -19.12 1.43 -14.54
N GLN A 96 -19.74 0.30 -14.79
CA GLN A 96 -19.46 -0.92 -14.03
C GLN A 96 -18.04 -1.45 -14.30
N GLU A 97 -17.62 -1.40 -15.57
CA GLU A 97 -16.30 -1.91 -15.93
C GLU A 97 -15.24 -0.88 -15.60
N ASP A 98 -15.61 0.38 -15.71
CA ASP A 98 -14.73 1.49 -15.30
C ASP A 98 -14.49 1.40 -13.79
N ARG A 99 -15.55 1.09 -13.06
CA ARG A 99 -15.45 0.88 -11.62
C ARG A 99 -14.63 -0.37 -11.33
N ALA A 100 -14.85 -1.40 -12.13
CA ALA A 100 -14.06 -2.63 -12.02
C ALA A 100 -12.58 -2.33 -12.25
N GLN A 101 -12.30 -1.40 -13.16
CA GLN A 101 -10.95 -1.02 -13.49
C GLN A 101 -10.24 -0.40 -12.28
N VAL A 102 -10.91 0.53 -11.60
CA VAL A 102 -10.32 1.15 -10.43
C VAL A 102 -10.20 0.16 -9.27
N VAL A 103 -11.17 -0.75 -9.15
CA VAL A 103 -11.10 -1.79 -8.14
C VAL A 103 -9.95 -2.75 -8.42
N SER A 104 -9.65 -2.97 -9.69
CA SER A 104 -8.52 -3.80 -10.09
C SER A 104 -7.21 -3.17 -9.63
N ASN A 105 -7.11 -1.85 -9.77
CA ASN A 105 -5.94 -1.10 -9.32
C ASN A 105 -5.75 -1.30 -7.83
N LEU A 106 -6.87 -1.23 -7.10
CA LEU A 106 -6.87 -1.40 -5.66
C LEU A 106 -6.26 -2.73 -5.25
N LYS A 107 -6.74 -3.82 -5.85
CA LYS A 107 -6.18 -5.13 -5.57
C LYS A 107 -4.71 -5.17 -5.91
N GLY A 108 -4.38 -4.69 -7.11
CA GLY A 108 -3.02 -4.71 -7.58
C GLY A 108 -2.04 -4.12 -6.58
N ILE A 109 -2.36 -2.94 -6.06
CA ILE A 109 -1.47 -2.28 -5.12
C ILE A 109 -1.59 -2.90 -3.73
N SER A 110 -2.78 -3.35 -3.35
CA SER A 110 -2.98 -3.98 -2.05
C SER A 110 -2.15 -5.25 -1.92
N MET A 111 -2.23 -6.10 -2.94
CA MET A 111 -1.47 -7.34 -2.95
C MET A 111 0.02 -7.05 -3.01
N SER A 112 0.42 -6.10 -3.84
CA SER A 112 1.82 -5.72 -3.96
C SER A 112 2.35 -5.18 -2.63
N SER A 113 1.52 -4.40 -1.94
CA SER A 113 1.89 -3.83 -0.65
C SER A 113 2.18 -4.96 0.33
N SER A 114 1.30 -5.95 0.30
CA SER A 114 1.47 -7.15 1.10
C SER A 114 2.77 -7.87 0.73
N LYS A 115 2.98 -8.07 -0.56
CA LYS A 115 4.16 -8.79 -1.06
C LYS A 115 5.45 -8.09 -0.63
N LEU A 116 5.44 -6.76 -0.67
CA LEU A 116 6.59 -5.97 -0.25
C LEU A 116 6.91 -6.20 1.22
N LEU A 117 5.88 -6.12 2.05
CA LEU A 117 6.03 -6.35 3.48
C LEU A 117 6.45 -7.79 3.77
N LEU A 118 6.02 -8.71 2.92
CA LEU A 118 6.41 -10.10 3.04
C LEU A 118 7.90 -10.26 2.81
N ALA A 119 8.44 -9.51 1.85
CA ALA A 119 9.86 -9.49 1.60
C ALA A 119 10.60 -8.86 2.77
N ALA A 120 10.01 -7.80 3.32
CA ALA A 120 10.57 -7.13 4.48
C ALA A 120 10.60 -8.04 5.69
N LYS A 121 9.55 -8.84 5.87
CA LYS A 121 9.47 -9.81 6.94
C LYS A 121 10.66 -10.76 6.87
N ALA A 122 10.86 -11.35 5.70
CA ALA A 122 11.93 -12.30 5.48
C ALA A 122 13.29 -11.65 5.69
N LEU A 123 13.39 -10.39 5.28
CA LEU A 123 14.64 -9.65 5.40
C LEU A 123 14.91 -9.28 6.86
N SER A 124 13.85 -9.16 7.64
CA SER A 124 13.99 -8.86 9.06
C SER A 124 14.43 -10.10 9.84
N THR A 125 14.11 -11.27 9.30
CA THR A 125 14.52 -12.52 9.92
C THR A 125 15.87 -12.99 9.38
N ASP A 126 16.14 -12.65 8.12
CA ASP A 126 17.40 -13.01 7.48
C ASP A 126 18.01 -11.79 6.78
N PRO A 127 18.59 -10.86 7.57
CA PRO A 127 19.11 -9.60 7.03
C PRO A 127 20.47 -9.74 6.36
N ALA A 128 21.06 -10.93 6.46
CA ALA A 128 22.36 -11.17 5.87
C ALA A 128 22.23 -11.83 4.50
N SER A 129 21.00 -11.87 3.99
CA SER A 129 20.74 -12.39 2.66
C SER A 129 20.64 -11.24 1.66
N PRO A 130 21.68 -11.04 0.84
CA PRO A 130 21.77 -9.91 -0.10
C PRO A 130 20.67 -9.95 -1.15
N ASN A 131 20.20 -11.15 -1.47
CA ASN A 131 19.15 -11.33 -2.49
C ASN A 131 17.88 -10.60 -2.09
N LEU A 132 17.56 -10.63 -0.80
CA LEU A 132 16.33 -10.04 -0.30
C LEU A 132 16.32 -8.53 -0.46
N LYS A 133 17.50 -7.93 -0.48
CA LYS A 133 17.61 -6.48 -0.65
C LYS A 133 17.06 -6.06 -2.00
N SER A 134 17.52 -6.71 -3.06
CA SER A 134 17.05 -6.42 -4.40
C SER A 134 15.65 -6.98 -4.61
N GLN A 135 15.35 -8.09 -3.93
CA GLN A 135 14.02 -8.69 -3.97
C GLN A 135 12.98 -7.71 -3.45
N LEU A 136 13.29 -7.09 -2.33
CA LEU A 136 12.40 -6.11 -1.71
C LEU A 136 12.24 -4.90 -2.64
N ALA A 137 13.34 -4.44 -3.22
CA ALA A 137 13.32 -3.31 -4.13
C ALA A 137 12.39 -3.58 -5.31
N ALA A 138 12.40 -4.81 -5.80
CA ALA A 138 11.53 -5.20 -6.91
C ALA A 138 10.07 -5.14 -6.49
N ALA A 139 9.78 -5.68 -5.31
CA ALA A 139 8.42 -5.69 -4.79
C ALA A 139 7.94 -4.26 -4.50
N ALA A 140 8.85 -3.43 -4.03
CA ALA A 140 8.56 -2.03 -3.76
C ALA A 140 8.16 -1.31 -5.04
N ARG A 141 8.89 -1.58 -6.12
CA ARG A 141 8.58 -0.98 -7.41
C ARG A 141 7.21 -1.45 -7.90
N ALA A 142 6.87 -2.69 -7.57
CA ALA A 142 5.56 -3.24 -7.92
C ALA A 142 4.45 -2.46 -7.20
N VAL A 143 4.72 -2.10 -5.94
CA VAL A 143 3.79 -1.29 -5.17
C VAL A 143 3.69 0.10 -5.79
N THR A 144 4.85 0.73 -6.00
CA THR A 144 4.93 2.05 -6.60
C THR A 144 4.18 2.11 -7.93
N ASP A 145 4.46 1.15 -8.80
CA ASP A 145 3.84 1.09 -10.12
C ASP A 145 2.32 1.01 -10.01
N SER A 146 1.84 0.16 -9.11
CA SER A 146 0.41 -0.02 -8.91
C SER A 146 -0.23 1.25 -8.37
N ILE A 147 0.50 1.95 -7.48
CA ILE A 147 0.06 3.24 -6.98
C ILE A 147 -0.05 4.24 -8.14
N ASN A 148 1.01 4.30 -8.94
CA ASN A 148 1.05 5.19 -10.09
C ASN A 148 -0.13 4.97 -11.03
N GLN A 149 -0.38 3.71 -11.36
CA GLN A 149 -1.45 3.36 -12.29
C GLN A 149 -2.82 3.67 -11.69
N LEU A 150 -2.91 3.68 -10.36
CA LEU A 150 -4.15 4.03 -9.69
C LEU A 150 -4.39 5.52 -9.86
N ILE A 151 -3.31 6.28 -9.76
CA ILE A 151 -3.35 7.72 -9.93
C ILE A 151 -3.63 8.08 -11.39
N THR A 152 -3.09 7.27 -12.30
CA THR A 152 -3.37 7.44 -13.72
C THR A 152 -4.88 7.31 -13.98
N MET A 153 -5.53 6.46 -13.21
CA MET A 153 -6.96 6.27 -13.31
C MET A 153 -7.70 7.40 -12.59
N CYS A 154 -7.05 7.97 -11.58
CA CYS A 154 -7.64 9.02 -10.77
C CYS A 154 -7.58 10.37 -11.48
N THR A 155 -6.40 10.74 -11.94
CA THR A 155 -6.22 11.99 -12.66
C THR A 155 -6.39 11.80 -14.15
N GLN A 156 -7.63 11.94 -14.62
CA GLN A 156 -7.93 11.78 -16.03
C GLN A 156 -7.69 13.09 -16.76
N GLN A 157 -6.46 13.57 -16.67
CA GLN A 157 -6.05 14.82 -17.30
C GLN A 157 -4.53 14.95 -17.21
N ALA A 158 -3.86 14.77 -18.34
CA ALA A 158 -2.41 14.87 -18.39
C ALA A 158 -1.98 15.94 -19.38
N GLY A 1 0.28 -1.05 24.30
CA GLY A 1 0.94 -0.95 25.63
C GLY A 1 2.44 -1.03 25.52
N ILE A 2 2.98 -2.23 25.75
CA ILE A 2 4.41 -2.45 25.68
C ILE A 2 4.77 -3.27 24.45
N ASP A 3 3.88 -3.21 23.47
CA ASP A 3 4.02 -3.96 22.22
C ASP A 3 5.38 -3.69 21.57
N PRO A 4 6.20 -4.73 21.39
CA PRO A 4 7.48 -4.62 20.70
C PRO A 4 7.28 -4.55 19.19
N PHE A 5 7.31 -3.33 18.64
CA PHE A 5 7.11 -3.14 17.21
C PHE A 5 8.40 -3.43 16.44
N THR A 6 9.49 -3.62 17.17
CA THR A 6 10.76 -3.96 16.58
C THR A 6 10.67 -5.27 15.81
N GLN A 7 10.76 -5.16 14.47
CA GLN A 7 10.68 -6.29 13.54
C GLN A 7 9.24 -6.84 13.43
N ARG A 8 8.47 -6.73 14.51
CA ARG A 8 7.09 -7.21 14.51
C ARG A 8 6.20 -6.30 13.67
N ASP A 9 6.67 -5.07 13.44
CA ASP A 9 5.89 -4.08 12.69
C ASP A 9 5.65 -4.55 11.26
N VAL A 10 6.47 -5.48 10.78
CA VAL A 10 6.28 -6.04 9.44
C VAL A 10 5.01 -6.91 9.41
N ASP A 11 4.72 -7.54 10.55
CA ASP A 11 3.53 -8.37 10.67
C ASP A 11 2.32 -7.49 10.98
N ASN A 12 2.56 -6.46 11.77
CA ASN A 12 1.55 -5.44 12.05
C ASN A 12 1.04 -4.84 10.75
N ALA A 13 1.97 -4.58 9.85
CA ALA A 13 1.65 -4.06 8.52
C ALA A 13 0.75 -5.03 7.76
N LEU A 14 1.10 -6.31 7.80
CA LEU A 14 0.33 -7.34 7.11
C LEU A 14 -1.09 -7.41 7.65
N ARG A 15 -1.22 -7.20 8.95
CA ARG A 15 -2.53 -7.19 9.60
C ARG A 15 -3.35 -6.01 9.08
N ALA A 16 -2.70 -4.87 8.94
CA ALA A 16 -3.35 -3.66 8.43
C ALA A 16 -3.83 -3.86 6.99
N VAL A 17 -2.97 -4.47 6.17
CA VAL A 17 -3.33 -4.77 4.78
C VAL A 17 -4.52 -5.73 4.76
N GLY A 18 -4.57 -6.63 5.73
CA GLY A 18 -5.69 -7.54 5.84
C GLY A 18 -6.96 -6.84 6.26
N ASP A 19 -6.84 -5.89 7.18
CA ASP A 19 -7.99 -5.13 7.64
C ASP A 19 -8.57 -4.29 6.52
N ALA A 20 -7.70 -3.62 5.78
CA ALA A 20 -8.12 -2.78 4.67
C ALA A 20 -8.83 -3.60 3.60
N SER A 21 -8.29 -4.77 3.28
CA SER A 21 -8.90 -5.61 2.26
C SER A 21 -10.28 -6.10 2.71
N LYS A 22 -10.41 -6.46 3.98
CA LYS A 22 -11.69 -6.92 4.52
C LYS A 22 -12.77 -5.83 4.44
N ARG A 23 -12.44 -4.63 4.91
CA ARG A 23 -13.42 -3.57 5.04
C ARG A 23 -13.70 -2.89 3.71
N LEU A 24 -12.93 -3.20 2.68
CA LEU A 24 -13.01 -2.45 1.43
C LEU A 24 -13.23 -3.34 0.22
N LEU A 25 -12.38 -4.34 0.03
CA LEU A 25 -12.40 -5.17 -1.17
C LEU A 25 -13.67 -6.02 -1.23
N SER A 26 -14.47 -5.73 -2.25
CA SER A 26 -15.73 -6.44 -2.52
C SER A 26 -16.78 -6.09 -1.47
N ASP A 27 -16.46 -5.17 -0.59
CA ASP A 27 -17.40 -4.73 0.42
C ASP A 27 -18.38 -3.75 -0.19
N LEU A 28 -19.67 -4.10 -0.12
CA LEU A 28 -20.71 -3.23 -0.64
C LEU A 28 -20.86 -2.01 0.26
N LEU A 29 -20.37 -0.89 -0.22
CA LEU A 29 -20.36 0.34 0.55
C LEU A 29 -21.74 0.99 0.57
N PRO A 30 -22.02 1.82 1.59
CA PRO A 30 -23.28 2.57 1.67
C PRO A 30 -23.38 3.60 0.54
N PRO A 31 -24.61 3.95 0.14
CA PRO A 31 -24.85 4.94 -0.92
C PRO A 31 -24.44 6.34 -0.48
N SER A 32 -23.15 6.62 -0.56
CA SER A 32 -22.61 7.91 -0.21
C SER A 32 -22.24 8.69 -1.47
N THR A 33 -22.25 10.01 -1.40
CA THR A 33 -21.92 10.81 -2.55
C THR A 33 -20.53 11.44 -2.40
N GLY A 34 -19.54 10.74 -2.93
CA GLY A 34 -18.19 11.24 -2.89
C GLY A 34 -17.89 12.05 -4.13
N THR A 35 -17.57 13.32 -3.94
CA THR A 35 -17.27 14.21 -5.05
C THR A 35 -16.02 13.73 -5.80
N PHE A 36 -15.99 14.01 -7.09
CA PHE A 36 -14.90 13.54 -7.96
C PHE A 36 -13.54 13.96 -7.43
N GLN A 37 -13.31 15.27 -7.33
CA GLN A 37 -12.02 15.79 -6.89
C GLN A 37 -11.80 15.53 -5.40
N GLU A 38 -12.90 15.31 -4.68
CA GLU A 38 -12.84 14.96 -3.26
C GLU A 38 -12.05 13.67 -3.08
N ALA A 39 -12.45 12.63 -3.82
CA ALA A 39 -11.78 11.35 -3.75
C ALA A 39 -10.44 11.42 -4.48
N GLN A 40 -10.41 12.21 -5.55
CA GLN A 40 -9.21 12.38 -6.37
C GLN A 40 -8.06 12.93 -5.54
N SER A 41 -8.29 14.05 -4.86
CA SER A 41 -7.26 14.66 -4.03
C SER A 41 -6.92 13.78 -2.85
N ARG A 42 -7.93 13.15 -2.27
CA ARG A 42 -7.76 12.26 -1.14
C ARG A 42 -6.84 11.10 -1.51
N LEU A 43 -7.08 10.54 -2.68
CA LEU A 43 -6.25 9.48 -3.23
C LEU A 43 -4.81 9.96 -3.39
N ASN A 44 -4.66 11.13 -3.99
CA ASN A 44 -3.34 11.71 -4.24
C ASN A 44 -2.57 11.95 -2.93
N GLU A 45 -3.27 12.45 -1.93
CA GLU A 45 -2.67 12.72 -0.63
C GLU A 45 -2.17 11.44 0.02
N ALA A 46 -2.94 10.37 -0.13
CA ALA A 46 -2.57 9.09 0.43
C ALA A 46 -1.43 8.45 -0.36
N ALA A 47 -1.50 8.59 -1.68
CA ALA A 47 -0.52 8.00 -2.59
C ALA A 47 0.88 8.51 -2.32
N ALA A 48 1.02 9.83 -2.25
CA ALA A 48 2.33 10.46 -2.07
C ALA A 48 3.00 9.97 -0.78
N GLY A 49 2.21 9.78 0.26
CA GLY A 49 2.74 9.30 1.52
C GLY A 49 3.13 7.84 1.44
N LEU A 50 2.39 7.07 0.66
CA LEU A 50 2.66 5.65 0.53
C LEU A 50 3.89 5.41 -0.35
N ASN A 51 4.12 6.30 -1.30
CA ASN A 51 5.29 6.24 -2.18
C ASN A 51 6.58 6.26 -1.35
N GLN A 52 6.67 7.22 -0.45
CA GLN A 52 7.87 7.36 0.39
C GLN A 52 7.93 6.21 1.41
N ALA A 53 6.76 5.75 1.85
CA ALA A 53 6.70 4.64 2.79
C ALA A 53 7.35 3.39 2.19
N ALA A 54 7.02 3.09 0.94
CA ALA A 54 7.64 2.00 0.22
C ALA A 54 9.13 2.27 0.02
N THR A 55 9.43 3.53 -0.28
CA THR A 55 10.80 3.97 -0.48
C THR A 55 11.65 3.74 0.78
N GLU A 56 11.02 3.88 1.95
CA GLU A 56 11.72 3.66 3.21
C GLU A 56 12.10 2.19 3.37
N LEU A 57 11.19 1.30 3.00
CA LEU A 57 11.48 -0.14 3.03
C LEU A 57 12.65 -0.46 2.11
N VAL A 58 12.68 0.21 0.96
CA VAL A 58 13.75 0.02 -0.03
C VAL A 58 15.11 0.40 0.56
N GLN A 59 15.18 1.58 1.15
CA GLN A 59 16.44 2.12 1.66
C GLN A 59 16.88 1.40 2.93
N ALA A 60 15.92 1.08 3.79
CA ALA A 60 16.21 0.42 5.06
C ALA A 60 16.67 -1.02 4.82
N SER A 61 16.23 -1.59 3.70
CA SER A 61 16.59 -2.95 3.32
C SER A 61 18.11 -3.17 3.35
N ARG A 62 18.85 -2.13 2.99
CA ARG A 62 20.31 -2.23 2.94
C ARG A 62 20.96 -1.45 4.08
N GLY A 63 20.19 -1.10 5.10
CA GLY A 63 20.73 -0.30 6.18
C GLY A 63 20.14 -0.61 7.52
N THR A 64 19.38 0.33 8.05
CA THR A 64 18.89 0.27 9.41
C THR A 64 17.65 -0.63 9.54
N PRO A 65 17.73 -1.65 10.41
CA PRO A 65 16.65 -2.60 10.65
C PRO A 65 15.45 -1.96 11.34
N GLN A 66 15.72 -1.02 12.23
CA GLN A 66 14.66 -0.33 12.96
C GLN A 66 13.84 0.53 12.03
N ASP A 67 14.49 1.06 11.00
CA ASP A 67 13.79 1.81 9.96
C ASP A 67 12.91 0.88 9.15
N LEU A 68 13.45 -0.26 8.79
CA LEU A 68 12.70 -1.29 8.05
C LEU A 68 11.40 -1.62 8.77
N ALA A 69 11.51 -1.90 10.07
CA ALA A 69 10.33 -2.20 10.88
C ALA A 69 9.39 -1.00 10.96
N ARG A 70 9.94 0.16 11.32
CA ARG A 70 9.12 1.36 11.45
C ARG A 70 8.45 1.73 10.14
N ALA A 71 9.15 1.48 9.05
CA ALA A 71 8.62 1.72 7.71
C ALA A 71 7.45 0.78 7.43
N SER A 72 7.46 -0.38 8.07
CA SER A 72 6.42 -1.39 7.87
C SER A 72 5.09 -0.89 8.40
N GLY A 73 5.07 -0.42 9.65
CA GLY A 73 3.84 0.05 10.25
C GLY A 73 3.32 1.28 9.54
N ARG A 74 4.23 2.13 9.12
CA ARG A 74 3.88 3.33 8.38
C ARG A 74 3.31 2.96 7.01
N PHE A 75 4.00 2.07 6.33
CA PHE A 75 3.58 1.60 5.01
C PHE A 75 2.20 0.96 5.07
N GLY A 76 2.01 0.07 6.05
CA GLY A 76 0.74 -0.61 6.20
C GLY A 76 -0.40 0.35 6.52
N GLN A 77 -0.12 1.35 7.34
CA GLN A 77 -1.13 2.31 7.74
C GLN A 77 -1.47 3.25 6.58
N ASP A 78 -0.44 3.77 5.92
CA ASP A 78 -0.64 4.65 4.76
C ASP A 78 -1.33 3.90 3.63
N PHE A 79 -1.00 2.62 3.49
CA PHE A 79 -1.65 1.76 2.52
C PHE A 79 -3.14 1.68 2.79
N SER A 80 -3.49 1.52 4.08
CA SER A 80 -4.88 1.44 4.48
C SER A 80 -5.64 2.69 4.03
N THR A 81 -5.06 3.85 4.32
CA THR A 81 -5.64 5.13 3.92
C THR A 81 -5.75 5.22 2.40
N PHE A 82 -4.71 4.77 1.71
CA PHE A 82 -4.68 4.77 0.24
C PHE A 82 -5.80 3.89 -0.31
N LEU A 83 -5.92 2.69 0.24
CA LEU A 83 -6.93 1.75 -0.21
C LEU A 83 -8.33 2.28 0.11
N GLU A 84 -8.47 2.95 1.24
CA GLU A 84 -9.74 3.56 1.62
C GLU A 84 -10.11 4.66 0.64
N ALA A 85 -9.14 5.48 0.26
CA ALA A 85 -9.37 6.52 -0.75
C ALA A 85 -9.70 5.88 -2.11
N GLY A 86 -9.13 4.70 -2.34
CA GLY A 86 -9.42 3.97 -3.55
C GLY A 86 -10.88 3.61 -3.68
N VAL A 87 -11.47 3.11 -2.59
CA VAL A 87 -12.88 2.75 -2.60
C VAL A 87 -13.75 4.00 -2.57
N GLU A 88 -13.20 5.09 -2.04
CA GLU A 88 -13.87 6.39 -2.07
C GLU A 88 -14.20 6.77 -3.50
N MET A 89 -13.19 6.73 -4.36
CA MET A 89 -13.37 7.08 -5.76
C MET A 89 -14.08 5.97 -6.51
N ALA A 90 -13.94 4.74 -6.05
CA ALA A 90 -14.65 3.63 -6.64
C ALA A 90 -16.15 3.80 -6.45
N GLY A 91 -16.52 4.45 -5.36
CA GLY A 91 -17.93 4.67 -5.06
C GLY A 91 -18.52 5.84 -5.83
N GLN A 92 -17.68 6.64 -6.48
CA GLN A 92 -18.16 7.76 -7.29
C GLN A 92 -18.09 7.45 -8.77
N ALA A 93 -17.75 6.21 -9.09
CA ALA A 93 -17.70 5.76 -10.48
C ALA A 93 -19.10 5.54 -11.01
N PRO A 94 -19.50 6.32 -12.03
CA PRO A 94 -20.85 6.25 -12.60
C PRO A 94 -21.16 4.88 -13.18
N SER A 95 -20.18 4.31 -13.86
CA SER A 95 -20.33 2.98 -14.45
C SER A 95 -19.52 1.96 -13.67
N GLN A 96 -20.09 0.79 -13.45
CA GLN A 96 -19.43 -0.26 -12.68
C GLN A 96 -18.21 -0.83 -13.41
N GLU A 97 -18.13 -0.59 -14.71
CA GLU A 97 -16.92 -0.97 -15.46
C GLU A 97 -15.73 -0.19 -14.94
N ASP A 98 -15.91 1.11 -14.77
CA ASP A 98 -14.84 1.97 -14.24
C ASP A 98 -14.63 1.67 -12.76
N ARG A 99 -15.72 1.36 -12.09
CA ARG A 99 -15.69 1.00 -10.67
C ARG A 99 -14.90 -0.29 -10.44
N ALA A 100 -15.15 -1.29 -11.25
CA ALA A 100 -14.44 -2.55 -11.13
C ALA A 100 -13.02 -2.42 -11.65
N GLN A 101 -12.83 -1.51 -12.60
CA GLN A 101 -11.51 -1.26 -13.18
C GLN A 101 -10.56 -0.72 -12.12
N VAL A 102 -10.99 0.31 -11.39
CA VAL A 102 -10.15 0.89 -10.35
C VAL A 102 -9.82 -0.15 -9.28
N VAL A 103 -10.80 -0.98 -8.93
CA VAL A 103 -10.59 -2.06 -7.97
C VAL A 103 -9.54 -3.05 -8.48
N SER A 104 -9.57 -3.31 -9.79
CA SER A 104 -8.60 -4.21 -10.41
C SER A 104 -7.20 -3.62 -10.31
N ASN A 105 -7.10 -2.31 -10.50
CA ASN A 105 -5.82 -1.61 -10.38
C ASN A 105 -5.37 -1.63 -8.93
N LEU A 106 -6.33 -1.51 -8.03
CA LEU A 106 -6.07 -1.52 -6.60
C LEU A 106 -5.49 -2.87 -6.18
N LYS A 107 -5.92 -3.94 -6.83
CA LYS A 107 -5.33 -5.27 -6.59
C LYS A 107 -3.84 -5.22 -6.88
N GLY A 108 -3.48 -4.56 -7.96
CA GLY A 108 -2.08 -4.45 -8.34
C GLY A 108 -1.22 -3.87 -7.24
N ILE A 109 -1.69 -2.80 -6.62
CA ILE A 109 -0.93 -2.15 -5.56
C ILE A 109 -1.14 -2.86 -4.21
N SER A 110 -2.36 -3.32 -3.93
CA SER A 110 -2.66 -3.96 -2.66
C SER A 110 -1.94 -5.30 -2.54
N MET A 111 -1.98 -6.10 -3.59
CA MET A 111 -1.36 -7.41 -3.59
C MET A 111 0.16 -7.27 -3.49
N SER A 112 0.70 -6.28 -4.19
CA SER A 112 2.12 -6.01 -4.16
C SER A 112 2.52 -5.45 -2.80
N SER A 113 1.60 -4.73 -2.17
CA SER A 113 1.83 -4.17 -0.85
C SER A 113 2.08 -5.29 0.14
N SER A 114 1.25 -6.31 0.04
CA SER A 114 1.40 -7.53 0.81
C SER A 114 2.75 -8.19 0.51
N LYS A 115 3.04 -8.35 -0.78
CA LYS A 115 4.28 -8.99 -1.23
C LYS A 115 5.51 -8.26 -0.69
N LEU A 116 5.48 -6.93 -0.75
CA LEU A 116 6.59 -6.11 -0.26
C LEU A 116 6.81 -6.33 1.23
N LEU A 117 5.73 -6.30 2.00
CA LEU A 117 5.83 -6.49 3.44
C LEU A 117 6.26 -7.91 3.77
N LEU A 118 5.90 -8.87 2.91
CA LEU A 118 6.34 -10.26 3.06
C LEU A 118 7.85 -10.34 2.88
N ALA A 119 8.39 -9.52 1.99
CA ALA A 119 9.83 -9.45 1.81
C ALA A 119 10.49 -8.87 3.05
N ALA A 120 9.83 -7.90 3.68
CA ALA A 120 10.32 -7.32 4.92
C ALA A 120 10.24 -8.35 6.04
N LYS A 121 9.18 -9.15 6.02
CA LYS A 121 9.02 -10.27 6.95
C LYS A 121 10.23 -11.20 6.89
N ALA A 122 10.61 -11.57 5.67
CA ALA A 122 11.71 -12.48 5.46
C ALA A 122 13.05 -11.80 5.73
N LEU A 123 13.12 -10.49 5.45
CA LEU A 123 14.36 -9.75 5.60
C LEU A 123 14.68 -9.47 7.06
N SER A 124 13.65 -9.34 7.88
CA SER A 124 13.85 -9.09 9.30
C SER A 124 14.30 -10.36 10.00
N THR A 125 14.10 -11.50 9.34
CA THR A 125 14.55 -12.78 9.86
C THR A 125 15.85 -13.21 9.17
N ASP A 126 15.99 -12.83 7.90
CA ASP A 126 17.22 -13.08 7.16
C ASP A 126 17.69 -11.81 6.46
N PRO A 127 18.53 -11.02 7.13
CA PRO A 127 19.03 -9.78 6.58
C PRO A 127 20.36 -9.97 5.83
N ALA A 128 20.67 -11.23 5.53
CA ALA A 128 21.95 -11.55 4.92
C ALA A 128 21.83 -11.72 3.42
N SER A 129 20.74 -12.33 2.97
CA SER A 129 20.56 -12.64 1.56
C SER A 129 20.37 -11.37 0.73
N PRO A 130 21.30 -11.09 -0.20
CA PRO A 130 21.21 -9.94 -1.10
C PRO A 130 20.09 -10.13 -2.11
N ASN A 131 19.78 -11.38 -2.39
CA ASN A 131 18.70 -11.72 -3.30
C ASN A 131 17.36 -11.33 -2.68
N LEU A 132 17.29 -11.41 -1.36
CA LEU A 132 16.10 -10.99 -0.65
C LEU A 132 15.95 -9.47 -0.70
N LYS A 133 17.08 -8.76 -0.61
CA LYS A 133 17.08 -7.31 -0.82
C LYS A 133 16.55 -6.99 -2.22
N SER A 134 17.03 -7.75 -3.20
CA SER A 134 16.63 -7.59 -4.59
C SER A 134 15.12 -7.81 -4.74
N GLN A 135 14.62 -8.87 -4.10
CA GLN A 135 13.19 -9.18 -4.16
C GLN A 135 12.36 -8.08 -3.53
N LEU A 136 12.81 -7.60 -2.38
CA LEU A 136 12.12 -6.52 -1.67
C LEU A 136 12.02 -5.28 -2.56
N ALA A 137 13.13 -4.93 -3.20
CA ALA A 137 13.17 -3.78 -4.08
C ALA A 137 12.22 -3.94 -5.26
N ALA A 138 12.14 -5.15 -5.79
CA ALA A 138 11.26 -5.44 -6.92
C ALA A 138 9.80 -5.31 -6.52
N ALA A 139 9.49 -5.80 -5.32
CA ALA A 139 8.13 -5.72 -4.79
C ALA A 139 7.77 -4.27 -4.47
N ALA A 140 8.72 -3.55 -3.87
CA ALA A 140 8.53 -2.14 -3.55
C ALA A 140 8.32 -1.33 -4.83
N ARG A 141 9.09 -1.67 -5.86
CA ARG A 141 8.95 -1.06 -7.16
C ARG A 141 7.55 -1.35 -7.71
N ALA A 142 7.09 -2.58 -7.53
CA ALA A 142 5.77 -2.98 -7.99
C ALA A 142 4.68 -2.14 -7.30
N VAL A 143 4.83 -1.95 -5.99
CA VAL A 143 3.89 -1.15 -5.22
C VAL A 143 3.89 0.30 -5.69
N THR A 144 5.09 0.89 -5.72
CA THR A 144 5.24 2.29 -6.10
C THR A 144 4.75 2.52 -7.53
N ASP A 145 5.02 1.56 -8.40
CA ASP A 145 4.61 1.63 -9.79
C ASP A 145 3.09 1.63 -9.90
N SER A 146 2.46 0.67 -9.24
CA SER A 146 1.01 0.53 -9.32
C SER A 146 0.29 1.71 -8.66
N ILE A 147 0.88 2.27 -7.60
CA ILE A 147 0.38 3.50 -7.01
C ILE A 147 0.30 4.58 -8.08
N ASN A 148 1.42 4.80 -8.75
CA ASN A 148 1.53 5.85 -9.75
C ASN A 148 0.62 5.57 -10.94
N GLN A 149 0.42 4.29 -11.27
CA GLN A 149 -0.48 3.92 -12.35
C GLN A 149 -1.89 4.40 -12.07
N LEU A 150 -2.36 4.13 -10.86
CA LEU A 150 -3.72 4.48 -10.47
C LEU A 150 -3.87 5.99 -10.42
N ILE A 151 -2.83 6.66 -9.93
CA ILE A 151 -2.83 8.11 -9.82
C ILE A 151 -2.82 8.77 -11.20
N THR A 152 -1.99 8.24 -12.11
CA THR A 152 -1.85 8.82 -13.43
C THR A 152 -3.18 8.80 -14.21
N MET A 153 -3.86 7.67 -14.18
CA MET A 153 -5.13 7.53 -14.90
C MET A 153 -6.23 8.33 -14.19
N CYS A 154 -6.09 8.50 -12.89
CA CYS A 154 -7.07 9.27 -12.12
C CYS A 154 -6.85 10.77 -12.32
N THR A 155 -5.63 11.13 -12.70
CA THR A 155 -5.22 12.52 -12.85
C THR A 155 -5.08 13.19 -11.47
N GLN A 156 -4.13 14.09 -11.34
CA GLN A 156 -3.87 14.75 -10.06
C GLN A 156 -4.36 16.20 -10.08
N GLN A 157 -5.23 16.49 -11.02
CA GLN A 157 -5.82 17.81 -11.13
C GLN A 157 -7.34 17.70 -11.07
N ALA A 158 -7.93 17.22 -12.17
CA ALA A 158 -9.36 17.01 -12.26
C ALA A 158 -9.68 16.21 -13.51
N GLY A 1 8.57 -11.88 26.07
CA GLY A 1 7.42 -12.15 25.18
C GLY A 1 6.38 -11.05 25.25
N ILE A 2 5.14 -11.41 24.95
CA ILE A 2 4.01 -10.48 24.93
C ILE A 2 4.22 -9.40 23.87
N ASP A 3 4.01 -9.81 22.62
CA ASP A 3 4.11 -8.92 21.46
C ASP A 3 5.50 -8.28 21.34
N PRO A 4 6.37 -8.87 20.50
CA PRO A 4 7.72 -8.37 20.27
C PRO A 4 7.73 -7.18 19.30
N PHE A 5 8.02 -6.00 19.81
CA PHE A 5 8.06 -4.81 18.97
C PHE A 5 9.24 -4.89 18.01
N THR A 6 9.16 -4.12 16.93
CA THR A 6 10.16 -4.13 15.87
C THR A 6 10.03 -5.37 14.99
N GLN A 7 10.00 -6.54 15.61
CA GLN A 7 9.86 -7.78 14.88
C GLN A 7 8.41 -7.95 14.40
N ARG A 8 7.47 -7.63 15.27
CA ARG A 8 6.06 -7.71 14.90
C ARG A 8 5.63 -6.54 14.03
N ASP A 9 6.39 -5.45 14.08
CA ASP A 9 6.05 -4.24 13.30
C ASP A 9 5.86 -4.55 11.83
N VAL A 10 6.74 -5.37 11.28
CA VAL A 10 6.67 -5.73 9.87
C VAL A 10 5.39 -6.51 9.55
N ASP A 11 4.96 -7.35 10.49
CA ASP A 11 3.76 -8.15 10.30
C ASP A 11 2.52 -7.34 10.68
N ASN A 12 2.70 -6.39 11.58
CA ASN A 12 1.62 -5.51 12.02
C ASN A 12 1.12 -4.67 10.84
N ALA A 13 2.05 -4.30 9.98
CA ALA A 13 1.70 -3.61 8.74
C ALA A 13 0.79 -4.50 7.90
N LEU A 14 1.11 -5.78 7.86
CA LEU A 14 0.33 -6.75 7.11
C LEU A 14 -1.04 -6.94 7.76
N ARG A 15 -1.11 -6.78 9.07
CA ARG A 15 -2.38 -6.83 9.78
C ARG A 15 -3.30 -5.75 9.25
N ALA A 16 -2.73 -4.57 9.01
CA ALA A 16 -3.48 -3.46 8.45
C ALA A 16 -3.83 -3.72 6.99
N VAL A 17 -2.83 -4.11 6.21
CA VAL A 17 -3.01 -4.38 4.78
C VAL A 17 -4.05 -5.49 4.57
N GLY A 18 -3.84 -6.62 5.23
CA GLY A 18 -4.72 -7.76 5.06
C GLY A 18 -6.14 -7.46 5.50
N ASP A 19 -6.28 -6.86 6.68
CA ASP A 19 -7.60 -6.57 7.23
C ASP A 19 -8.36 -5.61 6.32
N ALA A 20 -7.67 -4.58 5.84
CA ALA A 20 -8.29 -3.61 4.95
C ALA A 20 -8.67 -4.24 3.62
N SER A 21 -7.77 -5.08 3.09
CA SER A 21 -8.03 -5.75 1.81
C SER A 21 -9.25 -6.67 1.90
N LYS A 22 -9.41 -7.32 3.05
CA LYS A 22 -10.56 -8.17 3.28
C LYS A 22 -11.81 -7.33 3.51
N ARG A 23 -11.75 -6.47 4.51
CA ARG A 23 -12.87 -5.65 4.94
C ARG A 23 -13.44 -4.81 3.79
N LEU A 24 -12.59 -4.00 3.18
CA LEU A 24 -13.05 -3.04 2.18
C LEU A 24 -13.54 -3.74 0.91
N LEU A 25 -12.88 -4.81 0.51
CA LEU A 25 -13.24 -5.51 -0.72
C LEU A 25 -14.35 -6.52 -0.49
N SER A 26 -14.89 -6.54 0.73
CA SER A 26 -16.07 -7.34 1.02
C SER A 26 -17.28 -6.44 1.19
N ASP A 27 -17.06 -5.31 1.85
CA ASP A 27 -18.13 -4.33 2.04
C ASP A 27 -18.42 -3.63 0.72
N LEU A 28 -17.34 -3.36 -0.02
CA LEU A 28 -17.41 -2.78 -1.37
C LEU A 28 -18.01 -1.39 -1.39
N LEU A 29 -17.95 -0.74 -0.24
CA LEU A 29 -18.45 0.62 -0.10
C LEU A 29 -17.62 1.39 0.92
N PRO A 30 -17.33 2.66 0.63
CA PRO A 30 -16.59 3.53 1.53
C PRO A 30 -17.50 4.33 2.47
N PRO A 31 -17.04 4.58 3.70
CA PRO A 31 -17.74 5.44 4.64
C PRO A 31 -17.42 6.91 4.40
N SER A 32 -16.88 7.18 3.23
CA SER A 32 -16.52 8.53 2.83
C SER A 32 -16.59 8.62 1.31
N THR A 33 -16.96 9.79 0.81
CA THR A 33 -17.07 9.99 -0.62
C THR A 33 -17.29 11.48 -0.94
N GLY A 34 -17.63 11.78 -2.18
CA GLY A 34 -17.90 13.14 -2.57
C GLY A 34 -18.57 13.20 -3.93
N THR A 35 -17.99 13.95 -4.85
CA THR A 35 -18.49 14.01 -6.20
C THR A 35 -17.52 13.29 -7.14
N PHE A 36 -16.22 13.59 -6.99
CA PHE A 36 -15.19 12.90 -7.73
C PHE A 36 -13.80 13.36 -7.28
N GLN A 37 -13.55 14.66 -7.35
CA GLN A 37 -12.25 15.21 -7.02
C GLN A 37 -11.93 15.02 -5.53
N GLU A 38 -12.97 14.90 -4.71
CA GLU A 38 -12.81 14.68 -3.28
C GLU A 38 -11.92 13.47 -3.01
N ALA A 39 -12.22 12.37 -3.68
CA ALA A 39 -11.43 11.16 -3.53
C ALA A 39 -10.14 11.26 -4.32
N GLN A 40 -10.22 11.92 -5.48
CA GLN A 40 -9.06 12.12 -6.34
C GLN A 40 -7.93 12.82 -5.59
N SER A 41 -8.27 13.86 -4.85
CA SER A 41 -7.29 14.58 -4.07
C SER A 41 -6.70 13.69 -2.99
N ARG A 42 -7.53 12.82 -2.41
CA ARG A 42 -7.09 11.93 -1.35
C ARG A 42 -6.11 10.90 -1.91
N LEU A 43 -6.39 10.42 -3.12
CA LEU A 43 -5.50 9.49 -3.81
C LEU A 43 -4.11 10.08 -3.97
N ASN A 44 -4.07 11.37 -4.30
CA ASN A 44 -2.81 12.03 -4.60
C ASN A 44 -1.92 12.14 -3.37
N GLU A 45 -2.52 12.41 -2.23
CA GLU A 45 -1.76 12.52 -0.98
C GLU A 45 -1.20 11.17 -0.58
N ALA A 46 -2.08 10.18 -0.53
CA ALA A 46 -1.70 8.84 -0.11
C ALA A 46 -0.68 8.22 -1.05
N ALA A 47 -0.78 8.56 -2.33
CA ALA A 47 0.13 8.06 -3.34
C ALA A 47 1.58 8.46 -3.02
N ALA A 48 1.79 9.75 -2.81
CA ALA A 48 3.13 10.26 -2.53
C ALA A 48 3.66 9.68 -1.23
N GLY A 49 2.81 9.61 -0.23
CA GLY A 49 3.20 9.07 1.05
C GLY A 49 3.57 7.60 0.98
N LEU A 50 2.74 6.81 0.32
CA LEU A 50 2.95 5.38 0.22
C LEU A 50 4.20 5.07 -0.60
N ASN A 51 4.45 5.88 -1.63
CA ASN A 51 5.65 5.73 -2.44
C ASN A 51 6.90 5.98 -1.59
N GLN A 52 6.81 6.98 -0.70
CA GLN A 52 7.93 7.30 0.17
C GLN A 52 8.09 6.23 1.23
N ALA A 53 6.96 5.74 1.75
CA ALA A 53 6.99 4.66 2.74
C ALA A 53 7.63 3.40 2.16
N ALA A 54 7.29 3.10 0.91
CA ALA A 54 7.94 1.99 0.21
C ALA A 54 9.43 2.27 0.06
N THR A 55 9.75 3.52 -0.24
CA THR A 55 11.13 3.97 -0.34
C THR A 55 11.89 3.70 0.95
N GLU A 56 11.24 3.93 2.08
CA GLU A 56 11.85 3.68 3.38
C GLU A 56 12.22 2.21 3.54
N LEU A 57 11.29 1.33 3.15
CA LEU A 57 11.54 -0.10 3.22
C LEU A 57 12.73 -0.48 2.34
N VAL A 58 12.81 0.10 1.15
CA VAL A 58 13.92 -0.16 0.23
C VAL A 58 15.26 0.21 0.86
N GLN A 59 15.34 1.39 1.43
CA GLN A 59 16.59 1.87 2.03
C GLN A 59 16.92 1.07 3.29
N ALA A 60 15.90 0.84 4.12
CA ALA A 60 16.09 0.13 5.37
C ALA A 60 16.47 -1.33 5.11
N SER A 61 16.02 -1.86 3.98
CA SER A 61 16.33 -3.22 3.58
C SER A 61 17.83 -3.45 3.54
N ARG A 62 18.56 -2.43 3.11
CA ARG A 62 20.00 -2.53 2.97
C ARG A 62 20.69 -1.62 3.99
N GLY A 63 19.97 -1.29 5.05
CA GLY A 63 20.51 -0.44 6.08
C GLY A 63 20.38 -1.06 7.46
N THR A 64 19.16 -1.32 7.87
CA THR A 64 18.90 -1.89 9.19
C THR A 64 17.46 -2.38 9.31
N PRO A 65 17.29 -3.61 9.84
CA PRO A 65 15.97 -4.21 10.06
C PRO A 65 15.11 -3.40 11.03
N GLN A 66 15.76 -2.61 11.86
CA GLN A 66 15.07 -1.82 12.86
C GLN A 66 14.40 -0.60 12.24
N ASP A 67 14.95 -0.11 11.14
CA ASP A 67 14.35 0.99 10.40
C ASP A 67 13.16 0.45 9.62
N LEU A 68 13.28 -0.79 9.15
CA LEU A 68 12.19 -1.50 8.48
C LEU A 68 10.95 -1.51 9.34
N ALA A 69 11.13 -1.78 10.63
CA ALA A 69 10.02 -1.82 11.59
C ALA A 69 9.27 -0.48 11.60
N ARG A 70 10.03 0.59 11.69
CA ARG A 70 9.46 1.93 11.67
C ARG A 70 8.74 2.16 10.35
N ALA A 71 9.41 1.78 9.27
CA ALA A 71 8.86 1.93 7.92
C ALA A 71 7.61 1.10 7.72
N SER A 72 7.50 -0.02 8.45
CA SER A 72 6.36 -0.91 8.34
C SER A 72 5.08 -0.21 8.76
N GLY A 73 5.14 0.53 9.86
CA GLY A 73 3.96 1.19 10.36
C GLY A 73 3.61 2.40 9.54
N ARG A 74 4.62 2.98 8.91
CA ARG A 74 4.43 4.10 8.01
C ARG A 74 3.74 3.61 6.73
N PHE A 75 4.32 2.58 6.12
CA PHE A 75 3.80 2.00 4.89
C PHE A 75 2.40 1.44 5.11
N GLY A 76 2.22 0.69 6.18
CA GLY A 76 0.93 0.09 6.48
C GLY A 76 -0.16 1.13 6.68
N GLN A 77 0.21 2.24 7.33
CA GLN A 77 -0.74 3.31 7.59
C GLN A 77 -1.12 4.03 6.29
N ASP A 78 -0.11 4.41 5.52
CA ASP A 78 -0.35 5.11 4.26
C ASP A 78 -1.13 4.22 3.29
N PHE A 79 -0.81 2.93 3.31
CA PHE A 79 -1.54 1.96 2.50
C PHE A 79 -3.01 1.94 2.90
N SER A 80 -3.27 1.92 4.20
CA SER A 80 -4.63 1.92 4.71
C SER A 80 -5.40 3.12 4.15
N THR A 81 -4.81 4.30 4.30
CA THR A 81 -5.41 5.53 3.80
C THR A 81 -5.58 5.48 2.28
N PHE A 82 -4.59 4.93 1.59
CA PHE A 82 -4.64 4.80 0.13
C PHE A 82 -5.77 3.89 -0.29
N LEU A 83 -5.89 2.75 0.39
CA LEU A 83 -6.91 1.77 0.05
C LEU A 83 -8.30 2.34 0.36
N GLU A 84 -8.40 3.09 1.46
CA GLU A 84 -9.63 3.80 1.79
C GLU A 84 -10.05 4.70 0.63
N ALA A 85 -9.09 5.51 0.16
CA ALA A 85 -9.32 6.42 -0.94
C ALA A 85 -9.70 5.67 -2.22
N GLY A 86 -9.09 4.51 -2.42
CA GLY A 86 -9.40 3.68 -3.57
C GLY A 86 -10.85 3.26 -3.58
N VAL A 87 -11.34 2.77 -2.44
CA VAL A 87 -12.73 2.38 -2.30
C VAL A 87 -13.63 3.60 -2.35
N GLU A 88 -13.12 4.71 -1.81
CA GLU A 88 -13.83 5.98 -1.79
C GLU A 88 -14.16 6.43 -3.21
N MET A 89 -13.17 6.38 -4.09
CA MET A 89 -13.36 6.78 -5.48
C MET A 89 -14.16 5.74 -6.25
N ALA A 90 -14.09 4.49 -5.79
CA ALA A 90 -14.86 3.41 -6.41
C ALA A 90 -16.35 3.59 -6.13
N GLY A 91 -16.67 4.14 -4.98
CA GLY A 91 -18.07 4.36 -4.62
C GLY A 91 -18.69 5.51 -5.40
N GLN A 92 -17.87 6.46 -5.80
CA GLN A 92 -18.34 7.62 -6.55
C GLN A 92 -18.21 7.38 -8.05
N ALA A 93 -17.91 6.14 -8.42
CA ALA A 93 -17.76 5.78 -9.83
C ALA A 93 -19.06 5.99 -10.57
N PRO A 94 -19.01 6.75 -11.67
CA PRO A 94 -20.20 7.09 -12.47
C PRO A 94 -20.91 5.86 -13.01
N SER A 95 -20.14 4.85 -13.38
CA SER A 95 -20.70 3.60 -13.86
C SER A 95 -19.97 2.42 -13.24
N GLN A 96 -20.57 1.23 -13.35
CA GLN A 96 -19.95 0.01 -12.84
C GLN A 96 -18.74 -0.35 -13.70
N GLU A 97 -18.72 0.19 -14.92
CA GLU A 97 -17.59 0.02 -15.82
C GLU A 97 -16.33 0.63 -15.21
N ASP A 98 -16.48 1.83 -14.67
CA ASP A 98 -15.37 2.53 -14.02
C ASP A 98 -15.05 1.85 -12.70
N ARG A 99 -16.11 1.46 -12.00
CA ARG A 99 -16.00 0.86 -10.68
C ARG A 99 -15.24 -0.47 -10.73
N ALA A 100 -15.60 -1.32 -11.68
CA ALA A 100 -14.92 -2.60 -11.83
C ALA A 100 -13.47 -2.42 -12.24
N GLN A 101 -13.22 -1.38 -13.03
CA GLN A 101 -11.88 -1.08 -13.52
C GLN A 101 -10.98 -0.62 -12.38
N VAL A 102 -11.46 0.34 -11.59
CA VAL A 102 -10.65 0.87 -10.51
C VAL A 102 -10.33 -0.21 -9.47
N VAL A 103 -11.29 -1.08 -9.17
CA VAL A 103 -11.09 -2.15 -8.20
C VAL A 103 -9.98 -3.10 -8.64
N SER A 104 -9.99 -3.47 -9.92
CA SER A 104 -8.96 -4.37 -10.44
C SER A 104 -7.59 -3.70 -10.44
N ASN A 105 -7.56 -2.38 -10.65
CA ASN A 105 -6.31 -1.63 -10.56
C ASN A 105 -5.79 -1.63 -9.14
N LEU A 106 -6.72 -1.44 -8.21
CA LEU A 106 -6.39 -1.37 -6.79
C LEU A 106 -5.74 -2.65 -6.30
N LYS A 107 -6.13 -3.79 -6.88
CA LYS A 107 -5.54 -5.06 -6.51
C LYS A 107 -4.05 -5.06 -6.83
N GLY A 108 -3.68 -4.43 -7.93
CA GLY A 108 -2.29 -4.38 -8.34
C GLY A 108 -1.39 -3.80 -7.27
N ILE A 109 -1.76 -2.63 -6.77
CA ILE A 109 -0.97 -1.95 -5.77
C ILE A 109 -1.11 -2.64 -4.40
N SER A 110 -2.33 -3.06 -4.06
CA SER A 110 -2.57 -3.66 -2.75
C SER A 110 -1.82 -5.00 -2.61
N MET A 111 -1.88 -5.83 -3.64
CA MET A 111 -1.16 -7.10 -3.63
C MET A 111 0.34 -6.87 -3.54
N SER A 112 0.85 -5.96 -4.35
CA SER A 112 2.29 -5.67 -4.35
C SER A 112 2.74 -5.10 -3.00
N SER A 113 1.87 -4.32 -2.37
CA SER A 113 2.19 -3.75 -1.06
C SER A 113 2.31 -4.86 -0.03
N SER A 114 1.45 -5.85 -0.19
CA SER A 114 1.46 -7.03 0.65
C SER A 114 2.76 -7.82 0.43
N LYS A 115 3.09 -8.03 -0.85
CA LYS A 115 4.29 -8.77 -1.23
C LYS A 115 5.55 -8.06 -0.70
N LEU A 116 5.53 -6.74 -0.75
CA LEU A 116 6.62 -5.91 -0.26
C LEU A 116 6.86 -6.15 1.23
N LEU A 117 5.80 -6.01 2.01
CA LEU A 117 5.90 -6.20 3.46
C LEU A 117 6.25 -7.64 3.80
N LEU A 118 5.82 -8.57 2.96
CA LEU A 118 6.19 -9.98 3.13
C LEU A 118 7.70 -10.13 3.07
N ALA A 119 8.32 -9.48 2.08
CA ALA A 119 9.76 -9.51 1.93
C ALA A 119 10.44 -8.83 3.11
N ALA A 120 9.85 -7.73 3.57
CA ALA A 120 10.38 -6.99 4.71
C ALA A 120 10.33 -7.85 5.97
N LYS A 121 9.21 -8.53 6.17
CA LYS A 121 9.04 -9.42 7.32
C LYS A 121 10.02 -10.57 7.26
N ALA A 122 10.18 -11.15 6.07
CA ALA A 122 11.12 -12.25 5.88
C ALA A 122 12.55 -11.77 6.10
N LEU A 123 12.79 -10.50 5.78
CA LEU A 123 14.11 -9.91 5.91
C LEU A 123 14.44 -9.68 7.38
N SER A 124 13.42 -9.51 8.20
CA SER A 124 13.60 -9.39 9.64
C SER A 124 14.19 -10.68 10.19
N THR A 125 13.68 -11.80 9.72
CA THR A 125 14.15 -13.10 10.13
C THR A 125 15.44 -13.48 9.40
N ASP A 126 15.52 -13.16 8.11
CA ASP A 126 16.71 -13.43 7.31
C ASP A 126 17.29 -12.15 6.74
N PRO A 127 18.14 -11.46 7.49
CA PRO A 127 18.72 -10.19 7.07
C PRO A 127 20.03 -10.37 6.31
N ALA A 128 20.43 -11.61 6.09
CA ALA A 128 21.69 -11.89 5.41
C ALA A 128 21.45 -12.39 3.98
N SER A 129 20.24 -12.24 3.50
CA SER A 129 19.89 -12.66 2.15
C SER A 129 19.90 -11.46 1.21
N PRO A 130 20.95 -11.32 0.38
CA PRO A 130 21.07 -10.21 -0.57
C PRO A 130 19.96 -10.22 -1.61
N ASN A 131 19.53 -11.43 -1.97
CA ASN A 131 18.45 -11.60 -2.93
C ASN A 131 17.15 -11.02 -2.38
N LEU A 132 16.95 -11.18 -1.08
CA LEU A 132 15.73 -10.70 -0.45
C LEU A 132 15.70 -9.16 -0.44
N LYS A 133 16.88 -8.55 -0.32
CA LYS A 133 17.00 -7.09 -0.45
C LYS A 133 16.54 -6.65 -1.83
N SER A 134 16.91 -7.43 -2.84
CA SER A 134 16.55 -7.14 -4.21
C SER A 134 15.06 -7.36 -4.44
N GLN A 135 14.52 -8.45 -3.89
CA GLN A 135 13.10 -8.75 -4.01
C GLN A 135 12.25 -7.68 -3.33
N LEU A 136 12.71 -7.23 -2.16
CA LEU A 136 12.01 -6.18 -1.42
C LEU A 136 11.92 -4.92 -2.27
N ALA A 137 13.07 -4.47 -2.77
CA ALA A 137 13.11 -3.26 -3.61
C ALA A 137 12.24 -3.44 -4.85
N ALA A 138 12.23 -4.65 -5.39
CA ALA A 138 11.44 -4.97 -6.57
C ALA A 138 9.95 -4.84 -6.27
N ALA A 139 9.52 -5.46 -5.19
CA ALA A 139 8.12 -5.39 -4.79
C ALA A 139 7.70 -3.97 -4.46
N ALA A 140 8.62 -3.23 -3.85
CA ALA A 140 8.37 -1.82 -3.54
C ALA A 140 8.11 -1.02 -4.81
N ARG A 141 8.94 -1.23 -5.83
CA ARG A 141 8.79 -0.53 -7.09
C ARG A 141 7.53 -0.99 -7.82
N ALA A 142 7.12 -2.23 -7.58
CA ALA A 142 5.87 -2.74 -8.12
C ALA A 142 4.70 -1.98 -7.53
N VAL A 143 4.79 -1.69 -6.23
CA VAL A 143 3.82 -0.85 -5.55
C VAL A 143 3.81 0.54 -6.18
N THR A 144 5.00 1.12 -6.31
CA THR A 144 5.18 2.44 -6.90
C THR A 144 4.52 2.55 -8.27
N ASP A 145 4.77 1.56 -9.12
CA ASP A 145 4.20 1.52 -10.47
C ASP A 145 2.67 1.56 -10.42
N SER A 146 2.09 0.63 -9.67
CA SER A 146 0.64 0.53 -9.58
C SER A 146 0.04 1.81 -9.00
N ILE A 147 0.72 2.40 -8.02
CA ILE A 147 0.29 3.68 -7.45
C ILE A 147 0.24 4.75 -8.54
N ASN A 148 1.34 4.89 -9.28
CA ASN A 148 1.43 5.90 -10.33
C ASN A 148 0.34 5.72 -11.37
N GLN A 149 0.13 4.49 -11.83
CA GLN A 149 -0.89 4.22 -12.84
C GLN A 149 -2.27 4.61 -12.33
N LEU A 150 -2.56 4.25 -11.08
CA LEU A 150 -3.85 4.55 -10.47
C LEU A 150 -4.08 6.05 -10.44
N ILE A 151 -3.04 6.78 -10.06
CA ILE A 151 -3.13 8.23 -9.94
C ILE A 151 -3.23 8.90 -11.30
N THR A 152 -2.54 8.34 -12.30
CA THR A 152 -2.58 8.88 -13.65
C THR A 152 -3.93 8.62 -14.32
N MET A 153 -4.62 7.56 -13.90
CA MET A 153 -5.93 7.26 -14.45
C MET A 153 -7.01 8.12 -13.82
N CYS A 154 -6.88 8.41 -12.53
CA CYS A 154 -7.85 9.27 -11.85
C CYS A 154 -7.51 10.75 -12.06
N THR A 155 -6.23 11.04 -12.04
CA THR A 155 -5.75 12.40 -12.25
C THR A 155 -5.03 12.50 -13.59
N GLN A 156 -5.75 12.95 -14.61
CA GLN A 156 -5.19 13.10 -15.94
C GLN A 156 -4.33 14.35 -16.00
N GLN A 157 -3.19 14.25 -16.67
CA GLN A 157 -2.28 15.37 -16.82
C GLN A 157 -2.38 15.90 -18.25
N ALA A 158 -2.94 17.08 -18.39
CA ALA A 158 -3.13 17.68 -19.70
C ALA A 158 -2.91 19.19 -19.64
N GLY A 1 -0.68 -3.06 22.99
CA GLY A 1 -0.53 -4.51 23.24
C GLY A 1 0.92 -4.95 23.24
N ILE A 2 1.38 -5.51 24.36
CA ILE A 2 2.75 -6.00 24.47
C ILE A 2 2.97 -7.19 23.53
N ASP A 3 4.02 -7.10 22.74
CA ASP A 3 4.35 -8.13 21.79
C ASP A 3 5.76 -7.88 21.26
N PRO A 4 6.52 -8.94 20.91
CA PRO A 4 7.86 -8.79 20.33
C PRO A 4 7.89 -7.81 19.16
N PHE A 5 8.50 -6.66 19.38
CA PHE A 5 8.52 -5.61 18.38
C PHE A 5 9.45 -5.96 17.23
N THR A 6 9.59 -5.03 16.28
CA THR A 6 10.36 -5.26 15.06
C THR A 6 9.62 -6.20 14.13
N GLN A 7 9.48 -7.46 14.56
CA GLN A 7 8.73 -8.45 13.79
C GLN A 7 7.24 -8.16 13.87
N ARG A 8 6.80 -7.55 14.97
CA ARG A 8 5.40 -7.15 15.09
C ARG A 8 5.14 -5.92 14.24
N ASP A 9 6.09 -4.99 14.24
CA ASP A 9 5.97 -3.76 13.47
C ASP A 9 5.81 -4.05 11.99
N VAL A 10 6.48 -5.09 11.51
CA VAL A 10 6.39 -5.45 10.11
C VAL A 10 5.13 -6.25 9.83
N ASP A 11 4.75 -7.15 10.74
CA ASP A 11 3.60 -8.02 10.52
C ASP A 11 2.29 -7.28 10.76
N ASN A 12 2.30 -6.30 11.66
CA ASN A 12 1.12 -5.52 11.97
C ASN A 12 0.64 -4.75 10.74
N ALA A 13 1.60 -4.41 9.87
CA ALA A 13 1.28 -3.71 8.65
C ALA A 13 0.47 -4.60 7.72
N LEU A 14 0.88 -5.86 7.59
CA LEU A 14 0.15 -6.82 6.77
C LEU A 14 -1.24 -7.06 7.35
N ARG A 15 -1.33 -7.03 8.67
CA ARG A 15 -2.60 -7.16 9.36
C ARG A 15 -3.57 -6.08 8.87
N ALA A 16 -3.05 -4.86 8.76
CA ALA A 16 -3.85 -3.73 8.28
C ALA A 16 -4.15 -3.87 6.78
N VAL A 17 -3.14 -4.23 6.00
CA VAL A 17 -3.29 -4.41 4.56
C VAL A 17 -4.35 -5.47 4.25
N GLY A 18 -4.23 -6.60 4.93
CA GLY A 18 -5.18 -7.69 4.73
C GLY A 18 -6.58 -7.33 5.17
N ASP A 19 -6.70 -6.63 6.29
CA ASP A 19 -8.00 -6.23 6.80
C ASP A 19 -8.63 -5.21 5.86
N ALA A 20 -7.83 -4.24 5.41
CA ALA A 20 -8.29 -3.20 4.51
C ALA A 20 -8.84 -3.79 3.23
N SER A 21 -8.25 -4.89 2.79
CA SER A 21 -8.71 -5.57 1.58
C SER A 21 -10.18 -5.99 1.71
N LYS A 22 -10.48 -6.71 2.78
CA LYS A 22 -11.84 -7.21 3.00
C LYS A 22 -12.76 -6.09 3.51
N ARG A 23 -12.16 -5.11 4.15
CA ARG A 23 -12.90 -3.99 4.73
C ARG A 23 -13.43 -3.06 3.64
N LEU A 24 -12.75 -3.05 2.50
CA LEU A 24 -13.06 -2.08 1.46
C LEU A 24 -13.68 -2.74 0.24
N LEU A 25 -13.01 -3.74 -0.31
CA LEU A 25 -13.43 -4.35 -1.58
C LEU A 25 -14.85 -4.92 -1.50
N SER A 26 -14.99 -6.07 -0.85
CA SER A 26 -16.29 -6.72 -0.69
C SER A 26 -16.98 -6.90 -2.05
N ASP A 27 -18.30 -6.97 -2.04
CA ASP A 27 -19.07 -7.03 -3.28
C ASP A 27 -20.17 -5.97 -3.24
N LEU A 28 -20.45 -5.38 -4.41
CA LEU A 28 -21.50 -4.36 -4.57
C LEU A 28 -21.24 -3.14 -3.70
N LEU A 29 -20.61 -2.14 -4.29
CA LEU A 29 -20.37 -0.88 -3.61
C LEU A 29 -21.08 0.26 -4.33
N PRO A 30 -22.18 0.77 -3.74
CA PRO A 30 -22.96 1.86 -4.34
C PRO A 30 -22.18 3.17 -4.37
N PRO A 31 -22.26 3.90 -5.50
CA PRO A 31 -21.59 5.19 -5.65
C PRO A 31 -22.34 6.31 -4.93
N SER A 32 -21.60 7.32 -4.50
CA SER A 32 -22.19 8.48 -3.85
C SER A 32 -21.86 9.76 -4.63
N THR A 33 -22.26 10.89 -4.12
CA THR A 33 -21.99 12.17 -4.76
C THR A 33 -21.03 13.01 -3.93
N GLY A 34 -20.36 13.95 -4.58
CA GLY A 34 -19.39 14.80 -3.90
C GLY A 34 -18.02 14.14 -3.75
N THR A 35 -18.04 12.90 -3.28
CA THR A 35 -16.84 12.12 -3.06
C THR A 35 -15.95 11.98 -4.30
N PHE A 36 -16.52 12.25 -5.47
CA PHE A 36 -15.76 12.17 -6.73
C PHE A 36 -14.46 12.95 -6.65
N GLN A 37 -14.58 14.28 -6.56
CA GLN A 37 -13.41 15.14 -6.48
C GLN A 37 -12.85 15.12 -5.06
N GLU A 38 -13.70 14.76 -4.11
CA GLU A 38 -13.30 14.60 -2.72
C GLU A 38 -12.17 13.57 -2.61
N ALA A 39 -12.36 12.44 -3.27
CA ALA A 39 -11.37 11.37 -3.25
C ALA A 39 -10.22 11.66 -4.20
N GLN A 40 -10.51 12.43 -5.26
CA GLN A 40 -9.51 12.78 -6.25
C GLN A 40 -8.30 13.46 -5.60
N SER A 41 -8.55 14.51 -4.84
CA SER A 41 -7.50 15.25 -4.19
C SER A 41 -6.78 14.40 -3.15
N ARG A 42 -7.54 13.56 -2.44
CA ARG A 42 -6.97 12.80 -1.34
C ARG A 42 -6.13 11.63 -1.85
N LEU A 43 -6.48 11.13 -3.04
CA LEU A 43 -5.69 10.09 -3.70
C LEU A 43 -4.27 10.60 -3.96
N ASN A 44 -4.18 11.81 -4.48
CA ASN A 44 -2.90 12.40 -4.85
C ASN A 44 -2.02 12.63 -3.63
N GLU A 45 -2.65 13.09 -2.55
CA GLU A 45 -1.93 13.37 -1.32
C GLU A 45 -1.40 12.08 -0.68
N ALA A 46 -2.26 11.08 -0.56
CA ALA A 46 -1.90 9.82 0.05
C ALA A 46 -0.86 9.08 -0.78
N ALA A 47 -0.96 9.22 -2.10
CA ALA A 47 -0.03 8.58 -3.03
C ALA A 47 1.40 9.02 -2.76
N ALA A 48 1.61 10.33 -2.72
CA ALA A 48 2.94 10.88 -2.51
C ALA A 48 3.56 10.38 -1.20
N GLY A 49 2.71 10.24 -0.18
CA GLY A 49 3.17 9.74 1.09
C GLY A 49 3.56 8.27 1.03
N LEU A 50 2.72 7.47 0.38
CA LEU A 50 2.96 6.04 0.26
C LEU A 50 4.18 5.76 -0.62
N ASN A 51 4.41 6.63 -1.61
CA ASN A 51 5.60 6.54 -2.46
C ASN A 51 6.86 6.51 -1.61
N GLN A 52 6.97 7.48 -0.70
CA GLN A 52 8.15 7.61 0.14
C GLN A 52 8.16 6.49 1.19
N ALA A 53 6.98 6.09 1.64
CA ALA A 53 6.86 4.99 2.61
C ALA A 53 7.49 3.71 2.06
N ALA A 54 7.24 3.44 0.78
CA ALA A 54 7.85 2.29 0.11
C ALA A 54 9.36 2.48 -0.02
N THR A 55 9.76 3.73 -0.18
CA THR A 55 11.17 4.08 -0.31
C THR A 55 11.92 3.74 0.98
N GLU A 56 11.26 3.92 2.12
CA GLU A 56 11.86 3.65 3.42
C GLU A 56 12.25 2.18 3.55
N LEU A 57 11.36 1.28 3.10
CA LEU A 57 11.65 -0.14 3.17
C LEU A 57 12.88 -0.49 2.33
N VAL A 58 13.02 0.16 1.18
CA VAL A 58 14.16 -0.06 0.30
C VAL A 58 15.46 0.29 1.02
N GLN A 59 15.52 1.49 1.57
CA GLN A 59 16.71 1.96 2.27
C GLN A 59 16.97 1.11 3.51
N ALA A 60 15.90 0.80 4.24
CA ALA A 60 15.99 0.02 5.46
C ALA A 60 16.60 -1.35 5.21
N SER A 61 16.21 -1.97 4.11
CA SER A 61 16.67 -3.31 3.77
C SER A 61 18.19 -3.37 3.61
N ARG A 62 18.77 -2.27 3.18
CA ARG A 62 20.20 -2.21 2.95
C ARG A 62 20.92 -1.60 4.15
N GLY A 63 20.17 -1.31 5.20
CA GLY A 63 20.74 -0.68 6.37
C GLY A 63 20.64 -1.55 7.61
N THR A 64 19.43 -1.70 8.13
CA THR A 64 19.22 -2.46 9.36
C THR A 64 17.79 -2.97 9.44
N PRO A 65 17.62 -4.25 9.83
CA PRO A 65 16.31 -4.89 9.98
C PRO A 65 15.37 -4.12 10.90
N GLN A 66 15.94 -3.43 11.88
CA GLN A 66 15.16 -2.70 12.88
C GLN A 66 14.50 -1.47 12.25
N ASP A 67 15.03 -1.02 11.12
CA ASP A 67 14.48 0.15 10.45
C ASP A 67 13.24 -0.24 9.65
N LEU A 68 13.24 -1.47 9.13
CA LEU A 68 12.10 -2.00 8.40
C LEU A 68 10.86 -2.01 9.28
N ALA A 69 11.08 -2.26 10.56
CA ALA A 69 10.00 -2.29 11.54
C ALA A 69 9.25 -0.97 11.57
N ARG A 70 9.97 0.12 11.77
CA ARG A 70 9.35 1.44 11.85
C ARG A 70 8.82 1.86 10.49
N ALA A 71 9.53 1.47 9.43
CA ALA A 71 9.10 1.75 8.07
C ALA A 71 7.79 1.05 7.77
N SER A 72 7.64 -0.16 8.31
CA SER A 72 6.44 -0.96 8.11
C SER A 72 5.22 -0.27 8.71
N GLY A 73 5.40 0.31 9.88
CA GLY A 73 4.29 0.96 10.54
C GLY A 73 3.78 2.16 9.76
N ARG A 74 4.69 2.87 9.13
CA ARG A 74 4.34 4.03 8.33
C ARG A 74 3.69 3.57 7.02
N PHE A 75 4.35 2.64 6.33
CA PHE A 75 3.88 2.12 5.06
C PHE A 75 2.47 1.55 5.22
N GLY A 76 2.28 0.72 6.24
CA GLY A 76 0.99 0.11 6.47
C GLY A 76 -0.11 1.12 6.71
N GLN A 77 0.20 2.20 7.43
CA GLN A 77 -0.77 3.22 7.75
C GLN A 77 -1.13 4.03 6.50
N ASP A 78 -0.12 4.54 5.81
CA ASP A 78 -0.35 5.33 4.60
C ASP A 78 -1.02 4.49 3.52
N PHE A 79 -0.64 3.22 3.46
CA PHE A 79 -1.28 2.29 2.54
C PHE A 79 -2.77 2.18 2.84
N SER A 80 -3.10 2.04 4.12
CA SER A 80 -4.49 1.92 4.54
C SER A 80 -5.30 3.10 3.99
N THR A 81 -4.83 4.30 4.30
CA THR A 81 -5.51 5.51 3.87
C THR A 81 -5.58 5.60 2.35
N PHE A 82 -4.50 5.20 1.68
CA PHE A 82 -4.45 5.21 0.22
C PHE A 82 -5.46 4.22 -0.35
N LEU A 83 -5.48 3.01 0.18
CA LEU A 83 -6.37 1.97 -0.29
C LEU A 83 -7.82 2.34 -0.03
N GLU A 84 -8.11 2.83 1.17
CA GLU A 84 -9.46 3.24 1.54
C GLU A 84 -9.95 4.36 0.63
N ALA A 85 -9.02 5.24 0.25
CA ALA A 85 -9.32 6.33 -0.67
C ALA A 85 -9.54 5.80 -2.09
N GLY A 86 -8.69 4.87 -2.50
CA GLY A 86 -8.81 4.27 -3.82
C GLY A 86 -10.12 3.55 -4.00
N VAL A 87 -10.50 2.74 -3.02
CA VAL A 87 -11.76 2.03 -3.05
C VAL A 87 -12.93 3.01 -2.93
N GLU A 88 -12.67 4.12 -2.24
CA GLU A 88 -13.66 5.17 -2.09
C GLU A 88 -14.07 5.72 -3.45
N MET A 89 -13.08 6.13 -4.25
CA MET A 89 -13.36 6.66 -5.58
C MET A 89 -13.78 5.57 -6.54
N ALA A 90 -13.35 4.34 -6.27
CA ALA A 90 -13.83 3.19 -7.02
C ALA A 90 -15.34 3.10 -6.87
N GLY A 91 -15.80 3.29 -5.64
CA GLY A 91 -17.22 3.28 -5.35
C GLY A 91 -17.88 4.62 -5.61
N GLN A 92 -17.37 5.36 -6.59
CA GLN A 92 -18.01 6.59 -7.05
C GLN A 92 -18.43 6.41 -8.50
N ALA A 93 -17.92 5.35 -9.11
CA ALA A 93 -18.27 5.00 -10.48
C ALA A 93 -19.73 4.57 -10.54
N PRO A 94 -20.52 5.16 -11.47
CA PRO A 94 -21.95 4.87 -11.61
C PRO A 94 -22.19 3.41 -11.98
N SER A 95 -21.28 2.85 -12.78
CA SER A 95 -21.37 1.46 -13.16
C SER A 95 -20.60 0.60 -12.17
N GLN A 96 -21.26 -0.42 -11.62
CA GLN A 96 -20.63 -1.29 -10.64
C GLN A 96 -19.50 -2.10 -11.25
N GLU A 97 -19.59 -2.36 -12.55
CA GLU A 97 -18.52 -3.06 -13.26
C GLU A 97 -17.36 -2.10 -13.52
N ASP A 98 -17.68 -0.83 -13.76
CA ASP A 98 -16.65 0.19 -13.95
C ASP A 98 -15.93 0.42 -12.62
N ARG A 99 -16.70 0.31 -11.54
CA ARG A 99 -16.16 0.31 -10.20
C ARG A 99 -15.11 -0.79 -10.05
N ALA A 100 -15.44 -1.97 -10.59
CA ALA A 100 -14.55 -3.12 -10.53
C ALA A 100 -13.29 -2.88 -11.35
N GLN A 101 -13.39 -2.06 -12.39
CA GLN A 101 -12.22 -1.69 -13.18
C GLN A 101 -11.19 -1.02 -12.28
N VAL A 102 -11.64 -0.05 -11.50
CA VAL A 102 -10.77 0.63 -10.57
C VAL A 102 -10.17 -0.37 -9.58
N VAL A 103 -11.02 -1.25 -9.07
CA VAL A 103 -10.60 -2.30 -8.15
C VAL A 103 -9.50 -3.17 -8.76
N SER A 104 -9.63 -3.46 -10.05
CA SER A 104 -8.66 -4.26 -10.77
C SER A 104 -7.29 -3.57 -10.77
N ASN A 105 -7.31 -2.24 -10.85
CA ASN A 105 -6.09 -1.45 -10.80
C ASN A 105 -5.59 -1.37 -9.37
N LEU A 106 -6.54 -1.21 -8.45
CA LEU A 106 -6.24 -1.07 -7.03
C LEU A 106 -5.55 -2.31 -6.48
N LYS A 107 -5.94 -3.48 -6.96
CA LYS A 107 -5.31 -4.72 -6.50
C LYS A 107 -3.85 -4.75 -6.92
N GLY A 108 -3.54 -4.08 -8.02
CA GLY A 108 -2.18 -4.02 -8.51
C GLY A 108 -1.25 -3.42 -7.49
N ILE A 109 -1.66 -2.32 -6.89
CA ILE A 109 -0.83 -1.65 -5.89
C ILE A 109 -0.99 -2.32 -4.51
N SER A 110 -2.21 -2.69 -4.16
CA SER A 110 -2.48 -3.26 -2.84
C SER A 110 -1.79 -4.61 -2.67
N MET A 111 -1.92 -5.48 -3.65
CA MET A 111 -1.30 -6.79 -3.59
C MET A 111 0.22 -6.67 -3.65
N SER A 112 0.72 -5.74 -4.45
CA SER A 112 2.16 -5.50 -4.53
C SER A 112 2.69 -4.99 -3.20
N SER A 113 1.88 -4.21 -2.48
CA SER A 113 2.25 -3.71 -1.16
C SER A 113 2.35 -4.88 -0.18
N SER A 114 1.42 -5.80 -0.34
CA SER A 114 1.43 -7.03 0.42
C SER A 114 2.69 -7.84 0.11
N LYS A 115 2.98 -7.98 -1.18
CA LYS A 115 4.19 -8.68 -1.65
C LYS A 115 5.45 -8.04 -1.05
N LEU A 116 5.46 -6.71 -1.04
CA LEU A 116 6.58 -5.95 -0.48
C LEU A 116 6.75 -6.24 1.00
N LEU A 117 5.66 -6.13 1.74
CA LEU A 117 5.69 -6.34 3.18
C LEU A 117 6.02 -7.79 3.53
N LEU A 118 5.64 -8.72 2.66
CA LEU A 118 6.00 -10.14 2.83
C LEU A 118 7.51 -10.29 2.91
N ALA A 119 8.21 -9.65 1.99
CA ALA A 119 9.67 -9.69 1.97
C ALA A 119 10.24 -8.92 3.15
N ALA A 120 9.58 -7.81 3.50
CA ALA A 120 10.01 -6.98 4.61
C ALA A 120 10.04 -7.77 5.92
N LYS A 121 8.97 -8.52 6.19
CA LYS A 121 8.91 -9.34 7.39
C LYS A 121 10.05 -10.35 7.41
N ALA A 122 10.17 -11.08 6.31
CA ALA A 122 11.19 -12.12 6.19
C ALA A 122 12.57 -11.53 6.38
N LEU A 123 12.83 -10.40 5.74
CA LEU A 123 14.15 -9.78 5.77
C LEU A 123 14.52 -9.30 7.17
N SER A 124 13.52 -8.95 7.95
CA SER A 124 13.75 -8.47 9.31
C SER A 124 14.16 -9.62 10.23
N THR A 125 13.98 -10.85 9.78
CA THR A 125 14.40 -12.01 10.54
C THR A 125 15.31 -12.91 9.70
N ASP A 126 15.74 -12.39 8.56
CA ASP A 126 16.57 -13.15 7.64
C ASP A 126 17.37 -12.19 6.73
N PRO A 127 18.16 -11.28 7.33
CA PRO A 127 18.83 -10.22 6.60
C PRO A 127 20.16 -10.65 6.00
N ALA A 128 20.38 -11.95 5.91
CA ALA A 128 21.60 -12.46 5.30
C ALA A 128 21.37 -12.89 3.86
N SER A 129 20.11 -12.89 3.45
CA SER A 129 19.73 -13.34 2.12
C SER A 129 19.72 -12.19 1.12
N PRO A 130 20.71 -12.16 0.20
CA PRO A 130 20.82 -11.11 -0.81
C PRO A 130 19.61 -11.09 -1.76
N ASN A 131 19.09 -12.28 -2.04
CA ASN A 131 17.90 -12.42 -2.87
C ASN A 131 16.70 -11.71 -2.25
N LEU A 132 16.69 -11.65 -0.92
CA LEU A 132 15.58 -11.05 -0.21
C LEU A 132 15.68 -9.52 -0.28
N LYS A 133 16.90 -9.00 -0.26
CA LYS A 133 17.12 -7.57 -0.48
C LYS A 133 16.69 -7.20 -1.90
N SER A 134 16.98 -8.09 -2.83
CA SER A 134 16.66 -7.88 -4.23
C SER A 134 15.15 -7.86 -4.46
N GLN A 135 14.45 -8.86 -3.92
CA GLN A 135 13.01 -8.93 -4.05
C GLN A 135 12.33 -7.74 -3.39
N LEU A 136 12.88 -7.29 -2.27
CA LEU A 136 12.35 -6.14 -1.55
C LEU A 136 12.29 -4.93 -2.48
N ALA A 137 13.42 -4.61 -3.09
CA ALA A 137 13.50 -3.48 -4.00
C ALA A 137 12.55 -3.67 -5.18
N ALA A 138 12.44 -4.90 -5.66
CA ALA A 138 11.59 -5.22 -6.80
C ALA A 138 10.11 -5.00 -6.45
N ALA A 139 9.72 -5.48 -5.28
CA ALA A 139 8.35 -5.32 -4.82
C ALA A 139 8.04 -3.87 -4.52
N ALA A 140 9.01 -3.16 -3.96
CA ALA A 140 8.86 -1.74 -3.66
C ALA A 140 8.64 -0.94 -4.94
N ARG A 141 9.38 -1.31 -5.98
CA ARG A 141 9.21 -0.70 -7.29
C ARG A 141 7.84 -1.01 -7.86
N ALA A 142 7.38 -2.23 -7.61
CA ALA A 142 6.05 -2.65 -8.04
C ALA A 142 4.99 -1.79 -7.37
N VAL A 143 5.13 -1.59 -6.06
CA VAL A 143 4.19 -0.76 -5.31
C VAL A 143 4.20 0.67 -5.83
N THR A 144 5.40 1.25 -5.92
CA THR A 144 5.55 2.65 -6.30
C THR A 144 5.00 2.91 -7.71
N ASP A 145 5.35 2.03 -8.64
CA ASP A 145 4.90 2.17 -10.02
C ASP A 145 3.38 2.02 -10.14
N SER A 146 2.82 1.11 -9.36
CA SER A 146 1.38 0.89 -9.38
C SER A 146 0.64 2.12 -8.83
N ILE A 147 1.23 2.75 -7.82
CA ILE A 147 0.68 3.98 -7.26
C ILE A 147 0.58 5.05 -8.34
N ASN A 148 1.71 5.28 -9.02
CA ASN A 148 1.79 6.29 -10.07
C ASN A 148 0.78 6.02 -11.18
N GLN A 149 0.68 4.75 -11.57
CA GLN A 149 -0.24 4.35 -12.63
C GLN A 149 -1.69 4.64 -12.25
N LEU A 150 -2.03 4.35 -10.99
CA LEU A 150 -3.39 4.55 -10.51
C LEU A 150 -3.69 6.05 -10.45
N ILE A 151 -2.76 6.81 -9.90
CA ILE A 151 -2.93 8.25 -9.76
C ILE A 151 -3.04 8.93 -11.12
N THR A 152 -2.21 8.49 -12.06
CA THR A 152 -2.27 9.02 -13.42
C THR A 152 -3.66 8.86 -14.00
N MET A 153 -4.16 7.62 -14.01
CA MET A 153 -5.44 7.29 -14.61
C MET A 153 -6.59 8.07 -13.98
N CYS A 154 -6.60 8.14 -12.65
CA CYS A 154 -7.72 8.73 -11.93
C CYS A 154 -7.82 10.24 -12.15
N THR A 155 -6.68 10.92 -12.17
CA THR A 155 -6.68 12.37 -12.28
C THR A 155 -6.75 12.84 -13.74
N GLN A 156 -6.70 11.90 -14.67
CA GLN A 156 -6.83 12.23 -16.09
C GLN A 156 -8.18 12.86 -16.40
N GLN A 157 -9.24 12.20 -15.94
CA GLN A 157 -10.59 12.71 -16.15
C GLN A 157 -10.93 13.75 -15.10
N ALA A 158 -10.70 15.01 -15.45
CA ALA A 158 -10.97 16.12 -14.55
C ALA A 158 -12.23 16.84 -14.98
N GLY A 1 7.88 -4.66 24.95
CA GLY A 1 7.80 -5.34 26.26
C GLY A 1 8.34 -6.76 26.20
N ILE A 2 7.43 -7.74 26.25
CA ILE A 2 7.80 -9.15 26.13
C ILE A 2 7.82 -9.55 24.66
N ASP A 3 7.96 -8.56 23.81
CA ASP A 3 7.85 -8.72 22.38
C ASP A 3 8.99 -7.99 21.67
N PRO A 4 9.47 -8.55 20.56
CA PRO A 4 10.40 -7.86 19.69
C PRO A 4 9.67 -6.86 18.80
N PHE A 5 9.50 -5.64 19.31
CA PHE A 5 8.77 -4.61 18.60
C PHE A 5 9.48 -4.24 17.29
N THR A 6 10.77 -4.56 17.22
CA THR A 6 11.57 -4.25 16.04
C THR A 6 11.19 -5.11 14.84
N GLN A 7 10.32 -6.09 15.06
CA GLN A 7 9.84 -6.93 13.96
C GLN A 7 8.32 -6.90 13.86
N ARG A 8 7.63 -6.67 14.98
CA ARG A 8 6.17 -6.69 15.02
C ARG A 8 5.53 -5.75 14.00
N ASP A 9 6.24 -4.69 13.62
CA ASP A 9 5.72 -3.71 12.67
C ASP A 9 5.47 -4.31 11.30
N VAL A 10 6.25 -5.33 10.93
CA VAL A 10 6.06 -5.98 9.64
C VAL A 10 4.82 -6.87 9.68
N ASP A 11 4.48 -7.32 10.89
CA ASP A 11 3.29 -8.14 11.09
C ASP A 11 2.05 -7.28 11.15
N ASN A 12 2.14 -6.18 11.89
CA ASN A 12 1.04 -5.25 12.05
C ASN A 12 0.72 -4.56 10.72
N ALA A 13 1.74 -4.38 9.90
CA ALA A 13 1.57 -3.83 8.56
C ALA A 13 0.70 -4.76 7.72
N LEU A 14 0.94 -6.06 7.85
CA LEU A 14 0.17 -7.06 7.13
C LEU A 14 -1.27 -7.06 7.60
N ARG A 15 -1.46 -6.91 8.91
CA ARG A 15 -2.80 -6.87 9.48
C ARG A 15 -3.58 -5.70 8.87
N ALA A 16 -2.91 -4.57 8.70
CA ALA A 16 -3.53 -3.40 8.10
C ALA A 16 -3.92 -3.68 6.65
N VAL A 17 -2.96 -4.13 5.85
CA VAL A 17 -3.20 -4.42 4.44
C VAL A 17 -4.25 -5.51 4.27
N GLY A 18 -4.11 -6.57 5.05
CA GLY A 18 -5.03 -7.70 4.97
C GLY A 18 -6.45 -7.31 5.30
N ASP A 19 -6.64 -6.60 6.39
CA ASP A 19 -7.98 -6.20 6.81
C ASP A 19 -8.57 -5.17 5.86
N ALA A 20 -7.74 -4.20 5.45
CA ALA A 20 -8.20 -3.14 4.57
C ALA A 20 -8.66 -3.69 3.23
N SER A 21 -7.87 -4.62 2.66
CA SER A 21 -8.20 -5.19 1.37
C SER A 21 -9.53 -5.94 1.42
N LYS A 22 -9.80 -6.59 2.54
CA LYS A 22 -11.06 -7.32 2.73
C LYS A 22 -12.21 -6.35 2.96
N ARG A 23 -12.01 -5.42 3.90
CA ARG A 23 -13.07 -4.52 4.34
C ARG A 23 -13.47 -3.53 3.26
N LEU A 24 -12.52 -3.12 2.43
CA LEU A 24 -12.76 -2.05 1.48
C LEU A 24 -13.14 -2.58 0.09
N LEU A 25 -12.37 -3.54 -0.42
CA LEU A 25 -12.62 -4.08 -1.75
C LEU A 25 -13.80 -5.06 -1.76
N SER A 26 -14.31 -5.34 -0.59
CA SER A 26 -15.46 -6.23 -0.46
C SER A 26 -16.35 -5.78 0.69
N ASP A 27 -17.59 -6.25 0.68
CA ASP A 27 -18.57 -5.93 1.72
C ASP A 27 -18.87 -4.43 1.75
N LEU A 28 -19.42 -3.93 0.64
CA LEU A 28 -19.87 -2.54 0.53
C LEU A 28 -18.71 -1.55 0.41
N LEU A 29 -18.89 -0.54 -0.42
CA LEU A 29 -17.89 0.50 -0.63
C LEU A 29 -18.26 1.75 0.17
N PRO A 30 -17.24 2.47 0.68
CA PRO A 30 -17.45 3.75 1.36
C PRO A 30 -18.08 4.78 0.41
N PRO A 31 -19.29 5.25 0.73
CA PRO A 31 -20.06 6.18 -0.09
C PRO A 31 -20.16 7.60 0.47
N SER A 32 -19.09 8.12 1.07
CA SER A 32 -19.17 9.43 1.72
C SER A 32 -17.80 10.14 1.73
N THR A 33 -17.54 10.90 2.80
CA THR A 33 -16.28 11.65 2.95
C THR A 33 -16.23 12.87 2.03
N GLY A 34 -16.44 12.66 0.75
CA GLY A 34 -16.40 13.75 -0.22
C GLY A 34 -17.42 13.56 -1.31
N THR A 35 -17.55 14.55 -2.18
CA THR A 35 -18.46 14.46 -3.29
C THR A 35 -17.93 13.51 -4.36
N PHE A 36 -16.82 13.89 -4.99
CA PHE A 36 -16.22 13.05 -6.02
C PHE A 36 -14.76 13.44 -6.27
N GLN A 37 -14.50 14.73 -6.50
CA GLN A 37 -13.14 15.18 -6.77
C GLN A 37 -12.29 15.09 -5.52
N GLU A 38 -12.92 15.34 -4.38
CA GLU A 38 -12.23 15.31 -3.10
C GLU A 38 -11.67 13.93 -2.82
N ALA A 39 -12.36 12.90 -3.30
CA ALA A 39 -11.90 11.54 -3.13
C ALA A 39 -10.64 11.30 -3.95
N GLN A 40 -10.58 11.94 -5.10
CA GLN A 40 -9.43 11.84 -5.99
C GLN A 40 -8.24 12.61 -5.41
N SER A 41 -8.50 13.83 -4.95
CA SER A 41 -7.48 14.66 -4.33
C SER A 41 -6.94 13.99 -3.08
N ARG A 42 -7.84 13.33 -2.35
CA ARG A 42 -7.50 12.54 -1.17
C ARG A 42 -6.55 11.41 -1.56
N LEU A 43 -6.87 10.77 -2.68
CA LEU A 43 -6.04 9.70 -3.22
C LEU A 43 -4.69 10.23 -3.67
N ASN A 44 -4.67 11.43 -4.24
CA ASN A 44 -3.44 12.04 -4.73
C ASN A 44 -2.42 12.22 -3.60
N GLU A 45 -2.89 12.68 -2.45
CA GLU A 45 -2.01 12.85 -1.29
C GLU A 45 -1.61 11.49 -0.74
N ALA A 46 -2.57 10.56 -0.75
CA ALA A 46 -2.33 9.22 -0.25
C ALA A 46 -1.25 8.53 -1.06
N ALA A 47 -1.30 8.71 -2.37
CA ALA A 47 -0.33 8.12 -3.28
C ALA A 47 1.09 8.57 -2.93
N ALA A 48 1.28 9.88 -2.82
CA ALA A 48 2.59 10.44 -2.53
C ALA A 48 3.11 9.95 -1.17
N GLY A 49 2.19 9.70 -0.25
CA GLY A 49 2.57 9.19 1.05
C GLY A 49 3.03 7.74 0.97
N LEU A 50 2.21 6.91 0.34
CA LEU A 50 2.51 5.49 0.20
C LEU A 50 3.76 5.28 -0.65
N ASN A 51 3.97 6.16 -1.62
CA ASN A 51 5.19 6.12 -2.43
C ASN A 51 6.41 6.23 -1.54
N GLN A 52 6.34 7.10 -0.54
CA GLN A 52 7.43 7.25 0.41
C GLN A 52 7.48 6.05 1.34
N ALA A 53 6.32 5.54 1.74
CA ALA A 53 6.24 4.37 2.59
C ALA A 53 6.99 3.19 1.99
N ALA A 54 6.76 2.96 0.69
CA ALA A 54 7.49 1.91 -0.02
C ALA A 54 8.96 2.27 -0.13
N THR A 55 9.23 3.55 -0.34
CA THR A 55 10.59 4.06 -0.41
C THR A 55 11.37 3.79 0.87
N GLU A 56 10.70 3.94 2.01
CA GLU A 56 11.33 3.72 3.30
C GLU A 56 11.70 2.25 3.49
N LEU A 57 10.94 1.35 2.87
CA LEU A 57 11.29 -0.07 2.89
C LEU A 57 12.49 -0.34 1.99
N VAL A 58 12.62 0.45 0.92
CA VAL A 58 13.75 0.33 0.01
C VAL A 58 15.06 0.59 0.74
N GLN A 59 15.14 1.73 1.41
CA GLN A 59 16.34 2.08 2.18
C GLN A 59 16.54 1.12 3.33
N ALA A 60 15.44 0.73 3.96
CA ALA A 60 15.47 -0.15 5.12
C ALA A 60 16.06 -1.52 4.79
N SER A 61 15.76 -2.02 3.59
CA SER A 61 16.18 -3.36 3.20
C SER A 61 17.69 -3.53 3.27
N ARG A 62 18.42 -2.47 3.01
CA ARG A 62 19.88 -2.54 3.02
C ARG A 62 20.45 -1.74 4.18
N GLY A 63 19.64 -1.52 5.20
CA GLY A 63 20.08 -0.80 6.36
C GLY A 63 19.95 -1.62 7.61
N THR A 64 18.78 -1.58 8.24
CA THR A 64 18.56 -2.28 9.49
C THR A 64 17.12 -2.80 9.59
N PRO A 65 16.91 -3.90 10.32
CA PRO A 65 15.57 -4.42 10.63
C PRO A 65 14.72 -3.39 11.36
N GLN A 66 15.40 -2.52 12.10
CA GLN A 66 14.73 -1.46 12.85
C GLN A 66 14.10 -0.44 11.92
N ASP A 67 14.83 -0.08 10.86
CA ASP A 67 14.30 0.84 9.85
C ASP A 67 13.19 0.14 9.08
N LEU A 68 13.37 -1.17 8.84
CA LEU A 68 12.34 -2.00 8.22
C LEU A 68 11.04 -1.92 9.00
N ALA A 69 11.14 -2.07 10.32
CA ALA A 69 9.97 -1.99 11.19
C ALA A 69 9.29 -0.63 11.08
N ARG A 70 10.07 0.43 11.27
CA ARG A 70 9.53 1.78 11.19
C ARG A 70 8.90 2.03 9.82
N ALA A 71 9.53 1.49 8.79
CA ALA A 71 9.03 1.59 7.43
C ALA A 71 7.74 0.79 7.26
N SER A 72 7.70 -0.41 7.85
CA SER A 72 6.53 -1.27 7.77
C SER A 72 5.32 -0.61 8.42
N GLY A 73 5.54 -0.03 9.60
CA GLY A 73 4.47 0.63 10.31
C GLY A 73 3.87 1.76 9.50
N ARG A 74 4.74 2.56 8.89
CA ARG A 74 4.31 3.65 8.03
C ARG A 74 3.65 3.11 6.76
N PHE A 75 4.26 2.08 6.18
CA PHE A 75 3.75 1.49 4.95
C PHE A 75 2.31 1.00 5.13
N GLY A 76 2.08 0.20 6.16
CA GLY A 76 0.76 -0.31 6.43
C GLY A 76 -0.23 0.80 6.79
N GLN A 77 0.27 1.80 7.51
CA GLN A 77 -0.55 2.92 7.95
C GLN A 77 -0.96 3.79 6.77
N ASP A 78 0.03 4.23 5.99
CA ASP A 78 -0.23 5.09 4.84
C ASP A 78 -1.06 4.36 3.80
N PHE A 79 -0.79 3.06 3.64
CA PHE A 79 -1.55 2.23 2.71
C PHE A 79 -3.02 2.23 3.07
N SER A 80 -3.32 2.22 4.37
CA SER A 80 -4.69 2.26 4.83
C SER A 80 -5.39 3.49 4.27
N THR A 81 -4.77 4.65 4.43
CA THR A 81 -5.32 5.91 3.92
C THR A 81 -5.46 5.86 2.39
N PHE A 82 -4.43 5.32 1.74
CA PHE A 82 -4.44 5.19 0.29
C PHE A 82 -5.61 4.34 -0.20
N LEU A 83 -5.75 3.16 0.39
CA LEU A 83 -6.77 2.22 -0.04
C LEU A 83 -8.17 2.75 0.26
N GLU A 84 -8.33 3.39 1.42
CA GLU A 84 -9.61 3.98 1.81
C GLU A 84 -10.03 5.06 0.82
N ALA A 85 -9.07 5.82 0.34
CA ALA A 85 -9.35 6.85 -0.66
C ALA A 85 -9.72 6.24 -1.99
N GLY A 86 -9.01 5.17 -2.37
CA GLY A 86 -9.25 4.51 -3.63
C GLY A 86 -10.64 3.92 -3.72
N VAL A 87 -11.07 3.21 -2.67
CA VAL A 87 -12.38 2.59 -2.67
C VAL A 87 -13.49 3.64 -2.50
N GLU A 88 -13.14 4.77 -1.91
CA GLU A 88 -14.09 5.87 -1.74
C GLU A 88 -14.52 6.39 -3.10
N MET A 89 -13.55 6.63 -3.98
CA MET A 89 -13.86 7.13 -5.31
C MET A 89 -14.43 6.01 -6.19
N ALA A 90 -14.08 4.78 -5.86
CA ALA A 90 -14.64 3.62 -6.56
C ALA A 90 -16.15 3.56 -6.38
N GLY A 91 -16.63 4.00 -5.22
CA GLY A 91 -18.04 4.02 -4.95
C GLY A 91 -18.77 5.09 -5.73
N GLN A 92 -18.16 6.28 -5.84
CA GLN A 92 -18.79 7.41 -6.51
C GLN A 92 -18.71 7.27 -8.03
N ALA A 93 -17.95 6.27 -8.49
CA ALA A 93 -17.80 6.02 -9.93
C ALA A 93 -19.15 5.90 -10.61
N PRO A 94 -19.35 6.65 -11.71
CA PRO A 94 -20.63 6.69 -12.44
C PRO A 94 -21.07 5.31 -12.92
N SER A 95 -20.29 4.69 -13.79
CA SER A 95 -20.68 3.40 -14.36
C SER A 95 -20.06 2.26 -13.57
N GLN A 96 -20.56 1.05 -13.81
CA GLN A 96 -20.00 -0.13 -13.18
C GLN A 96 -18.64 -0.44 -13.80
N GLU A 97 -18.43 0.05 -15.01
CA GLU A 97 -17.16 -0.13 -15.70
C GLU A 97 -16.09 0.76 -15.10
N ASP A 98 -16.44 1.99 -14.79
CA ASP A 98 -15.52 2.91 -14.13
C ASP A 98 -15.09 2.33 -12.78
N ARG A 99 -16.05 1.78 -12.05
CA ARG A 99 -15.79 1.17 -10.76
C ARG A 99 -14.86 -0.04 -10.92
N ALA A 100 -15.12 -0.87 -11.91
CA ALA A 100 -14.30 -2.04 -12.16
C ALA A 100 -12.89 -1.63 -12.59
N GLN A 101 -12.81 -0.55 -13.36
CA GLN A 101 -11.55 -0.05 -13.89
C GLN A 101 -10.59 0.33 -12.77
N VAL A 102 -11.11 0.97 -11.73
CA VAL A 102 -10.27 1.42 -10.63
C VAL A 102 -9.94 0.26 -9.67
N VAL A 103 -10.93 -0.61 -9.42
CA VAL A 103 -10.76 -1.70 -8.46
C VAL A 103 -9.65 -2.68 -8.87
N SER A 104 -9.51 -2.91 -10.17
CA SER A 104 -8.50 -3.84 -10.66
C SER A 104 -7.09 -3.43 -10.21
N ASN A 105 -6.78 -2.14 -10.34
CA ASN A 105 -5.46 -1.62 -9.96
C ASN A 105 -5.35 -1.59 -8.44
N LEU A 106 -6.48 -1.38 -7.77
CA LEU A 106 -6.50 -1.36 -6.32
C LEU A 106 -6.04 -2.69 -5.75
N LYS A 107 -6.47 -3.79 -6.37
CA LYS A 107 -6.00 -5.11 -5.99
C LYS A 107 -4.51 -5.22 -6.28
N GLY A 108 -4.12 -4.78 -7.48
CA GLY A 108 -2.74 -4.88 -7.90
C GLY A 108 -1.79 -4.24 -6.92
N ILE A 109 -2.07 -3.00 -6.55
CA ILE A 109 -1.22 -2.27 -5.62
C ILE A 109 -1.34 -2.87 -4.22
N SER A 110 -2.53 -3.30 -3.84
CA SER A 110 -2.75 -3.91 -2.53
C SER A 110 -1.93 -5.19 -2.38
N MET A 111 -2.08 -6.09 -3.36
CA MET A 111 -1.35 -7.35 -3.35
C MET A 111 0.15 -7.12 -3.40
N SER A 112 0.57 -6.15 -4.21
CA SER A 112 1.98 -5.80 -4.29
C SER A 112 2.50 -5.33 -2.93
N SER A 113 1.66 -4.59 -2.21
CA SER A 113 2.04 -4.07 -0.89
C SER A 113 2.28 -5.23 0.06
N SER A 114 1.40 -6.20 0.01
CA SER A 114 1.53 -7.43 0.78
C SER A 114 2.82 -8.17 0.41
N LYS A 115 3.05 -8.32 -0.90
CA LYS A 115 4.23 -9.01 -1.41
C LYS A 115 5.51 -8.33 -0.94
N LEU A 116 5.46 -7.00 -0.86
CA LEU A 116 6.59 -6.21 -0.39
C LEU A 116 6.89 -6.49 1.08
N LEU A 117 5.85 -6.41 1.91
CA LEU A 117 6.01 -6.62 3.34
C LEU A 117 6.47 -8.04 3.66
N LEU A 118 6.09 -9.00 2.82
CA LEU A 118 6.52 -10.38 2.98
C LEU A 118 8.04 -10.48 2.97
N ALA A 119 8.66 -9.81 2.02
CA ALA A 119 10.12 -9.81 1.89
C ALA A 119 10.76 -9.10 3.07
N ALA A 120 10.10 -8.05 3.55
CA ALA A 120 10.59 -7.28 4.68
C ALA A 120 10.67 -8.14 5.94
N LYS A 121 9.67 -8.99 6.13
CA LYS A 121 9.64 -9.90 7.28
C LYS A 121 10.85 -10.82 7.27
N ALA A 122 11.02 -11.54 6.17
CA ALA A 122 12.10 -12.49 6.03
C ALA A 122 13.45 -11.80 6.12
N LEU A 123 13.51 -10.55 5.66
CA LEU A 123 14.74 -9.79 5.63
C LEU A 123 15.08 -9.26 7.03
N SER A 124 14.11 -9.26 7.93
CA SER A 124 14.34 -8.83 9.29
C SER A 124 14.95 -9.97 10.11
N THR A 125 14.60 -11.20 9.76
CA THR A 125 15.19 -12.36 10.41
C THR A 125 16.49 -12.76 9.72
N ASP A 126 16.50 -12.71 8.40
CA ASP A 126 17.69 -13.00 7.63
C ASP A 126 18.14 -11.77 6.86
N PRO A 127 19.00 -10.94 7.47
CA PRO A 127 19.51 -9.75 6.83
C PRO A 127 20.79 -10.03 6.07
N ALA A 128 21.09 -11.31 5.87
CA ALA A 128 22.33 -11.72 5.24
C ALA A 128 22.15 -12.08 3.77
N SER A 129 20.93 -12.47 3.40
CA SER A 129 20.65 -12.87 2.03
C SER A 129 20.59 -11.65 1.11
N PRO A 130 21.49 -11.59 0.11
CA PRO A 130 21.57 -10.48 -0.85
C PRO A 130 20.31 -10.37 -1.71
N ASN A 131 19.85 -11.51 -2.22
CA ASN A 131 18.67 -11.55 -3.07
C ASN A 131 17.44 -11.07 -2.30
N LEU A 132 17.46 -11.23 -0.99
CA LEU A 132 16.33 -10.84 -0.16
C LEU A 132 16.22 -9.31 -0.12
N LYS A 133 17.36 -8.63 -0.23
CA LYS A 133 17.36 -7.17 -0.36
C LYS A 133 16.82 -6.78 -1.73
N SER A 134 17.31 -7.46 -2.76
CA SER A 134 16.92 -7.18 -4.13
C SER A 134 15.42 -7.41 -4.34
N GLN A 135 14.93 -8.52 -3.79
CA GLN A 135 13.51 -8.86 -3.91
C GLN A 135 12.64 -7.81 -3.28
N LEU A 136 13.04 -7.32 -2.11
CA LEU A 136 12.28 -6.30 -1.41
C LEU A 136 12.20 -5.03 -2.26
N ALA A 137 13.34 -4.61 -2.79
CA ALA A 137 13.40 -3.41 -3.63
C ALA A 137 12.56 -3.59 -4.89
N ALA A 138 12.55 -4.81 -5.42
CA ALA A 138 11.76 -5.12 -6.61
C ALA A 138 10.27 -5.08 -6.29
N ALA A 139 9.90 -5.60 -5.13
CA ALA A 139 8.52 -5.59 -4.68
C ALA A 139 8.08 -4.16 -4.39
N ALA A 140 8.96 -3.40 -3.74
CA ALA A 140 8.71 -1.99 -3.46
C ALA A 140 8.54 -1.22 -4.77
N ARG A 141 9.32 -1.60 -5.77
CA ARG A 141 9.20 -1.04 -7.10
C ARG A 141 7.84 -1.35 -7.68
N ALA A 142 7.40 -2.59 -7.51
CA ALA A 142 6.09 -3.02 -7.98
C ALA A 142 4.98 -2.24 -7.29
N VAL A 143 5.13 -2.04 -5.98
CA VAL A 143 4.15 -1.26 -5.23
C VAL A 143 4.14 0.20 -5.72
N THR A 144 5.32 0.81 -5.77
CA THR A 144 5.44 2.21 -6.17
C THR A 144 4.92 2.42 -7.60
N ASP A 145 5.16 1.43 -8.45
CA ASP A 145 4.67 1.48 -9.82
C ASP A 145 3.15 1.41 -9.84
N SER A 146 2.60 0.47 -9.09
CA SER A 146 1.16 0.26 -9.05
C SER A 146 0.43 1.45 -8.42
N ILE A 147 1.08 2.11 -7.47
CA ILE A 147 0.53 3.32 -6.85
C ILE A 147 0.30 4.39 -7.92
N ASN A 148 1.34 4.69 -8.67
CA ASN A 148 1.26 5.70 -9.73
C ASN A 148 0.34 5.22 -10.85
N GLN A 149 0.42 3.94 -11.18
CA GLN A 149 -0.45 3.35 -12.20
C GLN A 149 -1.93 3.55 -11.81
N LEU A 150 -2.22 3.43 -10.52
CA LEU A 150 -3.57 3.63 -10.02
C LEU A 150 -3.96 5.10 -10.17
N ILE A 151 -3.01 5.98 -9.90
CA ILE A 151 -3.22 7.41 -9.99
C ILE A 151 -3.38 7.86 -11.44
N THR A 152 -2.56 7.30 -12.33
CA THR A 152 -2.65 7.62 -13.75
C THR A 152 -3.98 7.17 -14.33
N MET A 153 -4.56 6.15 -13.72
CA MET A 153 -5.86 5.62 -14.14
C MET A 153 -6.99 6.50 -13.63
N CYS A 154 -6.93 6.84 -12.35
CA CYS A 154 -7.99 7.63 -11.70
C CYS A 154 -7.85 9.10 -12.06
N THR A 155 -6.69 9.67 -11.80
CA THR A 155 -6.42 11.04 -12.17
C THR A 155 -5.92 11.08 -13.61
N GLN A 156 -6.87 10.99 -14.54
CA GLN A 156 -6.56 10.85 -15.95
C GLN A 156 -5.91 12.11 -16.51
N GLN A 157 -4.88 11.91 -17.32
CA GLN A 157 -4.31 13.00 -18.10
C GLN A 157 -4.95 13.00 -19.47
N ALA A 158 -5.56 11.87 -19.79
CA ALA A 158 -6.27 11.69 -21.04
C ALA A 158 -7.67 11.17 -20.76
N GLY A 1 7.11 -18.08 20.71
CA GLY A 1 8.26 -17.15 20.59
C GLY A 1 8.00 -15.85 21.32
N ILE A 2 9.01 -15.34 21.99
CA ILE A 2 8.88 -14.08 22.70
C ILE A 2 9.53 -12.95 21.90
N ASP A 3 8.70 -12.10 21.33
CA ASP A 3 9.18 -10.95 20.58
C ASP A 3 8.37 -9.71 20.94
N PRO A 4 9.04 -8.55 21.06
CA PRO A 4 8.36 -7.28 21.30
C PRO A 4 7.75 -6.74 20.02
N PHE A 5 7.18 -5.54 20.10
CA PHE A 5 6.60 -4.91 18.92
C PHE A 5 7.70 -4.26 18.09
N THR A 6 8.65 -5.10 17.69
CA THR A 6 9.74 -4.70 16.83
C THR A 6 10.05 -5.85 15.88
N GLN A 7 10.05 -5.54 14.59
CA GLN A 7 10.24 -6.52 13.52
C GLN A 7 8.95 -7.30 13.26
N ARG A 8 8.14 -7.47 14.30
CA ARG A 8 6.81 -8.06 14.12
C ARG A 8 5.92 -7.12 13.32
N ASP A 9 6.35 -5.86 13.24
CA ASP A 9 5.67 -4.82 12.48
C ASP A 9 5.43 -5.27 11.04
N VAL A 10 6.36 -6.04 10.49
CA VAL A 10 6.24 -6.53 9.13
C VAL A 10 4.98 -7.39 8.98
N ASP A 11 4.69 -8.18 10.02
CA ASP A 11 3.53 -9.04 10.02
C ASP A 11 2.30 -8.28 10.47
N ASN A 12 2.50 -7.33 11.38
CA ASN A 12 1.42 -6.49 11.88
C ASN A 12 0.84 -5.64 10.74
N ALA A 13 1.71 -5.18 9.86
CA ALA A 13 1.31 -4.41 8.70
C ALA A 13 0.44 -5.24 7.77
N LEU A 14 0.73 -6.53 7.71
CA LEU A 14 -0.02 -7.45 6.87
C LEU A 14 -1.48 -7.51 7.30
N ARG A 15 -1.71 -7.42 8.61
CA ARG A 15 -3.07 -7.42 9.14
C ARG A 15 -3.83 -6.19 8.66
N ALA A 16 -3.15 -5.05 8.65
CA ALA A 16 -3.75 -3.80 8.19
C ALA A 16 -4.10 -3.90 6.72
N VAL A 17 -3.19 -4.47 5.93
CA VAL A 17 -3.41 -4.66 4.50
C VAL A 17 -4.58 -5.63 4.27
N GLY A 18 -4.63 -6.69 5.08
CA GLY A 18 -5.70 -7.64 4.97
C GLY A 18 -7.07 -7.04 5.29
N ASP A 19 -7.15 -6.34 6.42
CA ASP A 19 -8.40 -5.70 6.83
C ASP A 19 -8.86 -4.68 5.81
N ALA A 20 -7.96 -3.76 5.44
CA ALA A 20 -8.30 -2.67 4.54
C ALA A 20 -8.92 -3.20 3.26
N SER A 21 -8.30 -4.19 2.65
CA SER A 21 -8.80 -4.75 1.42
C SER A 21 -10.15 -5.45 1.64
N LYS A 22 -10.19 -6.39 2.57
CA LYS A 22 -11.39 -7.22 2.75
C LYS A 22 -12.57 -6.41 3.27
N ARG A 23 -12.29 -5.34 4.00
CA ARG A 23 -13.35 -4.46 4.48
C ARG A 23 -13.87 -3.57 3.36
N LEU A 24 -12.95 -2.80 2.77
CA LEU A 24 -13.33 -1.75 1.84
C LEU A 24 -13.84 -2.28 0.51
N LEU A 25 -13.00 -3.03 -0.22
CA LEU A 25 -13.34 -3.41 -1.59
C LEU A 25 -14.34 -4.56 -1.63
N SER A 26 -14.83 -4.94 -0.46
CA SER A 26 -15.91 -5.91 -0.36
C SER A 26 -17.21 -5.26 -0.78
N ASP A 27 -17.61 -4.25 0.00
CA ASP A 27 -18.84 -3.52 -0.25
C ASP A 27 -18.88 -2.25 0.60
N LEU A 28 -17.71 -1.78 1.02
CA LEU A 28 -17.63 -0.65 1.91
C LEU A 28 -17.07 0.57 1.20
N LEU A 29 -17.94 1.30 0.53
CA LEU A 29 -17.56 2.51 -0.15
C LEU A 29 -18.01 3.71 0.66
N PRO A 30 -17.06 4.52 1.15
CA PRO A 30 -17.34 5.69 1.99
C PRO A 30 -18.35 6.63 1.35
N PRO A 31 -19.23 7.23 2.17
CA PRO A 31 -20.24 8.19 1.70
C PRO A 31 -19.60 9.33 0.91
N SER A 32 -20.10 9.56 -0.28
CA SER A 32 -19.52 10.57 -1.15
C SER A 32 -19.81 11.98 -0.64
N THR A 33 -18.86 12.55 0.08
CA THR A 33 -18.94 13.91 0.55
C THR A 33 -18.95 14.88 -0.63
N GLY A 34 -17.78 15.03 -1.24
CA GLY A 34 -17.66 15.78 -2.46
C GLY A 34 -17.15 14.87 -3.55
N THR A 35 -16.11 14.11 -3.22
CA THR A 35 -15.50 13.13 -4.11
C THR A 35 -15.17 13.73 -5.49
N PHE A 36 -15.07 12.87 -6.50
CA PHE A 36 -14.67 13.28 -7.85
C PHE A 36 -13.28 13.93 -7.80
N GLN A 37 -13.23 15.26 -7.82
CA GLN A 37 -11.96 15.97 -7.72
C GLN A 37 -11.41 15.86 -6.30
N GLU A 38 -12.33 15.82 -5.33
CA GLU A 38 -11.96 15.66 -3.93
C GLU A 38 -11.32 14.29 -3.71
N ALA A 39 -11.88 13.27 -4.35
CA ALA A 39 -11.37 11.92 -4.21
C ALA A 39 -9.99 11.82 -4.86
N GLN A 40 -9.82 12.51 -5.97
CA GLN A 40 -8.53 12.60 -6.63
C GLN A 40 -7.50 13.26 -5.71
N SER A 41 -7.89 14.38 -5.11
CA SER A 41 -7.02 15.12 -4.22
C SER A 41 -6.59 14.26 -3.03
N ARG A 42 -7.55 13.52 -2.47
CA ARG A 42 -7.26 12.68 -1.32
C ARG A 42 -6.36 11.52 -1.72
N LEU A 43 -6.67 10.93 -2.87
CA LEU A 43 -5.89 9.83 -3.41
C LEU A 43 -4.45 10.26 -3.67
N ASN A 44 -4.28 11.42 -4.30
CA ASN A 44 -2.95 11.90 -4.68
C ASN A 44 -2.08 12.12 -3.45
N GLU A 45 -2.68 12.60 -2.38
CA GLU A 45 -1.95 12.82 -1.14
C GLU A 45 -1.53 11.49 -0.53
N ALA A 46 -2.49 10.58 -0.41
CA ALA A 46 -2.25 9.26 0.16
C ALA A 46 -1.26 8.47 -0.69
N ALA A 47 -1.32 8.67 -2.00
CA ALA A 47 -0.44 7.99 -2.93
C ALA A 47 1.02 8.33 -2.65
N ALA A 48 1.32 9.62 -2.60
CA ALA A 48 2.68 10.07 -2.37
C ALA A 48 3.17 9.63 -0.99
N GLY A 49 2.25 9.63 -0.02
CA GLY A 49 2.58 9.15 1.30
C GLY A 49 3.00 7.69 1.27
N LEU A 50 2.26 6.88 0.52
CA LEU A 50 2.56 5.46 0.39
C LEU A 50 3.80 5.25 -0.48
N ASN A 51 4.01 6.14 -1.45
CA ASN A 51 5.23 6.11 -2.26
C ASN A 51 6.44 6.25 -1.36
N GLN A 52 6.38 7.23 -0.47
CA GLN A 52 7.46 7.48 0.47
C GLN A 52 7.52 6.36 1.50
N ALA A 53 6.37 5.81 1.85
CA ALA A 53 6.29 4.69 2.78
C ALA A 53 7.01 3.47 2.22
N ALA A 54 6.86 3.23 0.92
CA ALA A 54 7.58 2.18 0.24
C ALA A 54 9.07 2.53 0.21
N THR A 55 9.35 3.81 0.01
CA THR A 55 10.71 4.33 0.01
C THR A 55 11.40 4.05 1.35
N GLU A 56 10.62 4.09 2.44
CA GLU A 56 11.14 3.73 3.76
C GLU A 56 11.74 2.33 3.75
N LEU A 57 10.96 1.37 3.24
CA LEU A 57 11.43 -0.01 3.14
C LEU A 57 12.64 -0.11 2.21
N VAL A 58 12.65 0.72 1.16
CA VAL A 58 13.77 0.75 0.22
C VAL A 58 15.07 1.12 0.92
N GLN A 59 15.02 2.13 1.80
CA GLN A 59 16.21 2.57 2.51
C GLN A 59 16.61 1.54 3.57
N ALA A 60 15.60 0.90 4.14
CA ALA A 60 15.80 -0.08 5.20
C ALA A 60 16.35 -1.40 4.67
N SER A 61 16.08 -1.68 3.39
CA SER A 61 16.32 -2.98 2.78
C SER A 61 17.73 -3.54 3.04
N ARG A 62 18.71 -2.66 3.22
CA ARG A 62 20.08 -3.11 3.46
C ARG A 62 20.22 -3.89 4.76
N GLY A 63 19.23 -3.77 5.62
CA GLY A 63 19.12 -4.65 6.77
C GLY A 63 19.44 -3.98 8.07
N THR A 64 18.43 -3.32 8.60
CA THR A 64 18.55 -2.62 9.86
C THR A 64 17.23 -2.75 10.64
N PRO A 65 17.28 -3.44 11.79
CA PRO A 65 16.08 -3.79 12.58
C PRO A 65 15.14 -2.62 12.85
N GLN A 66 15.69 -1.51 13.30
CA GLN A 66 14.88 -0.36 13.68
C GLN A 66 14.24 0.32 12.47
N ASP A 67 14.87 0.19 11.30
CA ASP A 67 14.33 0.76 10.09
C ASP A 67 13.23 -0.11 9.52
N LEU A 68 13.52 -1.40 9.36
CA LEU A 68 12.55 -2.36 8.81
C LEU A 68 11.23 -2.28 9.55
N ALA A 69 11.27 -2.41 10.87
CA ALA A 69 10.08 -2.40 11.69
C ALA A 69 9.32 -1.08 11.56
N ARG A 70 10.05 0.02 11.65
CA ARG A 70 9.45 1.34 11.55
C ARG A 70 8.83 1.53 10.16
N ALA A 71 9.56 1.10 9.15
CA ALA A 71 9.11 1.21 7.76
C ALA A 71 7.87 0.35 7.53
N SER A 72 7.79 -0.78 8.20
CA SER A 72 6.64 -1.67 8.08
C SER A 72 5.37 -0.99 8.59
N GLY A 73 5.47 -0.33 9.74
CA GLY A 73 4.32 0.36 10.28
C GLY A 73 3.96 1.57 9.46
N ARG A 74 4.98 2.26 8.96
CA ARG A 74 4.81 3.40 8.07
C ARG A 74 4.07 2.99 6.80
N PHE A 75 4.57 1.94 6.17
CA PHE A 75 4.02 1.46 4.90
C PHE A 75 2.59 0.96 5.08
N GLY A 76 2.38 0.11 6.07
CA GLY A 76 1.06 -0.45 6.30
C GLY A 76 0.02 0.62 6.63
N GLN A 77 0.45 1.66 7.32
CA GLN A 77 -0.44 2.73 7.72
C GLN A 77 -0.85 3.57 6.51
N ASP A 78 0.14 4.00 5.72
CA ASP A 78 -0.13 4.81 4.53
C ASP A 78 -0.91 4.00 3.51
N PHE A 79 -0.66 2.70 3.45
CA PHE A 79 -1.43 1.82 2.58
C PHE A 79 -2.91 1.90 2.91
N SER A 80 -3.21 1.89 4.20
CA SER A 80 -4.59 1.98 4.67
C SER A 80 -5.22 3.27 4.17
N THR A 81 -4.50 4.38 4.35
CA THR A 81 -4.96 5.68 3.90
C THR A 81 -5.15 5.72 2.39
N PHE A 82 -4.20 5.15 1.67
CA PHE A 82 -4.24 5.11 0.21
C PHE A 82 -5.46 4.33 -0.28
N LEU A 83 -5.67 3.15 0.32
CA LEU A 83 -6.77 2.29 -0.11
C LEU A 83 -8.12 2.93 0.20
N GLU A 84 -8.21 3.62 1.35
CA GLU A 84 -9.45 4.31 1.70
C GLU A 84 -9.74 5.45 0.71
N ALA A 85 -8.69 6.13 0.27
CA ALA A 85 -8.83 7.16 -0.74
C ALA A 85 -9.24 6.54 -2.08
N GLY A 86 -8.68 5.37 -2.36
CA GLY A 86 -9.01 4.65 -3.56
C GLY A 86 -10.46 4.21 -3.59
N VAL A 87 -10.94 3.67 -2.47
CA VAL A 87 -12.33 3.23 -2.40
C VAL A 87 -13.29 4.41 -2.35
N GLU A 88 -12.79 5.56 -1.88
CA GLU A 88 -13.59 6.78 -1.90
C GLU A 88 -13.86 7.18 -3.35
N MET A 89 -12.83 7.14 -4.17
CA MET A 89 -12.97 7.47 -5.58
C MET A 89 -13.70 6.36 -6.32
N ALA A 90 -13.61 5.14 -5.81
CA ALA A 90 -14.35 4.02 -6.36
C ALA A 90 -15.84 4.17 -6.06
N GLY A 91 -16.14 4.82 -4.95
CA GLY A 91 -17.52 5.04 -4.57
C GLY A 91 -18.18 6.14 -5.38
N GLN A 92 -17.38 7.06 -5.90
CA GLN A 92 -17.92 8.16 -6.71
C GLN A 92 -18.05 7.73 -8.16
N ALA A 93 -17.48 6.57 -8.49
CA ALA A 93 -17.57 6.03 -9.85
C ALA A 93 -19.00 5.58 -10.13
N PRO A 94 -19.69 6.26 -11.06
CA PRO A 94 -21.10 6.00 -11.35
C PRO A 94 -21.30 4.81 -12.29
N SER A 95 -20.24 4.43 -12.98
CA SER A 95 -20.28 3.32 -13.92
C SER A 95 -19.76 2.06 -13.25
N GLN A 96 -20.50 0.97 -13.39
CA GLN A 96 -20.17 -0.28 -12.70
C GLN A 96 -18.88 -0.90 -13.24
N GLU A 97 -18.70 -0.87 -14.56
CA GLU A 97 -17.50 -1.43 -15.16
C GLU A 97 -16.27 -0.59 -14.80
N ASP A 98 -16.42 0.74 -14.89
CA ASP A 98 -15.36 1.66 -14.49
C ASP A 98 -14.97 1.42 -13.04
N ARG A 99 -15.98 1.22 -12.20
CA ARG A 99 -15.76 0.95 -10.79
C ARG A 99 -15.09 -0.40 -10.59
N ALA A 100 -15.51 -1.41 -11.36
CA ALA A 100 -14.90 -2.72 -11.27
C ALA A 100 -13.44 -2.67 -11.71
N GLN A 101 -13.18 -1.86 -12.73
CA GLN A 101 -11.83 -1.71 -13.26
C GLN A 101 -10.91 -1.05 -12.23
N VAL A 102 -11.38 0.00 -11.56
CA VAL A 102 -10.56 0.68 -10.58
C VAL A 102 -10.30 -0.24 -9.38
N VAL A 103 -11.25 -1.11 -9.06
CA VAL A 103 -11.09 -2.09 -7.97
C VAL A 103 -9.97 -3.09 -8.29
N SER A 104 -9.91 -3.55 -9.53
CA SER A 104 -8.86 -4.49 -9.92
C SER A 104 -7.49 -3.84 -9.86
N ASN A 105 -7.45 -2.52 -10.05
CA ASN A 105 -6.21 -1.76 -9.88
C ASN A 105 -5.83 -1.73 -8.42
N LEU A 106 -6.84 -1.51 -7.57
CA LEU A 106 -6.66 -1.48 -6.13
C LEU A 106 -6.12 -2.81 -5.62
N LYS A 107 -6.63 -3.91 -6.16
CA LYS A 107 -6.11 -5.23 -5.81
C LYS A 107 -4.63 -5.32 -6.14
N GLY A 108 -4.27 -4.87 -7.34
CA GLY A 108 -2.91 -4.95 -7.80
C GLY A 108 -1.93 -4.30 -6.84
N ILE A 109 -2.24 -3.09 -6.41
CA ILE A 109 -1.37 -2.38 -5.48
C ILE A 109 -1.45 -3.01 -4.09
N SER A 110 -2.65 -3.43 -3.70
CA SER A 110 -2.85 -4.07 -2.39
C SER A 110 -2.05 -5.37 -2.28
N MET A 111 -2.18 -6.22 -3.27
CA MET A 111 -1.50 -7.51 -3.26
C MET A 111 0.01 -7.33 -3.35
N SER A 112 0.44 -6.32 -4.09
CA SER A 112 1.86 -6.02 -4.22
C SER A 112 2.42 -5.50 -2.90
N SER A 113 1.61 -4.71 -2.18
CA SER A 113 2.00 -4.17 -0.89
C SER A 113 2.19 -5.32 0.10
N SER A 114 1.31 -6.30 -0.02
CA SER A 114 1.39 -7.52 0.76
C SER A 114 2.72 -8.23 0.49
N LYS A 115 3.02 -8.41 -0.79
CA LYS A 115 4.22 -9.13 -1.23
C LYS A 115 5.49 -8.39 -0.80
N LEU A 116 5.43 -7.06 -0.81
CA LEU A 116 6.54 -6.23 -0.37
C LEU A 116 6.82 -6.45 1.11
N LEU A 117 5.78 -6.40 1.92
CA LEU A 117 5.91 -6.62 3.36
C LEU A 117 6.38 -8.04 3.65
N LEU A 118 5.99 -8.97 2.79
CA LEU A 118 6.43 -10.36 2.91
C LEU A 118 7.95 -10.45 2.76
N ALA A 119 8.49 -9.64 1.87
CA ALA A 119 9.93 -9.59 1.66
C ALA A 119 10.61 -8.94 2.86
N ALA A 120 9.98 -7.90 3.40
CA ALA A 120 10.49 -7.23 4.58
C ALA A 120 10.48 -8.16 5.78
N LYS A 121 9.47 -9.01 5.84
CA LYS A 121 9.36 -10.06 6.86
C LYS A 121 10.61 -10.93 6.87
N ALA A 122 10.89 -11.52 5.72
CA ALA A 122 12.06 -12.37 5.56
C ALA A 122 13.36 -11.58 5.74
N LEU A 123 13.31 -10.29 5.41
CA LEU A 123 14.49 -9.44 5.49
C LEU A 123 14.81 -9.04 6.91
N SER A 124 13.80 -8.98 7.76
CA SER A 124 14.01 -8.63 9.16
C SER A 124 14.69 -9.76 9.91
N THR A 125 14.45 -10.99 9.48
CA THR A 125 15.10 -12.14 10.09
C THR A 125 16.37 -12.51 9.32
N ASP A 126 16.44 -12.07 8.06
CA ASP A 126 17.63 -12.28 7.24
C ASP A 126 18.04 -10.97 6.56
N PRO A 127 18.82 -10.14 7.26
CA PRO A 127 19.32 -8.90 6.71
C PRO A 127 20.69 -9.10 6.06
N ALA A 128 20.99 -10.34 5.71
CA ALA A 128 22.29 -10.69 5.15
C ALA A 128 22.21 -11.03 3.67
N SER A 129 21.11 -11.66 3.25
CA SER A 129 20.97 -12.13 1.88
C SER A 129 20.78 -10.96 0.91
N PRO A 130 21.77 -10.70 0.04
CA PRO A 130 21.74 -9.59 -0.91
C PRO A 130 20.60 -9.68 -1.91
N ASN A 131 20.25 -10.91 -2.30
CA ASN A 131 19.15 -11.14 -3.25
C ASN A 131 17.83 -10.67 -2.65
N LEU A 132 17.75 -10.65 -1.33
CA LEU A 132 16.56 -10.21 -0.63
C LEU A 132 16.48 -8.70 -0.61
N LYS A 133 17.64 -8.05 -0.57
CA LYS A 133 17.72 -6.59 -0.65
C LYS A 133 17.19 -6.10 -1.99
N SER A 134 17.67 -6.73 -3.05
CA SER A 134 17.26 -6.38 -4.40
C SER A 134 15.76 -6.67 -4.60
N GLN A 135 15.30 -7.79 -4.04
CA GLN A 135 13.90 -8.18 -4.15
C GLN A 135 13.01 -7.18 -3.42
N LEU A 136 13.46 -6.75 -2.25
CA LEU A 136 12.71 -5.78 -1.46
C LEU A 136 12.50 -4.50 -2.28
N ALA A 137 13.58 -3.97 -2.82
CA ALA A 137 13.53 -2.76 -3.62
C ALA A 137 12.68 -2.96 -4.87
N ALA A 138 12.75 -4.16 -5.44
CA ALA A 138 12.00 -4.47 -6.64
C ALA A 138 10.50 -4.52 -6.36
N ALA A 139 10.14 -5.15 -5.25
CA ALA A 139 8.75 -5.24 -4.83
C ALA A 139 8.21 -3.86 -4.49
N ALA A 140 9.04 -3.05 -3.83
CA ALA A 140 8.67 -1.69 -3.47
C ALA A 140 8.37 -0.86 -4.72
N ARG A 141 9.18 -1.04 -5.76
CA ARG A 141 8.98 -0.35 -7.01
C ARG A 141 7.71 -0.85 -7.70
N ALA A 142 7.43 -2.14 -7.53
CA ALA A 142 6.21 -2.73 -8.08
C ALA A 142 4.97 -2.15 -7.40
N VAL A 143 5.04 -2.01 -6.09
CA VAL A 143 3.96 -1.38 -5.33
C VAL A 143 3.75 0.05 -5.81
N THR A 144 4.84 0.80 -5.86
CA THR A 144 4.81 2.18 -6.32
C THR A 144 4.28 2.27 -7.75
N ASP A 145 4.72 1.34 -8.59
CA ASP A 145 4.26 1.26 -9.97
C ASP A 145 2.75 1.08 -10.02
N SER A 146 2.26 0.13 -9.23
CA SER A 146 0.83 -0.13 -9.15
C SER A 146 0.08 1.09 -8.64
N ILE A 147 0.69 1.83 -7.72
CA ILE A 147 0.14 3.09 -7.24
C ILE A 147 -0.05 4.05 -8.42
N ASN A 148 1.00 4.23 -9.20
CA ASN A 148 0.95 5.11 -10.38
C ASN A 148 -0.15 4.68 -11.35
N GLN A 149 -0.29 3.38 -11.53
CA GLN A 149 -1.30 2.83 -12.43
C GLN A 149 -2.71 3.13 -11.92
N LEU A 150 -2.87 3.11 -10.61
CA LEU A 150 -4.15 3.41 -9.99
C LEU A 150 -4.42 4.90 -10.08
N ILE A 151 -3.41 5.69 -9.78
CA ILE A 151 -3.52 7.15 -9.83
C ILE A 151 -3.90 7.62 -11.22
N THR A 152 -3.20 7.13 -12.23
CA THR A 152 -3.43 7.53 -13.61
C THR A 152 -4.87 7.28 -14.05
N MET A 153 -5.45 6.18 -13.60
CA MET A 153 -6.83 5.83 -13.94
C MET A 153 -7.81 6.84 -13.33
N CYS A 154 -7.43 7.40 -12.20
CA CYS A 154 -8.26 8.36 -11.51
C CYS A 154 -7.98 9.78 -12.00
N THR A 155 -6.71 10.12 -12.07
CA THR A 155 -6.28 11.43 -12.52
C THR A 155 -5.01 11.33 -13.35
N GLN A 156 -5.08 11.81 -14.58
CA GLN A 156 -3.92 11.84 -15.46
C GLN A 156 -3.64 13.28 -15.87
N GLN A 157 -4.42 14.20 -15.30
CA GLN A 157 -4.23 15.62 -15.52
C GLN A 157 -3.46 16.23 -14.36
N ALA A 158 -3.36 15.46 -13.28
CA ALA A 158 -2.66 15.88 -12.10
C ALA A 158 -1.92 14.69 -11.48
N GLY A 1 15.91 -8.95 16.29
CA GLY A 1 16.22 -10.20 17.03
C GLY A 1 15.02 -10.74 17.77
N ILE A 2 15.21 -11.12 19.02
CA ILE A 2 14.10 -11.53 19.86
C ILE A 2 13.48 -10.28 20.50
N ASP A 3 12.75 -9.54 19.69
CA ASP A 3 12.12 -8.30 20.13
C ASP A 3 10.78 -8.13 19.45
N PRO A 4 9.81 -7.53 20.15
CA PRO A 4 8.47 -7.31 19.62
C PRO A 4 8.36 -6.01 18.83
N PHE A 5 9.45 -5.62 18.18
CA PHE A 5 9.45 -4.43 17.33
C PHE A 5 9.79 -4.81 15.90
N THR A 6 10.97 -5.40 15.71
CA THR A 6 11.45 -5.76 14.39
C THR A 6 10.48 -6.70 13.68
N GLN A 7 10.13 -7.77 14.36
CA GLN A 7 9.26 -8.79 13.81
C GLN A 7 7.81 -8.33 13.77
N ARG A 8 7.48 -7.45 14.71
CA ARG A 8 6.10 -7.09 14.97
C ARG A 8 5.53 -6.17 13.90
N ASP A 9 6.18 -5.03 13.66
CA ASP A 9 5.65 -4.03 12.74
C ASP A 9 5.55 -4.55 11.31
N VAL A 10 6.34 -5.56 10.98
CA VAL A 10 6.25 -6.16 9.67
C VAL A 10 4.92 -6.89 9.53
N ASP A 11 4.51 -7.54 10.61
CA ASP A 11 3.24 -8.24 10.67
C ASP A 11 2.11 -7.26 10.95
N ASN A 12 2.42 -6.24 11.75
CA ASN A 12 1.49 -5.17 12.06
C ASN A 12 1.01 -4.50 10.77
N ALA A 13 1.93 -4.30 9.85
CA ALA A 13 1.61 -3.74 8.55
C ALA A 13 0.74 -4.70 7.75
N LEU A 14 1.00 -6.00 7.89
CA LEU A 14 0.21 -7.03 7.22
C LEU A 14 -1.23 -6.98 7.69
N ARG A 15 -1.41 -6.81 9.00
CA ARG A 15 -2.74 -6.70 9.59
C ARG A 15 -3.49 -5.54 8.95
N ALA A 16 -2.80 -4.44 8.72
CA ALA A 16 -3.39 -3.27 8.08
C ALA A 16 -3.80 -3.58 6.65
N VAL A 17 -2.87 -4.13 5.88
CA VAL A 17 -3.11 -4.46 4.48
C VAL A 17 -4.28 -5.45 4.34
N GLY A 18 -4.22 -6.53 5.11
CA GLY A 18 -5.23 -7.55 5.03
C GLY A 18 -6.59 -7.06 5.49
N ASP A 19 -6.62 -6.36 6.61
CA ASP A 19 -7.88 -5.91 7.19
C ASP A 19 -8.58 -4.92 6.27
N ALA A 20 -7.82 -3.96 5.74
CA ALA A 20 -8.36 -2.95 4.85
C ALA A 20 -8.92 -3.60 3.58
N SER A 21 -8.29 -4.67 3.14
CA SER A 21 -8.73 -5.37 1.95
C SER A 21 -10.10 -6.02 2.18
N LYS A 22 -10.28 -6.63 3.35
CA LYS A 22 -11.56 -7.27 3.68
C LYS A 22 -12.59 -6.24 4.12
N ARG A 23 -12.13 -5.12 4.64
CA ARG A 23 -13.00 -4.04 5.08
C ARG A 23 -13.54 -3.24 3.89
N LEU A 24 -12.66 -2.96 2.93
CA LEU A 24 -13.00 -2.05 1.84
C LEU A 24 -13.13 -2.77 0.50
N LEU A 25 -12.10 -3.53 0.15
CA LEU A 25 -11.97 -4.08 -1.17
C LEU A 25 -12.66 -5.45 -1.26
N SER A 26 -13.66 -5.66 -0.42
CA SER A 26 -14.40 -6.91 -0.41
C SER A 26 -15.70 -6.79 -1.20
N ASP A 27 -16.62 -5.97 -0.70
CA ASP A 27 -17.92 -5.79 -1.33
C ASP A 27 -18.45 -4.38 -1.10
N LEU A 28 -18.69 -4.06 0.16
CA LEU A 28 -19.22 -2.75 0.52
C LEU A 28 -18.14 -1.68 0.49
N LEU A 29 -18.22 -0.82 -0.51
CA LEU A 29 -17.29 0.30 -0.62
C LEU A 29 -17.88 1.55 0.03
N PRO A 30 -17.03 2.54 0.36
CA PRO A 30 -17.48 3.81 0.94
C PRO A 30 -18.59 4.48 0.13
N PRO A 31 -19.52 5.17 0.82
CA PRO A 31 -20.66 5.83 0.18
C PRO A 31 -20.22 6.98 -0.73
N SER A 32 -21.08 7.32 -1.67
CA SER A 32 -20.81 8.41 -2.60
C SER A 32 -20.93 9.74 -1.89
N THR A 33 -19.81 10.23 -1.37
CA THR A 33 -19.77 11.49 -0.67
C THR A 33 -18.79 12.43 -1.37
N GLY A 34 -19.26 13.63 -1.68
CA GLY A 34 -18.45 14.58 -2.43
C GLY A 34 -18.49 14.30 -3.91
N THR A 35 -17.50 14.78 -4.65
CA THR A 35 -17.41 14.51 -6.08
C THR A 35 -16.11 13.78 -6.40
N PHE A 36 -15.90 13.49 -7.68
CA PHE A 36 -14.69 12.83 -8.13
C PHE A 36 -13.48 13.73 -7.90
N GLN A 37 -13.72 15.04 -7.83
CA GLN A 37 -12.66 16.02 -7.59
C GLN A 37 -12.00 15.76 -6.24
N GLU A 38 -12.83 15.67 -5.19
CA GLU A 38 -12.34 15.44 -3.84
C GLU A 38 -11.63 14.11 -3.75
N ALA A 39 -12.18 13.11 -4.44
CA ALA A 39 -11.57 11.79 -4.47
C ALA A 39 -10.23 11.83 -5.18
N GLN A 40 -10.16 12.57 -6.28
CA GLN A 40 -8.94 12.72 -7.05
C GLN A 40 -7.86 13.40 -6.22
N SER A 41 -8.19 14.53 -5.63
CA SER A 41 -7.26 15.27 -4.79
C SER A 41 -6.82 14.44 -3.59
N ARG A 42 -7.72 13.59 -3.11
CA ARG A 42 -7.41 12.72 -1.98
C ARG A 42 -6.44 11.62 -2.40
N LEU A 43 -6.66 11.06 -3.60
CA LEU A 43 -5.78 10.04 -4.15
C LEU A 43 -4.36 10.56 -4.29
N ASN A 44 -4.22 11.81 -4.75
CA ASN A 44 -2.92 12.42 -4.96
C ASN A 44 -2.10 12.44 -3.67
N GLU A 45 -2.74 12.84 -2.58
CA GLU A 45 -2.08 12.92 -1.29
C GLU A 45 -1.77 11.54 -0.74
N ALA A 46 -2.77 10.67 -0.80
CA ALA A 46 -2.64 9.33 -0.26
C ALA A 46 -1.57 8.54 -1.00
N ALA A 47 -1.48 8.76 -2.30
CA ALA A 47 -0.50 8.09 -3.13
C ALA A 47 0.92 8.43 -2.70
N ALA A 48 1.20 9.73 -2.63
CA ALA A 48 2.53 10.20 -2.28
C ALA A 48 2.96 9.71 -0.90
N GLY A 49 1.98 9.60 0.00
CA GLY A 49 2.26 9.08 1.33
C GLY A 49 2.73 7.65 1.29
N LEU A 50 2.05 6.82 0.52
CA LEU A 50 2.41 5.42 0.40
C LEU A 50 3.66 5.25 -0.46
N ASN A 51 3.84 6.15 -1.42
CA ASN A 51 5.07 6.18 -2.22
C ASN A 51 6.26 6.39 -1.31
N GLN A 52 6.12 7.31 -0.37
CA GLN A 52 7.18 7.61 0.58
C GLN A 52 7.32 6.45 1.58
N ALA A 53 6.18 5.88 1.97
CA ALA A 53 6.17 4.74 2.87
C ALA A 53 6.92 3.54 2.26
N ALA A 54 6.67 3.29 0.98
CA ALA A 54 7.37 2.23 0.26
C ALA A 54 8.86 2.58 0.15
N THR A 55 9.13 3.85 -0.09
CA THR A 55 10.50 4.35 -0.13
C THR A 55 11.25 3.99 1.15
N GLU A 56 10.58 4.11 2.28
CA GLU A 56 11.16 3.79 3.57
C GLU A 56 11.62 2.34 3.61
N LEU A 57 10.78 1.43 3.13
CA LEU A 57 11.14 0.01 3.09
C LEU A 57 12.31 -0.23 2.14
N VAL A 58 12.34 0.51 1.03
CA VAL A 58 13.44 0.41 0.08
C VAL A 58 14.78 0.73 0.76
N GLN A 59 14.82 1.85 1.47
CA GLN A 59 16.02 2.24 2.19
C GLN A 59 16.30 1.27 3.33
N ALA A 60 15.24 0.91 4.04
CA ALA A 60 15.35 0.04 5.20
C ALA A 60 15.94 -1.33 4.85
N SER A 61 15.54 -1.86 3.70
CA SER A 61 16.01 -3.16 3.26
C SER A 61 17.54 -3.16 3.14
N ARG A 62 18.09 -2.02 2.76
CA ARG A 62 19.52 -1.90 2.57
C ARG A 62 20.16 -1.17 3.75
N GLY A 63 19.46 -1.18 4.88
CA GLY A 63 19.98 -0.58 6.08
C GLY A 63 19.98 -1.57 7.22
N THR A 64 18.97 -1.47 8.07
CA THR A 64 18.92 -2.30 9.26
C THR A 64 17.50 -2.84 9.49
N PRO A 65 17.37 -3.99 10.16
CA PRO A 65 16.07 -4.54 10.54
C PRO A 65 15.29 -3.58 11.43
N GLN A 66 16.01 -2.78 12.19
CA GLN A 66 15.41 -1.78 13.07
C GLN A 66 14.69 -0.71 12.25
N ASP A 67 15.34 -0.24 11.20
CA ASP A 67 14.76 0.75 10.30
C ASP A 67 13.60 0.12 9.54
N LEU A 68 13.82 -1.10 9.08
CA LEU A 68 12.82 -1.88 8.36
C LEU A 68 11.54 -2.03 9.18
N ALA A 69 11.69 -2.37 10.45
CA ALA A 69 10.55 -2.52 11.34
C ALA A 69 9.79 -1.21 11.47
N ARG A 70 10.50 -0.13 11.74
CA ARG A 70 9.88 1.17 11.93
C ARG A 70 9.20 1.63 10.64
N ALA A 71 9.83 1.31 9.51
CA ALA A 71 9.29 1.62 8.19
C ALA A 71 8.01 0.83 7.94
N SER A 72 8.00 -0.42 8.40
CA SER A 72 6.84 -1.30 8.27
C SER A 72 5.60 -0.66 8.88
N GLY A 73 5.75 -0.06 10.05
CA GLY A 73 4.61 0.50 10.74
C GLY A 73 3.96 1.63 9.97
N ARG A 74 4.79 2.45 9.33
CA ARG A 74 4.29 3.55 8.52
C ARG A 74 3.65 3.03 7.24
N PHE A 75 4.32 2.08 6.60
CA PHE A 75 3.87 1.55 5.32
C PHE A 75 2.44 1.03 5.41
N GLY A 76 2.18 0.18 6.41
CA GLY A 76 0.85 -0.38 6.56
C GLY A 76 -0.20 0.69 6.87
N GLN A 77 0.21 1.70 7.63
CA GLN A 77 -0.69 2.77 8.02
C GLN A 77 -1.06 3.65 6.82
N ASP A 78 -0.05 4.07 6.06
CA ASP A 78 -0.27 4.90 4.89
C ASP A 78 -0.99 4.13 3.80
N PHE A 79 -0.72 2.82 3.72
CA PHE A 79 -1.43 1.97 2.77
C PHE A 79 -2.92 1.99 3.06
N SER A 80 -3.27 1.89 4.33
CA SER A 80 -4.67 1.91 4.74
C SER A 80 -5.34 3.21 4.28
N THR A 81 -4.67 4.34 4.54
CA THR A 81 -5.20 5.63 4.11
C THR A 81 -5.34 5.69 2.59
N PHE A 82 -4.33 5.20 1.88
CA PHE A 82 -4.36 5.17 0.42
C PHE A 82 -5.52 4.30 -0.08
N LEU A 83 -5.67 3.12 0.50
CA LEU A 83 -6.71 2.20 0.08
C LEU A 83 -8.10 2.77 0.38
N GLU A 84 -8.25 3.39 1.55
CA GLU A 84 -9.53 4.00 1.92
C GLU A 84 -9.93 5.06 0.90
N ALA A 85 -8.94 5.82 0.43
CA ALA A 85 -9.18 6.82 -0.59
C ALA A 85 -9.47 6.16 -1.94
N GLY A 86 -8.72 5.12 -2.25
CA GLY A 86 -8.91 4.40 -3.50
C GLY A 86 -10.28 3.78 -3.63
N VAL A 87 -10.70 3.06 -2.59
CA VAL A 87 -12.01 2.41 -2.61
C VAL A 87 -13.11 3.48 -2.53
N GLU A 88 -12.76 4.63 -1.97
CA GLU A 88 -13.67 5.75 -1.88
C GLU A 88 -14.01 6.27 -3.28
N MET A 89 -12.98 6.46 -4.10
CA MET A 89 -13.17 6.95 -5.46
C MET A 89 -13.83 5.88 -6.31
N ALA A 90 -13.60 4.61 -5.96
CA ALA A 90 -14.29 3.51 -6.61
C ALA A 90 -15.76 3.53 -6.26
N GLY A 91 -16.06 3.99 -5.05
CA GLY A 91 -17.43 4.13 -4.61
C GLY A 91 -18.11 5.31 -5.28
N GLN A 92 -17.32 6.31 -5.65
CA GLN A 92 -17.82 7.46 -6.39
C GLN A 92 -18.36 7.01 -7.74
N ALA A 93 -17.59 6.15 -8.40
CA ALA A 93 -17.94 5.64 -9.72
C ALA A 93 -19.25 4.86 -9.70
N PRO A 94 -20.28 5.34 -10.40
CA PRO A 94 -21.58 4.68 -10.49
C PRO A 94 -21.58 3.52 -11.49
N SER A 95 -20.80 3.66 -12.55
CA SER A 95 -20.78 2.68 -13.62
C SER A 95 -19.98 1.44 -13.23
N GLN A 96 -20.53 0.26 -13.50
CA GLN A 96 -19.90 -0.98 -13.10
C GLN A 96 -18.60 -1.22 -13.85
N GLU A 97 -18.58 -0.90 -15.14
CA GLU A 97 -17.39 -1.08 -15.95
C GLU A 97 -16.27 -0.15 -15.49
N ASP A 98 -16.66 1.04 -15.07
CA ASP A 98 -15.71 2.04 -14.57
C ASP A 98 -15.21 1.63 -13.19
N ARG A 99 -16.15 1.19 -12.36
CA ARG A 99 -15.85 0.76 -11.01
C ARG A 99 -14.94 -0.46 -11.00
N ALA A 100 -15.34 -1.51 -11.72
CA ALA A 100 -14.57 -2.76 -11.76
C ALA A 100 -13.15 -2.53 -12.26
N GLN A 101 -13.00 -1.53 -13.12
CA GLN A 101 -11.67 -1.18 -13.65
C GLN A 101 -10.77 -0.68 -12.54
N VAL A 102 -11.24 0.31 -11.79
CA VAL A 102 -10.43 0.89 -10.72
C VAL A 102 -10.27 -0.10 -9.56
N VAL A 103 -11.25 -0.97 -9.36
CA VAL A 103 -11.16 -2.00 -8.33
C VAL A 103 -10.03 -2.98 -8.66
N SER A 104 -9.77 -3.17 -9.95
CA SER A 104 -8.66 -4.00 -10.39
C SER A 104 -7.33 -3.34 -10.04
N ASN A 105 -7.29 -2.01 -10.17
CA ASN A 105 -6.12 -1.22 -9.78
C ASN A 105 -5.88 -1.38 -8.29
N LEU A 106 -6.97 -1.27 -7.53
CA LEU A 106 -6.93 -1.36 -6.08
C LEU A 106 -6.28 -2.65 -5.62
N LYS A 107 -6.75 -3.78 -6.14
CA LYS A 107 -6.20 -5.07 -5.77
C LYS A 107 -4.74 -5.17 -6.20
N GLY A 108 -4.44 -4.64 -7.39
CA GLY A 108 -3.09 -4.70 -7.92
C GLY A 108 -2.08 -4.07 -7.00
N ILE A 109 -2.39 -2.90 -6.47
CA ILE A 109 -1.48 -2.23 -5.55
C ILE A 109 -1.54 -2.88 -4.16
N SER A 110 -2.73 -3.29 -3.75
CA SER A 110 -2.93 -3.93 -2.44
C SER A 110 -2.13 -5.23 -2.34
N MET A 111 -2.09 -5.99 -3.43
CA MET A 111 -1.34 -7.23 -3.44
C MET A 111 0.15 -6.92 -3.51
N SER A 112 0.52 -5.88 -4.25
CA SER A 112 1.92 -5.48 -4.37
C SER A 112 2.50 -5.12 -3.00
N SER A 113 1.74 -4.37 -2.21
CA SER A 113 2.20 -3.95 -0.89
C SER A 113 2.28 -5.14 0.05
N SER A 114 1.33 -6.04 -0.10
CA SER A 114 1.29 -7.27 0.67
C SER A 114 2.54 -8.11 0.38
N LYS A 115 2.79 -8.34 -0.90
CA LYS A 115 3.93 -9.14 -1.34
C LYS A 115 5.25 -8.46 -0.98
N LEU A 116 5.23 -7.12 -0.93
CA LEU A 116 6.39 -6.35 -0.53
C LEU A 116 6.80 -6.66 0.91
N LEU A 117 5.83 -6.57 1.80
CA LEU A 117 6.07 -6.77 3.23
C LEU A 117 6.59 -8.19 3.50
N LEU A 118 6.24 -9.12 2.62
CA LEU A 118 6.68 -10.51 2.75
C LEU A 118 8.20 -10.60 2.69
N ALA A 119 8.82 -9.75 1.89
CA ALA A 119 10.27 -9.73 1.78
C ALA A 119 10.88 -9.15 3.06
N ALA A 120 10.18 -8.21 3.67
CA ALA A 120 10.63 -7.60 4.92
C ALA A 120 10.60 -8.61 6.06
N LYS A 121 9.62 -9.51 6.01
CA LYS A 121 9.51 -10.57 7.01
C LYS A 121 10.78 -11.41 7.03
N ALA A 122 11.15 -11.91 5.86
CA ALA A 122 12.32 -12.77 5.72
C ALA A 122 13.60 -12.00 6.00
N LEU A 123 13.61 -10.72 5.65
CA LEU A 123 14.80 -9.89 5.81
C LEU A 123 15.07 -9.61 7.28
N SER A 124 14.04 -9.70 8.11
CA SER A 124 14.20 -9.53 9.53
C SER A 124 14.76 -10.81 10.15
N THR A 125 14.57 -11.93 9.47
CA THR A 125 15.08 -13.20 9.88
C THR A 125 16.54 -13.37 9.43
N ASP A 126 16.79 -13.15 8.15
CA ASP A 126 18.13 -13.19 7.60
C ASP A 126 18.47 -11.87 6.92
N PRO A 127 19.00 -10.91 7.70
CA PRO A 127 19.21 -9.53 7.23
C PRO A 127 20.42 -9.39 6.31
N ALA A 128 21.28 -10.38 6.27
CA ALA A 128 22.50 -10.29 5.46
C ALA A 128 22.28 -10.87 4.06
N SER A 129 21.06 -11.31 3.77
CA SER A 129 20.74 -11.92 2.48
C SER A 129 20.70 -10.87 1.36
N PRO A 130 21.66 -10.92 0.42
CA PRO A 130 21.79 -9.91 -0.65
C PRO A 130 20.58 -9.79 -1.55
N ASN A 131 20.12 -10.91 -2.12
CA ASN A 131 19.01 -10.89 -3.07
C ASN A 131 17.70 -10.58 -2.36
N LEU A 132 17.69 -10.75 -1.05
CA LEU A 132 16.52 -10.45 -0.27
C LEU A 132 16.31 -8.93 -0.20
N LYS A 133 17.40 -8.18 -0.36
CA LYS A 133 17.32 -6.74 -0.46
C LYS A 133 16.69 -6.32 -1.79
N SER A 134 17.21 -6.88 -2.88
CA SER A 134 16.75 -6.53 -4.21
C SER A 134 15.29 -6.94 -4.42
N GLN A 135 14.89 -8.08 -3.83
CA GLN A 135 13.51 -8.52 -3.92
C GLN A 135 12.57 -7.49 -3.30
N LEU A 136 12.97 -6.98 -2.14
CA LEU A 136 12.17 -6.00 -1.43
C LEU A 136 12.10 -4.70 -2.24
N ALA A 137 13.26 -4.27 -2.74
CA ALA A 137 13.33 -3.07 -3.55
C ALA A 137 12.44 -3.18 -4.78
N ALA A 138 12.45 -4.35 -5.41
CA ALA A 138 11.66 -4.59 -6.61
C ALA A 138 10.17 -4.62 -6.28
N ALA A 139 9.84 -5.23 -5.15
CA ALA A 139 8.46 -5.34 -4.71
C ALA A 139 7.91 -3.96 -4.31
N ALA A 140 8.73 -3.17 -3.63
CA ALA A 140 8.35 -1.82 -3.25
C ALA A 140 8.17 -0.95 -4.48
N ARG A 141 9.00 -1.21 -5.48
CA ARG A 141 8.88 -0.54 -6.76
C ARG A 141 7.56 -0.90 -7.42
N ALA A 142 7.20 -2.19 -7.33
CA ALA A 142 5.94 -2.67 -7.88
C ALA A 142 4.75 -1.96 -7.22
N VAL A 143 4.84 -1.80 -5.90
CA VAL A 143 3.82 -1.04 -5.16
C VAL A 143 3.71 0.36 -5.73
N THR A 144 4.85 1.02 -5.88
CA THR A 144 4.92 2.37 -6.39
C THR A 144 4.31 2.46 -7.80
N ASP A 145 4.66 1.52 -8.66
CA ASP A 145 4.16 1.51 -10.04
C ASP A 145 2.65 1.32 -10.08
N SER A 146 2.13 0.47 -9.20
CA SER A 146 0.69 0.24 -9.12
C SER A 146 -0.03 1.49 -8.58
N ILE A 147 0.59 2.15 -7.61
CA ILE A 147 0.08 3.41 -7.10
C ILE A 147 0.00 4.43 -8.24
N ASN A 148 1.10 4.53 -8.98
CA ASN A 148 1.18 5.41 -10.15
C ASN A 148 0.07 5.07 -11.15
N GLN A 149 -0.11 3.77 -11.40
CA GLN A 149 -1.13 3.30 -12.34
C GLN A 149 -2.51 3.82 -11.93
N LEU A 150 -2.78 3.78 -10.63
CA LEU A 150 -4.06 4.24 -10.11
C LEU A 150 -4.20 5.74 -10.29
N ILE A 151 -3.10 6.46 -10.09
CA ILE A 151 -3.10 7.91 -10.20
C ILE A 151 -3.23 8.34 -11.66
N THR A 152 -2.57 7.63 -12.56
CA THR A 152 -2.67 7.93 -13.98
C THR A 152 -4.11 7.77 -14.48
N MET A 153 -4.83 6.85 -13.84
CA MET A 153 -6.24 6.61 -14.18
C MET A 153 -7.14 7.66 -13.52
N CYS A 154 -6.90 7.92 -12.24
CA CYS A 154 -7.71 8.87 -11.48
C CYS A 154 -7.41 10.31 -11.90
N THR A 155 -6.15 10.67 -11.86
CA THR A 155 -5.72 12.01 -12.20
C THR A 155 -5.13 12.02 -13.61
N GLN A 156 -5.99 12.24 -14.60
CA GLN A 156 -5.55 12.26 -15.98
C GLN A 156 -5.09 13.65 -16.38
N GLN A 157 -3.80 13.81 -16.53
CA GLN A 157 -3.23 15.06 -17.02
C GLN A 157 -3.09 14.99 -18.52
N ALA A 158 -2.99 13.77 -19.02
CA ALA A 158 -2.89 13.52 -20.45
C ALA A 158 -4.09 12.74 -20.93
N GLY A 1 15.96 -15.80 22.14
CA GLY A 1 15.68 -15.24 20.79
C GLY A 1 14.23 -14.88 20.61
N ILE A 2 13.81 -13.79 21.23
CA ILE A 2 12.42 -13.35 21.15
C ILE A 2 12.32 -11.99 20.49
N ASP A 3 11.10 -11.52 20.31
CA ASP A 3 10.86 -10.22 19.70
C ASP A 3 9.84 -9.44 20.53
N PRO A 4 10.29 -8.43 21.27
CA PRO A 4 9.39 -7.59 22.09
C PRO A 4 8.36 -6.88 21.21
N PHE A 5 8.85 -6.20 20.19
CA PHE A 5 8.00 -5.58 19.18
C PHE A 5 8.88 -4.95 18.11
N THR A 6 9.44 -5.79 17.26
CA THR A 6 10.25 -5.33 16.14
C THR A 6 9.81 -6.04 14.87
N GLN A 7 9.96 -7.35 14.85
CA GLN A 7 9.49 -8.15 13.73
C GLN A 7 7.98 -8.05 13.62
N ARG A 8 7.33 -7.83 14.76
CA ARG A 8 5.88 -7.67 14.79
C ARG A 8 5.43 -6.45 14.00
N ASP A 9 6.34 -5.53 13.72
CA ASP A 9 6.03 -4.35 12.93
C ASP A 9 5.62 -4.72 11.52
N VAL A 10 6.31 -5.71 10.94
CA VAL A 10 5.99 -6.14 9.59
C VAL A 10 4.70 -6.95 9.58
N ASP A 11 4.43 -7.63 10.69
CA ASP A 11 3.22 -8.43 10.83
C ASP A 11 2.00 -7.54 11.02
N ASN A 12 2.15 -6.54 11.88
CA ASN A 12 1.09 -5.57 12.13
C ASN A 12 0.75 -4.83 10.84
N ALA A 13 1.77 -4.51 10.06
CA ALA A 13 1.59 -3.87 8.77
C ALA A 13 0.77 -4.74 7.84
N LEU A 14 0.99 -6.06 7.92
CA LEU A 14 0.23 -7.01 7.11
C LEU A 14 -1.24 -6.97 7.48
N ARG A 15 -1.52 -6.82 8.77
CA ARG A 15 -2.90 -6.78 9.23
C ARG A 15 -3.59 -5.51 8.72
N ALA A 16 -2.87 -4.40 8.75
CA ALA A 16 -3.40 -3.13 8.25
C ALA A 16 -3.85 -3.28 6.80
N VAL A 17 -3.02 -3.93 5.99
CA VAL A 17 -3.36 -4.20 4.60
C VAL A 17 -4.46 -5.26 4.52
N GLY A 18 -4.37 -6.26 5.38
CA GLY A 18 -5.32 -7.36 5.38
C GLY A 18 -6.73 -6.92 5.73
N ASP A 19 -6.86 -6.12 6.77
CA ASP A 19 -8.16 -5.60 7.17
C ASP A 19 -8.73 -4.69 6.09
N ALA A 20 -7.88 -3.80 5.57
CA ALA A 20 -8.31 -2.84 4.57
C ALA A 20 -8.77 -3.52 3.29
N SER A 21 -8.04 -4.55 2.85
CA SER A 21 -8.39 -5.25 1.62
C SER A 21 -9.74 -5.95 1.74
N LYS A 22 -10.04 -6.50 2.91
CA LYS A 22 -11.33 -7.14 3.15
C LYS A 22 -12.43 -6.13 3.41
N ARG A 23 -12.06 -5.02 4.02
CA ARG A 23 -13.00 -3.95 4.35
C ARG A 23 -13.45 -3.22 3.09
N LEU A 24 -12.49 -2.95 2.23
CA LEU A 24 -12.73 -2.10 1.07
C LEU A 24 -12.99 -2.92 -0.19
N LEU A 25 -12.01 -3.75 -0.57
CA LEU A 25 -12.16 -4.58 -1.76
C LEU A 25 -13.17 -5.69 -1.50
N SER A 26 -14.40 -5.45 -1.90
CA SER A 26 -15.49 -6.37 -1.62
C SER A 26 -16.55 -6.29 -2.71
N ASP A 27 -17.57 -7.13 -2.60
CA ASP A 27 -18.68 -7.11 -3.55
C ASP A 27 -19.76 -6.20 -3.00
N LEU A 28 -19.99 -6.33 -1.69
CA LEU A 28 -20.93 -5.47 -1.00
C LEU A 28 -20.14 -4.39 -0.27
N LEU A 29 -19.90 -3.28 -0.96
CA LEU A 29 -19.07 -2.23 -0.41
C LEU A 29 -19.91 -1.00 -0.09
N PRO A 30 -19.56 -0.30 1.01
CA PRO A 30 -20.23 0.93 1.41
C PRO A 30 -20.33 1.95 0.27
N PRO A 31 -21.46 2.66 0.19
CA PRO A 31 -21.72 3.61 -0.90
C PRO A 31 -20.92 4.90 -0.75
N SER A 32 -19.61 4.80 -0.79
CA SER A 32 -18.75 5.97 -0.76
C SER A 32 -18.72 6.64 -2.13
N THR A 33 -19.50 7.69 -2.29
CA THR A 33 -19.59 8.36 -3.58
C THR A 33 -19.47 9.88 -3.44
N GLY A 34 -18.24 10.35 -3.33
CA GLY A 34 -17.98 11.77 -3.36
C GLY A 34 -17.76 12.26 -4.77
N THR A 35 -17.33 13.49 -4.92
CA THR A 35 -17.02 14.03 -6.24
C THR A 35 -15.64 13.59 -6.68
N PHE A 36 -15.40 13.58 -7.98
CA PHE A 36 -14.10 13.19 -8.51
C PHE A 36 -12.99 14.08 -7.97
N GLN A 37 -13.33 15.34 -7.69
CA GLN A 37 -12.35 16.30 -7.21
C GLN A 37 -11.94 16.02 -5.76
N GLU A 38 -12.93 15.83 -4.89
CA GLU A 38 -12.66 15.60 -3.47
C GLU A 38 -11.92 14.27 -3.28
N ALA A 39 -12.27 13.29 -4.09
CA ALA A 39 -11.63 11.98 -4.03
C ALA A 39 -10.19 12.06 -4.53
N GLN A 40 -10.02 12.71 -5.69
CA GLN A 40 -8.70 12.84 -6.30
C GLN A 40 -7.73 13.53 -5.35
N SER A 41 -8.17 14.63 -4.76
CA SER A 41 -7.32 15.39 -3.87
C SER A 41 -6.90 14.54 -2.67
N ARG A 42 -7.82 13.71 -2.20
CA ARG A 42 -7.57 12.85 -1.05
C ARG A 42 -6.62 11.73 -1.44
N LEU A 43 -6.92 11.12 -2.58
CA LEU A 43 -6.12 10.04 -3.12
C LEU A 43 -4.72 10.52 -3.49
N ASN A 44 -4.64 11.71 -4.08
CA ASN A 44 -3.36 12.26 -4.54
C ASN A 44 -2.45 12.52 -3.35
N GLU A 45 -3.05 12.99 -2.26
CA GLU A 45 -2.33 13.24 -1.02
C GLU A 45 -1.76 11.95 -0.47
N ALA A 46 -2.63 10.94 -0.41
CA ALA A 46 -2.27 9.64 0.15
C ALA A 46 -1.20 8.95 -0.69
N ALA A 47 -1.34 9.05 -2.01
CA ALA A 47 -0.43 8.39 -2.95
C ALA A 47 1.02 8.79 -2.71
N ALA A 48 1.27 10.09 -2.66
CA ALA A 48 2.63 10.61 -2.50
C ALA A 48 3.27 10.12 -1.21
N GLY A 49 2.46 10.00 -0.16
CA GLY A 49 2.97 9.52 1.10
C GLY A 49 3.33 8.06 1.06
N LEU A 50 2.50 7.27 0.38
CA LEU A 50 2.73 5.83 0.29
C LEU A 50 3.91 5.52 -0.63
N ASN A 51 4.14 6.38 -1.62
CA ASN A 51 5.30 6.25 -2.49
C ASN A 51 6.58 6.26 -1.65
N GLN A 52 6.65 7.21 -0.72
CA GLN A 52 7.80 7.32 0.16
C GLN A 52 7.80 6.21 1.19
N ALA A 53 6.62 5.74 1.56
CA ALA A 53 6.48 4.65 2.52
C ALA A 53 7.18 3.39 1.99
N ALA A 54 6.94 3.08 0.72
CA ALA A 54 7.63 1.98 0.07
C ALA A 54 9.11 2.30 -0.08
N THR A 55 9.39 3.58 -0.31
CA THR A 55 10.75 4.09 -0.42
C THR A 55 11.53 3.83 0.88
N GLU A 56 10.86 4.00 2.02
CA GLU A 56 11.48 3.78 3.32
C GLU A 56 11.94 2.33 3.46
N LEU A 57 11.12 1.39 3.00
CA LEU A 57 11.47 -0.03 3.06
C LEU A 57 12.71 -0.33 2.22
N VAL A 58 12.82 0.34 1.07
CA VAL A 58 13.98 0.17 0.22
C VAL A 58 15.25 0.66 0.92
N GLN A 59 15.15 1.84 1.53
CA GLN A 59 16.27 2.40 2.30
C GLN A 59 16.59 1.51 3.49
N ALA A 60 15.56 0.90 4.05
CA ALA A 60 15.71 0.02 5.19
C ALA A 60 16.42 -1.27 4.80
N SER A 61 16.23 -1.69 3.54
CA SER A 61 16.87 -2.90 3.03
C SER A 61 18.38 -2.78 3.10
N ARG A 62 18.87 -1.58 2.85
CA ARG A 62 20.30 -1.32 2.89
C ARG A 62 20.68 -0.66 4.21
N GLY A 63 19.80 -0.81 5.20
CA GLY A 63 20.05 -0.27 6.51
C GLY A 63 20.07 -1.35 7.55
N THR A 64 18.94 -1.54 8.24
CA THR A 64 18.86 -2.53 9.31
C THR A 64 17.47 -3.15 9.36
N PRO A 65 17.36 -4.38 9.90
CA PRO A 65 16.07 -5.04 10.16
C PRO A 65 15.15 -4.17 11.03
N GLN A 66 15.75 -3.44 11.94
CA GLN A 66 15.01 -2.60 12.87
C GLN A 66 14.45 -1.38 12.14
N ASP A 67 15.20 -0.90 11.16
CA ASP A 67 14.75 0.20 10.32
C ASP A 67 13.61 -0.26 9.42
N LEU A 68 13.76 -1.50 8.90
CA LEU A 68 12.70 -2.16 8.14
C LEU A 68 11.41 -2.19 8.96
N ALA A 69 11.53 -2.61 10.22
CA ALA A 69 10.40 -2.69 11.11
C ALA A 69 9.69 -1.35 11.24
N ARG A 70 10.46 -0.30 11.54
CA ARG A 70 9.86 1.02 11.71
C ARG A 70 9.24 1.49 10.39
N ALA A 71 9.90 1.15 9.29
CA ALA A 71 9.38 1.46 7.96
C ALA A 71 8.06 0.73 7.71
N SER A 72 7.95 -0.48 8.25
CA SER A 72 6.74 -1.28 8.10
C SER A 72 5.56 -0.62 8.79
N GLY A 73 5.81 -0.07 9.97
CA GLY A 73 4.75 0.58 10.72
C GLY A 73 4.19 1.78 10.00
N ARG A 74 5.06 2.54 9.35
CA ARG A 74 4.63 3.69 8.57
C ARG A 74 3.90 3.24 7.31
N PHE A 75 4.54 2.33 6.56
CA PHE A 75 3.99 1.85 5.30
C PHE A 75 2.59 1.25 5.48
N GLY A 76 2.48 0.34 6.44
CA GLY A 76 1.22 -0.35 6.65
C GLY A 76 0.08 0.58 7.05
N GLN A 77 0.37 1.50 7.96
CA GLN A 77 -0.64 2.40 8.48
C GLN A 77 -1.04 3.44 7.43
N ASP A 78 -0.05 3.93 6.69
CA ASP A 78 -0.29 4.93 5.65
C ASP A 78 -1.05 4.32 4.48
N PHE A 79 -0.70 3.07 4.16
CA PHE A 79 -1.38 2.33 3.09
C PHE A 79 -2.88 2.28 3.32
N SER A 80 -3.27 2.09 4.58
CA SER A 80 -4.69 2.02 4.93
C SER A 80 -5.42 3.24 4.41
N THR A 81 -4.88 4.41 4.69
CA THR A 81 -5.48 5.68 4.28
C THR A 81 -5.52 5.79 2.75
N PHE A 82 -4.47 5.32 2.10
CA PHE A 82 -4.40 5.32 0.64
C PHE A 82 -5.50 4.44 0.05
N LEU A 83 -5.60 3.22 0.53
CA LEU A 83 -6.55 2.25 0.01
C LEU A 83 -7.99 2.71 0.29
N GLU A 84 -8.19 3.33 1.45
CA GLU A 84 -9.50 3.85 1.83
C GLU A 84 -9.93 4.99 0.91
N ALA A 85 -8.96 5.71 0.35
CA ALA A 85 -9.25 6.76 -0.62
C ALA A 85 -9.62 6.16 -1.97
N GLY A 86 -9.13 4.95 -2.22
CA GLY A 86 -9.38 4.28 -3.47
C GLY A 86 -10.84 3.90 -3.66
N VAL A 87 -11.51 3.56 -2.56
CA VAL A 87 -12.92 3.18 -2.63
C VAL A 87 -13.80 4.40 -2.88
N GLU A 88 -13.30 5.58 -2.54
CA GLU A 88 -13.99 6.82 -2.85
C GLU A 88 -14.05 6.99 -4.37
N MET A 89 -12.97 6.57 -5.03
CA MET A 89 -12.89 6.58 -6.49
C MET A 89 -13.79 5.50 -7.07
N ALA A 90 -13.63 4.30 -6.57
CA ALA A 90 -14.40 3.16 -7.05
C ALA A 90 -15.89 3.36 -6.80
N GLY A 91 -16.22 4.02 -5.69
CA GLY A 91 -17.60 4.25 -5.34
C GLY A 91 -18.24 5.36 -6.13
N GLN A 92 -17.43 6.26 -6.68
CA GLN A 92 -17.96 7.34 -7.50
C GLN A 92 -18.03 6.92 -8.96
N ALA A 93 -17.62 5.68 -9.22
CA ALA A 93 -17.71 5.10 -10.54
C ALA A 93 -19.02 4.33 -10.69
N PRO A 94 -19.94 4.83 -11.52
CA PRO A 94 -21.26 4.23 -11.71
C PRO A 94 -21.22 2.95 -12.52
N SER A 95 -20.45 2.97 -13.60
CA SER A 95 -20.35 1.82 -14.49
C SER A 95 -19.55 0.71 -13.83
N GLN A 96 -20.11 -0.50 -13.82
CA GLN A 96 -19.48 -1.63 -13.13
C GLN A 96 -18.12 -1.94 -13.73
N GLU A 97 -18.02 -1.81 -15.05
CA GLU A 97 -16.76 -2.10 -15.74
C GLU A 97 -15.69 -1.08 -15.34
N ASP A 98 -16.09 0.19 -15.30
CA ASP A 98 -15.18 1.27 -14.90
C ASP A 98 -14.79 1.11 -13.44
N ARG A 99 -15.76 0.74 -12.62
CA ARG A 99 -15.52 0.48 -11.21
C ARG A 99 -14.56 -0.70 -11.04
N ALA A 100 -14.79 -1.75 -11.82
CA ALA A 100 -13.92 -2.91 -11.78
C ALA A 100 -12.51 -2.53 -12.23
N GLN A 101 -12.43 -1.66 -13.22
CA GLN A 101 -11.16 -1.20 -13.77
C GLN A 101 -10.32 -0.49 -12.69
N VAL A 102 -10.94 0.44 -11.97
CA VAL A 102 -10.23 1.18 -10.92
C VAL A 102 -9.89 0.25 -9.74
N VAL A 103 -10.76 -0.74 -9.50
CA VAL A 103 -10.52 -1.72 -8.43
C VAL A 103 -9.34 -2.62 -8.75
N SER A 104 -9.11 -2.89 -10.02
CA SER A 104 -7.99 -3.73 -10.45
C SER A 104 -6.66 -3.20 -9.91
N ASN A 105 -6.50 -1.88 -9.93
CA ASN A 105 -5.27 -1.26 -9.43
C ASN A 105 -5.24 -1.32 -7.92
N LEU A 106 -6.41 -1.15 -7.30
CA LEU A 106 -6.53 -1.22 -5.85
C LEU A 106 -6.08 -2.58 -5.34
N LYS A 107 -6.56 -3.64 -5.97
CA LYS A 107 -6.11 -4.99 -5.64
C LYS A 107 -4.63 -5.13 -5.92
N GLY A 108 -4.22 -4.66 -7.09
CA GLY A 108 -2.82 -4.74 -7.48
C GLY A 108 -1.89 -4.13 -6.44
N ILE A 109 -2.20 -2.92 -6.01
CA ILE A 109 -1.36 -2.23 -5.04
C ILE A 109 -1.53 -2.84 -3.65
N SER A 110 -2.75 -3.28 -3.32
CA SER A 110 -3.03 -3.87 -2.01
C SER A 110 -2.30 -5.20 -1.87
N MET A 111 -2.26 -5.98 -2.94
CA MET A 111 -1.58 -7.26 -2.92
C MET A 111 -0.08 -7.09 -3.01
N SER A 112 0.37 -6.15 -3.85
CA SER A 112 1.80 -5.90 -4.00
C SER A 112 2.41 -5.36 -2.70
N SER A 113 1.65 -4.54 -1.97
CA SER A 113 2.12 -4.00 -0.71
C SER A 113 2.26 -5.10 0.33
N SER A 114 1.32 -6.03 0.29
CA SER A 114 1.38 -7.22 1.12
C SER A 114 2.66 -8.00 0.83
N LYS A 115 2.91 -8.23 -0.45
CA LYS A 115 4.08 -8.99 -0.89
C LYS A 115 5.37 -8.24 -0.56
N LEU A 116 5.30 -6.91 -0.59
CA LEU A 116 6.43 -6.06 -0.22
C LEU A 116 6.79 -6.27 1.25
N LEU A 117 5.78 -6.20 2.10
CA LEU A 117 5.98 -6.36 3.54
C LEU A 117 6.43 -7.79 3.86
N LEU A 118 5.99 -8.75 3.04
CA LEU A 118 6.43 -10.13 3.20
C LEU A 118 7.94 -10.25 3.02
N ALA A 119 8.47 -9.52 2.05
CA ALA A 119 9.91 -9.49 1.81
C ALA A 119 10.62 -8.85 3.00
N ALA A 120 9.98 -7.84 3.58
CA ALA A 120 10.52 -7.15 4.74
C ALA A 120 10.62 -8.10 5.94
N LYS A 121 9.63 -9.00 6.06
CA LYS A 121 9.64 -10.00 7.13
C LYS A 121 10.92 -10.83 7.05
N ALA A 122 11.15 -11.41 5.88
CA ALA A 122 12.29 -12.27 5.65
C ALA A 122 13.59 -11.49 5.78
N LEU A 123 13.59 -10.26 5.32
CA LEU A 123 14.80 -9.44 5.34
C LEU A 123 15.17 -9.03 6.77
N SER A 124 14.16 -8.96 7.63
CA SER A 124 14.40 -8.65 9.03
C SER A 124 15.01 -9.84 9.76
N THR A 125 14.70 -11.04 9.27
CA THR A 125 15.25 -12.25 9.85
C THR A 125 16.59 -12.61 9.20
N ASP A 126 16.73 -12.26 7.92
CA ASP A 126 17.94 -12.54 7.17
C ASP A 126 18.37 -11.30 6.38
N PRO A 127 19.14 -10.41 7.02
CA PRO A 127 19.60 -9.18 6.38
C PRO A 127 20.91 -9.37 5.63
N ALA A 128 21.32 -10.62 5.47
CA ALA A 128 22.57 -10.93 4.80
C ALA A 128 22.32 -11.44 3.38
N SER A 129 21.06 -11.62 3.03
CA SER A 129 20.70 -12.13 1.72
C SER A 129 20.62 -10.98 0.69
N PRO A 130 21.53 -10.98 -0.29
CA PRO A 130 21.59 -9.93 -1.32
C PRO A 130 20.34 -9.90 -2.20
N ASN A 131 19.88 -11.08 -2.61
CA ASN A 131 18.68 -11.19 -3.45
C ASN A 131 17.45 -10.69 -2.72
N LEU A 132 17.45 -10.84 -1.40
CA LEU A 132 16.33 -10.44 -0.58
C LEU A 132 16.16 -8.92 -0.60
N LYS A 133 17.27 -8.19 -0.68
CA LYS A 133 17.24 -6.75 -0.84
C LYS A 133 16.62 -6.38 -2.19
N SER A 134 17.06 -7.06 -3.23
CA SER A 134 16.59 -6.80 -4.58
C SER A 134 15.11 -7.17 -4.72
N GLN A 135 14.71 -8.25 -4.06
CA GLN A 135 13.33 -8.71 -4.09
C GLN A 135 12.40 -7.68 -3.45
N LEU A 136 12.80 -7.16 -2.30
CA LEU A 136 12.03 -6.14 -1.61
C LEU A 136 11.90 -4.91 -2.50
N ALA A 137 13.01 -4.52 -3.13
CA ALA A 137 13.02 -3.38 -4.04
C ALA A 137 12.10 -3.63 -5.23
N ALA A 138 12.04 -4.88 -5.68
CA ALA A 138 11.20 -5.26 -6.80
C ALA A 138 9.73 -5.20 -6.41
N ALA A 139 9.44 -5.55 -5.17
CA ALA A 139 8.08 -5.47 -4.64
C ALA A 139 7.67 -4.02 -4.42
N ALA A 140 8.61 -3.22 -3.92
CA ALA A 140 8.38 -1.79 -3.73
C ALA A 140 8.11 -1.12 -5.07
N ARG A 141 8.82 -1.59 -6.10
CA ARG A 141 8.58 -1.14 -7.46
C ARG A 141 7.14 -1.44 -7.86
N ALA A 142 6.69 -2.65 -7.56
CA ALA A 142 5.33 -3.06 -7.89
C ALA A 142 4.31 -2.20 -7.16
N VAL A 143 4.57 -1.95 -5.88
CA VAL A 143 3.68 -1.13 -5.07
C VAL A 143 3.60 0.29 -5.64
N THR A 144 4.76 0.92 -5.84
CA THR A 144 4.83 2.28 -6.33
C THR A 144 4.19 2.39 -7.72
N ASP A 145 4.44 1.38 -8.54
CA ASP A 145 3.86 1.33 -9.88
C ASP A 145 2.35 1.32 -9.82
N SER A 146 1.79 0.42 -9.00
CA SER A 146 0.34 0.29 -8.89
C SER A 146 -0.28 1.52 -8.21
N ILE A 147 0.49 2.17 -7.33
CA ILE A 147 0.04 3.43 -6.73
C ILE A 147 -0.23 4.46 -7.83
N ASN A 148 0.77 4.68 -8.66
CA ASN A 148 0.67 5.65 -9.74
C ASN A 148 -0.32 5.17 -10.80
N GLN A 149 -0.30 3.86 -11.08
CA GLN A 149 -1.22 3.26 -12.04
C GLN A 149 -2.66 3.53 -11.66
N LEU A 150 -2.93 3.50 -10.35
CA LEU A 150 -4.25 3.78 -9.83
C LEU A 150 -4.58 5.26 -10.06
N ILE A 151 -3.64 6.12 -9.72
CA ILE A 151 -3.82 7.56 -9.87
C ILE A 151 -4.05 7.95 -11.33
N THR A 152 -3.26 7.37 -12.22
CA THR A 152 -3.29 7.68 -13.65
C THR A 152 -4.71 7.64 -14.22
N MET A 153 -5.44 6.56 -13.97
CA MET A 153 -6.78 6.43 -14.51
C MET A 153 -7.80 7.21 -13.69
N CYS A 154 -7.52 7.39 -12.40
CA CYS A 154 -8.43 8.11 -11.52
C CYS A 154 -8.52 9.58 -11.88
N THR A 155 -7.38 10.23 -12.04
CA THR A 155 -7.38 11.64 -12.40
C THR A 155 -7.63 11.80 -13.90
N GLN A 156 -8.61 12.63 -14.22
CA GLN A 156 -9.11 12.77 -15.59
C GLN A 156 -9.76 11.46 -16.03
N GLN A 157 -8.94 10.59 -16.61
CA GLN A 157 -9.35 9.24 -17.03
C GLN A 157 -8.20 8.59 -17.77
N ALA A 158 -8.33 7.30 -18.04
CA ALA A 158 -7.36 6.62 -18.86
C ALA A 158 -8.01 6.15 -20.15
N GLY A 1 3.54 -6.13 28.26
CA GLY A 1 2.94 -5.79 26.96
C GLY A 1 2.26 -6.99 26.32
N ILE A 2 2.69 -7.33 25.12
CA ILE A 2 2.16 -8.51 24.45
C ILE A 2 3.15 -9.03 23.41
N ASP A 3 3.58 -8.18 22.50
CA ASP A 3 4.51 -8.58 21.45
C ASP A 3 5.70 -7.64 21.39
N PRO A 4 6.88 -8.19 21.12
CA PRO A 4 8.10 -7.40 20.96
C PRO A 4 8.11 -6.62 19.65
N PHE A 5 8.10 -5.30 19.75
CA PHE A 5 8.16 -4.46 18.57
C PHE A 5 9.51 -4.62 17.90
N THR A 6 9.61 -4.11 16.66
CA THR A 6 10.78 -4.28 15.81
C THR A 6 10.74 -5.63 15.09
N GLN A 7 9.98 -6.56 15.65
CA GLN A 7 9.81 -7.87 15.04
C GLN A 7 8.37 -8.08 14.58
N ARG A 8 7.42 -7.69 15.42
CA ARG A 8 6.00 -7.90 15.12
C ARG A 8 5.50 -6.90 14.06
N ASP A 9 6.25 -5.82 13.86
CA ASP A 9 5.86 -4.77 12.91
C ASP A 9 5.56 -5.32 11.52
N VAL A 10 6.40 -6.24 11.06
CA VAL A 10 6.21 -6.83 9.74
C VAL A 10 4.89 -7.60 9.65
N ASP A 11 4.45 -8.14 10.80
CA ASP A 11 3.20 -8.87 10.88
C ASP A 11 2.01 -7.92 11.02
N ASN A 12 2.16 -6.93 11.89
CA ASN A 12 1.12 -5.95 12.14
C ASN A 12 0.80 -5.17 10.87
N ALA A 13 1.81 -4.96 10.04
CA ALA A 13 1.63 -4.32 8.76
C ALA A 13 0.68 -5.13 7.89
N LEU A 14 0.85 -6.45 7.91
CA LEU A 14 -0.01 -7.35 7.14
C LEU A 14 -1.42 -7.33 7.68
N ARG A 15 -1.54 -7.14 8.99
CA ARG A 15 -2.84 -7.02 9.63
C ARG A 15 -3.54 -5.75 9.12
N ALA A 16 -2.82 -4.63 9.14
CA ALA A 16 -3.36 -3.37 8.66
C ALA A 16 -3.79 -3.46 7.21
N VAL A 17 -2.92 -4.01 6.37
CA VAL A 17 -3.23 -4.23 4.96
C VAL A 17 -4.41 -5.19 4.83
N GLY A 18 -4.47 -6.17 5.72
CA GLY A 18 -5.53 -7.14 5.72
C GLY A 18 -6.88 -6.52 6.01
N ASP A 19 -6.92 -5.65 7.03
CA ASP A 19 -8.14 -4.94 7.39
C ASP A 19 -8.69 -4.19 6.19
N ALA A 20 -7.82 -3.43 5.54
CA ALA A 20 -8.20 -2.64 4.39
C ALA A 20 -8.64 -3.52 3.23
N SER A 21 -7.94 -4.62 3.03
CA SER A 21 -8.27 -5.55 1.95
C SER A 21 -9.62 -6.23 2.22
N LYS A 22 -9.93 -6.45 3.49
CA LYS A 22 -11.19 -7.09 3.86
C LYS A 22 -12.35 -6.09 3.74
N ARG A 23 -12.13 -4.88 4.23
CA ARG A 23 -13.14 -3.83 4.16
C ARG A 23 -13.38 -3.37 2.72
N LEU A 24 -12.30 -3.00 2.06
CA LEU A 24 -12.38 -2.25 0.82
C LEU A 24 -12.41 -3.15 -0.42
N LEU A 25 -11.58 -4.19 -0.44
CA LEU A 25 -11.53 -5.08 -1.58
C LEU A 25 -12.70 -6.06 -1.55
N SER A 26 -13.88 -5.51 -1.76
CA SER A 26 -15.11 -6.27 -1.75
C SER A 26 -16.23 -5.41 -2.36
N ASP A 27 -17.47 -5.83 -2.20
CA ASP A 27 -18.59 -5.02 -2.65
C ASP A 27 -18.86 -3.90 -1.66
N LEU A 28 -18.20 -2.78 -1.88
CA LEU A 28 -18.37 -1.61 -1.04
C LEU A 28 -18.19 -0.35 -1.85
N LEU A 29 -19.26 0.42 -1.97
CA LEU A 29 -19.20 1.70 -2.66
C LEU A 29 -20.07 2.72 -1.94
N PRO A 30 -19.54 3.95 -1.73
CA PRO A 30 -20.33 5.08 -1.22
C PRO A 30 -21.53 5.35 -2.14
N PRO A 31 -22.74 5.07 -1.67
CA PRO A 31 -23.94 5.11 -2.51
C PRO A 31 -24.61 6.48 -2.57
N SER A 32 -23.87 7.51 -2.20
CA SER A 32 -24.41 8.85 -2.17
C SER A 32 -23.28 9.87 -2.09
N THR A 33 -23.63 11.14 -2.35
CA THR A 33 -22.70 12.28 -2.26
C THR A 33 -21.45 12.08 -3.13
N GLY A 34 -20.45 12.91 -2.89
CA GLY A 34 -19.21 12.81 -3.61
C GLY A 34 -19.18 13.68 -4.85
N THR A 35 -18.20 14.56 -4.92
CA THR A 35 -18.03 15.41 -6.08
C THR A 35 -17.06 14.78 -7.09
N PHE A 36 -16.66 13.54 -6.78
CA PHE A 36 -15.69 12.79 -7.58
C PHE A 36 -14.28 13.38 -7.47
N GLN A 37 -14.14 14.64 -7.82
CA GLN A 37 -12.84 15.31 -7.81
C GLN A 37 -12.26 15.38 -6.41
N GLU A 38 -13.13 15.52 -5.41
CA GLU A 38 -12.70 15.52 -4.02
C GLU A 38 -11.98 14.21 -3.68
N ALA A 39 -12.49 13.12 -4.23
CA ALA A 39 -11.90 11.81 -4.04
C ALA A 39 -10.56 11.74 -4.78
N GLN A 40 -10.54 12.28 -5.97
CA GLN A 40 -9.34 12.29 -6.81
C GLN A 40 -8.21 13.08 -6.13
N SER A 41 -8.57 14.23 -5.56
CA SER A 41 -7.63 15.06 -4.83
C SER A 41 -7.01 14.27 -3.67
N ARG A 42 -7.81 13.42 -3.06
CA ARG A 42 -7.37 12.63 -1.92
C ARG A 42 -6.31 11.62 -2.36
N LEU A 43 -6.51 11.08 -3.55
CA LEU A 43 -5.56 10.13 -4.13
C LEU A 43 -4.18 10.75 -4.28
N ASN A 44 -4.14 12.03 -4.62
CA ASN A 44 -2.86 12.70 -4.87
C ASN A 44 -2.04 12.78 -3.60
N GLU A 45 -2.68 13.20 -2.52
CA GLU A 45 -2.01 13.32 -1.23
C GLU A 45 -1.62 11.95 -0.68
N ALA A 46 -2.53 11.00 -0.78
CA ALA A 46 -2.31 9.66 -0.26
C ALA A 46 -1.23 8.93 -1.04
N ALA A 47 -1.20 9.15 -2.35
CA ALA A 47 -0.22 8.50 -3.22
C ALA A 47 1.20 8.88 -2.83
N ALA A 48 1.41 10.16 -2.58
CA ALA A 48 2.73 10.64 -2.20
C ALA A 48 3.16 10.07 -0.86
N GLY A 49 2.20 9.93 0.05
CA GLY A 49 2.49 9.36 1.35
C GLY A 49 2.92 7.91 1.25
N LEU A 50 2.16 7.11 0.52
CA LEU A 50 2.46 5.69 0.36
C LEU A 50 3.70 5.51 -0.50
N ASN A 51 3.91 6.42 -1.45
CA ASN A 51 5.14 6.44 -2.25
C ASN A 51 6.35 6.43 -1.34
N GLN A 52 6.35 7.35 -0.38
CA GLN A 52 7.44 7.47 0.57
C GLN A 52 7.46 6.28 1.52
N ALA A 53 6.28 5.80 1.90
CA ALA A 53 6.17 4.65 2.79
C ALA A 53 6.89 3.43 2.21
N ALA A 54 6.64 3.15 0.94
CA ALA A 54 7.33 2.08 0.25
C ALA A 54 8.82 2.38 0.14
N THR A 55 9.12 3.64 -0.14
CA THR A 55 10.50 4.13 -0.23
C THR A 55 11.27 3.84 1.06
N GLU A 56 10.60 4.02 2.19
CA GLU A 56 11.23 3.81 3.49
C GLU A 56 11.53 2.32 3.71
N LEU A 57 10.73 1.44 3.13
CA LEU A 57 11.02 0.00 3.18
C LEU A 57 12.23 -0.32 2.32
N VAL A 58 12.35 0.37 1.19
CA VAL A 58 13.47 0.16 0.27
C VAL A 58 14.79 0.49 0.95
N GLN A 59 14.89 1.73 1.43
CA GLN A 59 16.13 2.21 2.03
C GLN A 59 16.47 1.44 3.31
N ALA A 60 15.43 1.00 4.00
CA ALA A 60 15.59 0.26 5.26
C ALA A 60 16.39 -1.01 5.07
N SER A 61 16.29 -1.62 3.89
CA SER A 61 16.94 -2.89 3.61
C SER A 61 18.47 -2.75 3.63
N ARG A 62 18.94 -1.54 3.32
CA ARG A 62 20.37 -1.28 3.25
C ARG A 62 20.86 -0.56 4.51
N GLY A 63 20.01 -0.52 5.53
CA GLY A 63 20.38 0.14 6.75
C GLY A 63 20.36 -0.80 7.95
N THR A 64 19.17 -1.22 8.34
CA THR A 64 19.02 -2.11 9.48
C THR A 64 17.63 -2.74 9.51
N PRO A 65 17.55 -4.02 9.92
CA PRO A 65 16.27 -4.73 10.09
C PRO A 65 15.32 -4.00 11.03
N GLN A 66 15.89 -3.19 11.92
CA GLN A 66 15.11 -2.43 12.88
C GLN A 66 14.32 -1.33 12.16
N ASP A 67 14.87 -0.83 11.07
CA ASP A 67 14.24 0.23 10.29
C ASP A 67 13.17 -0.37 9.39
N LEU A 68 13.40 -1.61 8.97
CA LEU A 68 12.40 -2.38 8.22
C LEU A 68 11.11 -2.51 9.03
N ALA A 69 11.27 -2.62 10.35
CA ALA A 69 10.14 -2.69 11.25
C ALA A 69 9.37 -1.36 11.26
N ARG A 70 10.12 -0.28 11.40
CA ARG A 70 9.55 1.06 11.36
C ARG A 70 8.84 1.28 10.03
N ALA A 71 9.50 0.89 8.96
CA ALA A 71 8.97 1.01 7.62
C ALA A 71 7.72 0.15 7.45
N SER A 72 7.70 -1.01 8.10
CA SER A 72 6.54 -1.89 8.10
C SER A 72 5.30 -1.17 8.64
N GLY A 73 5.46 -0.52 9.80
CA GLY A 73 4.34 0.16 10.40
C GLY A 73 3.90 1.34 9.57
N ARG A 74 4.88 2.08 9.06
CA ARG A 74 4.62 3.22 8.18
C ARG A 74 3.86 2.80 6.93
N PHE A 75 4.40 1.79 6.25
CA PHE A 75 3.83 1.32 4.99
C PHE A 75 2.39 0.89 5.16
N GLY A 76 2.14 0.02 6.15
CA GLY A 76 0.80 -0.48 6.38
C GLY A 76 -0.18 0.62 6.76
N GLN A 77 0.31 1.60 7.51
CA GLN A 77 -0.55 2.69 7.98
C GLN A 77 -0.94 3.61 6.83
N ASP A 78 0.05 4.08 6.08
CA ASP A 78 -0.19 4.99 4.96
C ASP A 78 -0.95 4.29 3.84
N PHE A 79 -0.71 2.99 3.67
CA PHE A 79 -1.42 2.20 2.68
C PHE A 79 -2.93 2.21 2.96
N SER A 80 -3.29 2.08 4.23
CA SER A 80 -4.68 2.04 4.63
C SER A 80 -5.40 3.33 4.18
N THR A 81 -4.72 4.46 4.33
CA THR A 81 -5.27 5.74 3.93
C THR A 81 -5.40 5.84 2.40
N PHE A 82 -4.38 5.35 1.70
CA PHE A 82 -4.36 5.37 0.25
C PHE A 82 -5.46 4.49 -0.34
N LEU A 83 -5.60 3.28 0.20
CA LEU A 83 -6.55 2.31 -0.33
C LEU A 83 -7.99 2.82 -0.18
N GLU A 84 -8.31 3.41 0.97
CA GLU A 84 -9.64 3.94 1.21
C GLU A 84 -9.98 5.05 0.21
N ALA A 85 -8.96 5.81 -0.18
CA ALA A 85 -9.14 6.89 -1.12
C ALA A 85 -9.60 6.36 -2.48
N GLY A 86 -9.00 5.26 -2.91
CA GLY A 86 -9.37 4.65 -4.18
C GLY A 86 -10.79 4.15 -4.19
N VAL A 87 -11.22 3.61 -3.06
CA VAL A 87 -12.59 3.10 -2.91
C VAL A 87 -13.59 4.24 -3.00
N GLU A 88 -13.19 5.41 -2.51
CA GLU A 88 -14.02 6.60 -2.60
C GLU A 88 -14.34 6.88 -4.07
N MET A 89 -13.31 6.82 -4.92
CA MET A 89 -13.49 7.02 -6.36
C MET A 89 -14.35 5.92 -6.94
N ALA A 90 -14.10 4.69 -6.52
CA ALA A 90 -14.85 3.54 -6.97
C ALA A 90 -16.34 3.70 -6.69
N GLY A 91 -16.66 4.37 -5.59
CA GLY A 91 -18.06 4.63 -5.25
C GLY A 91 -18.64 5.75 -6.09
N GLN A 92 -17.79 6.68 -6.50
CA GLN A 92 -18.22 7.81 -7.31
C GLN A 92 -18.47 7.39 -8.75
N ALA A 93 -17.94 6.22 -9.11
CA ALA A 93 -18.11 5.69 -10.45
C ALA A 93 -19.59 5.46 -10.77
N PRO A 94 -20.03 5.85 -11.97
CA PRO A 94 -21.43 5.76 -12.39
C PRO A 94 -21.96 4.32 -12.33
N SER A 95 -21.24 3.41 -12.95
CA SER A 95 -21.67 2.02 -12.99
C SER A 95 -20.80 1.18 -12.07
N GLN A 96 -21.37 0.07 -11.59
CA GLN A 96 -20.62 -0.90 -10.80
C GLN A 96 -19.47 -1.47 -11.63
N GLU A 97 -19.67 -1.49 -12.94
CA GLU A 97 -18.66 -1.99 -13.87
C GLU A 97 -17.47 -1.04 -13.91
N ASP A 98 -17.74 0.24 -13.66
CA ASP A 98 -16.67 1.23 -13.59
C ASP A 98 -16.02 1.18 -12.22
N ARG A 99 -16.84 0.91 -11.21
CA ARG A 99 -16.35 0.68 -9.86
C ARG A 99 -15.30 -0.42 -9.86
N ALA A 100 -15.65 -1.54 -10.48
CA ALA A 100 -14.75 -2.70 -10.57
C ALA A 100 -13.46 -2.34 -11.30
N GLN A 101 -13.56 -1.44 -12.26
CA GLN A 101 -12.39 -1.00 -13.02
C GLN A 101 -11.40 -0.31 -12.11
N VAL A 102 -11.88 0.57 -11.25
CA VAL A 102 -11.03 1.29 -10.30
C VAL A 102 -10.48 0.33 -9.25
N VAL A 103 -11.34 -0.58 -8.79
CA VAL A 103 -10.95 -1.55 -7.75
C VAL A 103 -9.92 -2.55 -8.28
N SER A 104 -10.01 -2.93 -9.55
CA SER A 104 -9.07 -3.88 -10.12
C SER A 104 -7.69 -3.25 -10.27
N ASN A 105 -7.64 -1.93 -10.45
CA ASN A 105 -6.37 -1.22 -10.43
C ASN A 105 -5.79 -1.28 -9.03
N LEU A 106 -6.66 -1.04 -8.05
CA LEU A 106 -6.29 -1.06 -6.65
C LEU A 106 -5.72 -2.41 -6.24
N LYS A 107 -6.26 -3.49 -6.80
CA LYS A 107 -5.77 -4.83 -6.54
C LYS A 107 -4.27 -4.93 -6.83
N GLY A 108 -3.84 -4.33 -7.94
CA GLY A 108 -2.45 -4.39 -8.34
C GLY A 108 -1.53 -3.81 -7.29
N ILE A 109 -1.91 -2.68 -6.73
CA ILE A 109 -1.09 -2.03 -5.73
C ILE A 109 -1.29 -2.68 -4.35
N SER A 110 -2.53 -3.11 -4.06
CA SER A 110 -2.84 -3.73 -2.78
C SER A 110 -2.07 -5.05 -2.62
N MET A 111 -2.16 -5.92 -3.61
CA MET A 111 -1.47 -7.20 -3.57
C MET A 111 0.04 -7.00 -3.45
N SER A 112 0.57 -6.09 -4.25
CA SER A 112 2.00 -5.81 -4.23
C SER A 112 2.44 -5.30 -2.86
N SER A 113 1.59 -4.51 -2.21
CA SER A 113 1.90 -3.99 -0.88
C SER A 113 2.06 -5.12 0.12
N SER A 114 1.13 -6.06 0.04
CA SER A 114 1.16 -7.25 0.86
C SER A 114 2.44 -8.04 0.62
N LYS A 115 2.69 -8.31 -0.65
CA LYS A 115 3.83 -9.13 -1.07
C LYS A 115 5.16 -8.45 -0.76
N LEU A 116 5.17 -7.12 -0.79
CA LEU A 116 6.35 -6.35 -0.39
C LEU A 116 6.65 -6.56 1.09
N LEU A 117 5.62 -6.44 1.91
CA LEU A 117 5.75 -6.64 3.34
C LEU A 117 6.24 -8.06 3.63
N LEU A 118 5.78 -9.01 2.83
CA LEU A 118 6.23 -10.40 2.96
C LEU A 118 7.74 -10.50 2.78
N ALA A 119 8.27 -9.74 1.82
CA ALA A 119 9.71 -9.71 1.58
C ALA A 119 10.42 -9.03 2.76
N ALA A 120 9.78 -8.00 3.30
CA ALA A 120 10.31 -7.30 4.46
C ALA A 120 10.41 -8.23 5.65
N LYS A 121 9.39 -9.07 5.83
CA LYS A 121 9.40 -10.08 6.88
C LYS A 121 10.60 -10.99 6.74
N ALA A 122 10.78 -11.50 5.53
CA ALA A 122 11.86 -12.42 5.23
C ALA A 122 13.21 -11.77 5.48
N LEU A 123 13.33 -10.51 5.10
CA LEU A 123 14.59 -9.79 5.24
C LEU A 123 14.87 -9.44 6.69
N SER A 124 13.82 -9.19 7.46
CA SER A 124 13.96 -8.88 8.88
C SER A 124 14.37 -10.13 9.66
N THR A 125 14.23 -11.28 9.03
CA THR A 125 14.60 -12.54 9.65
C THR A 125 15.75 -13.21 8.91
N ASP A 126 16.24 -12.54 7.87
CA ASP A 126 17.35 -13.05 7.06
C ASP A 126 18.08 -11.88 6.40
N PRO A 127 18.68 -11.00 7.21
CA PRO A 127 19.23 -9.73 6.73
C PRO A 127 20.64 -9.82 6.16
N ALA A 128 21.24 -11.00 6.22
CA ALA A 128 22.59 -11.17 5.72
C ALA A 128 22.58 -11.61 4.26
N SER A 129 21.38 -11.68 3.69
CA SER A 129 21.22 -12.07 2.29
C SER A 129 21.03 -10.83 1.42
N PRO A 130 22.08 -10.46 0.65
CA PRO A 130 22.05 -9.26 -0.20
C PRO A 130 21.01 -9.33 -1.29
N ASN A 131 20.74 -10.55 -1.77
CA ASN A 131 19.78 -10.75 -2.84
C ASN A 131 18.35 -10.49 -2.36
N LEU A 132 18.12 -10.69 -1.07
CA LEU A 132 16.80 -10.45 -0.50
C LEU A 132 16.54 -8.95 -0.41
N LYS A 133 17.60 -8.15 -0.30
CA LYS A 133 17.48 -6.70 -0.39
C LYS A 133 17.03 -6.32 -1.80
N SER A 134 17.67 -6.93 -2.79
CA SER A 134 17.34 -6.71 -4.19
C SER A 134 15.87 -7.04 -4.45
N GLN A 135 15.43 -8.18 -3.93
CA GLN A 135 14.05 -8.62 -4.10
C GLN A 135 13.08 -7.64 -3.45
N LEU A 136 13.39 -7.22 -2.22
CA LEU A 136 12.55 -6.28 -1.51
C LEU A 136 12.43 -4.97 -2.28
N ALA A 137 13.57 -4.50 -2.80
CA ALA A 137 13.59 -3.27 -3.60
C ALA A 137 12.75 -3.42 -4.86
N ALA A 138 12.79 -4.61 -5.46
CA ALA A 138 12.03 -4.89 -6.67
C ALA A 138 10.54 -4.96 -6.37
N ALA A 139 10.20 -5.57 -5.24
CA ALA A 139 8.80 -5.65 -4.80
C ALA A 139 8.27 -4.27 -4.48
N ALA A 140 9.09 -3.47 -3.80
CA ALA A 140 8.73 -2.10 -3.47
C ALA A 140 8.60 -1.25 -4.72
N ARG A 141 9.43 -1.55 -5.71
CA ARG A 141 9.34 -0.90 -7.00
C ARG A 141 7.99 -1.17 -7.63
N ALA A 142 7.54 -2.42 -7.53
CA ALA A 142 6.25 -2.82 -8.07
C ALA A 142 5.11 -2.11 -7.35
N VAL A 143 5.25 -1.95 -6.03
CA VAL A 143 4.24 -1.24 -5.25
C VAL A 143 4.19 0.23 -5.65
N THR A 144 5.34 0.88 -5.63
CA THR A 144 5.44 2.30 -5.92
C THR A 144 4.95 2.58 -7.35
N ASP A 145 5.33 1.71 -8.27
CA ASP A 145 4.91 1.82 -9.66
C ASP A 145 3.39 1.72 -9.77
N SER A 146 2.80 0.81 -8.99
CA SER A 146 1.36 0.61 -9.01
C SER A 146 0.63 1.79 -8.35
N ILE A 147 1.28 2.41 -7.37
CA ILE A 147 0.72 3.61 -6.73
C ILE A 147 0.55 4.71 -7.76
N ASN A 148 1.64 5.00 -8.46
CA ASN A 148 1.63 6.04 -9.49
C ASN A 148 0.75 5.65 -10.66
N GLN A 149 0.80 4.36 -11.02
CA GLN A 149 -0.05 3.82 -12.07
C GLN A 149 -1.52 4.07 -11.75
N LEU A 150 -1.88 3.82 -10.49
CA LEU A 150 -3.24 4.01 -10.02
C LEU A 150 -3.66 5.46 -10.24
N ILE A 151 -2.80 6.38 -9.84
CA ILE A 151 -3.09 7.80 -9.98
C ILE A 151 -3.19 8.21 -11.45
N THR A 152 -2.21 7.79 -12.25
CA THR A 152 -2.18 8.13 -13.67
C THR A 152 -3.47 7.68 -14.37
N MET A 153 -3.98 6.52 -13.97
CA MET A 153 -5.18 5.97 -14.60
C MET A 153 -6.44 6.64 -14.06
N CYS A 154 -6.54 6.74 -12.74
CA CYS A 154 -7.75 7.21 -12.09
C CYS A 154 -7.95 8.72 -12.27
N THR A 155 -6.86 9.47 -12.38
CA THR A 155 -6.95 10.91 -12.60
C THR A 155 -7.42 11.19 -14.02
N GLN A 156 -7.37 10.17 -14.86
CA GLN A 156 -7.82 10.27 -16.24
C GLN A 156 -9.18 9.58 -16.39
N GLN A 157 -9.77 9.21 -15.27
CA GLN A 157 -11.07 8.55 -15.28
C GLN A 157 -12.18 9.58 -15.44
N ALA A 158 -12.41 9.99 -16.68
CA ALA A 158 -13.40 11.02 -16.97
C ALA A 158 -14.59 10.40 -17.67
N GLY A 1 4.55 -8.20 26.41
CA GLY A 1 4.72 -9.57 25.86
C GLY A 1 6.15 -9.84 25.48
N ILE A 2 6.44 -11.10 25.12
CA ILE A 2 7.79 -11.49 24.73
C ILE A 2 8.09 -11.00 23.30
N ASP A 3 7.04 -10.66 22.57
CA ASP A 3 7.20 -10.09 21.23
C ASP A 3 7.60 -8.63 21.32
N PRO A 4 8.84 -8.30 20.93
CA PRO A 4 9.38 -6.94 21.03
C PRO A 4 8.72 -5.99 20.04
N PHE A 5 8.56 -4.73 20.45
CA PHE A 5 7.99 -3.70 19.59
C PHE A 5 9.01 -3.29 18.52
N THR A 6 9.24 -4.21 17.60
CA THR A 6 10.13 -4.01 16.47
C THR A 6 9.73 -4.98 15.35
N GLN A 7 9.54 -6.23 15.75
CA GLN A 7 9.09 -7.26 14.82
C GLN A 7 7.58 -7.19 14.64
N ARG A 8 6.89 -6.72 15.68
CA ARG A 8 5.44 -6.62 15.64
C ARG A 8 4.96 -5.70 14.53
N ASP A 9 5.80 -4.75 14.14
CA ASP A 9 5.44 -3.76 13.12
C ASP A 9 5.23 -4.41 11.76
N VAL A 10 5.98 -5.46 11.46
CA VAL A 10 5.85 -6.12 10.15
C VAL A 10 4.58 -6.97 10.11
N ASP A 11 4.17 -7.49 11.26
CA ASP A 11 2.96 -8.31 11.33
C ASP A 11 1.72 -7.42 11.42
N ASN A 12 1.83 -6.34 12.19
CA ASN A 12 0.73 -5.39 12.33
C ASN A 12 0.46 -4.71 10.99
N ALA A 13 1.53 -4.44 10.24
CA ALA A 13 1.39 -3.88 8.92
C ALA A 13 0.64 -4.84 8.00
N LEU A 14 0.86 -6.13 8.19
CA LEU A 14 0.17 -7.14 7.40
C LEU A 14 -1.31 -7.15 7.72
N ARG A 15 -1.66 -6.95 8.99
CA ARG A 15 -3.05 -6.85 9.39
C ARG A 15 -3.69 -5.65 8.70
N ALA A 16 -2.99 -4.53 8.72
CA ALA A 16 -3.48 -3.31 8.09
C ALA A 16 -3.75 -3.53 6.60
N VAL A 17 -2.74 -4.00 5.87
CA VAL A 17 -2.87 -4.22 4.44
C VAL A 17 -3.87 -5.33 4.13
N GLY A 18 -3.73 -6.45 4.83
CA GLY A 18 -4.58 -7.60 4.59
C GLY A 18 -6.04 -7.34 4.89
N ASP A 19 -6.32 -6.78 6.06
CA ASP A 19 -7.70 -6.54 6.47
C ASP A 19 -8.32 -5.44 5.62
N ALA A 20 -7.52 -4.47 5.21
CA ALA A 20 -8.00 -3.40 4.34
C ALA A 20 -8.44 -3.98 3.00
N SER A 21 -7.64 -4.89 2.47
CA SER A 21 -7.96 -5.54 1.21
C SER A 21 -9.23 -6.38 1.35
N LYS A 22 -9.50 -6.82 2.57
CA LYS A 22 -10.72 -7.57 2.86
C LYS A 22 -11.94 -6.64 2.97
N ARG A 23 -11.84 -5.65 3.86
CA ARG A 23 -12.95 -4.75 4.16
C ARG A 23 -13.30 -3.89 2.95
N LEU A 24 -12.28 -3.30 2.36
CA LEU A 24 -12.46 -2.19 1.44
C LEU A 24 -12.87 -2.63 0.04
N LEU A 25 -13.11 -3.93 -0.16
CA LEU A 25 -13.76 -4.38 -1.37
C LEU A 25 -15.13 -3.73 -1.48
N SER A 26 -15.78 -3.61 -0.33
CA SER A 26 -17.02 -2.85 -0.17
C SER A 26 -18.14 -3.36 -1.07
N ASP A 27 -19.03 -4.15 -0.49
CA ASP A 27 -20.21 -4.64 -1.22
C ASP A 27 -21.17 -3.48 -1.46
N LEU A 28 -20.99 -2.42 -0.68
CA LEU A 28 -21.77 -1.21 -0.84
C LEU A 28 -20.85 -0.02 -1.10
N LEU A 29 -20.82 0.44 -2.33
CA LEU A 29 -20.00 1.59 -2.70
C LEU A 29 -20.66 2.89 -2.26
N PRO A 30 -19.85 3.86 -1.81
CA PRO A 30 -20.33 5.20 -1.47
C PRO A 30 -20.86 5.91 -2.72
N PRO A 31 -22.19 6.09 -2.80
CA PRO A 31 -22.86 6.56 -4.04
C PRO A 31 -22.42 7.96 -4.46
N SER A 32 -21.37 8.02 -5.29
CA SER A 32 -20.88 9.26 -5.87
C SER A 32 -20.76 10.38 -4.81
N THR A 33 -20.02 10.08 -3.75
CA THR A 33 -19.82 11.05 -2.68
C THR A 33 -18.66 11.98 -3.01
N GLY A 34 -18.96 13.06 -3.72
CA GLY A 34 -17.93 13.98 -4.15
C GLY A 34 -17.65 13.83 -5.63
N THR A 35 -16.39 13.94 -6.01
CA THR A 35 -15.99 13.76 -7.40
C THR A 35 -14.64 13.05 -7.46
N PHE A 36 -14.19 12.73 -8.67
CA PHE A 36 -12.87 12.16 -8.84
C PHE A 36 -11.81 13.22 -8.56
N GLN A 37 -12.18 14.47 -8.81
CA GLN A 37 -11.31 15.60 -8.52
C GLN A 37 -11.18 15.81 -7.02
N GLU A 38 -12.30 15.62 -6.32
CA GLU A 38 -12.32 15.71 -4.86
C GLU A 38 -11.42 14.63 -4.27
N ALA A 39 -11.59 13.41 -4.77
CA ALA A 39 -10.82 12.28 -4.27
C ALA A 39 -9.35 12.39 -4.68
N GLN A 40 -9.07 13.17 -5.72
CA GLN A 40 -7.71 13.34 -6.21
C GLN A 40 -6.83 13.97 -5.14
N SER A 41 -7.35 15.02 -4.49
CA SER A 41 -6.61 15.68 -3.42
C SER A 41 -6.33 14.70 -2.28
N ARG A 42 -7.27 13.76 -2.11
CA ARG A 42 -7.23 12.81 -1.02
C ARG A 42 -6.25 11.68 -1.34
N LEU A 43 -6.39 11.14 -2.56
CA LEU A 43 -5.52 10.09 -3.05
C LEU A 43 -4.09 10.60 -3.18
N ASN A 44 -3.94 11.88 -3.51
CA ASN A 44 -2.62 12.48 -3.73
C ASN A 44 -1.74 12.32 -2.50
N GLU A 45 -2.27 12.71 -1.34
CA GLU A 45 -1.53 12.62 -0.09
C GLU A 45 -1.27 11.17 0.29
N ALA A 46 -2.29 10.34 0.15
CA ALA A 46 -2.19 8.93 0.47
C ALA A 46 -1.14 8.24 -0.40
N ALA A 47 -1.20 8.52 -1.70
CA ALA A 47 -0.26 7.95 -2.65
C ALA A 47 1.16 8.39 -2.36
N ALA A 48 1.36 9.70 -2.23
CA ALA A 48 2.68 10.26 -1.97
C ALA A 48 3.28 9.68 -0.70
N GLY A 49 2.46 9.55 0.33
CA GLY A 49 2.91 8.97 1.58
C GLY A 49 3.29 7.51 1.43
N LEU A 50 2.46 6.76 0.72
CA LEU A 50 2.70 5.34 0.53
C LEU A 50 3.91 5.11 -0.36
N ASN A 51 4.15 6.03 -1.30
CA ASN A 51 5.34 5.97 -2.14
C ASN A 51 6.60 6.08 -1.30
N GLN A 52 6.58 7.00 -0.34
CA GLN A 52 7.70 7.17 0.57
C GLN A 52 7.77 5.99 1.54
N ALA A 53 6.60 5.49 1.92
CA ALA A 53 6.51 4.32 2.79
C ALA A 53 7.16 3.11 2.15
N ALA A 54 6.95 2.94 0.85
CA ALA A 54 7.61 1.88 0.10
C ALA A 54 9.11 2.16 0.04
N THR A 55 9.46 3.43 -0.11
CA THR A 55 10.85 3.86 -0.13
C THR A 55 11.52 3.54 1.20
N GLU A 56 10.76 3.66 2.30
CA GLU A 56 11.26 3.30 3.63
C GLU A 56 11.80 1.88 3.64
N LEU A 57 11.03 0.95 3.09
CA LEU A 57 11.45 -0.44 3.02
C LEU A 57 12.68 -0.59 2.13
N VAL A 58 12.69 0.14 1.01
CA VAL A 58 13.81 0.06 0.06
C VAL A 58 15.14 0.45 0.70
N GLN A 59 15.16 1.59 1.37
CA GLN A 59 16.40 2.09 1.97
C GLN A 59 16.81 1.21 3.14
N ALA A 60 15.84 0.56 3.75
CA ALA A 60 16.08 -0.34 4.87
C ALA A 60 16.57 -1.71 4.41
N SER A 61 16.24 -2.06 3.16
CA SER A 61 16.49 -3.40 2.61
C SER A 61 17.94 -3.88 2.80
N ARG A 62 18.87 -2.96 2.94
CA ARG A 62 20.28 -3.34 3.09
C ARG A 62 20.46 -4.16 4.37
N GLY A 63 19.60 -3.91 5.34
CA GLY A 63 19.55 -4.74 6.52
C GLY A 63 19.80 -3.99 7.79
N THR A 64 18.72 -3.50 8.36
CA THR A 64 18.74 -2.82 9.64
C THR A 64 17.38 -2.97 10.30
N PRO A 65 17.36 -3.60 11.48
CA PRO A 65 16.11 -3.97 12.18
C PRO A 65 15.22 -2.77 12.48
N GLN A 66 15.83 -1.70 12.98
CA GLN A 66 15.06 -0.51 13.35
C GLN A 66 14.49 0.19 12.14
N ASP A 67 15.21 0.13 11.02
CA ASP A 67 14.75 0.76 9.80
C ASP A 67 13.60 -0.01 9.18
N LEU A 68 13.73 -1.33 9.11
CA LEU A 68 12.67 -2.18 8.58
C LEU A 68 11.44 -2.14 9.47
N ALA A 69 11.65 -2.01 10.78
CA ALA A 69 10.55 -1.87 11.71
C ALA A 69 9.82 -0.55 11.51
N ARG A 70 10.59 0.51 11.29
CA ARG A 70 10.02 1.83 11.02
C ARG A 70 9.28 1.79 9.69
N ALA A 71 9.90 1.15 8.72
CA ALA A 71 9.36 1.03 7.37
C ALA A 71 8.02 0.31 7.36
N SER A 72 7.93 -0.81 8.10
CA SER A 72 6.69 -1.58 8.17
C SER A 72 5.57 -0.77 8.80
N GLY A 73 5.90 0.00 9.83
CA GLY A 73 4.90 0.79 10.51
C GLY A 73 4.44 1.96 9.68
N ARG A 74 5.36 2.53 8.91
CA ARG A 74 5.03 3.61 8.01
C ARG A 74 4.17 3.11 6.86
N PHE A 75 4.63 2.05 6.22
CA PHE A 75 3.98 1.49 5.04
C PHE A 75 2.55 1.06 5.35
N GLY A 76 2.39 0.31 6.43
CA GLY A 76 1.07 -0.20 6.78
C GLY A 76 0.09 0.89 7.16
N GLN A 77 0.61 1.98 7.72
CA GLN A 77 -0.25 3.06 8.19
C GLN A 77 -0.75 3.93 7.03
N ASP A 78 0.11 4.16 6.06
CA ASP A 78 -0.26 4.96 4.89
C ASP A 78 -1.09 4.16 3.89
N PHE A 79 -0.81 2.87 3.81
CA PHE A 79 -1.51 2.00 2.86
C PHE A 79 -3.01 2.00 3.11
N SER A 80 -3.41 1.83 4.36
CA SER A 80 -4.81 1.75 4.72
C SER A 80 -5.55 2.99 4.24
N THR A 81 -4.99 4.15 4.53
CA THR A 81 -5.57 5.43 4.13
C THR A 81 -5.70 5.51 2.61
N PHE A 82 -4.68 5.04 1.91
CA PHE A 82 -4.67 5.03 0.46
C PHE A 82 -5.81 4.17 -0.07
N LEU A 83 -5.94 2.97 0.47
CA LEU A 83 -6.95 2.02 0.01
C LEU A 83 -8.35 2.47 0.38
N GLU A 84 -8.52 3.01 1.60
CA GLU A 84 -9.81 3.52 2.04
C GLU A 84 -10.33 4.59 1.09
N ALA A 85 -9.45 5.53 0.75
CA ALA A 85 -9.78 6.63 -0.15
C ALA A 85 -10.02 6.11 -1.58
N GLY A 86 -9.28 5.06 -1.94
CA GLY A 86 -9.47 4.45 -3.25
C GLY A 86 -10.87 3.91 -3.42
N VAL A 87 -11.44 3.39 -2.34
CA VAL A 87 -12.81 2.89 -2.35
C VAL A 87 -13.79 4.03 -2.57
N GLU A 88 -13.50 5.17 -1.97
CA GLU A 88 -14.34 6.34 -2.08
C GLU A 88 -14.42 6.81 -3.53
N MET A 89 -13.27 6.84 -4.21
CA MET A 89 -13.24 7.26 -5.60
C MET A 89 -13.82 6.17 -6.50
N ALA A 90 -13.75 4.92 -6.06
CA ALA A 90 -14.38 3.82 -6.77
C ALA A 90 -15.91 3.94 -6.67
N GLY A 91 -16.37 4.54 -5.57
CA GLY A 91 -17.78 4.75 -5.38
C GLY A 91 -18.31 5.91 -6.19
N GLN A 92 -17.41 6.75 -6.67
CA GLN A 92 -17.78 7.86 -7.53
C GLN A 92 -18.38 7.33 -8.82
N ALA A 93 -17.89 6.16 -9.23
CA ALA A 93 -18.38 5.48 -10.41
C ALA A 93 -19.71 4.80 -10.12
N PRO A 94 -20.78 5.23 -10.81
CA PRO A 94 -22.12 4.68 -10.62
C PRO A 94 -22.35 3.42 -11.45
N SER A 95 -21.29 2.94 -12.07
CA SER A 95 -21.35 1.79 -12.94
C SER A 95 -20.27 0.77 -12.56
N GLN A 96 -20.57 -0.50 -12.72
CA GLN A 96 -19.72 -1.55 -12.17
C GLN A 96 -18.63 -2.00 -13.14
N GLU A 97 -18.75 -1.66 -14.41
CA GLU A 97 -17.68 -1.93 -15.35
C GLU A 97 -16.53 -0.97 -15.09
N ASP A 98 -16.90 0.26 -14.71
CA ASP A 98 -15.93 1.24 -14.22
C ASP A 98 -15.36 0.77 -12.89
N ARG A 99 -16.24 0.28 -12.03
CA ARG A 99 -15.85 -0.26 -10.73
C ARG A 99 -14.77 -1.31 -10.88
N ALA A 100 -15.05 -2.34 -11.67
CA ALA A 100 -14.10 -3.44 -11.87
C ALA A 100 -12.78 -2.94 -12.44
N GLN A 101 -12.85 -1.93 -13.30
CA GLN A 101 -11.68 -1.41 -13.98
C GLN A 101 -10.76 -0.68 -13.00
N VAL A 102 -11.34 0.01 -12.03
CA VAL A 102 -10.54 0.71 -11.04
C VAL A 102 -10.04 -0.26 -9.96
N VAL A 103 -10.84 -1.29 -9.69
CA VAL A 103 -10.46 -2.31 -8.71
C VAL A 103 -9.22 -3.08 -9.18
N SER A 104 -9.05 -3.18 -10.49
CA SER A 104 -7.85 -3.79 -11.07
C SER A 104 -6.59 -3.13 -10.49
N ASN A 105 -6.58 -1.80 -10.48
CA ASN A 105 -5.45 -1.04 -9.95
C ASN A 105 -5.36 -1.25 -8.44
N LEU A 106 -6.52 -1.27 -7.80
CA LEU A 106 -6.61 -1.45 -6.35
C LEU A 106 -6.00 -2.79 -5.94
N LYS A 107 -6.40 -3.85 -6.62
CA LYS A 107 -5.86 -5.18 -6.35
C LYS A 107 -4.36 -5.20 -6.56
N GLY A 108 -3.93 -4.65 -7.70
CA GLY A 108 -2.52 -4.62 -8.03
C GLY A 108 -1.69 -4.01 -6.93
N ILE A 109 -2.06 -2.80 -6.50
CA ILE A 109 -1.30 -2.09 -5.49
C ILE A 109 -1.41 -2.79 -4.13
N SER A 110 -2.61 -3.27 -3.81
CA SER A 110 -2.84 -3.94 -2.52
C SER A 110 -2.01 -5.24 -2.43
N MET A 111 -2.05 -6.03 -3.49
CA MET A 111 -1.33 -7.30 -3.51
C MET A 111 0.18 -7.06 -3.51
N SER A 112 0.64 -6.15 -4.35
CA SER A 112 2.06 -5.83 -4.41
C SER A 112 2.56 -5.29 -3.06
N SER A 113 1.73 -4.52 -2.38
CA SER A 113 2.07 -3.99 -1.07
C SER A 113 2.21 -5.11 -0.06
N SER A 114 1.30 -6.06 -0.16
CA SER A 114 1.35 -7.26 0.66
C SER A 114 2.63 -8.04 0.40
N LYS A 115 2.94 -8.25 -0.87
CA LYS A 115 4.14 -8.97 -1.29
C LYS A 115 5.39 -8.25 -0.82
N LEU A 116 5.32 -6.93 -0.81
CA LEU A 116 6.42 -6.10 -0.36
C LEU A 116 6.72 -6.33 1.12
N LEU A 117 5.67 -6.35 1.92
CA LEU A 117 5.81 -6.56 3.35
C LEU A 117 6.25 -7.98 3.67
N LEU A 118 5.80 -8.94 2.86
CA LEU A 118 6.22 -10.32 3.02
C LEU A 118 7.73 -10.44 2.84
N ALA A 119 8.25 -9.72 1.86
CA ALA A 119 9.68 -9.68 1.61
C ALA A 119 10.40 -8.98 2.77
N ALA A 120 9.75 -7.95 3.31
CA ALA A 120 10.30 -7.18 4.42
C ALA A 120 10.49 -8.05 5.65
N LYS A 121 9.49 -8.88 5.95
CA LYS A 121 9.57 -9.79 7.10
C LYS A 121 10.72 -10.76 6.92
N ALA A 122 10.79 -11.35 5.74
CA ALA A 122 11.82 -12.31 5.39
C ALA A 122 13.19 -11.66 5.49
N LEU A 123 13.25 -10.36 5.20
CA LEU A 123 14.50 -9.62 5.23
C LEU A 123 14.86 -9.20 6.65
N SER A 124 13.84 -8.92 7.46
CA SER A 124 14.06 -8.59 8.86
C SER A 124 14.58 -9.81 9.61
N THR A 125 14.21 -10.99 9.14
CA THR A 125 14.68 -12.23 9.72
C THR A 125 15.97 -12.69 9.06
N ASP A 126 16.04 -12.56 7.74
CA ASP A 126 17.23 -12.94 6.99
C ASP A 126 17.78 -11.76 6.20
N PRO A 127 18.56 -10.89 6.83
CA PRO A 127 19.12 -9.71 6.18
C PRO A 127 20.45 -9.99 5.51
N ALA A 128 20.80 -11.26 5.34
CA ALA A 128 22.08 -11.64 4.76
C ALA A 128 21.93 -12.11 3.31
N SER A 129 20.70 -12.34 2.88
CA SER A 129 20.45 -12.83 1.54
C SER A 129 20.42 -11.70 0.53
N PRO A 130 21.34 -11.72 -0.45
CA PRO A 130 21.49 -10.66 -1.44
C PRO A 130 20.24 -10.46 -2.28
N ASN A 131 19.62 -11.56 -2.69
CA ASN A 131 18.46 -11.50 -3.56
C ASN A 131 17.25 -10.92 -2.83
N LEU A 132 17.25 -11.05 -1.51
CA LEU A 132 16.14 -10.56 -0.70
C LEU A 132 16.15 -9.02 -0.68
N LYS A 133 17.34 -8.43 -0.68
CA LYS A 133 17.50 -6.98 -0.80
C LYS A 133 16.80 -6.49 -2.07
N SER A 134 17.21 -7.05 -3.20
CA SER A 134 16.71 -6.64 -4.49
C SER A 134 15.26 -7.06 -4.72
N GLN A 135 14.83 -8.13 -4.05
CA GLN A 135 13.46 -8.59 -4.16
C GLN A 135 12.51 -7.56 -3.57
N LEU A 136 12.90 -6.99 -2.43
CA LEU A 136 12.09 -5.99 -1.78
C LEU A 136 12.06 -4.71 -2.63
N ALA A 137 13.24 -4.30 -3.09
CA ALA A 137 13.36 -3.12 -3.93
C ALA A 137 12.47 -3.22 -5.18
N ALA A 138 12.43 -4.40 -5.78
CA ALA A 138 11.63 -4.63 -6.97
C ALA A 138 10.14 -4.64 -6.63
N ALA A 139 9.82 -5.19 -5.47
CA ALA A 139 8.43 -5.26 -5.01
C ALA A 139 7.89 -3.87 -4.73
N ALA A 140 8.73 -3.03 -4.12
CA ALA A 140 8.36 -1.65 -3.83
C ALA A 140 8.15 -0.87 -5.13
N ARG A 141 9.02 -1.14 -6.10
CA ARG A 141 8.90 -0.55 -7.43
C ARG A 141 7.56 -0.92 -8.04
N ALA A 142 7.13 -2.15 -7.83
CA ALA A 142 5.84 -2.62 -8.30
C ALA A 142 4.71 -1.88 -7.58
N VAL A 143 4.84 -1.73 -6.27
CA VAL A 143 3.85 -1.02 -5.46
C VAL A 143 3.69 0.42 -5.95
N THR A 144 4.81 1.13 -6.06
CA THR A 144 4.81 2.51 -6.53
C THR A 144 4.15 2.61 -7.90
N ASP A 145 4.45 1.64 -8.76
CA ASP A 145 3.91 1.61 -10.11
C ASP A 145 2.39 1.49 -10.09
N SER A 146 1.88 0.60 -9.25
CA SER A 146 0.45 0.41 -9.13
C SER A 146 -0.23 1.60 -8.45
N ILE A 147 0.49 2.25 -7.55
CA ILE A 147 0.01 3.48 -6.92
C ILE A 147 -0.24 4.54 -8.00
N ASN A 148 0.75 4.71 -8.87
CA ASN A 148 0.68 5.68 -9.95
C ASN A 148 -0.52 5.41 -10.86
N GLN A 149 -0.76 4.12 -11.13
CA GLN A 149 -1.85 3.72 -12.01
C GLN A 149 -3.21 4.05 -11.40
N LEU A 150 -3.32 3.90 -10.08
CA LEU A 150 -4.57 4.17 -9.39
C LEU A 150 -4.88 5.67 -9.44
N ILE A 151 -3.86 6.47 -9.17
CA ILE A 151 -4.02 7.93 -9.19
C ILE A 151 -4.36 8.40 -10.60
N THR A 152 -3.69 7.82 -11.59
CA THR A 152 -3.96 8.13 -12.99
C THR A 152 -5.39 7.73 -13.36
N MET A 153 -5.83 6.59 -12.83
CA MET A 153 -7.18 6.10 -13.09
C MET A 153 -8.22 7.05 -12.53
N CYS A 154 -7.93 7.65 -11.38
CA CYS A 154 -8.84 8.61 -10.76
C CYS A 154 -9.06 9.80 -11.69
N THR A 155 -8.02 10.62 -11.86
CA THR A 155 -8.08 11.75 -12.78
C THR A 155 -6.73 12.47 -12.83
N GLN A 156 -5.65 11.73 -12.68
CA GLN A 156 -4.31 12.31 -12.77
C GLN A 156 -3.89 12.36 -14.23
N GLN A 157 -3.89 13.55 -14.78
CA GLN A 157 -3.59 13.74 -16.19
C GLN A 157 -2.44 14.71 -16.37
N ALA A 158 -1.61 14.45 -17.37
CA ALA A 158 -0.48 15.30 -17.68
C ALA A 158 -0.50 15.67 -19.15
N GLY A 1 4.85 2.48 14.67
CA GLY A 1 5.58 3.72 14.27
C GLY A 1 6.69 4.05 15.23
N ILE A 2 6.87 5.33 15.50
CA ILE A 2 7.83 5.76 16.51
C ILE A 2 7.23 5.55 17.89
N ASP A 3 7.17 4.29 18.31
CA ASP A 3 6.57 3.91 19.57
C ASP A 3 7.23 2.64 20.09
N PRO A 4 7.16 2.38 21.42
CA PRO A 4 7.79 1.21 22.05
C PRO A 4 7.38 -0.14 21.45
N PHE A 5 6.25 -0.16 20.75
CA PHE A 5 5.76 -1.40 20.14
C PHE A 5 6.43 -1.63 18.79
N THR A 6 7.74 -1.46 18.77
CA THR A 6 8.54 -1.69 17.58
C THR A 6 8.58 -3.20 17.26
N GLN A 7 8.87 -3.54 16.00
CA GLN A 7 8.89 -4.93 15.51
C GLN A 7 7.47 -5.43 15.30
N ARG A 8 6.58 -5.02 16.19
CA ARG A 8 5.14 -5.24 16.05
C ARG A 8 4.65 -4.60 14.75
N ASP A 9 5.37 -3.56 14.33
CA ASP A 9 5.08 -2.85 13.08
C ASP A 9 4.95 -3.81 11.91
N VAL A 10 5.86 -4.78 11.85
CA VAL A 10 5.89 -5.73 10.74
C VAL A 10 4.62 -6.55 10.72
N ASP A 11 4.30 -7.19 11.85
CA ASP A 11 3.13 -8.06 11.94
C ASP A 11 1.84 -7.26 11.73
N ASN A 12 1.84 -6.03 12.23
CA ASN A 12 0.71 -5.13 12.06
C ASN A 12 0.52 -4.78 10.59
N ALA A 13 1.61 -4.38 9.94
CA ALA A 13 1.57 -3.95 8.55
C ALA A 13 1.17 -5.10 7.62
N LEU A 14 1.71 -6.29 7.88
CA LEU A 14 1.41 -7.45 7.05
C LEU A 14 -0.07 -7.76 7.09
N ARG A 15 -0.63 -7.70 8.28
CA ARG A 15 -2.06 -7.92 8.46
C ARG A 15 -2.86 -6.77 7.83
N ALA A 16 -2.42 -5.55 8.10
CA ALA A 16 -3.12 -4.36 7.65
C ALA A 16 -3.38 -4.38 6.14
N VAL A 17 -2.34 -4.67 5.37
CA VAL A 17 -2.46 -4.68 3.91
C VAL A 17 -3.54 -5.66 3.44
N GLY A 18 -3.52 -6.86 3.99
CA GLY A 18 -4.49 -7.87 3.58
C GLY A 18 -5.87 -7.59 4.16
N ASP A 19 -5.91 -7.29 5.45
CA ASP A 19 -7.17 -7.07 6.17
C ASP A 19 -7.90 -5.86 5.62
N ALA A 20 -7.19 -4.76 5.44
CA ALA A 20 -7.80 -3.52 4.96
C ALA A 20 -8.38 -3.70 3.56
N SER A 21 -7.68 -4.45 2.70
CA SER A 21 -8.16 -4.69 1.35
C SER A 21 -9.49 -5.47 1.39
N LYS A 22 -9.55 -6.48 2.25
CA LYS A 22 -10.73 -7.32 2.35
C LYS A 22 -11.86 -6.58 3.08
N ARG A 23 -11.51 -5.77 4.06
CA ARG A 23 -12.49 -5.04 4.85
C ARG A 23 -13.04 -3.83 4.11
N LEU A 24 -12.19 -3.16 3.34
CA LEU A 24 -12.58 -1.91 2.70
C LEU A 24 -13.13 -2.10 1.28
N LEU A 25 -12.33 -2.68 0.38
CA LEU A 25 -12.68 -2.65 -1.04
C LEU A 25 -13.07 -4.02 -1.59
N SER A 26 -13.37 -4.96 -0.71
CA SER A 26 -13.75 -6.31 -1.15
C SER A 26 -15.24 -6.36 -1.47
N ASP A 27 -16.07 -6.09 -0.48
CA ASP A 27 -17.51 -6.27 -0.62
C ASP A 27 -18.27 -5.04 -0.16
N LEU A 28 -18.13 -4.73 1.12
CA LEU A 28 -18.78 -3.57 1.69
C LEU A 28 -17.86 -2.36 1.64
N LEU A 29 -18.25 -1.36 0.84
CA LEU A 29 -17.47 -0.16 0.71
C LEU A 29 -17.89 0.86 1.77
N PRO A 30 -16.95 1.28 2.64
CA PRO A 30 -17.21 2.30 3.65
C PRO A 30 -17.79 3.57 3.04
N PRO A 31 -18.67 4.27 3.78
CA PRO A 31 -19.38 5.46 3.31
C PRO A 31 -18.46 6.48 2.63
N SER A 32 -18.53 6.51 1.31
CA SER A 32 -17.75 7.44 0.51
C SER A 32 -18.64 8.13 -0.50
N THR A 33 -18.81 9.44 -0.36
CA THR A 33 -19.69 10.19 -1.23
C THR A 33 -19.17 11.63 -1.41
N GLY A 34 -17.86 11.79 -1.30
CA GLY A 34 -17.26 13.08 -1.56
C GLY A 34 -17.13 13.31 -3.05
N THR A 35 -16.71 12.26 -3.75
CA THR A 35 -16.67 12.19 -5.22
C THR A 35 -15.74 13.22 -5.87
N PHE A 36 -15.22 12.82 -7.04
CA PHE A 36 -14.36 13.64 -7.91
C PHE A 36 -13.33 14.47 -7.15
N GLN A 37 -13.67 15.71 -6.80
CA GLN A 37 -12.74 16.64 -6.18
C GLN A 37 -12.21 16.08 -4.86
N GLU A 38 -13.09 15.44 -4.12
CA GLU A 38 -12.73 14.83 -2.84
C GLU A 38 -11.79 13.65 -3.07
N ALA A 39 -12.17 12.76 -3.99
CA ALA A 39 -11.42 11.55 -4.23
C ALA A 39 -10.03 11.85 -4.80
N GLN A 40 -10.00 12.79 -5.74
CA GLN A 40 -8.77 13.14 -6.44
C GLN A 40 -7.69 13.63 -5.48
N SER A 41 -8.00 14.66 -4.72
CA SER A 41 -7.05 15.25 -3.80
C SER A 41 -6.70 14.30 -2.68
N ARG A 42 -7.69 13.52 -2.25
CA ARG A 42 -7.49 12.56 -1.17
C ARG A 42 -6.56 11.45 -1.62
N LEU A 43 -6.80 10.96 -2.83
CA LEU A 43 -5.99 9.90 -3.41
C LEU A 43 -4.55 10.38 -3.62
N ASN A 44 -4.40 11.59 -4.14
CA ASN A 44 -3.07 12.14 -4.43
C ASN A 44 -2.25 12.30 -3.16
N GLU A 45 -2.91 12.65 -2.06
CA GLU A 45 -2.21 12.83 -0.80
C GLU A 45 -1.80 11.48 -0.23
N ALA A 46 -2.73 10.54 -0.20
CA ALA A 46 -2.48 9.21 0.32
C ALA A 46 -1.42 8.48 -0.51
N ALA A 47 -1.51 8.63 -1.83
CA ALA A 47 -0.58 7.98 -2.74
C ALA A 47 0.84 8.46 -2.50
N ALA A 48 1.01 9.77 -2.38
CA ALA A 48 2.33 10.35 -2.17
C ALA A 48 2.94 9.84 -0.87
N GLY A 49 2.10 9.55 0.11
CA GLY A 49 2.56 8.97 1.34
C GLY A 49 2.99 7.54 1.16
N LEU A 50 2.21 6.78 0.41
CA LEU A 50 2.48 5.37 0.17
C LEU A 50 3.72 5.21 -0.71
N ASN A 51 3.92 6.12 -1.65
CA ASN A 51 5.14 6.14 -2.45
C ASN A 51 6.36 6.18 -1.56
N GLN A 52 6.32 7.06 -0.56
CA GLN A 52 7.41 7.21 0.39
C GLN A 52 7.45 6.02 1.33
N ALA A 53 6.27 5.47 1.63
CA ALA A 53 6.18 4.30 2.49
C ALA A 53 6.92 3.11 1.86
N ALA A 54 6.72 2.91 0.56
CA ALA A 54 7.45 1.89 -0.18
C ALA A 54 8.93 2.22 -0.18
N THR A 55 9.24 3.51 -0.32
CA THR A 55 10.61 4.00 -0.25
C THR A 55 11.24 3.62 1.09
N GLU A 56 10.47 3.75 2.17
CA GLU A 56 10.94 3.41 3.50
C GLU A 56 11.42 1.96 3.57
N LEU A 57 10.67 1.04 2.95
CA LEU A 57 11.06 -0.36 2.91
C LEU A 57 12.34 -0.54 2.12
N VAL A 58 12.51 0.24 1.05
CA VAL A 58 13.74 0.20 0.25
C VAL A 58 14.93 0.66 1.09
N GLN A 59 14.75 1.77 1.79
CA GLN A 59 15.78 2.31 2.67
C GLN A 59 16.12 1.31 3.77
N ALA A 60 15.09 0.68 4.31
CA ALA A 60 15.23 -0.27 5.40
C ALA A 60 15.81 -1.60 4.91
N SER A 61 15.56 -1.92 3.65
CA SER A 61 16.09 -3.13 3.05
C SER A 61 17.61 -3.17 3.16
N ARG A 62 18.23 -2.00 3.06
CA ARG A 62 19.67 -1.88 3.16
C ARG A 62 20.08 -1.51 4.57
N GLY A 63 19.17 -1.73 5.51
CA GLY A 63 19.44 -1.44 6.89
C GLY A 63 19.26 -2.67 7.73
N THR A 64 18.38 -2.60 8.72
CA THR A 64 18.20 -3.71 9.65
C THR A 64 16.73 -3.91 10.00
N PRO A 65 16.38 -5.04 10.64
CA PRO A 65 15.00 -5.32 11.09
C PRO A 65 14.41 -4.18 11.92
N GLN A 66 15.29 -3.45 12.61
CA GLN A 66 14.87 -2.34 13.46
C GLN A 66 14.25 -1.23 12.62
N ASP A 67 14.95 -0.82 11.56
CA ASP A 67 14.44 0.21 10.66
C ASP A 67 13.43 -0.38 9.68
N LEU A 68 13.53 -1.68 9.42
CA LEU A 68 12.52 -2.39 8.66
C LEU A 68 11.16 -2.32 9.37
N ALA A 69 11.19 -2.36 10.70
CA ALA A 69 9.98 -2.19 11.49
C ALA A 69 9.40 -0.81 11.26
N ARG A 70 10.25 0.21 11.36
CA ARG A 70 9.85 1.59 11.04
C ARG A 70 9.21 1.64 9.65
N ALA A 71 9.87 1.00 8.70
CA ALA A 71 9.40 0.96 7.33
C ALA A 71 8.04 0.28 7.24
N SER A 72 7.85 -0.78 8.02
CA SER A 72 6.59 -1.52 8.03
C SER A 72 5.47 -0.64 8.58
N GLY A 73 5.75 0.06 9.67
CA GLY A 73 4.74 0.91 10.28
C GLY A 73 4.29 2.02 9.35
N ARG A 74 5.26 2.59 8.64
CA ARG A 74 4.96 3.62 7.66
C ARG A 74 4.16 3.04 6.50
N PHE A 75 4.61 1.90 5.99
CA PHE A 75 3.98 1.29 4.83
C PHE A 75 2.54 0.87 5.13
N GLY A 76 2.35 0.13 6.21
CA GLY A 76 1.02 -0.37 6.54
C GLY A 76 0.01 0.74 6.81
N GLN A 77 0.47 1.81 7.46
CA GLN A 77 -0.42 2.90 7.82
C GLN A 77 -0.84 3.71 6.59
N ASP A 78 0.15 4.14 5.82
CA ASP A 78 -0.11 4.97 4.63
C ASP A 78 -0.84 4.17 3.56
N PHE A 79 -0.61 2.87 3.53
CA PHE A 79 -1.30 1.98 2.59
C PHE A 79 -2.81 1.98 2.87
N SER A 80 -3.15 1.91 4.14
CA SER A 80 -4.56 1.90 4.54
C SER A 80 -5.23 3.21 4.13
N THR A 81 -4.51 4.32 4.28
CA THR A 81 -5.01 5.63 3.87
C THR A 81 -5.24 5.67 2.37
N PHE A 82 -4.32 5.04 1.63
CA PHE A 82 -4.44 4.93 0.17
C PHE A 82 -5.68 4.10 -0.19
N LEU A 83 -5.90 3.02 0.55
CA LEU A 83 -7.04 2.15 0.31
C LEU A 83 -8.34 2.90 0.52
N GLU A 84 -8.42 3.67 1.59
CA GLU A 84 -9.61 4.46 1.89
C GLU A 84 -9.88 5.48 0.78
N ALA A 85 -8.80 6.07 0.27
CA ALA A 85 -8.90 7.01 -0.83
C ALA A 85 -9.39 6.31 -2.09
N GLY A 86 -8.95 5.07 -2.26
CA GLY A 86 -9.41 4.25 -3.37
C GLY A 86 -10.89 3.97 -3.29
N VAL A 87 -11.37 3.67 -2.08
CA VAL A 87 -12.80 3.44 -1.86
C VAL A 87 -13.60 4.69 -2.18
N GLU A 88 -13.06 5.84 -1.77
CA GLU A 88 -13.69 7.13 -2.04
C GLU A 88 -13.90 7.31 -3.54
N MET A 89 -12.88 7.01 -4.33
CA MET A 89 -12.96 7.18 -5.77
C MET A 89 -13.74 6.04 -6.41
N ALA A 90 -13.76 4.89 -5.75
CA ALA A 90 -14.57 3.76 -6.22
C ALA A 90 -16.05 4.10 -6.08
N GLY A 91 -16.37 4.96 -5.13
CA GLY A 91 -17.74 5.39 -4.92
C GLY A 91 -18.26 6.26 -6.05
N GLN A 92 -17.38 7.07 -6.63
CA GLN A 92 -17.78 7.99 -7.69
C GLN A 92 -17.94 7.26 -9.02
N ALA A 93 -17.54 6.00 -9.04
CA ALA A 93 -17.62 5.19 -10.25
C ALA A 93 -19.06 5.02 -10.69
N PRO A 94 -19.39 5.53 -11.88
CA PRO A 94 -20.76 5.48 -12.43
C PRO A 94 -21.18 4.06 -12.78
N SER A 95 -20.41 3.43 -13.63
CA SER A 95 -20.69 2.07 -14.07
C SER A 95 -20.12 1.07 -13.07
N GLN A 96 -20.75 -0.08 -12.95
CA GLN A 96 -20.25 -1.13 -12.08
C GLN A 96 -18.92 -1.65 -12.64
N GLU A 97 -18.81 -1.66 -13.97
CA GLU A 97 -17.59 -2.05 -14.65
C GLU A 97 -16.45 -1.08 -14.30
N ASP A 98 -16.80 0.18 -14.10
CA ASP A 98 -15.83 1.20 -13.72
C ASP A 98 -15.34 0.94 -12.31
N ARG A 99 -16.27 0.62 -11.42
CA ARG A 99 -15.95 0.30 -10.05
C ARG A 99 -15.14 -1.00 -9.99
N ALA A 100 -15.43 -1.91 -10.90
CA ALA A 100 -14.66 -3.14 -11.00
C ALA A 100 -13.23 -2.85 -11.45
N GLN A 101 -13.10 -1.99 -12.46
CA GLN A 101 -11.79 -1.66 -13.01
C GLN A 101 -10.89 -1.01 -11.96
N VAL A 102 -11.42 -0.04 -11.23
CA VAL A 102 -10.62 0.66 -10.23
C VAL A 102 -10.14 -0.31 -9.15
N VAL A 103 -11.01 -1.24 -8.74
CA VAL A 103 -10.64 -2.25 -7.75
C VAL A 103 -9.54 -3.16 -8.29
N SER A 104 -9.56 -3.42 -9.59
CA SER A 104 -8.51 -4.21 -10.22
C SER A 104 -7.13 -3.58 -10.00
N ASN A 105 -7.03 -2.28 -10.26
CA ASN A 105 -5.77 -1.56 -10.02
C ASN A 105 -5.44 -1.56 -8.54
N LEU A 106 -6.47 -1.40 -7.72
CA LEU A 106 -6.32 -1.38 -6.28
C LEU A 106 -5.77 -2.71 -5.78
N LYS A 107 -6.22 -3.81 -6.36
CA LYS A 107 -5.66 -5.12 -6.02
C LYS A 107 -4.26 -5.22 -6.57
N GLY A 108 -4.03 -4.66 -7.75
CA GLY A 108 -2.71 -4.68 -8.35
C GLY A 108 -1.67 -4.08 -7.43
N ILE A 109 -1.97 -2.91 -6.88
CA ILE A 109 -1.06 -2.25 -5.96
C ILE A 109 -1.08 -2.95 -4.59
N SER A 110 -2.26 -3.40 -4.15
CA SER A 110 -2.39 -4.12 -2.89
C SER A 110 -1.56 -5.40 -2.92
N MET A 111 -1.73 -6.18 -3.98
CA MET A 111 -0.98 -7.42 -4.17
C MET A 111 0.50 -7.15 -4.14
N SER A 112 0.94 -6.19 -4.95
CA SER A 112 2.35 -5.82 -4.99
C SER A 112 2.86 -5.44 -3.60
N SER A 113 2.03 -4.73 -2.84
CA SER A 113 2.39 -4.30 -1.50
C SER A 113 2.52 -5.51 -0.59
N SER A 114 1.60 -6.44 -0.76
CA SER A 114 1.60 -7.68 -0.02
C SER A 114 2.87 -8.47 -0.31
N LYS A 115 3.20 -8.61 -1.59
CA LYS A 115 4.39 -9.34 -2.02
C LYS A 115 5.65 -8.66 -1.48
N LEU A 116 5.62 -7.33 -1.49
CA LEU A 116 6.71 -6.52 -0.97
C LEU A 116 6.93 -6.80 0.51
N LEU A 117 5.85 -6.89 1.27
CA LEU A 117 5.94 -7.11 2.69
C LEU A 117 6.33 -8.55 2.99
N LEU A 118 6.02 -9.46 2.08
CA LEU A 118 6.46 -10.84 2.20
C LEU A 118 7.99 -10.92 2.10
N ALA A 119 8.55 -10.03 1.29
CA ALA A 119 9.99 -9.91 1.19
C ALA A 119 10.55 -9.32 2.48
N ALA A 120 9.85 -8.32 3.01
CA ALA A 120 10.23 -7.68 4.26
C ALA A 120 10.14 -8.67 5.42
N LYS A 121 9.16 -9.56 5.36
CA LYS A 121 9.01 -10.62 6.36
C LYS A 121 10.27 -11.46 6.42
N ALA A 122 10.73 -11.88 5.24
CA ALA A 122 11.92 -12.70 5.16
C ALA A 122 13.17 -11.90 5.50
N LEU A 123 13.15 -10.62 5.17
CA LEU A 123 14.30 -9.75 5.39
C LEU A 123 14.47 -9.40 6.86
N SER A 124 13.37 -9.29 7.59
CA SER A 124 13.44 -8.97 9.00
C SER A 124 13.80 -10.20 9.82
N THR A 125 13.75 -11.37 9.19
CA THR A 125 14.13 -12.62 9.81
C THR A 125 15.55 -13.02 9.37
N ASP A 126 15.88 -12.71 8.13
CA ASP A 126 17.22 -12.94 7.60
C ASP A 126 17.75 -11.69 6.90
N PRO A 127 18.29 -10.74 7.67
CA PRO A 127 18.78 -9.47 7.11
C PRO A 127 20.17 -9.59 6.52
N ALA A 128 20.74 -10.78 6.60
CA ALA A 128 22.09 -11.02 6.11
C ALA A 128 22.08 -11.60 4.70
N SER A 129 20.89 -11.80 4.15
CA SER A 129 20.74 -12.32 2.80
C SER A 129 20.61 -11.17 1.80
N PRO A 130 21.65 -10.95 0.97
CA PRO A 130 21.68 -9.83 0.02
C PRO A 130 20.61 -9.96 -1.06
N ASN A 131 20.24 -11.19 -1.38
CA ASN A 131 19.25 -11.44 -2.42
C ASN A 131 17.90 -10.86 -2.03
N LEU A 132 17.61 -10.84 -0.73
CA LEU A 132 16.35 -10.33 -0.22
C LEU A 132 16.26 -8.82 -0.38
N LYS A 133 17.42 -8.16 -0.37
CA LYS A 133 17.47 -6.72 -0.58
C LYS A 133 16.97 -6.39 -1.98
N SER A 134 17.41 -7.16 -2.96
CA SER A 134 16.95 -7.02 -4.32
C SER A 134 15.49 -7.47 -4.45
N GLN A 135 15.19 -8.58 -3.77
CA GLN A 135 13.83 -9.12 -3.74
C GLN A 135 12.83 -8.05 -3.31
N LEU A 136 13.16 -7.36 -2.23
CA LEU A 136 12.30 -6.31 -1.70
C LEU A 136 12.27 -5.12 -2.64
N ALA A 137 13.45 -4.69 -3.09
CA ALA A 137 13.57 -3.52 -3.96
C ALA A 137 12.72 -3.67 -5.21
N ALA A 138 12.71 -4.86 -5.79
CA ALA A 138 11.96 -5.11 -7.01
C ALA A 138 10.47 -4.97 -6.79
N ALA A 139 9.99 -5.50 -5.68
CA ALA A 139 8.57 -5.45 -5.34
C ALA A 139 8.17 -4.04 -4.93
N ALA A 140 9.07 -3.35 -4.24
CA ALA A 140 8.83 -1.98 -3.80
C ALA A 140 8.60 -1.05 -4.97
N ARG A 141 9.37 -1.24 -6.03
CA ARG A 141 9.23 -0.44 -7.23
C ARG A 141 7.95 -0.81 -7.97
N ALA A 142 7.56 -2.08 -7.87
CA ALA A 142 6.31 -2.56 -8.45
C ALA A 142 5.12 -1.93 -7.73
N VAL A 143 5.21 -1.85 -6.40
CA VAL A 143 4.17 -1.18 -5.61
C VAL A 143 4.01 0.26 -6.05
N THR A 144 5.14 0.97 -6.08
CA THR A 144 5.15 2.38 -6.44
C THR A 144 4.61 2.59 -7.84
N ASP A 145 4.91 1.65 -8.73
CA ASP A 145 4.44 1.69 -10.11
C ASP A 145 2.92 1.63 -10.18
N SER A 146 2.34 0.70 -9.43
CA SER A 146 0.90 0.52 -9.43
C SER A 146 0.19 1.70 -8.76
N ILE A 147 0.88 2.38 -7.85
CA ILE A 147 0.31 3.53 -7.17
C ILE A 147 0.01 4.64 -8.16
N ASN A 148 1.03 5.06 -8.92
CA ASN A 148 0.85 6.13 -9.90
C ASN A 148 -0.05 5.67 -11.04
N GLN A 149 -0.02 4.36 -11.30
CA GLN A 149 -0.88 3.75 -12.31
C GLN A 149 -2.35 4.00 -11.97
N LEU A 150 -2.68 3.93 -10.68
CA LEU A 150 -4.04 4.16 -10.22
C LEU A 150 -4.35 5.66 -10.27
N ILE A 151 -3.35 6.47 -9.94
CA ILE A 151 -3.48 7.92 -9.99
C ILE A 151 -3.79 8.38 -11.41
N THR A 152 -3.18 7.72 -12.38
CA THR A 152 -3.39 8.02 -13.79
C THR A 152 -4.86 7.84 -14.17
N MET A 153 -5.52 6.90 -13.51
CA MET A 153 -6.93 6.62 -13.79
C MET A 153 -7.83 7.69 -13.16
N CYS A 154 -7.35 8.30 -12.08
CA CYS A 154 -8.10 9.37 -11.42
C CYS A 154 -8.03 10.64 -12.24
N THR A 155 -6.86 10.90 -12.81
CA THR A 155 -6.65 12.05 -13.65
C THR A 155 -7.00 11.72 -15.10
N GLN A 156 -6.96 12.73 -15.96
CA GLN A 156 -7.17 12.55 -17.40
C GLN A 156 -8.45 11.80 -17.71
N GLN A 157 -9.57 12.51 -17.75
CA GLN A 157 -10.85 11.91 -18.11
C GLN A 157 -10.85 11.59 -19.60
N ALA A 158 -10.30 10.44 -19.95
CA ALA A 158 -10.19 10.03 -21.33
C ALA A 158 -10.35 8.52 -21.44
N GLY A 1 13.59 -0.14 27.57
CA GLY A 1 12.35 -0.95 27.66
C GLY A 1 12.37 -2.11 26.70
N ILE A 2 11.46 -3.05 26.88
CA ILE A 2 11.40 -4.22 26.02
C ILE A 2 10.08 -4.26 25.26
N ASP A 3 10.18 -4.35 23.95
CA ASP A 3 9.01 -4.44 23.08
C ASP A 3 9.44 -5.02 21.73
N PRO A 4 9.00 -6.25 21.44
CA PRO A 4 9.41 -7.00 20.24
C PRO A 4 9.17 -6.25 18.93
N PHE A 5 10.26 -5.79 18.32
CA PHE A 5 10.23 -5.21 16.99
C PHE A 5 10.97 -6.12 16.02
N THR A 6 11.00 -5.72 14.75
CA THR A 6 11.71 -6.47 13.71
C THR A 6 10.95 -7.78 13.41
N GLN A 7 9.68 -7.79 13.79
CA GLN A 7 8.83 -8.97 13.61
C GLN A 7 7.35 -8.61 13.70
N ARG A 8 7.00 -7.82 14.71
CA ARG A 8 5.61 -7.39 14.87
C ARG A 8 5.26 -6.37 13.80
N ASP A 9 6.09 -5.35 13.69
CA ASP A 9 5.94 -4.29 12.70
C ASP A 9 5.72 -4.84 11.29
N VAL A 10 6.47 -5.87 10.94
CA VAL A 10 6.43 -6.38 9.59
C VAL A 10 5.19 -7.26 9.36
N ASP A 11 4.72 -7.90 10.42
CA ASP A 11 3.51 -8.72 10.33
C ASP A 11 2.26 -7.86 10.50
N ASN A 12 2.33 -6.88 11.41
CA ASN A 12 1.22 -5.98 11.65
C ASN A 12 0.94 -5.13 10.41
N ALA A 13 2.00 -4.83 9.67
CA ALA A 13 1.86 -4.14 8.41
C ALA A 13 0.97 -4.95 7.46
N LEU A 14 1.20 -6.26 7.45
CA LEU A 14 0.38 -7.17 6.66
C LEU A 14 -1.06 -7.15 7.15
N ARG A 15 -1.22 -7.08 8.46
CA ARG A 15 -2.54 -7.07 9.07
C ARG A 15 -3.31 -5.81 8.65
N ALA A 16 -2.62 -4.67 8.68
CA ALA A 16 -3.23 -3.40 8.28
C ALA A 16 -3.67 -3.46 6.81
N VAL A 17 -2.75 -3.91 5.96
CA VAL A 17 -3.04 -4.05 4.52
C VAL A 17 -4.16 -5.05 4.29
N GLY A 18 -4.09 -6.18 4.98
CA GLY A 18 -5.09 -7.21 4.84
C GLY A 18 -6.45 -6.76 5.30
N ASP A 19 -6.50 -6.12 6.47
CA ASP A 19 -7.76 -5.65 7.04
C ASP A 19 -8.36 -4.55 6.19
N ALA A 20 -7.51 -3.77 5.56
CA ALA A 20 -7.97 -2.76 4.62
C ALA A 20 -8.59 -3.45 3.41
N SER A 21 -7.96 -4.53 2.97
CA SER A 21 -8.51 -5.33 1.89
C SER A 21 -9.82 -6.00 2.33
N LYS A 22 -9.93 -6.31 3.62
CA LYS A 22 -11.15 -6.88 4.17
C LYS A 22 -12.29 -5.87 4.14
N ARG A 23 -12.05 -4.71 4.72
CA ARG A 23 -13.08 -3.69 4.86
C ARG A 23 -13.46 -3.09 3.52
N LEU A 24 -12.47 -2.86 2.68
CA LEU A 24 -12.67 -2.04 1.49
C LEU A 24 -12.84 -2.85 0.22
N LEU A 25 -11.98 -3.84 0.00
CA LEU A 25 -11.95 -4.57 -1.27
C LEU A 25 -13.19 -5.44 -1.44
N SER A 26 -14.21 -4.87 -2.06
CA SER A 26 -15.45 -5.56 -2.33
C SER A 26 -16.26 -4.77 -3.35
N ASP A 27 -17.47 -5.21 -3.63
CA ASP A 27 -18.35 -4.50 -4.56
C ASP A 27 -19.23 -3.50 -3.83
N LEU A 28 -18.97 -3.34 -2.53
CA LEU A 28 -19.71 -2.38 -1.73
C LEU A 28 -19.21 -0.97 -2.01
N LEU A 29 -20.04 -0.16 -2.64
CA LEU A 29 -19.65 1.19 -3.01
C LEU A 29 -20.04 2.18 -1.90
N PRO A 30 -19.10 3.02 -1.47
CA PRO A 30 -19.37 4.06 -0.47
C PRO A 30 -20.13 5.24 -1.07
N PRO A 31 -21.06 5.82 -0.32
CA PRO A 31 -21.81 7.00 -0.74
C PRO A 31 -20.89 8.19 -0.91
N SER A 32 -21.27 9.14 -1.76
CA SER A 32 -20.44 10.29 -2.05
C SER A 32 -20.57 11.35 -0.94
N THR A 33 -19.60 11.37 -0.04
CA THR A 33 -19.57 12.36 1.02
C THR A 33 -19.10 13.72 0.48
N GLY A 34 -18.05 13.68 -0.31
CA GLY A 34 -17.55 14.88 -0.94
C GLY A 34 -17.77 14.85 -2.44
N THR A 35 -16.69 14.93 -3.20
CA THR A 35 -16.76 14.86 -4.64
C THR A 35 -15.77 13.84 -5.18
N PHE A 36 -15.84 13.59 -6.48
CA PHE A 36 -14.90 12.71 -7.14
C PHE A 36 -13.53 13.38 -7.15
N GLN A 37 -13.55 14.70 -7.39
CA GLN A 37 -12.35 15.51 -7.39
C GLN A 37 -11.71 15.55 -6.00
N GLU A 38 -12.55 15.60 -4.98
CA GLU A 38 -12.08 15.62 -3.59
C GLU A 38 -11.31 14.34 -3.27
N ALA A 39 -11.87 13.21 -3.70
CA ALA A 39 -11.24 11.92 -3.51
C ALA A 39 -9.91 11.86 -4.24
N GLN A 40 -9.87 12.43 -5.44
CA GLN A 40 -8.64 12.49 -6.24
C GLN A 40 -7.58 13.33 -5.51
N SER A 41 -8.00 14.46 -4.95
CA SER A 41 -7.10 15.31 -4.19
C SER A 41 -6.51 14.53 -3.01
N ARG A 42 -7.36 13.76 -2.34
CA ARG A 42 -6.93 12.94 -1.22
C ARG A 42 -5.95 11.89 -1.70
N LEU A 43 -6.22 11.31 -2.87
CA LEU A 43 -5.34 10.32 -3.47
C LEU A 43 -3.99 10.92 -3.81
N ASN A 44 -3.98 12.13 -4.36
CA ASN A 44 -2.72 12.78 -4.76
C ASN A 44 -1.78 12.92 -3.57
N GLU A 45 -2.34 13.13 -2.40
CA GLU A 45 -1.56 13.21 -1.18
C GLU A 45 -1.17 11.81 -0.70
N ALA A 46 -2.16 10.94 -0.59
CA ALA A 46 -1.96 9.58 -0.07
C ALA A 46 -0.98 8.79 -0.93
N ALA A 47 -1.16 8.86 -2.25
CA ALA A 47 -0.31 8.13 -3.19
C ALA A 47 1.14 8.55 -3.04
N ALA A 48 1.37 9.85 -3.04
CA ALA A 48 2.71 10.40 -2.91
C ALA A 48 3.36 9.93 -1.60
N GLY A 49 2.57 9.91 -0.54
CA GLY A 49 3.08 9.46 0.75
C GLY A 49 3.38 7.98 0.77
N LEU A 50 2.46 7.19 0.24
CA LEU A 50 2.62 5.74 0.20
C LEU A 50 3.77 5.34 -0.73
N ASN A 51 3.96 6.11 -1.79
CA ASN A 51 5.10 5.91 -2.68
C ASN A 51 6.40 6.01 -1.89
N GLN A 52 6.49 7.00 -1.02
CA GLN A 52 7.68 7.17 -0.18
C GLN A 52 7.72 6.09 0.89
N ALA A 53 6.56 5.66 1.36
CA ALA A 53 6.48 4.60 2.36
C ALA A 53 7.14 3.33 1.83
N ALA A 54 6.95 3.06 0.55
CA ALA A 54 7.63 1.95 -0.11
C ALA A 54 9.13 2.23 -0.20
N THR A 55 9.48 3.49 -0.47
CA THR A 55 10.86 3.92 -0.53
C THR A 55 11.54 3.75 0.83
N GLU A 56 10.77 3.96 1.90
CA GLU A 56 11.27 3.78 3.26
C GLU A 56 11.80 2.37 3.46
N LEU A 57 11.00 1.38 3.02
CA LEU A 57 11.41 -0.01 3.10
C LEU A 57 12.68 -0.26 2.27
N VAL A 58 12.75 0.36 1.10
CA VAL A 58 13.94 0.25 0.25
C VAL A 58 15.18 0.73 0.99
N GLN A 59 15.10 1.93 1.54
CA GLN A 59 16.21 2.52 2.29
C GLN A 59 16.59 1.64 3.47
N ALA A 60 15.58 1.26 4.25
CA ALA A 60 15.79 0.51 5.49
C ALA A 60 16.33 -0.89 5.23
N SER A 61 15.90 -1.51 4.12
CA SER A 61 16.28 -2.89 3.82
C SER A 61 17.80 -3.03 3.68
N ARG A 62 18.43 -1.98 3.19
CA ARG A 62 19.87 -1.99 2.97
C ARG A 62 20.60 -1.26 4.08
N GLY A 63 19.86 -0.90 5.13
CA GLY A 63 20.45 -0.19 6.24
C GLY A 63 20.40 -0.99 7.52
N THR A 64 19.22 -1.15 8.08
CA THR A 64 19.05 -1.88 9.31
C THR A 64 17.60 -2.34 9.49
N PRO A 65 17.42 -3.59 9.97
CA PRO A 65 16.11 -4.16 10.27
C PRO A 65 15.32 -3.30 11.26
N GLN A 66 16.04 -2.54 12.08
CA GLN A 66 15.42 -1.70 13.08
C GLN A 66 14.72 -0.51 12.41
N ASP A 67 15.24 -0.10 11.26
CA ASP A 67 14.63 0.98 10.49
C ASP A 67 13.44 0.43 9.71
N LEU A 68 13.59 -0.82 9.26
CA LEU A 68 12.51 -1.56 8.59
C LEU A 68 11.27 -1.61 9.47
N ALA A 69 11.50 -1.71 10.78
CA ALA A 69 10.40 -1.77 11.74
C ALA A 69 9.48 -0.56 11.61
N ARG A 70 10.07 0.63 11.50
CA ARG A 70 9.28 1.85 11.33
C ARG A 70 8.67 1.87 9.94
N ALA A 71 9.45 1.47 8.96
CA ALA A 71 9.02 1.47 7.56
C ALA A 71 7.79 0.59 7.38
N SER A 72 7.82 -0.59 7.98
CA SER A 72 6.70 -1.51 7.96
C SER A 72 5.46 -0.90 8.60
N GLY A 73 5.63 -0.34 9.79
CA GLY A 73 4.51 0.21 10.52
C GLY A 73 3.88 1.38 9.78
N ARG A 74 4.71 2.16 9.10
CA ARG A 74 4.23 3.27 8.30
C ARG A 74 3.53 2.76 7.06
N PHE A 75 4.23 1.95 6.27
CA PHE A 75 3.72 1.48 4.99
C PHE A 75 2.36 0.79 5.13
N GLY A 76 2.25 -0.11 6.09
CA GLY A 76 1.01 -0.85 6.27
C GLY A 76 -0.16 0.05 6.63
N GLN A 77 0.07 0.99 7.53
CA GLN A 77 -1.00 1.88 8.00
C GLN A 77 -1.28 2.96 6.96
N ASP A 78 -0.23 3.49 6.35
CA ASP A 78 -0.36 4.53 5.34
C ASP A 78 -1.14 4.00 4.15
N PHE A 79 -0.87 2.75 3.80
CA PHE A 79 -1.59 2.07 2.74
C PHE A 79 -3.09 2.06 3.01
N SER A 80 -3.46 1.78 4.25
CA SER A 80 -4.86 1.73 4.62
C SER A 80 -5.53 3.08 4.37
N THR A 81 -4.82 4.15 4.69
CA THR A 81 -5.31 5.51 4.50
C THR A 81 -5.42 5.83 3.00
N PHE A 82 -4.52 5.25 2.22
CA PHE A 82 -4.53 5.41 0.77
C PHE A 82 -5.68 4.61 0.14
N LEU A 83 -5.80 3.37 0.58
CA LEU A 83 -6.78 2.45 0.01
C LEU A 83 -8.20 2.96 0.21
N GLU A 84 -8.47 3.51 1.40
CA GLU A 84 -9.81 4.02 1.71
C GLU A 84 -10.21 5.17 0.80
N ALA A 85 -9.22 5.91 0.31
CA ALA A 85 -9.48 6.99 -0.62
C ALA A 85 -9.81 6.43 -1.99
N GLY A 86 -9.06 5.42 -2.40
CA GLY A 86 -9.28 4.80 -3.70
C GLY A 86 -10.61 4.09 -3.78
N VAL A 87 -10.94 3.32 -2.75
CA VAL A 87 -12.20 2.57 -2.75
C VAL A 87 -13.40 3.51 -2.66
N GLU A 88 -13.20 4.69 -2.09
CA GLU A 88 -14.27 5.66 -1.96
C GLU A 88 -14.70 6.15 -3.35
N MET A 89 -13.72 6.60 -4.13
CA MET A 89 -14.00 7.07 -5.48
C MET A 89 -14.35 5.90 -6.39
N ALA A 90 -13.89 4.70 -6.05
CA ALA A 90 -14.30 3.49 -6.74
C ALA A 90 -15.82 3.32 -6.64
N GLY A 91 -16.36 3.72 -5.49
CA GLY A 91 -17.80 3.73 -5.32
C GLY A 91 -18.44 4.90 -6.03
N GLN A 92 -17.71 6.01 -6.10
CA GLN A 92 -18.17 7.21 -6.79
C GLN A 92 -17.89 7.13 -8.29
N ALA A 93 -17.59 5.92 -8.75
CA ALA A 93 -17.24 5.69 -10.15
C ALA A 93 -18.33 6.14 -11.10
N PRO A 94 -17.95 6.67 -12.27
CA PRO A 94 -18.90 7.10 -13.30
C PRO A 94 -19.71 5.93 -13.87
N SER A 95 -19.09 4.76 -13.95
CA SER A 95 -19.75 3.60 -14.54
C SER A 95 -19.30 2.31 -13.85
N GLN A 96 -20.04 1.24 -14.09
CA GLN A 96 -19.74 -0.08 -13.51
C GLN A 96 -18.42 -0.62 -14.04
N GLU A 97 -18.18 -0.44 -15.33
CA GLU A 97 -16.96 -0.92 -15.96
C GLU A 97 -15.76 -0.18 -15.40
N ASP A 98 -15.94 1.09 -15.07
CA ASP A 98 -14.89 1.89 -14.46
C ASP A 98 -14.60 1.36 -13.06
N ARG A 99 -15.67 1.07 -12.31
CA ARG A 99 -15.55 0.54 -10.95
C ARG A 99 -14.77 -0.76 -10.96
N ALA A 100 -15.15 -1.68 -11.85
CA ALA A 100 -14.46 -2.96 -11.95
C ALA A 100 -12.98 -2.77 -12.25
N GLN A 101 -12.68 -1.78 -13.08
CA GLN A 101 -11.31 -1.49 -13.46
C GLN A 101 -10.53 -0.94 -12.28
N VAL A 102 -11.07 0.11 -11.65
CA VAL A 102 -10.38 0.76 -10.54
C VAL A 102 -10.18 -0.21 -9.36
N VAL A 103 -11.15 -1.08 -9.12
CA VAL A 103 -11.02 -2.10 -8.07
C VAL A 103 -9.89 -3.06 -8.41
N SER A 104 -9.76 -3.40 -9.68
CA SER A 104 -8.67 -4.27 -10.12
C SER A 104 -7.32 -3.60 -9.89
N ASN A 105 -7.27 -2.28 -10.13
CA ASN A 105 -6.06 -1.51 -9.84
C ASN A 105 -5.75 -1.57 -8.36
N LEU A 106 -6.80 -1.45 -7.56
CA LEU A 106 -6.68 -1.49 -6.11
C LEU A 106 -6.11 -2.83 -5.65
N LYS A 107 -6.54 -3.92 -6.28
CA LYS A 107 -5.98 -5.23 -5.98
C LYS A 107 -4.51 -5.28 -6.38
N GLY A 108 -4.20 -4.72 -7.53
CA GLY A 108 -2.83 -4.72 -8.02
C GLY A 108 -1.87 -4.06 -7.04
N ILE A 109 -2.29 -2.94 -6.46
CA ILE A 109 -1.44 -2.22 -5.53
C ILE A 109 -1.50 -2.84 -4.13
N SER A 110 -2.68 -3.30 -3.71
CA SER A 110 -2.84 -3.88 -2.38
C SER A 110 -2.04 -5.18 -2.24
N MET A 111 -2.19 -6.05 -3.22
CA MET A 111 -1.49 -7.33 -3.20
C MET A 111 0.02 -7.11 -3.28
N SER A 112 0.45 -6.14 -4.09
CA SER A 112 1.86 -5.81 -4.20
C SER A 112 2.38 -5.29 -2.86
N SER A 113 1.57 -4.49 -2.18
CA SER A 113 1.95 -3.94 -0.88
C SER A 113 2.15 -5.08 0.11
N SER A 114 1.25 -6.04 0.03
CA SER A 114 1.31 -7.25 0.84
C SER A 114 2.61 -8.01 0.56
N LYS A 115 2.87 -8.25 -0.72
CA LYS A 115 4.04 -9.00 -1.16
C LYS A 115 5.34 -8.30 -0.76
N LEU A 116 5.32 -6.96 -0.80
CA LEU A 116 6.46 -6.17 -0.39
C LEU A 116 6.78 -6.38 1.08
N LEU A 117 5.75 -6.27 1.92
CA LEU A 117 5.93 -6.42 3.36
C LEU A 117 6.33 -7.84 3.73
N LEU A 118 5.93 -8.80 2.90
CA LEU A 118 6.35 -10.19 3.09
C LEU A 118 7.87 -10.33 2.93
N ALA A 119 8.42 -9.53 2.03
CA ALA A 119 9.86 -9.49 1.84
C ALA A 119 10.52 -8.81 3.03
N ALA A 120 9.85 -7.78 3.55
CA ALA A 120 10.34 -7.05 4.71
C ALA A 120 10.36 -7.95 5.94
N LYS A 121 9.37 -8.82 6.06
CA LYS A 121 9.31 -9.78 7.16
C LYS A 121 10.49 -10.74 7.09
N ALA A 122 10.70 -11.32 5.91
CA ALA A 122 11.78 -12.28 5.72
C ALA A 122 13.13 -11.62 5.92
N LEU A 123 13.25 -10.38 5.48
CA LEU A 123 14.53 -9.67 5.56
C LEU A 123 14.81 -9.16 6.98
N SER A 124 13.79 -9.06 7.81
CA SER A 124 13.99 -8.63 9.18
C SER A 124 14.38 -9.82 10.07
N THR A 125 13.94 -11.01 9.70
CA THR A 125 14.33 -12.21 10.43
C THR A 125 15.61 -12.80 9.85
N ASP A 126 15.82 -12.62 8.55
CA ASP A 126 17.07 -13.00 7.89
C ASP A 126 17.68 -11.81 7.17
N PRO A 127 18.32 -10.90 7.92
CA PRO A 127 18.88 -9.67 7.35
C PRO A 127 20.21 -9.89 6.66
N ALA A 128 20.72 -11.11 6.70
CA ALA A 128 22.00 -11.42 6.08
C ALA A 128 21.80 -11.94 4.65
N SER A 129 20.55 -12.14 4.26
CA SER A 129 20.24 -12.64 2.92
C SER A 129 20.21 -11.48 1.93
N PRO A 130 21.20 -11.42 1.00
CA PRO A 130 21.31 -10.33 0.03
C PRO A 130 20.17 -10.30 -0.97
N ASN A 131 19.61 -11.49 -1.22
CA ASN A 131 18.53 -11.63 -2.19
C ASN A 131 17.29 -10.85 -1.77
N LEU A 132 17.05 -10.80 -0.48
CA LEU A 132 15.84 -10.16 0.05
C LEU A 132 15.91 -8.65 -0.09
N LYS A 133 17.12 -8.09 -0.11
CA LYS A 133 17.29 -6.66 -0.37
C LYS A 133 16.81 -6.34 -1.78
N SER A 134 17.28 -7.14 -2.73
CA SER A 134 16.90 -6.99 -4.12
C SER A 134 15.40 -7.26 -4.29
N GLN A 135 14.93 -8.30 -3.63
CA GLN A 135 13.52 -8.70 -3.66
C GLN A 135 12.63 -7.55 -3.17
N LEU A 136 12.98 -7.00 -2.02
CA LEU A 136 12.20 -5.93 -1.41
C LEU A 136 12.21 -4.69 -2.30
N ALA A 137 13.40 -4.29 -2.74
CA ALA A 137 13.55 -3.10 -3.57
C ALA A 137 12.76 -3.23 -4.87
N ALA A 138 12.70 -4.44 -5.41
CA ALA A 138 11.94 -4.71 -6.62
C ALA A 138 10.45 -4.63 -6.36
N ALA A 139 10.00 -5.30 -5.30
CA ALA A 139 8.59 -5.32 -4.93
C ALA A 139 8.09 -3.92 -4.60
N ALA A 140 8.94 -3.14 -3.93
CA ALA A 140 8.60 -1.77 -3.56
C ALA A 140 8.32 -0.93 -4.79
N ARG A 141 9.14 -1.09 -5.82
CA ARG A 141 8.95 -0.35 -7.06
C ARG A 141 7.74 -0.85 -7.83
N ALA A 142 7.40 -2.13 -7.64
CA ALA A 142 6.18 -2.68 -8.21
C ALA A 142 4.97 -2.04 -7.54
N VAL A 143 5.04 -1.89 -6.21
CA VAL A 143 4.01 -1.19 -5.46
C VAL A 143 3.91 0.26 -5.96
N THR A 144 5.07 0.91 -6.05
CA THR A 144 5.14 2.31 -6.48
C THR A 144 4.41 2.54 -7.80
N ASP A 145 4.70 1.70 -8.79
CA ASP A 145 4.05 1.83 -10.09
C ASP A 145 2.55 1.61 -9.98
N SER A 146 2.17 0.58 -9.24
CA SER A 146 0.75 0.26 -9.04
C SER A 146 0.00 1.44 -8.42
N ILE A 147 0.67 2.12 -7.49
CA ILE A 147 0.11 3.32 -6.87
C ILE A 147 -0.14 4.38 -7.94
N ASN A 148 0.87 4.63 -8.76
CA ASN A 148 0.77 5.62 -9.83
C ASN A 148 -0.32 5.25 -10.82
N GLN A 149 -0.37 3.97 -11.18
CA GLN A 149 -1.35 3.50 -12.16
C GLN A 149 -2.76 3.73 -11.65
N LEU A 150 -2.96 3.59 -10.35
CA LEU A 150 -4.26 3.80 -9.74
C LEU A 150 -4.66 5.26 -9.94
N ILE A 151 -3.77 6.17 -9.57
CA ILE A 151 -4.01 7.60 -9.70
C ILE A 151 -4.23 7.98 -11.16
N THR A 152 -3.55 7.26 -12.05
CA THR A 152 -3.66 7.51 -13.49
C THR A 152 -5.10 7.38 -13.97
N MET A 153 -5.71 6.23 -13.68
CA MET A 153 -7.09 5.97 -14.10
C MET A 153 -8.06 6.97 -13.47
N CYS A 154 -7.71 7.48 -12.30
CA CYS A 154 -8.54 8.43 -11.58
C CYS A 154 -8.63 9.76 -12.32
N THR A 155 -7.67 10.02 -13.19
CA THR A 155 -7.65 11.27 -13.94
C THR A 155 -7.55 11.01 -15.43
N GLN A 156 -7.77 9.76 -15.83
CA GLN A 156 -7.60 9.36 -17.22
C GLN A 156 -8.82 9.73 -18.06
N GLN A 157 -8.66 10.76 -18.87
CA GLN A 157 -9.67 11.23 -19.81
C GLN A 157 -10.93 11.73 -19.09
N ALA A 158 -11.90 10.85 -18.90
CA ALA A 158 -13.17 11.22 -18.30
C ALA A 158 -13.88 10.00 -17.74
#